data_1CFE
#
_entry.id   1CFE
#
_cell.length_a   1.000
_cell.length_b   1.000
_cell.length_c   1.000
_cell.angle_alpha   90.00
_cell.angle_beta   90.00
_cell.angle_gamma   90.00
#
_symmetry.space_group_name_H-M   'P 1'
#
_entity_poly.entity_id   1
_entity_poly.type   'polypeptide(L)'
_entity_poly.pdbx_seq_one_letter_code
;QNSPQDYLAVHNDARAQVGVGPMSWDANLASRAQNYANSRAGDCNLIHSGAGENLAKGGGDFTGRAAVQLWVSERPSYNY
ATNQCVGGKKCRHYTQVVWRNSVRLGCGRARCNNGWWFISCNYDPVGNWIGQRPY
;
_entity_poly.pdbx_strand_id   A
#
# COMPACT_ATOMS: atom_id res chain seq x y z
N GLN A 1 -8.78 -4.03 -12.08
CA GLN A 1 -8.51 -3.11 -10.95
C GLN A 1 -8.07 -3.86 -9.69
N ASN A 2 -7.68 -5.14 -9.79
CA ASN A 2 -7.30 -5.96 -8.64
C ASN A 2 -6.25 -7.01 -9.01
N SER A 3 -5.85 -7.06 -10.28
CA SER A 3 -4.85 -7.95 -10.79
C SER A 3 -3.49 -7.43 -10.31
N PRO A 4 -2.42 -8.23 -10.36
CA PRO A 4 -1.09 -7.83 -9.89
C PRO A 4 -0.71 -6.47 -10.46
N GLN A 5 -0.72 -6.38 -11.79
CA GLN A 5 -0.45 -5.16 -12.52
C GLN A 5 -1.33 -3.97 -12.09
N ASP A 6 -2.54 -4.19 -11.59
CA ASP A 6 -3.40 -3.07 -11.21
C ASP A 6 -2.77 -2.36 -10.03
N TYR A 7 -2.43 -3.12 -8.98
CA TYR A 7 -1.72 -2.55 -7.84
C TYR A 7 -0.38 -1.99 -8.31
N LEU A 8 0.44 -2.83 -8.96
CA LEU A 8 1.78 -2.44 -9.37
C LEU A 8 1.78 -1.15 -10.17
N ALA A 9 0.89 -1.01 -11.14
CA ALA A 9 0.82 0.15 -12.00
C ALA A 9 0.79 1.43 -11.18
N VAL A 10 -0.14 1.53 -10.23
CA VAL A 10 -0.33 2.73 -9.43
C VAL A 10 0.91 2.99 -8.56
N HIS A 11 1.44 1.95 -7.92
CA HIS A 11 2.65 2.10 -7.11
C HIS A 11 3.77 2.67 -7.98
N ASN A 12 4.00 2.01 -9.11
CA ASN A 12 5.04 2.35 -10.05
C ASN A 12 4.85 3.76 -10.57
N ASP A 13 3.61 4.18 -10.85
CA ASP A 13 3.30 5.59 -11.13
C ASP A 13 3.79 6.51 -10.04
N ALA A 14 3.29 6.33 -8.82
CA ALA A 14 3.62 7.22 -7.72
C ALA A 14 5.14 7.29 -7.56
N ARG A 15 5.81 6.15 -7.56
CA ARG A 15 7.25 6.06 -7.49
C ARG A 15 7.90 6.84 -8.65
N ALA A 16 7.44 6.61 -9.88
CA ALA A 16 7.93 7.32 -11.05
C ALA A 16 7.81 8.83 -10.87
N GLN A 17 6.68 9.30 -10.34
CA GLN A 17 6.41 10.71 -10.15
C GLN A 17 7.44 11.37 -9.21
N VAL A 18 8.11 10.62 -8.36
CA VAL A 18 9.17 11.13 -7.51
C VAL A 18 10.51 10.45 -7.83
N GLY A 19 10.62 9.85 -9.01
CA GLY A 19 11.82 9.18 -9.49
C GLY A 19 12.38 8.20 -8.47
N VAL A 20 11.52 7.40 -7.86
CA VAL A 20 11.93 6.29 -7.02
C VAL A 20 11.87 5.02 -7.88
N GLY A 21 12.82 4.10 -7.68
CA GLY A 21 12.87 2.82 -8.37
C GLY A 21 11.59 2.00 -8.18
N PRO A 22 11.41 0.94 -8.98
CA PRO A 22 10.15 0.23 -9.12
C PRO A 22 9.97 -0.75 -7.96
N MET A 23 9.13 -1.77 -8.17
CA MET A 23 8.99 -2.96 -7.34
C MET A 23 8.51 -4.09 -8.25
N SER A 24 8.49 -5.33 -7.75
CA SER A 24 8.04 -6.51 -8.48
C SER A 24 6.94 -7.20 -7.67
N TRP A 25 6.27 -8.14 -8.32
CA TRP A 25 5.25 -8.98 -7.73
C TRP A 25 5.92 -10.28 -7.26
N ASP A 26 5.86 -10.57 -5.96
CA ASP A 26 6.46 -11.79 -5.42
C ASP A 26 5.60 -13.04 -5.52
N ALA A 27 4.36 -12.82 -5.89
CA ALA A 27 3.24 -13.76 -5.96
C ALA A 27 2.88 -14.35 -4.59
N ASN A 28 3.84 -14.91 -3.87
CA ASN A 28 3.63 -15.42 -2.51
C ASN A 28 3.27 -14.28 -1.57
N LEU A 29 3.94 -13.12 -1.64
CA LEU A 29 3.50 -11.99 -0.85
C LEU A 29 2.03 -11.69 -1.11
N ALA A 30 1.60 -11.85 -2.37
CA ALA A 30 0.23 -11.58 -2.73
C ALA A 30 -0.70 -12.60 -2.09
N SER A 31 -0.32 -13.89 -2.09
CA SER A 31 -1.07 -14.90 -1.39
C SER A 31 -1.17 -14.53 0.09
N ARG A 32 -0.01 -14.32 0.75
CA ARG A 32 0.09 -13.90 2.14
C ARG A 32 -0.85 -12.74 2.41
N ALA A 33 -0.74 -11.67 1.63
CA ALA A 33 -1.52 -10.46 1.79
C ALA A 33 -3.01 -10.81 1.71
N GLN A 34 -3.43 -11.54 0.67
CA GLN A 34 -4.83 -11.89 0.53
C GLN A 34 -5.28 -12.82 1.65
N ASN A 35 -4.41 -13.70 2.13
CA ASN A 35 -4.71 -14.72 3.11
C ASN A 35 -4.88 -14.07 4.48
N TYR A 36 -3.97 -13.16 4.82
CA TYR A 36 -4.06 -12.30 5.97
C TYR A 36 -5.37 -11.50 5.89
N ALA A 37 -5.61 -10.85 4.75
CA ALA A 37 -6.83 -10.09 4.53
C ALA A 37 -8.06 -11.00 4.71
N ASN A 38 -8.00 -12.21 4.16
CA ASN A 38 -9.08 -13.19 4.15
C ASN A 38 -9.43 -13.57 5.59
N SER A 39 -8.44 -13.89 6.41
CA SER A 39 -8.68 -14.19 7.81
C SER A 39 -9.19 -12.93 8.53
N ARG A 40 -8.49 -11.80 8.38
CA ARG A 40 -8.70 -10.63 9.20
C ARG A 40 -10.02 -9.95 8.78
N ALA A 41 -10.50 -10.20 7.57
CA ALA A 41 -11.80 -9.78 7.09
C ALA A 41 -12.95 -10.21 8.00
N GLY A 42 -12.79 -11.29 8.77
CA GLY A 42 -13.77 -11.66 9.79
C GLY A 42 -13.94 -10.57 10.86
N ASP A 43 -12.97 -9.67 10.99
CA ASP A 43 -13.03 -8.47 11.80
C ASP A 43 -13.25 -7.27 10.89
N CYS A 44 -12.30 -7.02 9.98
CA CYS A 44 -12.25 -5.95 8.97
C CYS A 44 -11.25 -4.86 9.33
N ASN A 45 -10.77 -4.84 10.58
CA ASN A 45 -10.01 -3.72 11.11
C ASN A 45 -8.70 -3.52 10.36
N LEU A 46 -8.31 -2.26 10.16
CA LEU A 46 -7.02 -1.89 9.57
C LEU A 46 -5.91 -2.21 10.57
N ILE A 47 -5.59 -3.51 10.70
CA ILE A 47 -4.65 -4.08 11.65
C ILE A 47 -3.81 -5.10 10.88
N HIS A 48 -2.57 -4.75 10.57
CA HIS A 48 -1.55 -5.63 10.01
C HIS A 48 -0.22 -4.97 10.35
N SER A 49 0.67 -5.67 11.04
CA SER A 49 2.03 -5.24 11.36
C SER A 49 2.09 -3.77 11.79
N GLY A 50 2.23 -2.87 10.83
CA GLY A 50 2.31 -1.44 11.05
C GLY A 50 3.26 -0.80 10.07
N ALA A 51 4.54 -1.17 10.14
CA ALA A 51 5.59 -0.64 9.29
C ALA A 51 6.03 -1.75 8.33
N GLY A 52 5.53 -1.70 7.09
CA GLY A 52 5.85 -2.62 6.01
C GLY A 52 4.57 -3.14 5.31
N GLU A 53 3.44 -2.44 5.42
CA GLU A 53 2.17 -2.82 4.81
C GLU A 53 1.41 -1.57 4.41
N ASN A 54 0.37 -1.70 3.58
CA ASN A 54 -0.60 -0.62 3.36
C ASN A 54 -1.98 -1.23 3.26
N LEU A 55 -2.80 -0.96 4.28
CA LEU A 55 -4.09 -1.57 4.43
C LEU A 55 -5.16 -0.58 4.01
N ALA A 56 -6.29 -1.10 3.54
CA ALA A 56 -7.42 -0.32 3.11
C ALA A 56 -8.69 -1.09 3.39
N LYS A 57 -9.73 -0.41 3.83
CA LYS A 57 -11.08 -0.92 3.77
C LYS A 57 -11.91 0.13 3.06
N GLY A 58 -12.86 -0.30 2.22
CA GLY A 58 -13.73 0.61 1.47
C GLY A 58 -15.19 0.33 1.83
N GLY A 59 -16.07 0.30 0.84
CA GLY A 59 -17.51 0.16 1.04
C GLY A 59 -18.13 -0.86 0.11
N GLY A 60 -17.89 -0.77 -1.19
CA GLY A 60 -18.62 -1.57 -2.18
C GLY A 60 -17.74 -1.93 -3.36
N ASP A 61 -17.67 -1.09 -4.38
CA ASP A 61 -16.86 -1.33 -5.58
C ASP A 61 -15.38 -1.05 -5.27
N PHE A 62 -14.88 -1.42 -4.09
CA PHE A 62 -13.56 -1.01 -3.66
C PHE A 62 -12.52 -1.98 -4.22
N THR A 63 -11.76 -1.51 -5.21
CA THR A 63 -10.80 -2.33 -5.92
C THR A 63 -9.40 -2.10 -5.35
N GLY A 64 -8.45 -2.96 -5.69
CA GLY A 64 -7.07 -2.78 -5.28
C GLY A 64 -6.52 -1.50 -5.89
N ARG A 65 -6.81 -1.24 -7.16
CA ARG A 65 -6.37 -0.02 -7.83
C ARG A 65 -6.87 1.19 -7.04
N ALA A 66 -8.18 1.23 -6.76
CA ALA A 66 -8.77 2.27 -5.96
C ALA A 66 -8.06 2.39 -4.62
N ALA A 67 -7.75 1.28 -3.96
CA ALA A 67 -7.04 1.35 -2.70
C ALA A 67 -5.69 2.04 -2.87
N VAL A 68 -4.85 1.61 -3.81
CA VAL A 68 -3.56 2.30 -4.00
C VAL A 68 -3.81 3.79 -4.29
N GLN A 69 -4.78 4.08 -5.14
CA GLN A 69 -5.19 5.44 -5.45
C GLN A 69 -5.60 6.21 -4.19
N LEU A 70 -6.31 5.57 -3.25
CA LEU A 70 -6.71 6.18 -1.99
C LEU A 70 -5.45 6.56 -1.21
N TRP A 71 -4.41 5.75 -1.32
CA TRP A 71 -3.15 5.98 -0.62
C TRP A 71 -2.41 7.15 -1.28
N VAL A 72 -2.44 7.19 -2.61
CA VAL A 72 -1.93 8.30 -3.40
C VAL A 72 -2.83 9.54 -3.30
N SER A 73 -4.04 9.44 -2.72
CA SER A 73 -4.81 10.64 -2.42
C SER A 73 -4.01 11.62 -1.57
N GLU A 74 -3.08 11.14 -0.76
CA GLU A 74 -2.10 11.99 -0.10
C GLU A 74 -1.05 12.54 -1.07
N ARG A 75 -1.33 12.73 -2.36
CA ARG A 75 -0.33 13.22 -3.29
C ARG A 75 0.22 14.57 -2.86
N PRO A 76 -0.56 15.65 -2.85
CA PRO A 76 -0.01 16.96 -2.55
C PRO A 76 0.38 17.11 -1.06
N SER A 77 0.20 16.08 -0.22
CA SER A 77 0.77 16.06 1.13
C SER A 77 2.21 15.52 1.10
N TYR A 78 2.62 14.80 0.06
CA TYR A 78 4.04 14.66 -0.23
C TYR A 78 4.44 15.89 -1.05
N ASN A 79 5.71 16.26 -1.04
CA ASN A 79 6.18 17.37 -1.84
C ASN A 79 7.67 17.18 -2.09
N TYR A 80 8.01 16.57 -3.23
CA TYR A 80 9.39 16.27 -3.56
C TYR A 80 10.23 17.55 -3.61
N ALA A 81 9.63 18.70 -3.95
CA ALA A 81 10.31 19.98 -3.90
C ALA A 81 10.95 20.25 -2.53
N THR A 82 10.42 19.67 -1.46
CA THR A 82 10.98 19.74 -0.12
C THR A 82 11.50 18.38 0.38
N ASN A 83 11.33 17.33 -0.43
CA ASN A 83 11.67 15.94 -0.14
C ASN A 83 11.33 15.52 1.30
N GLN A 84 10.10 15.83 1.73
CA GLN A 84 9.56 15.36 2.99
C GLN A 84 8.03 15.38 2.89
N CYS A 85 7.32 14.97 3.94
CA CYS A 85 5.89 15.28 4.00
C CYS A 85 5.73 16.77 4.25
N VAL A 86 4.69 17.35 3.66
CA VAL A 86 4.30 18.74 3.87
C VAL A 86 3.86 18.86 5.34
N GLY A 87 3.84 20.08 5.87
CA GLY A 87 3.17 20.37 7.13
C GLY A 87 1.66 20.29 6.92
N GLY A 88 1.17 19.07 6.73
CA GLY A 88 -0.21 18.75 6.42
C GLY A 88 -0.39 17.34 6.94
N LYS A 89 -1.53 17.09 7.57
CA LYS A 89 -1.81 15.83 8.23
C LYS A 89 -2.09 14.74 7.20
N LYS A 90 -2.16 13.51 7.68
CA LYS A 90 -2.36 12.31 6.90
C LYS A 90 -1.38 12.27 5.72
N CYS A 91 -0.15 11.83 5.99
CA CYS A 91 0.78 11.37 4.96
C CYS A 91 1.34 10.00 5.34
N ARG A 92 0.52 9.15 5.97
CA ARG A 92 0.92 7.83 6.43
C ARG A 92 0.33 6.75 5.53
N HIS A 93 0.69 6.78 4.25
CA HIS A 93 0.19 5.82 3.29
C HIS A 93 1.04 5.90 2.04
N TYR A 94 0.92 6.99 1.27
CA TYR A 94 1.79 7.29 0.13
C TYR A 94 3.25 6.91 0.42
N THR A 95 3.76 7.38 1.55
CA THR A 95 5.08 7.09 2.08
C THR A 95 5.50 5.62 1.86
N GLN A 96 4.61 4.69 2.18
CA GLN A 96 4.90 3.27 2.03
C GLN A 96 4.89 2.89 0.55
N VAL A 97 3.87 3.33 -0.17
CA VAL A 97 3.69 3.04 -1.59
C VAL A 97 4.99 3.41 -2.32
N VAL A 98 5.51 4.59 -1.98
CA VAL A 98 6.70 5.16 -2.56
C VAL A 98 7.99 4.65 -1.93
N TRP A 99 7.91 3.95 -0.80
CA TRP A 99 9.07 3.53 -0.03
C TRP A 99 10.17 2.96 -0.91
N ARG A 100 11.22 3.76 -1.15
CA ARG A 100 12.34 3.37 -1.98
C ARG A 100 12.88 2.01 -1.53
N ASN A 101 12.99 1.81 -0.22
CA ASN A 101 13.69 0.64 0.29
C ASN A 101 13.04 -0.67 -0.16
N SER A 102 11.71 -0.72 -0.31
CA SER A 102 11.05 -1.98 -0.58
C SER A 102 11.10 -2.27 -2.08
N VAL A 103 11.54 -3.48 -2.42
CA VAL A 103 11.64 -3.98 -3.79
C VAL A 103 10.67 -5.13 -4.06
N ARG A 104 10.23 -5.80 -3.00
CA ARG A 104 9.18 -6.81 -3.08
C ARG A 104 7.84 -6.08 -3.01
N LEU A 105 6.80 -6.67 -3.59
CA LEU A 105 5.44 -6.19 -3.43
C LEU A 105 4.54 -7.43 -3.59
N GLY A 106 3.44 -7.47 -2.85
CA GLY A 106 2.35 -8.39 -3.12
C GLY A 106 1.15 -7.93 -2.30
N CYS A 107 -0.05 -8.05 -2.86
CA CYS A 107 -1.25 -7.47 -2.27
C CYS A 107 -2.39 -8.44 -2.42
N GLY A 108 -3.48 -8.19 -1.70
CA GLY A 108 -4.64 -9.05 -1.71
C GLY A 108 -5.88 -8.26 -1.32
N ARG A 109 -7.02 -8.65 -1.91
CA ARG A 109 -8.35 -8.14 -1.58
C ARG A 109 -9.15 -9.29 -0.98
N ALA A 110 -9.90 -9.04 0.10
CA ALA A 110 -10.78 -10.00 0.76
C ALA A 110 -12.04 -9.26 1.19
N ARG A 111 -13.19 -9.91 1.21
CA ARG A 111 -14.44 -9.24 1.59
C ARG A 111 -14.63 -9.36 3.09
N CYS A 112 -14.82 -8.23 3.77
CA CYS A 112 -15.18 -8.18 5.18
C CYS A 112 -16.52 -8.77 5.54
N ASN A 113 -16.58 -9.29 6.77
CA ASN A 113 -17.78 -9.66 7.50
C ASN A 113 -18.54 -8.39 7.95
N ASN A 114 -18.79 -7.49 7.00
CA ASN A 114 -19.66 -6.33 7.11
C ASN A 114 -19.92 -5.75 5.71
N GLY A 115 -19.90 -6.60 4.68
CA GLY A 115 -20.20 -6.24 3.30
C GLY A 115 -19.00 -5.63 2.59
N TRP A 116 -18.19 -4.85 3.29
CA TRP A 116 -17.16 -4.03 2.68
C TRP A 116 -15.99 -4.91 2.23
N TRP A 117 -15.01 -4.31 1.56
CA TRP A 117 -13.83 -5.02 1.10
C TRP A 117 -12.60 -4.53 1.84
N PHE A 118 -11.84 -5.48 2.38
CA PHE A 118 -10.50 -5.33 2.94
C PHE A 118 -9.50 -5.44 1.79
N ILE A 119 -8.42 -4.67 1.83
CA ILE A 119 -7.24 -4.84 1.00
C ILE A 119 -5.99 -4.71 1.88
N SER A 120 -4.97 -5.53 1.63
CA SER A 120 -3.64 -5.48 2.23
C SER A 120 -2.61 -5.40 1.10
N CYS A 121 -1.42 -4.86 1.36
CA CYS A 121 -0.30 -4.79 0.43
C CYS A 121 0.97 -4.87 1.24
N ASN A 122 1.67 -6.00 1.19
CA ASN A 122 2.88 -6.21 1.97
C ASN A 122 4.10 -5.69 1.23
N TYR A 123 5.13 -5.28 1.99
CA TYR A 123 6.40 -4.86 1.45
C TYR A 123 7.49 -5.28 2.44
N ASP A 124 8.63 -5.73 1.95
CA ASP A 124 9.87 -5.84 2.74
C ASP A 124 11.00 -5.20 1.93
N PRO A 125 12.12 -4.76 2.54
CA PRO A 125 12.30 -4.45 3.95
C PRO A 125 11.22 -3.49 4.45
N VAL A 126 11.11 -3.37 5.78
CA VAL A 126 10.03 -2.64 6.42
C VAL A 126 9.94 -1.23 5.85
N GLY A 127 8.74 -0.66 5.86
CA GLY A 127 8.50 0.63 5.26
C GLY A 127 7.56 1.47 6.06
N ASN A 128 7.54 2.75 5.70
CA ASN A 128 6.99 3.84 6.48
C ASN A 128 7.62 3.89 7.88
N TRP A 129 8.85 3.40 7.97
CA TRP A 129 9.62 3.24 9.18
C TRP A 129 10.55 4.46 9.31
N ILE A 130 10.63 5.07 10.49
CA ILE A 130 11.72 5.99 10.77
C ILE A 130 12.99 5.14 10.86
N GLY A 131 14.08 5.62 10.28
CA GLY A 131 15.33 4.90 10.16
C GLY A 131 16.05 5.35 8.89
N GLN A 132 15.45 5.06 7.72
CA GLN A 132 15.93 5.48 6.41
C GLN A 132 14.89 6.36 5.73
N ARG A 133 15.16 6.85 4.51
CA ARG A 133 14.34 7.86 3.85
C ARG A 133 13.24 7.18 3.00
N PRO A 134 12.00 7.67 2.99
CA PRO A 134 10.95 7.11 2.14
C PRO A 134 11.23 7.37 0.66
N TYR A 135 11.52 8.62 0.32
CA TYR A 135 11.91 9.06 -0.99
C TYR A 135 13.02 10.09 -0.78
N GLN A 1 -8.76 -2.92 -13.80
CA GLN A 1 -8.38 -2.29 -12.52
C GLN A 1 -8.23 -3.36 -11.44
N ASN A 2 -7.49 -4.42 -11.72
CA ASN A 2 -7.44 -5.62 -10.89
C ASN A 2 -6.12 -6.32 -11.16
N SER A 3 -5.83 -7.40 -10.43
CA SER A 3 -4.63 -8.19 -10.64
C SER A 3 -3.36 -7.37 -10.33
N PRO A 4 -2.17 -7.97 -10.36
CA PRO A 4 -0.97 -7.40 -9.76
C PRO A 4 -0.62 -6.08 -10.45
N GLN A 5 -0.66 -6.11 -11.78
CA GLN A 5 -0.48 -4.98 -12.67
C GLN A 5 -1.08 -3.69 -12.16
N ASP A 6 -2.27 -3.71 -11.57
CA ASP A 6 -2.99 -2.47 -11.30
C ASP A 6 -2.47 -1.83 -10.02
N TYR A 7 -2.20 -2.63 -8.99
CA TYR A 7 -1.49 -2.10 -7.84
C TYR A 7 -0.15 -1.58 -8.33
N LEU A 8 0.59 -2.43 -9.04
CA LEU A 8 1.88 -2.10 -9.64
C LEU A 8 1.82 -0.81 -10.44
N ALA A 9 0.76 -0.59 -11.21
CA ALA A 9 0.62 0.59 -12.06
C ALA A 9 0.68 1.84 -11.21
N VAL A 10 -0.21 1.93 -10.22
CA VAL A 10 -0.31 3.12 -9.40
C VAL A 10 0.97 3.30 -8.58
N HIS A 11 1.56 2.22 -8.08
CA HIS A 11 2.86 2.30 -7.42
C HIS A 11 3.89 2.91 -8.37
N ASN A 12 4.03 2.35 -9.55
CA ASN A 12 4.99 2.78 -10.56
C ASN A 12 4.71 4.22 -10.97
N ASP A 13 3.44 4.65 -10.95
CA ASP A 13 3.03 6.03 -11.18
C ASP A 13 3.61 6.94 -10.09
N ALA A 14 3.22 6.70 -8.84
CA ALA A 14 3.72 7.45 -7.70
C ALA A 14 5.25 7.50 -7.73
N ARG A 15 5.88 6.36 -7.95
CA ARG A 15 7.32 6.25 -8.03
C ARG A 15 7.85 7.09 -9.19
N ALA A 16 7.20 7.07 -10.36
CA ALA A 16 7.53 8.00 -11.44
C ALA A 16 7.53 9.44 -10.93
N GLN A 17 6.48 9.83 -10.20
CA GLN A 17 6.35 11.19 -9.70
C GLN A 17 7.52 11.65 -8.83
N VAL A 18 8.22 10.73 -8.15
CA VAL A 18 9.42 11.07 -7.37
C VAL A 18 10.68 10.44 -7.99
N GLY A 19 10.62 10.01 -9.25
CA GLY A 19 11.74 9.43 -9.95
C GLY A 19 12.40 8.28 -9.15
N VAL A 20 11.57 7.43 -8.55
CA VAL A 20 11.96 6.19 -7.90
C VAL A 20 11.79 5.06 -8.92
N GLY A 21 12.62 4.03 -8.89
CA GLY A 21 12.51 2.87 -9.77
C GLY A 21 11.29 2.00 -9.41
N PRO A 22 10.87 1.09 -10.29
CA PRO A 22 9.66 0.30 -10.11
C PRO A 22 9.92 -0.94 -9.24
N MET A 23 9.00 -1.90 -9.26
CA MET A 23 8.98 -3.05 -8.35
C MET A 23 8.41 -4.27 -9.09
N SER A 24 8.66 -5.46 -8.56
CA SER A 24 8.05 -6.70 -9.00
C SER A 24 6.80 -7.01 -8.18
N TRP A 25 6.06 -8.01 -8.65
CA TRP A 25 5.08 -8.69 -7.83
C TRP A 25 5.82 -9.79 -7.10
N ASP A 26 5.66 -9.88 -5.78
CA ASP A 26 6.10 -11.01 -5.00
C ASP A 26 4.86 -11.84 -4.66
N ALA A 27 4.83 -13.06 -5.18
CA ALA A 27 3.69 -13.93 -5.00
C ALA A 27 3.50 -14.30 -3.53
N ASN A 28 4.56 -14.34 -2.74
CA ASN A 28 4.54 -14.77 -1.35
C ASN A 28 3.90 -13.68 -0.53
N LEU A 29 4.33 -12.43 -0.73
CA LEU A 29 3.67 -11.30 -0.10
C LEU A 29 2.19 -11.32 -0.47
N ALA A 30 1.88 -11.53 -1.75
CA ALA A 30 0.49 -11.55 -2.19
C ALA A 30 -0.29 -12.67 -1.48
N SER A 31 0.28 -13.86 -1.38
CA SER A 31 -0.36 -15.00 -0.75
C SER A 31 -0.68 -14.66 0.71
N ARG A 32 0.31 -14.14 1.42
CA ARG A 32 0.19 -13.76 2.82
C ARG A 32 -0.86 -12.65 2.96
N ALA A 33 -0.81 -11.64 2.10
CA ALA A 33 -1.69 -10.48 2.14
C ALA A 33 -3.13 -10.92 2.02
N GLN A 34 -3.43 -11.74 1.01
CA GLN A 34 -4.76 -12.31 0.87
C GLN A 34 -5.09 -13.09 2.14
N ASN A 35 -4.22 -13.98 2.58
CA ASN A 35 -4.51 -14.81 3.74
C ASN A 35 -4.77 -13.98 5.01
N TYR A 36 -4.05 -12.88 5.19
CA TYR A 36 -4.30 -11.92 6.26
C TYR A 36 -5.70 -11.34 6.08
N ALA A 37 -6.00 -10.81 4.90
CA ALA A 37 -7.30 -10.21 4.61
C ALA A 37 -8.42 -11.21 4.95
N ASN A 38 -8.36 -12.37 4.30
CA ASN A 38 -9.23 -13.53 4.50
C ASN A 38 -9.47 -13.77 5.99
N SER A 39 -8.39 -14.04 6.72
CA SER A 39 -8.49 -14.46 8.10
C SER A 39 -9.07 -13.33 8.95
N ARG A 40 -8.59 -12.10 8.73
CA ARG A 40 -8.90 -11.00 9.59
C ARG A 40 -10.35 -10.58 9.34
N ALA A 41 -10.91 -10.92 8.18
CA ALA A 41 -12.30 -10.68 7.82
C ALA A 41 -13.33 -11.05 8.90
N GLY A 42 -12.95 -11.93 9.83
CA GLY A 42 -13.74 -12.21 11.01
C GLY A 42 -14.18 -10.93 11.74
N ASP A 43 -13.25 -10.00 11.98
CA ASP A 43 -13.59 -8.68 12.51
C ASP A 43 -13.38 -7.63 11.43
N CYS A 44 -12.22 -7.72 10.78
CA CYS A 44 -11.82 -7.00 9.59
C CYS A 44 -11.37 -5.59 9.94
N ASN A 45 -10.54 -5.50 10.97
CA ASN A 45 -10.09 -4.26 11.56
C ASN A 45 -8.85 -3.78 10.81
N LEU A 46 -8.76 -2.49 10.45
CA LEU A 46 -7.61 -1.96 9.74
C LEU A 46 -6.43 -1.78 10.70
N ILE A 47 -5.91 -2.87 11.27
CA ILE A 47 -4.90 -2.80 12.33
C ILE A 47 -3.53 -2.63 11.70
N HIS A 48 -3.13 -3.56 10.82
CA HIS A 48 -1.79 -3.68 10.24
C HIS A 48 -0.70 -3.96 11.29
N SER A 49 0.23 -4.83 10.92
CA SER A 49 1.56 -4.92 11.53
C SER A 49 2.20 -3.54 11.42
N GLY A 50 2.24 -3.07 10.19
CA GLY A 50 3.01 -1.91 9.76
C GLY A 50 4.27 -2.46 9.16
N ALA A 51 5.40 -1.77 9.32
CA ALA A 51 6.74 -2.24 8.95
C ALA A 51 6.68 -3.05 7.66
N GLY A 52 6.32 -2.40 6.56
CA GLY A 52 6.01 -3.07 5.31
C GLY A 52 4.55 -2.80 4.94
N GLU A 53 3.60 -3.14 5.81
CA GLU A 53 2.23 -3.32 5.35
C GLU A 53 1.46 -2.00 5.26
N ASN A 54 0.35 -2.00 4.51
CA ASN A 54 -0.70 -0.99 4.55
C ASN A 54 -2.01 -1.66 4.11
N LEU A 55 -3.17 -1.08 4.47
CA LEU A 55 -4.48 -1.70 4.30
C LEU A 55 -5.49 -0.65 3.84
N ALA A 56 -6.51 -1.02 3.06
CA ALA A 56 -7.61 -0.17 2.64
C ALA A 56 -8.92 -0.90 2.93
N LYS A 57 -9.89 -0.23 3.57
CA LYS A 57 -11.26 -0.67 3.48
C LYS A 57 -11.79 -0.28 2.10
N GLY A 58 -12.98 -0.75 1.74
CA GLY A 58 -13.61 -0.35 0.50
C GLY A 58 -15.12 -0.50 0.62
N GLY A 59 -15.69 -1.37 -0.19
CA GLY A 59 -17.12 -1.55 -0.36
C GLY A 59 -17.48 -1.03 -1.74
N GLY A 60 -18.76 -1.04 -2.08
CA GLY A 60 -19.17 -0.79 -3.44
C GLY A 60 -18.34 -1.64 -4.42
N ASP A 61 -17.80 -0.98 -5.43
CA ASP A 61 -16.98 -1.55 -6.48
C ASP A 61 -15.50 -1.21 -6.30
N PHE A 62 -15.08 -0.99 -5.06
CA PHE A 62 -13.76 -0.45 -4.73
C PHE A 62 -12.65 -1.41 -5.16
N THR A 63 -11.83 -1.00 -6.13
CA THR A 63 -10.81 -1.84 -6.73
C THR A 63 -9.52 -1.82 -5.91
N GLY A 64 -8.62 -2.76 -6.17
CA GLY A 64 -7.24 -2.68 -5.72
C GLY A 64 -6.59 -1.40 -6.25
N ARG A 65 -6.90 -1.02 -7.50
CA ARG A 65 -6.38 0.23 -8.04
C ARG A 65 -6.85 1.40 -7.16
N ALA A 66 -8.14 1.46 -6.85
CA ALA A 66 -8.72 2.45 -5.95
C ALA A 66 -8.01 2.41 -4.59
N ALA A 67 -7.67 1.23 -4.09
CA ALA A 67 -6.90 1.11 -2.85
C ALA A 67 -5.58 1.86 -2.96
N VAL A 68 -4.76 1.57 -3.98
CA VAL A 68 -3.50 2.30 -4.11
C VAL A 68 -3.77 3.80 -4.28
N GLN A 69 -4.74 4.14 -5.12
CA GLN A 69 -5.16 5.52 -5.31
C GLN A 69 -5.59 6.15 -3.99
N LEU A 70 -6.14 5.41 -3.03
CA LEU A 70 -6.51 5.98 -1.75
C LEU A 70 -5.20 6.39 -1.07
N TRP A 71 -4.19 5.53 -1.13
CA TRP A 71 -2.88 5.79 -0.52
C TRP A 71 -2.20 6.99 -1.20
N VAL A 72 -2.38 7.13 -2.52
CA VAL A 72 -1.85 8.25 -3.29
C VAL A 72 -2.80 9.46 -3.23
N SER A 73 -3.96 9.35 -2.55
CA SER A 73 -4.73 10.52 -2.17
C SER A 73 -3.86 11.46 -1.35
N GLU A 74 -2.93 10.91 -0.57
CA GLU A 74 -2.01 11.66 0.26
C GLU A 74 -0.88 12.26 -0.62
N ARG A 75 -1.22 12.80 -1.79
CA ARG A 75 -0.24 13.38 -2.70
C ARG A 75 0.44 14.60 -2.08
N PRO A 76 -0.27 15.69 -1.78
CA PRO A 76 0.37 16.96 -1.44
C PRO A 76 1.20 16.92 -0.15
N SER A 77 1.10 15.87 0.67
CA SER A 77 1.93 15.75 1.85
C SER A 77 3.30 15.17 1.53
N TYR A 78 3.45 14.35 0.50
CA TYR A 78 4.77 14.01 0.02
C TYR A 78 5.18 15.15 -0.91
N ASN A 79 6.48 15.36 -1.11
CA ASN A 79 6.94 16.40 -2.03
C ASN A 79 8.31 15.99 -2.56
N TYR A 80 9.38 16.62 -2.07
CA TYR A 80 10.77 16.31 -2.34
C TYR A 80 11.65 17.32 -1.61
N ALA A 81 11.19 18.57 -1.46
CA ALA A 81 11.84 19.62 -0.69
C ALA A 81 12.47 19.08 0.60
N THR A 82 11.67 18.38 1.41
CA THR A 82 12.05 17.82 2.70
C THR A 82 12.52 16.35 2.59
N ASN A 83 12.44 15.77 1.40
CA ASN A 83 12.58 14.35 1.09
C ASN A 83 11.95 13.44 2.13
N GLN A 84 10.77 13.83 2.63
CA GLN A 84 9.92 13.03 3.48
C GLN A 84 8.51 13.59 3.30
N CYS A 85 7.74 13.77 4.38
CA CYS A 85 6.50 14.50 4.28
C CYS A 85 6.75 16.00 4.36
N VAL A 86 5.71 16.78 4.05
CA VAL A 86 5.65 18.21 4.19
C VAL A 86 5.05 18.35 5.59
N GLY A 87 5.62 19.20 6.43
CA GLY A 87 5.31 19.27 7.84
C GLY A 87 5.31 17.85 8.41
N GLY A 88 4.17 17.40 8.90
CA GLY A 88 3.96 16.03 9.34
C GLY A 88 2.45 15.75 9.36
N LYS A 89 1.85 15.58 8.19
CA LYS A 89 0.43 15.23 8.10
C LYS A 89 0.24 13.76 8.51
N LYS A 90 -0.98 13.24 8.48
CA LYS A 90 -1.20 11.80 8.56
C LYS A 90 -0.87 11.21 7.20
N CYS A 91 0.42 11.13 6.91
CA CYS A 91 1.01 10.97 5.58
C CYS A 91 1.93 9.76 5.61
N ARG A 92 1.41 8.63 6.07
CA ARG A 92 2.20 7.43 6.27
C ARG A 92 1.53 6.26 5.56
N HIS A 93 1.25 6.43 4.26
CA HIS A 93 0.89 5.37 3.35
C HIS A 93 1.66 5.53 2.05
N TYR A 94 1.61 6.72 1.43
CA TYR A 94 2.34 7.03 0.21
C TYR A 94 3.79 6.61 0.32
N THR A 95 4.42 6.94 1.45
CA THR A 95 5.78 6.54 1.74
C THR A 95 5.97 5.05 1.44
N GLN A 96 5.06 4.20 1.92
CA GLN A 96 5.19 2.76 1.74
C GLN A 96 5.00 2.37 0.27
N VAL A 97 4.10 3.05 -0.43
CA VAL A 97 3.84 2.84 -1.86
C VAL A 97 5.10 3.16 -2.66
N VAL A 98 5.75 4.26 -2.32
CA VAL A 98 6.89 4.76 -3.06
C VAL A 98 8.18 4.06 -2.64
N TRP A 99 8.20 3.59 -1.39
CA TRP A 99 9.37 3.19 -0.62
C TRP A 99 10.46 2.58 -1.49
N ARG A 100 11.52 3.31 -1.79
CA ARG A 100 12.49 2.90 -2.79
C ARG A 100 13.08 1.53 -2.46
N ASN A 101 13.28 1.23 -1.18
CA ASN A 101 13.84 -0.07 -0.81
C ASN A 101 12.90 -1.22 -1.17
N SER A 102 11.60 -0.98 -1.32
CA SER A 102 10.63 -2.04 -1.54
C SER A 102 10.65 -2.34 -3.03
N VAL A 103 11.41 -3.36 -3.41
CA VAL A 103 11.49 -3.84 -4.78
C VAL A 103 10.49 -4.99 -4.99
N ARG A 104 9.87 -5.47 -3.92
CA ARG A 104 8.74 -6.38 -3.97
C ARG A 104 7.46 -5.60 -3.65
N LEU A 105 6.32 -6.17 -4.02
CA LEU A 105 4.99 -5.76 -3.61
C LEU A 105 4.11 -7.00 -3.76
N GLY A 106 3.20 -7.28 -2.83
CA GLY A 106 2.24 -8.34 -3.05
C GLY A 106 1.01 -8.08 -2.20
N CYS A 107 -0.16 -8.08 -2.83
CA CYS A 107 -1.39 -7.60 -2.23
C CYS A 107 -2.48 -8.66 -2.32
N GLY A 108 -3.58 -8.43 -1.60
CA GLY A 108 -4.74 -9.29 -1.56
C GLY A 108 -6.00 -8.44 -1.45
N ARG A 109 -7.17 -9.07 -1.45
CA ARG A 109 -8.46 -8.40 -1.43
C ARG A 109 -9.50 -9.39 -0.90
N ALA A 110 -9.94 -9.24 0.35
CA ALA A 110 -11.01 -10.04 0.94
C ALA A 110 -12.22 -9.16 1.14
N ARG A 111 -13.42 -9.75 1.12
CA ARG A 111 -14.63 -9.02 1.45
C ARG A 111 -14.92 -9.22 2.94
N CYS A 112 -15.54 -8.24 3.59
CA CYS A 112 -15.83 -8.24 5.02
C CYS A 112 -17.11 -7.53 5.38
N ASN A 113 -17.49 -7.69 6.64
CA ASN A 113 -18.60 -7.01 7.28
C ASN A 113 -18.43 -5.48 7.28
N ASN A 114 -17.26 -4.97 7.70
CA ASN A 114 -17.06 -3.53 7.93
C ASN A 114 -15.70 -3.03 7.43
N GLY A 115 -14.93 -3.89 6.77
CA GLY A 115 -13.88 -3.47 5.87
C GLY A 115 -14.41 -3.44 4.44
N TRP A 116 -15.61 -4.00 4.24
CA TRP A 116 -16.23 -4.23 2.96
C TRP A 116 -15.21 -4.84 2.01
N TRP A 117 -14.74 -4.16 0.97
CA TRP A 117 -13.63 -4.69 0.20
C TRP A 117 -12.35 -4.30 0.90
N PHE A 118 -11.89 -5.19 1.79
CA PHE A 118 -10.68 -5.03 2.55
C PHE A 118 -9.49 -5.48 1.72
N ILE A 119 -8.77 -4.51 1.16
CA ILE A 119 -7.52 -4.75 0.50
C ILE A 119 -6.43 -4.71 1.57
N SER A 120 -5.64 -5.78 1.66
CA SER A 120 -4.40 -5.78 2.41
C SER A 120 -3.27 -5.71 1.40
N CYS A 121 -2.16 -5.04 1.71
CA CYS A 121 -0.97 -5.19 0.90
C CYS A 121 0.31 -5.25 1.72
N ASN A 122 1.19 -6.17 1.34
CA ASN A 122 2.43 -6.53 1.99
C ASN A 122 3.58 -6.15 1.06
N TYR A 123 4.73 -5.83 1.65
CA TYR A 123 5.90 -5.25 1.00
C TYR A 123 7.14 -6.00 1.52
N ASP A 124 8.21 -6.09 0.73
CA ASP A 124 9.49 -6.68 1.15
C ASP A 124 10.64 -5.84 0.59
N PRO A 125 11.64 -5.46 1.39
CA PRO A 125 11.71 -5.66 2.83
C PRO A 125 10.62 -4.85 3.52
N VAL A 126 10.56 -4.94 4.84
CA VAL A 126 9.79 -4.00 5.63
C VAL A 126 10.16 -2.57 5.21
N GLY A 127 9.18 -1.68 5.15
CA GLY A 127 9.34 -0.29 4.80
C GLY A 127 8.63 0.58 5.83
N ASN A 128 8.69 1.89 5.64
CA ASN A 128 8.38 2.89 6.66
C ASN A 128 9.35 2.80 7.84
N TRP A 129 10.44 2.07 7.66
CA TRP A 129 11.40 1.73 8.70
C TRP A 129 12.57 2.73 8.63
N ILE A 130 13.52 2.67 9.55
CA ILE A 130 14.64 3.61 9.62
C ILE A 130 15.77 3.20 8.67
N GLY A 131 16.50 4.17 8.12
CA GLY A 131 17.69 3.93 7.33
C GLY A 131 17.42 3.02 6.12
N GLN A 132 16.47 3.42 5.28
CA GLN A 132 16.18 2.78 4.00
C GLN A 132 15.87 3.84 2.93
N ARG A 133 15.16 4.89 3.30
CA ARG A 133 14.69 6.00 2.46
C ARG A 133 13.35 5.65 1.78
N PRO A 134 12.40 6.60 1.78
CA PRO A 134 11.16 6.45 1.04
C PRO A 134 11.40 6.73 -0.44
N TYR A 135 12.10 7.81 -0.78
CA TYR A 135 12.44 8.18 -2.14
C TYR A 135 13.82 8.84 -2.08
N GLN A 1 -9.82 -3.68 -12.35
CA GLN A 1 -8.96 -2.76 -11.58
C GLN A 1 -8.54 -3.40 -10.25
N ASN A 2 -8.16 -4.68 -10.29
CA ASN A 2 -7.40 -5.38 -9.27
C ASN A 2 -6.68 -6.55 -9.95
N SER A 3 -5.38 -6.70 -9.70
CA SER A 3 -4.43 -7.59 -10.35
C SER A 3 -3.05 -7.10 -9.91
N PRO A 4 -1.99 -7.91 -10.08
CA PRO A 4 -0.63 -7.49 -9.81
C PRO A 4 -0.33 -6.18 -10.53
N GLN A 5 -0.38 -6.19 -11.85
CA GLN A 5 -0.17 -5.03 -12.69
C GLN A 5 -1.06 -3.83 -12.31
N ASP A 6 -2.27 -4.05 -11.78
CA ASP A 6 -3.13 -2.93 -11.39
C ASP A 6 -2.47 -2.17 -10.23
N TYR A 7 -2.09 -2.87 -9.17
CA TYR A 7 -1.39 -2.22 -8.08
C TYR A 7 -0.08 -1.63 -8.61
N LEU A 8 0.72 -2.47 -9.27
CA LEU A 8 2.05 -2.14 -9.74
C LEU A 8 2.05 -0.89 -10.65
N ALA A 9 1.06 -0.74 -11.52
CA ALA A 9 0.96 0.41 -12.42
C ALA A 9 0.93 1.71 -11.63
N VAL A 10 0.01 1.81 -10.66
CA VAL A 10 -0.17 3.03 -9.90
C VAL A 10 1.07 3.28 -9.04
N HIS A 11 1.65 2.21 -8.48
CA HIS A 11 2.92 2.32 -7.76
C HIS A 11 3.97 2.96 -8.68
N ASN A 12 4.23 2.35 -9.84
CA ASN A 12 5.27 2.83 -10.74
C ASN A 12 5.00 4.28 -11.15
N ASP A 13 3.74 4.67 -11.34
CA ASP A 13 3.35 6.07 -11.51
C ASP A 13 3.83 6.97 -10.37
N ALA A 14 3.32 6.72 -9.17
CA ALA A 14 3.62 7.54 -8.01
C ALA A 14 5.14 7.63 -7.84
N ARG A 15 5.80 6.49 -7.95
CA ARG A 15 7.23 6.37 -7.77
C ARG A 15 7.98 7.14 -8.85
N ALA A 16 7.60 6.96 -10.11
CA ALA A 16 8.09 7.75 -11.23
C ALA A 16 8.06 9.23 -10.88
N GLN A 17 6.96 9.67 -10.27
CA GLN A 17 6.72 11.06 -9.94
C GLN A 17 7.71 11.62 -8.91
N VAL A 18 8.30 10.77 -8.06
CA VAL A 18 9.38 11.12 -7.13
C VAL A 18 10.70 10.42 -7.51
N GLY A 19 10.80 9.91 -8.74
CA GLY A 19 11.99 9.29 -9.28
C GLY A 19 12.47 8.06 -8.52
N VAL A 20 11.56 7.32 -7.90
CA VAL A 20 11.86 6.05 -7.23
C VAL A 20 11.85 4.93 -8.28
N GLY A 21 12.81 4.00 -8.19
CA GLY A 21 12.95 2.88 -9.12
C GLY A 21 11.83 1.84 -8.93
N PRO A 22 11.76 0.82 -9.80
CA PRO A 22 10.59 -0.03 -9.94
C PRO A 22 10.45 -1.08 -8.83
N MET A 23 9.44 -1.94 -8.94
CA MET A 23 9.31 -3.17 -8.16
C MET A 23 8.74 -4.23 -9.09
N SER A 24 8.69 -5.48 -8.65
CA SER A 24 7.86 -6.50 -9.26
C SER A 24 6.96 -7.11 -8.20
N TRP A 25 6.16 -8.10 -8.58
CA TRP A 25 5.30 -8.78 -7.65
C TRP A 25 6.15 -9.73 -6.80
N ASP A 26 5.57 -10.24 -5.72
CA ASP A 26 6.03 -11.44 -5.07
C ASP A 26 4.82 -12.29 -4.71
N ALA A 27 4.85 -13.55 -5.14
CA ALA A 27 3.75 -14.48 -4.96
C ALA A 27 3.51 -14.75 -3.48
N ASN A 28 4.58 -14.82 -2.68
CA ASN A 28 4.49 -15.11 -1.26
C ASN A 28 3.79 -13.97 -0.58
N LEU A 29 4.27 -12.74 -0.77
CA LEU A 29 3.64 -11.57 -0.18
C LEU A 29 2.17 -11.53 -0.56
N ALA A 30 1.86 -11.75 -1.83
CA ALA A 30 0.49 -11.76 -2.30
C ALA A 30 -0.31 -12.84 -1.58
N SER A 31 0.25 -14.03 -1.41
CA SER A 31 -0.44 -15.10 -0.72
C SER A 31 -0.70 -14.71 0.74
N ARG A 32 0.32 -14.14 1.39
CA ARG A 32 0.26 -13.67 2.75
C ARG A 32 -0.89 -12.68 2.89
N ALA A 33 -0.95 -11.71 1.98
CA ALA A 33 -1.97 -10.69 1.97
C ALA A 33 -3.35 -11.34 1.80
N GLN A 34 -3.50 -12.21 0.80
CA GLN A 34 -4.75 -12.91 0.52
C GLN A 34 -5.22 -13.65 1.78
N ASN A 35 -4.32 -14.41 2.39
CA ASN A 35 -4.54 -15.18 3.61
C ASN A 35 -4.94 -14.27 4.76
N TYR A 36 -4.12 -13.26 5.05
CA TYR A 36 -4.33 -12.35 6.16
C TYR A 36 -5.69 -11.67 6.02
N ALA A 37 -5.94 -11.10 4.84
CA ALA A 37 -7.21 -10.52 4.48
C ALA A 37 -8.34 -11.51 4.74
N ASN A 38 -8.16 -12.76 4.28
CA ASN A 38 -9.14 -13.82 4.46
C ASN A 38 -9.43 -14.06 5.93
N SER A 39 -8.41 -14.33 6.74
CA SER A 39 -8.54 -14.44 8.19
C SER A 39 -9.37 -13.27 8.71
N ARG A 40 -8.96 -12.06 8.31
CA ARG A 40 -9.58 -10.83 8.73
C ARG A 40 -10.87 -10.52 7.96
N ALA A 41 -11.54 -11.51 7.38
CA ALA A 41 -12.92 -11.34 6.94
C ALA A 41 -13.85 -11.37 8.16
N GLY A 42 -13.47 -12.17 9.16
CA GLY A 42 -14.20 -12.24 10.42
C GLY A 42 -14.05 -10.98 11.25
N ASP A 43 -12.94 -10.24 11.10
CA ASP A 43 -12.56 -9.14 12.01
C ASP A 43 -12.42 -7.81 11.29
N CYS A 44 -11.76 -7.83 10.14
CA CYS A 44 -11.40 -6.65 9.36
C CYS A 44 -10.67 -5.61 10.20
N ASN A 45 -9.78 -6.05 11.08
CA ASN A 45 -8.94 -5.16 11.89
C ASN A 45 -7.78 -4.66 11.02
N LEU A 46 -7.54 -3.35 11.00
CA LEU A 46 -6.48 -2.77 10.17
C LEU A 46 -5.15 -2.78 10.92
N ILE A 47 -4.65 -3.94 11.33
CA ILE A 47 -3.46 -4.00 12.17
C ILE A 47 -2.21 -3.94 11.28
N HIS A 48 -1.45 -2.84 11.34
CA HIS A 48 -0.17 -2.73 10.66
C HIS A 48 0.92 -3.15 11.64
N SER A 49 0.74 -4.32 12.23
CA SER A 49 1.70 -4.91 13.14
C SER A 49 2.97 -5.34 12.40
N GLY A 50 2.97 -5.34 11.07
CA GLY A 50 4.10 -5.86 10.32
C GLY A 50 5.15 -4.77 10.12
N ALA A 51 4.72 -3.51 9.98
CA ALA A 51 5.53 -2.41 9.51
C ALA A 51 5.97 -2.62 8.06
N GLY A 52 5.34 -3.55 7.35
CA GLY A 52 5.59 -3.78 5.95
C GLY A 52 4.49 -3.10 5.15
N GLU A 53 3.27 -3.27 5.62
CA GLU A 53 2.06 -3.13 4.87
C GLU A 53 1.46 -1.73 4.80
N ASN A 54 0.38 -1.65 4.04
CA ASN A 54 -0.67 -0.64 4.11
C ASN A 54 -1.95 -1.40 3.78
N LEU A 55 -3.08 -0.94 4.29
CA LEU A 55 -4.34 -1.64 4.21
C LEU A 55 -5.42 -0.62 3.86
N ALA A 56 -6.51 -1.07 3.26
CA ALA A 56 -7.70 -0.28 2.96
C ALA A 56 -8.88 -1.15 3.37
N LYS A 57 -9.95 -0.58 3.94
CA LYS A 57 -11.23 -1.28 3.98
C LYS A 57 -12.36 -0.27 3.92
N GLY A 58 -13.53 -0.69 3.45
CA GLY A 58 -14.68 0.17 3.34
C GLY A 58 -15.58 -0.25 2.19
N GLY A 59 -16.60 0.55 1.93
CA GLY A 59 -17.39 0.50 0.71
C GLY A 59 -18.14 -0.80 0.50
N GLY A 60 -18.10 -1.30 -0.72
CA GLY A 60 -18.85 -2.47 -1.13
C GLY A 60 -18.41 -2.99 -2.49
N ASP A 61 -17.73 -2.16 -3.28
CA ASP A 61 -17.16 -2.52 -4.56
C ASP A 61 -16.03 -1.54 -4.89
N PHE A 62 -15.21 -1.29 -3.86
CA PHE A 62 -13.98 -0.52 -3.98
C PHE A 62 -12.91 -1.38 -4.66
N THR A 63 -12.22 -0.85 -5.66
CA THR A 63 -11.20 -1.52 -6.46
C THR A 63 -9.82 -1.46 -5.78
N GLY A 64 -8.87 -2.30 -6.21
CA GLY A 64 -7.52 -2.27 -5.68
C GLY A 64 -6.72 -1.12 -6.31
N ARG A 65 -6.97 -0.82 -7.58
CA ARG A 65 -6.44 0.36 -8.24
C ARG A 65 -6.80 1.60 -7.39
N ALA A 66 -8.08 1.73 -7.03
CA ALA A 66 -8.54 2.79 -6.15
C ALA A 66 -7.83 2.73 -4.80
N ALA A 67 -7.52 1.54 -4.30
CA ALA A 67 -6.74 1.41 -3.06
C ALA A 67 -5.39 2.14 -3.20
N VAL A 68 -4.60 1.83 -4.24
CA VAL A 68 -3.35 2.56 -4.41
C VAL A 68 -3.63 4.06 -4.56
N GLN A 69 -4.62 4.42 -5.36
CA GLN A 69 -5.03 5.80 -5.49
C GLN A 69 -5.39 6.41 -4.12
N LEU A 70 -5.98 5.65 -3.19
CA LEU A 70 -6.33 6.16 -1.89
C LEU A 70 -5.02 6.39 -1.14
N TRP A 71 -4.05 5.51 -1.28
CA TRP A 71 -2.75 5.67 -0.64
C TRP A 71 -2.04 6.91 -1.17
N VAL A 72 -2.23 7.21 -2.45
CA VAL A 72 -1.74 8.42 -3.09
C VAL A 72 -2.69 9.62 -2.85
N SER A 73 -3.76 9.47 -2.08
CA SER A 73 -4.68 10.58 -1.78
C SER A 73 -3.94 11.77 -1.21
N GLU A 74 -2.83 11.55 -0.51
CA GLU A 74 -2.00 12.61 0.07
C GLU A 74 -1.23 13.38 -1.01
N ARG A 75 -1.76 13.52 -2.24
CA ARG A 75 -1.04 14.19 -3.32
C ARG A 75 -0.83 15.67 -3.02
N PRO A 76 -1.88 16.44 -2.66
CA PRO A 76 -1.71 17.83 -2.23
C PRO A 76 -1.15 17.96 -0.81
N SER A 77 -0.51 16.93 -0.25
CA SER A 77 0.10 16.99 1.06
C SER A 77 1.52 16.42 1.09
N TYR A 78 1.86 15.38 0.34
CA TYR A 78 3.24 14.90 0.33
C TYR A 78 3.96 15.80 -0.69
N ASN A 79 5.27 15.98 -0.56
CA ASN A 79 6.02 16.78 -1.52
C ASN A 79 7.44 16.25 -1.56
N TYR A 80 8.46 17.05 -1.93
CA TYR A 80 9.85 16.67 -1.78
C TYR A 80 10.54 17.80 -1.01
N ALA A 81 11.80 18.10 -1.32
CA ALA A 81 12.63 19.16 -0.81
C ALA A 81 13.24 18.71 0.52
N THR A 82 12.37 18.22 1.40
CA THR A 82 12.69 17.90 2.78
C THR A 82 12.38 16.44 3.10
N ASN A 83 12.18 15.60 2.07
CA ASN A 83 11.99 14.16 2.20
C ASN A 83 10.92 13.81 3.23
N GLN A 84 9.81 14.57 3.28
CA GLN A 84 8.76 14.33 4.26
C GLN A 84 7.44 14.89 3.73
N CYS A 85 6.44 15.09 4.58
CA CYS A 85 5.17 15.67 4.17
C CYS A 85 5.24 17.20 4.22
N VAL A 86 4.34 17.89 3.53
CA VAL A 86 4.27 19.33 3.59
C VAL A 86 3.89 19.60 5.05
N GLY A 87 4.73 20.36 5.72
CA GLY A 87 4.65 20.65 7.15
C GLY A 87 4.94 19.41 7.99
N GLY A 88 4.05 18.42 7.93
CA GLY A 88 4.07 17.25 8.79
C GLY A 88 2.64 16.95 9.24
N LYS A 89 1.97 15.97 8.63
CA LYS A 89 0.59 15.60 8.94
C LYS A 89 0.45 14.06 8.84
N LYS A 90 -0.77 13.54 8.94
CA LYS A 90 -1.07 12.12 8.74
C LYS A 90 -0.99 11.75 7.26
N CYS A 91 0.19 11.87 6.66
CA CYS A 91 0.42 11.66 5.23
C CYS A 91 1.03 10.27 5.05
N ARG A 92 0.43 9.28 5.71
CA ARG A 92 1.06 7.99 5.97
C ARG A 92 0.36 6.87 5.22
N HIS A 93 0.56 6.85 3.91
CA HIS A 93 0.38 5.69 3.06
C HIS A 93 1.26 5.88 1.82
N TYR A 94 1.19 7.05 1.18
CA TYR A 94 2.05 7.39 0.05
C TYR A 94 3.51 7.02 0.33
N THR A 95 4.03 7.49 1.46
CA THR A 95 5.39 7.19 1.92
C THR A 95 5.77 5.71 1.75
N GLN A 96 4.80 4.84 2.03
CA GLN A 96 4.95 3.41 2.10
C GLN A 96 4.88 2.85 0.67
N VAL A 97 3.87 3.27 -0.09
CA VAL A 97 3.74 2.92 -1.51
C VAL A 97 5.04 3.24 -2.24
N VAL A 98 5.56 4.43 -1.98
CA VAL A 98 6.72 4.99 -2.64
C VAL A 98 8.02 4.51 -2.00
N TRP A 99 7.96 3.63 -1.00
CA TRP A 99 9.14 3.19 -0.29
C TRP A 99 10.14 2.53 -1.24
N ARG A 100 11.13 3.30 -1.66
CA ARG A 100 12.24 2.91 -2.53
C ARG A 100 12.80 1.56 -2.10
N ASN A 101 12.90 1.32 -0.80
CA ASN A 101 13.47 0.11 -0.24
C ASN A 101 12.40 -0.97 -0.07
N SER A 102 11.55 -1.15 -1.08
CA SER A 102 10.68 -2.31 -1.25
C SER A 102 10.73 -2.69 -2.73
N VAL A 103 11.33 -3.83 -3.05
CA VAL A 103 11.43 -4.35 -4.41
C VAL A 103 10.34 -5.38 -4.70
N ARG A 104 9.82 -6.00 -3.65
CA ARG A 104 8.65 -6.86 -3.71
C ARG A 104 7.42 -6.06 -3.37
N LEU A 105 6.28 -6.49 -3.88
CA LEU A 105 4.95 -6.11 -3.43
C LEU A 105 4.06 -7.32 -3.66
N GLY A 106 3.12 -7.57 -2.76
CA GLY A 106 2.08 -8.55 -3.03
C GLY A 106 0.86 -8.17 -2.22
N CYS A 107 -0.32 -8.23 -2.84
CA CYS A 107 -1.54 -7.69 -2.28
C CYS A 107 -2.62 -8.74 -2.33
N GLY A 108 -3.68 -8.55 -1.54
CA GLY A 108 -4.70 -9.54 -1.31
C GLY A 108 -5.97 -8.83 -0.89
N ARG A 109 -7.08 -9.25 -1.47
CA ARG A 109 -8.41 -8.76 -1.19
C ARG A 109 -9.08 -9.76 -0.24
N ALA A 110 -10.14 -9.34 0.44
CA ALA A 110 -11.14 -10.21 1.03
C ALA A 110 -12.34 -9.30 1.32
N ARG A 111 -13.53 -9.85 1.54
CA ARG A 111 -14.67 -9.04 1.92
C ARG A 111 -14.95 -9.27 3.41
N CYS A 112 -15.07 -8.17 4.14
CA CYS A 112 -15.52 -8.18 5.53
C CYS A 112 -16.96 -8.68 5.53
N ASN A 113 -17.37 -9.41 6.56
CA ASN A 113 -18.75 -9.89 6.63
C ASN A 113 -19.77 -8.74 6.71
N ASN A 114 -19.36 -7.52 7.06
CA ASN A 114 -20.21 -6.32 6.97
C ASN A 114 -20.19 -5.69 5.57
N GLY A 115 -19.78 -6.42 4.53
CA GLY A 115 -20.04 -6.00 3.16
C GLY A 115 -18.94 -5.10 2.58
N TRP A 116 -18.17 -4.45 3.45
CA TRP A 116 -16.99 -3.67 3.07
C TRP A 116 -15.97 -4.64 2.46
N TRP A 117 -15.21 -4.18 1.49
CA TRP A 117 -14.02 -4.92 1.08
C TRP A 117 -12.89 -4.54 2.02
N PHE A 118 -11.97 -5.48 2.23
CA PHE A 118 -10.65 -5.29 2.80
C PHE A 118 -9.67 -5.50 1.64
N ILE A 119 -8.65 -4.66 1.56
CA ILE A 119 -7.52 -4.81 0.67
C ILE A 119 -6.28 -4.64 1.53
N SER A 120 -5.29 -5.51 1.33
CA SER A 120 -4.01 -5.47 2.00
C SER A 120 -2.92 -5.49 0.94
N CYS A 121 -1.81 -4.81 1.19
CA CYS A 121 -0.60 -4.93 0.40
C CYS A 121 0.54 -5.07 1.37
N ASN A 122 1.31 -6.15 1.28
CA ASN A 122 2.55 -6.38 2.01
C ASN A 122 3.70 -6.03 1.07
N TYR A 123 4.81 -5.54 1.61
CA TYR A 123 5.97 -5.03 0.89
C TYR A 123 7.21 -5.61 1.55
N ASP A 124 8.30 -5.78 0.80
CA ASP A 124 9.54 -6.35 1.31
C ASP A 124 10.72 -5.76 0.53
N PRO A 125 11.81 -5.34 1.18
CA PRO A 125 11.94 -5.18 2.63
C PRO A 125 10.95 -4.15 3.19
N VAL A 126 10.87 -4.08 4.51
CA VAL A 126 9.76 -3.41 5.20
C VAL A 126 9.78 -1.88 5.06
N GLY A 127 8.62 -1.26 5.28
CA GLY A 127 8.30 0.08 4.79
C GLY A 127 8.00 1.05 5.93
N ASN A 128 8.43 2.30 5.81
CA ASN A 128 8.35 3.30 6.89
C ASN A 128 9.00 2.75 8.16
N TRP A 129 10.02 1.93 7.97
CA TRP A 129 10.82 1.35 9.03
C TRP A 129 12.05 2.25 9.15
N ILE A 130 12.34 2.74 10.36
CA ILE A 130 13.54 3.54 10.56
C ILE A 130 14.76 2.78 10.07
N GLY A 131 15.71 3.49 9.46
CA GLY A 131 16.90 2.90 8.86
C GLY A 131 16.95 3.30 7.40
N GLN A 132 16.00 2.81 6.59
CA GLN A 132 15.89 3.21 5.20
C GLN A 132 15.00 4.46 5.07
N ARG A 133 14.86 4.96 3.85
CA ARG A 133 14.11 6.17 3.54
C ARG A 133 13.12 5.92 2.41
N PRO A 134 12.03 6.70 2.35
CA PRO A 134 10.99 6.48 1.37
C PRO A 134 11.49 6.83 -0.03
N TYR A 135 11.92 8.08 -0.22
CA TYR A 135 12.46 8.63 -1.45
C TYR A 135 13.65 9.48 -1.01
N GLN A 1 -7.95 -1.48 -12.12
CA GLN A 1 -8.87 -1.88 -11.05
C GLN A 1 -8.29 -3.00 -10.18
N ASN A 2 -8.33 -4.25 -10.62
CA ASN A 2 -8.21 -5.40 -9.73
C ASN A 2 -6.92 -6.20 -9.93
N SER A 3 -6.22 -6.04 -11.05
CA SER A 3 -5.12 -6.97 -11.33
C SER A 3 -3.94 -6.66 -10.40
N PRO A 4 -3.06 -7.64 -10.12
CA PRO A 4 -1.81 -7.39 -9.41
C PRO A 4 -1.05 -6.24 -10.07
N GLN A 5 -0.90 -6.32 -11.40
CA GLN A 5 -0.25 -5.29 -12.17
C GLN A 5 -0.89 -3.91 -11.98
N ASP A 6 -2.17 -3.86 -11.61
CA ASP A 6 -2.88 -2.59 -11.49
C ASP A 6 -2.38 -1.88 -10.24
N TYR A 7 -2.20 -2.60 -9.13
CA TYR A 7 -1.57 -1.98 -7.97
C TYR A 7 -0.19 -1.49 -8.41
N LEU A 8 0.59 -2.40 -8.99
CA LEU A 8 1.94 -2.09 -9.47
C LEU A 8 1.98 -0.84 -10.33
N ALA A 9 1.02 -0.69 -11.24
CA ALA A 9 0.95 0.44 -12.13
C ALA A 9 0.94 1.73 -11.31
N VAL A 10 -0.02 1.86 -10.39
CA VAL A 10 -0.12 3.05 -9.54
C VAL A 10 1.17 3.25 -8.74
N HIS A 11 1.73 2.17 -8.19
CA HIS A 11 2.96 2.26 -7.44
C HIS A 11 4.06 2.85 -8.30
N ASN A 12 4.25 2.28 -9.48
CA ASN A 12 5.27 2.67 -10.43
C ASN A 12 5.06 4.14 -10.78
N ASP A 13 3.82 4.56 -11.08
CA ASP A 13 3.42 5.95 -11.19
C ASP A 13 3.96 6.83 -10.05
N ALA A 14 3.62 6.49 -8.81
CA ALA A 14 3.99 7.30 -7.66
C ALA A 14 5.51 7.36 -7.50
N ARG A 15 6.17 6.22 -7.62
CA ARG A 15 7.61 6.09 -7.48
C ARG A 15 8.29 6.93 -8.56
N ALA A 16 7.84 6.78 -9.79
CA ALA A 16 8.26 7.55 -10.95
C ALA A 16 8.27 9.04 -10.59
N GLN A 17 7.19 9.52 -9.98
CA GLN A 17 7.05 10.93 -9.64
C GLN A 17 8.07 11.46 -8.64
N VAL A 18 8.77 10.62 -7.89
CA VAL A 18 9.91 11.04 -7.07
C VAL A 18 11.19 10.30 -7.49
N GLY A 19 11.21 9.78 -8.72
CA GLY A 19 12.35 9.05 -9.27
C GLY A 19 12.84 7.95 -8.34
N VAL A 20 11.92 7.25 -7.69
CA VAL A 20 12.22 6.02 -6.95
C VAL A 20 12.15 4.88 -7.98
N GLY A 21 12.97 3.85 -7.83
CA GLY A 21 12.92 2.68 -8.71
C GLY A 21 11.55 1.97 -8.59
N PRO A 22 11.16 1.14 -9.57
CA PRO A 22 9.89 0.44 -9.58
C PRO A 22 9.80 -0.61 -8.46
N MET A 23 8.87 -1.55 -8.56
CA MET A 23 8.86 -2.79 -7.78
C MET A 23 8.34 -3.92 -8.66
N SER A 24 8.61 -5.16 -8.28
CA SER A 24 8.04 -6.33 -8.91
C SER A 24 6.82 -6.79 -8.15
N TRP A 25 6.17 -7.82 -8.68
CA TRP A 25 5.14 -8.53 -7.95
C TRP A 25 5.79 -9.72 -7.23
N ASP A 26 5.16 -10.16 -6.16
CA ASP A 26 5.48 -11.34 -5.40
C ASP A 26 4.18 -12.08 -5.13
N ALA A 27 4.01 -13.21 -5.81
CA ALA A 27 2.86 -14.08 -5.62
C ALA A 27 2.84 -14.64 -4.21
N ASN A 28 4.02 -14.81 -3.59
CA ASN A 28 4.13 -15.26 -2.22
C ASN A 28 3.50 -14.22 -1.31
N LEU A 29 3.99 -12.99 -1.38
CA LEU A 29 3.54 -11.90 -0.55
C LEU A 29 2.06 -11.60 -0.84
N ALA A 30 1.62 -11.74 -2.09
CA ALA A 30 0.22 -11.59 -2.44
C ALA A 30 -0.61 -12.63 -1.70
N SER A 31 -0.21 -13.90 -1.83
CA SER A 31 -0.82 -14.98 -1.06
C SER A 31 -0.86 -14.63 0.42
N ARG A 32 0.23 -14.08 0.96
CA ARG A 32 0.33 -13.69 2.36
C ARG A 32 -0.72 -12.63 2.68
N ALA A 33 -0.68 -11.48 2.01
CA ALA A 33 -1.56 -10.35 2.24
C ALA A 33 -3.02 -10.80 2.17
N GLN A 34 -3.33 -11.56 1.12
CA GLN A 34 -4.61 -12.18 0.92
C GLN A 34 -4.98 -13.03 2.14
N ASN A 35 -4.14 -14.00 2.48
CA ASN A 35 -4.40 -14.95 3.55
C ASN A 35 -4.59 -14.25 4.89
N TYR A 36 -3.75 -13.26 5.17
CA TYR A 36 -3.79 -12.41 6.36
C TYR A 36 -5.15 -11.72 6.43
N ALA A 37 -5.48 -10.98 5.38
CA ALA A 37 -6.76 -10.27 5.25
C ALA A 37 -7.93 -11.24 5.46
N ASN A 38 -7.91 -12.35 4.72
CA ASN A 38 -8.89 -13.42 4.77
C ASN A 38 -9.06 -13.93 6.19
N SER A 39 -7.93 -14.26 6.82
CA SER A 39 -7.89 -14.87 8.13
C SER A 39 -8.52 -13.90 9.13
N ARG A 40 -8.05 -12.66 9.17
CA ARG A 40 -8.53 -11.70 10.14
C ARG A 40 -9.77 -11.03 9.57
N ALA A 41 -10.86 -11.80 9.51
CA ALA A 41 -12.16 -11.32 9.04
C ALA A 41 -13.16 -11.13 10.18
N GLY A 42 -12.86 -11.64 11.38
CA GLY A 42 -13.74 -11.47 12.54
C GLY A 42 -14.06 -10.00 12.80
N ASP A 43 -13.02 -9.17 12.82
CA ASP A 43 -13.08 -7.77 13.25
C ASP A 43 -12.47 -6.87 12.18
N CYS A 44 -11.40 -7.35 11.54
CA CYS A 44 -10.88 -6.86 10.28
C CYS A 44 -10.72 -5.34 10.30
N ASN A 45 -10.03 -4.87 11.34
CA ASN A 45 -9.82 -3.46 11.60
C ASN A 45 -8.53 -3.02 10.94
N LEU A 46 -8.08 -1.77 11.07
CA LEU A 46 -6.82 -1.35 10.46
C LEU A 46 -5.63 -1.80 11.32
N ILE A 47 -5.59 -3.07 11.70
CA ILE A 47 -4.53 -3.63 12.52
C ILE A 47 -3.39 -4.02 11.59
N HIS A 48 -2.50 -3.06 11.39
CA HIS A 48 -1.23 -3.25 10.70
C HIS A 48 -0.29 -4.02 11.64
N SER A 49 -0.62 -5.27 11.94
CA SER A 49 0.16 -6.14 12.80
C SER A 49 1.40 -6.64 12.05
N GLY A 50 2.26 -5.72 11.64
CA GLY A 50 3.49 -6.02 10.94
C GLY A 50 4.12 -4.70 10.54
N ALA A 51 5.24 -4.78 9.84
CA ALA A 51 5.84 -3.66 9.16
C ALA A 51 5.82 -4.01 7.68
N GLY A 52 5.66 -3.01 6.83
CA GLY A 52 5.50 -3.19 5.40
C GLY A 52 4.07 -2.84 4.98
N GLU A 53 3.02 -3.31 5.66
CA GLU A 53 1.72 -3.33 5.01
C GLU A 53 1.02 -1.96 5.11
N ASN A 54 0.29 -1.59 4.07
CA ASN A 54 -0.75 -0.57 4.13
C ASN A 54 -2.05 -1.24 3.71
N LEU A 55 -3.18 -0.65 4.08
CA LEU A 55 -4.47 -1.33 4.06
C LEU A 55 -5.51 -0.35 3.51
N ALA A 56 -6.68 -0.86 3.09
CA ALA A 56 -7.86 -0.06 2.82
C ALA A 56 -9.10 -0.89 3.09
N LYS A 57 -10.22 -0.22 3.34
CA LYS A 57 -11.56 -0.79 3.30
C LYS A 57 -12.28 -0.24 2.08
N GLY A 58 -13.32 -0.94 1.63
CA GLY A 58 -14.10 -0.54 0.48
C GLY A 58 -15.52 -1.06 0.60
N GLY A 59 -15.77 -2.16 -0.10
CA GLY A 59 -17.09 -2.73 -0.35
C GLY A 59 -17.21 -2.86 -1.86
N GLY A 60 -18.44 -3.07 -2.34
CA GLY A 60 -18.83 -3.34 -3.73
C GLY A 60 -17.66 -3.36 -4.71
N ASP A 61 -16.97 -4.50 -4.76
CA ASP A 61 -15.70 -4.73 -5.42
C ASP A 61 -14.86 -3.46 -5.61
N PHE A 62 -14.32 -2.92 -4.52
CA PHE A 62 -13.43 -1.77 -4.50
C PHE A 62 -12.02 -2.15 -5.00
N THR A 63 -11.94 -2.58 -6.25
CA THR A 63 -10.76 -2.78 -7.08
C THR A 63 -9.53 -3.23 -6.28
N GLY A 64 -8.58 -2.32 -6.14
CA GLY A 64 -7.31 -2.42 -5.45
C GLY A 64 -6.44 -1.28 -5.97
N ARG A 65 -6.49 -1.06 -7.29
CA ARG A 65 -5.97 0.15 -7.93
C ARG A 65 -6.50 1.38 -7.19
N ALA A 66 -7.80 1.42 -6.91
CA ALA A 66 -8.41 2.50 -6.15
C ALA A 66 -7.79 2.63 -4.76
N ALA A 67 -7.44 1.52 -4.12
CA ALA A 67 -6.82 1.55 -2.81
C ALA A 67 -5.46 2.25 -2.92
N VAL A 68 -4.63 1.87 -3.88
CA VAL A 68 -3.36 2.57 -4.07
C VAL A 68 -3.62 4.05 -4.32
N GLN A 69 -4.57 4.36 -5.18
CA GLN A 69 -4.99 5.73 -5.43
C GLN A 69 -5.41 6.42 -4.13
N LEU A 70 -6.04 5.75 -3.17
CA LEU A 70 -6.39 6.40 -1.90
C LEU A 70 -5.07 6.81 -1.26
N TRP A 71 -4.17 5.85 -1.11
CA TRP A 71 -2.89 6.04 -0.43
C TRP A 71 -2.11 7.19 -1.05
N VAL A 72 -2.07 7.25 -2.37
CA VAL A 72 -1.40 8.30 -3.11
C VAL A 72 -2.14 9.63 -2.99
N SER A 73 -3.47 9.65 -3.02
CA SER A 73 -4.21 10.87 -3.31
C SER A 73 -3.99 12.00 -2.30
N GLU A 74 -3.40 11.74 -1.13
CA GLU A 74 -2.74 12.75 -0.30
C GLU A 74 -1.43 13.16 -1.02
N ARG A 75 -1.56 13.56 -2.27
CA ARG A 75 -0.46 13.76 -3.21
C ARG A 75 0.07 15.18 -3.11
N PRO A 76 -0.75 16.25 -3.20
CA PRO A 76 -0.26 17.59 -2.93
C PRO A 76 0.30 17.69 -1.50
N SER A 77 -0.16 16.80 -0.62
CA SER A 77 0.26 16.71 0.76
C SER A 77 1.55 15.89 0.93
N TYR A 78 2.08 15.25 -0.11
CA TYR A 78 3.46 14.86 -0.15
C TYR A 78 4.21 15.93 -0.95
N ASN A 79 5.49 16.18 -0.62
CA ASN A 79 6.33 17.05 -1.42
C ASN A 79 7.77 16.62 -1.16
N TYR A 80 8.63 16.65 -2.18
CA TYR A 80 10.05 16.50 -1.99
C TYR A 80 10.59 17.83 -1.46
N ALA A 81 11.76 18.29 -1.89
CA ALA A 81 12.39 19.58 -1.63
C ALA A 81 13.12 19.51 -0.30
N THR A 82 12.34 19.12 0.70
CA THR A 82 12.66 18.95 2.10
C THR A 82 12.46 17.48 2.48
N ASN A 83 11.59 16.80 1.72
CA ASN A 83 11.44 15.36 1.67
C ASN A 83 10.63 14.85 2.85
N GLN A 84 9.39 15.33 2.95
CA GLN A 84 8.49 15.06 4.08
C GLN A 84 7.06 15.15 3.59
N CYS A 85 6.16 14.40 4.24
CA CYS A 85 4.73 14.70 4.21
C CYS A 85 4.55 16.16 4.63
N VAL A 86 3.93 16.99 3.78
CA VAL A 86 3.81 18.42 3.96
C VAL A 86 2.98 18.60 5.23
N GLY A 87 3.28 19.57 6.09
CA GLY A 87 2.48 19.88 7.29
C GLY A 87 2.00 18.64 8.05
N GLY A 88 2.85 17.62 8.14
CA GLY A 88 2.51 16.33 8.72
C GLY A 88 1.17 15.81 8.23
N LYS A 89 0.90 15.88 6.92
CA LYS A 89 -0.37 15.51 6.34
C LYS A 89 -0.48 13.99 6.35
N LYS A 90 -1.66 13.48 6.03
CA LYS A 90 -2.03 12.11 6.32
C LYS A 90 -1.68 11.19 5.15
N CYS A 91 -0.49 11.42 4.60
CA CYS A 91 0.09 10.65 3.50
C CYS A 91 0.95 9.54 4.11
N ARG A 92 0.56 9.01 5.27
CA ARG A 92 1.22 7.90 5.96
C ARG A 92 0.75 6.58 5.32
N HIS A 93 0.70 6.53 3.99
CA HIS A 93 0.37 5.36 3.20
C HIS A 93 1.11 5.50 1.86
N TYR A 94 0.98 6.66 1.22
CA TYR A 94 1.84 7.08 0.11
C TYR A 94 3.29 6.71 0.39
N THR A 95 3.78 7.03 1.60
CA THR A 95 5.12 6.68 2.02
C THR A 95 5.47 5.24 1.60
N GLN A 96 4.56 4.30 1.86
CA GLN A 96 4.81 2.89 1.58
C GLN A 96 4.85 2.65 0.08
N VAL A 97 3.87 3.21 -0.65
CA VAL A 97 3.78 3.07 -2.08
C VAL A 97 5.12 3.46 -2.71
N VAL A 98 5.62 4.61 -2.25
CA VAL A 98 6.84 5.21 -2.75
C VAL A 98 8.09 4.62 -2.09
N TRP A 99 7.95 3.71 -1.13
CA TRP A 99 9.09 3.30 -0.33
C TRP A 99 10.16 2.63 -1.20
N ARG A 100 11.27 3.33 -1.41
CA ARG A 100 12.38 2.93 -2.23
C ARG A 100 12.85 1.56 -1.76
N ASN A 101 13.21 1.44 -0.48
CA ASN A 101 13.73 0.18 0.05
C ASN A 101 12.59 -0.80 0.36
N SER A 102 11.62 -0.91 -0.53
CA SER A 102 10.58 -1.93 -0.58
C SER A 102 10.37 -2.14 -2.07
N VAL A 103 10.82 -3.28 -2.59
CA VAL A 103 10.88 -3.54 -4.03
C VAL A 103 10.10 -4.80 -4.39
N ARG A 104 9.58 -5.49 -3.37
CA ARG A 104 8.63 -6.58 -3.51
C ARG A 104 7.26 -6.01 -3.14
N LEU A 105 6.22 -6.39 -3.87
CA LEU A 105 4.84 -6.01 -3.62
C LEU A 105 3.91 -7.20 -3.85
N GLY A 106 3.05 -7.49 -2.87
CA GLY A 106 2.10 -8.57 -2.96
C GLY A 106 0.86 -8.17 -2.17
N CYS A 107 -0.30 -8.11 -2.84
CA CYS A 107 -1.52 -7.55 -2.28
C CYS A 107 -2.64 -8.58 -2.34
N GLY A 108 -3.74 -8.33 -1.64
CA GLY A 108 -4.85 -9.25 -1.53
C GLY A 108 -6.13 -8.50 -1.15
N ARG A 109 -7.28 -9.07 -1.52
CA ARG A 109 -8.63 -8.56 -1.31
C ARG A 109 -9.42 -9.64 -0.54
N ALA A 110 -9.93 -9.33 0.66
CA ALA A 110 -10.72 -10.23 1.51
C ALA A 110 -12.04 -9.56 1.88
N ARG A 111 -13.17 -10.24 1.68
CA ARG A 111 -14.49 -9.65 1.83
C ARG A 111 -14.94 -9.70 3.29
N CYS A 112 -14.26 -9.00 4.19
CA CYS A 112 -14.70 -8.95 5.57
C CYS A 112 -16.08 -8.33 5.75
N ASN A 113 -16.69 -8.64 6.87
CA ASN A 113 -17.86 -8.00 7.44
C ASN A 113 -17.72 -6.47 7.42
N ASN A 114 -17.24 -5.87 8.50
CA ASN A 114 -17.10 -4.43 8.64
C ASN A 114 -15.89 -3.90 7.90
N GLY A 115 -14.99 -4.77 7.46
CA GLY A 115 -13.92 -4.36 6.56
C GLY A 115 -14.43 -4.28 5.11
N TRP A 116 -15.69 -4.67 4.86
CA TRP A 116 -16.27 -4.72 3.54
C TRP A 116 -15.33 -5.49 2.61
N TRP A 117 -14.98 -4.96 1.44
CA TRP A 117 -13.86 -5.54 0.73
C TRP A 117 -12.64 -4.88 1.37
N PHE A 118 -11.99 -5.65 2.23
CA PHE A 118 -10.76 -5.26 2.88
C PHE A 118 -9.61 -5.56 1.92
N ILE A 119 -8.65 -4.66 1.84
CA ILE A 119 -7.49 -4.80 0.97
C ILE A 119 -6.26 -4.57 1.82
N SER A 120 -5.27 -5.45 1.64
CA SER A 120 -3.94 -5.31 2.22
C SER A 120 -2.96 -5.37 1.06
N CYS A 121 -2.03 -4.41 0.98
CA CYS A 121 -0.81 -4.62 0.21
C CYS A 121 0.26 -4.87 1.24
N ASN A 122 0.91 -6.03 1.19
CA ASN A 122 2.12 -6.30 1.95
C ASN A 122 3.29 -6.01 1.01
N TYR A 123 4.42 -5.60 1.58
CA TYR A 123 5.59 -5.11 0.88
C TYR A 123 6.79 -5.77 1.54
N ASP A 124 7.87 -5.97 0.79
CA ASP A 124 9.09 -6.57 1.33
C ASP A 124 10.30 -5.96 0.62
N PRO A 125 11.45 -5.79 1.30
CA PRO A 125 11.56 -5.71 2.74
C PRO A 125 10.70 -4.57 3.29
N VAL A 126 10.46 -4.61 4.60
CA VAL A 126 9.58 -3.68 5.29
C VAL A 126 9.90 -2.21 4.97
N GLY A 127 8.83 -1.45 4.68
CA GLY A 127 8.84 -0.01 4.62
C GLY A 127 7.90 0.54 5.68
N ASN A 128 7.88 1.86 5.84
CA ASN A 128 7.35 2.57 7.01
C ASN A 128 7.87 1.92 8.28
N TRP A 129 9.06 1.35 8.15
CA TRP A 129 9.91 0.77 9.16
C TRP A 129 10.89 1.88 9.49
N ILE A 130 11.33 1.96 10.74
CA ILE A 130 12.22 3.02 11.17
C ILE A 130 13.62 2.81 10.55
N GLY A 131 14.53 3.77 10.72
CA GLY A 131 15.83 3.73 10.09
C GLY A 131 15.75 4.20 8.64
N GLN A 132 14.99 3.50 7.81
CA GLN A 132 15.01 3.76 6.37
C GLN A 132 14.10 4.94 5.99
N ARG A 133 14.34 5.49 4.80
CA ARG A 133 13.56 6.54 4.19
C ARG A 133 12.59 5.96 3.16
N PRO A 134 11.44 6.60 2.94
CA PRO A 134 10.59 6.29 1.81
C PRO A 134 11.26 6.73 0.50
N TYR A 135 11.71 7.97 0.42
CA TYR A 135 12.42 8.52 -0.74
C TYR A 135 13.41 9.54 -0.21
N GLN A 1 -8.49 -2.87 -13.06
CA GLN A 1 -8.50 -2.23 -11.73
C GLN A 1 -8.12 -3.22 -10.62
N ASN A 2 -8.27 -4.52 -10.86
CA ASN A 2 -7.98 -5.55 -9.88
C ASN A 2 -6.99 -6.52 -10.50
N SER A 3 -5.72 -6.21 -10.46
CA SER A 3 -4.69 -7.11 -10.94
C SER A 3 -3.42 -6.81 -10.16
N PRO A 4 -2.49 -7.76 -10.07
CA PRO A 4 -1.17 -7.48 -9.53
C PRO A 4 -0.55 -6.31 -10.31
N GLN A 5 -0.68 -6.35 -11.63
CA GLN A 5 -0.22 -5.29 -12.51
C GLN A 5 -0.89 -3.95 -12.22
N ASP A 6 -2.19 -3.88 -11.90
CA ASP A 6 -2.86 -2.62 -11.58
C ASP A 6 -2.15 -1.96 -10.39
N TYR A 7 -2.01 -2.70 -9.29
CA TYR A 7 -1.34 -2.18 -8.11
C TYR A 7 0.04 -1.67 -8.53
N LEU A 8 0.82 -2.53 -9.17
CA LEU A 8 2.13 -2.16 -9.71
C LEU A 8 2.08 -0.88 -10.52
N ALA A 9 1.12 -0.73 -11.43
CA ALA A 9 1.01 0.41 -12.31
C ALA A 9 0.92 1.67 -11.46
N VAL A 10 -0.07 1.75 -10.56
CA VAL A 10 -0.24 2.95 -9.74
C VAL A 10 1.03 3.22 -8.91
N HIS A 11 1.62 2.19 -8.31
CA HIS A 11 2.84 2.37 -7.52
C HIS A 11 3.96 2.95 -8.37
N ASN A 12 4.25 2.26 -9.46
CA ASN A 12 5.32 2.59 -10.38
C ASN A 12 5.11 4.02 -10.88
N ASP A 13 3.86 4.40 -11.19
CA ASP A 13 3.48 5.76 -11.51
C ASP A 13 3.91 6.76 -10.45
N ALA A 14 3.47 6.53 -9.22
CA ALA A 14 3.76 7.38 -8.09
C ALA A 14 5.26 7.51 -7.86
N ARG A 15 5.97 6.39 -7.95
CA ARG A 15 7.42 6.32 -7.84
C ARG A 15 8.05 7.16 -8.95
N ALA A 16 7.64 6.91 -10.18
CA ALA A 16 8.09 7.65 -11.34
C ALA A 16 7.89 9.16 -11.16
N GLN A 17 6.83 9.60 -10.47
CA GLN A 17 6.59 11.01 -10.21
C GLN A 17 7.61 11.63 -9.24
N VAL A 18 8.38 10.83 -8.50
CA VAL A 18 9.57 11.29 -7.78
C VAL A 18 10.84 10.61 -8.32
N GLY A 19 10.77 10.04 -9.52
CA GLY A 19 11.90 9.36 -10.15
C GLY A 19 12.47 8.24 -9.28
N VAL A 20 11.64 7.61 -8.46
CA VAL A 20 12.00 6.42 -7.71
C VAL A 20 11.80 5.22 -8.64
N GLY A 21 12.66 4.20 -8.52
CA GLY A 21 12.57 3.00 -9.35
C GLY A 21 11.27 2.23 -9.06
N PRO A 22 10.78 1.44 -10.03
CA PRO A 22 9.58 0.63 -9.87
C PRO A 22 9.86 -0.57 -8.95
N MET A 23 8.84 -1.39 -8.70
CA MET A 23 8.95 -2.66 -7.96
C MET A 23 8.55 -3.80 -8.90
N SER A 24 8.64 -5.05 -8.43
CA SER A 24 7.91 -6.16 -9.01
C SER A 24 6.92 -6.72 -8.00
N TRP A 25 6.09 -7.62 -8.49
CA TRP A 25 5.15 -8.34 -7.67
C TRP A 25 5.91 -9.44 -6.96
N ASP A 26 5.43 -9.89 -5.81
CA ASP A 26 5.78 -11.18 -5.24
C ASP A 26 4.49 -11.91 -4.89
N ALA A 27 4.34 -13.10 -5.46
CA ALA A 27 3.21 -13.95 -5.22
C ALA A 27 3.16 -14.40 -3.76
N ASN A 28 4.28 -14.47 -3.05
CA ASN A 28 4.28 -14.93 -1.66
C ASN A 28 3.74 -13.84 -0.74
N LEU A 29 4.22 -12.61 -0.88
CA LEU A 29 3.60 -11.49 -0.18
C LEU A 29 2.11 -11.46 -0.52
N ALA A 30 1.77 -11.53 -1.81
CA ALA A 30 0.39 -11.48 -2.24
C ALA A 30 -0.43 -12.61 -1.58
N SER A 31 0.10 -13.82 -1.55
CA SER A 31 -0.59 -14.95 -0.95
C SER A 31 -0.82 -14.70 0.54
N ARG A 32 0.23 -14.27 1.25
CA ARG A 32 0.14 -14.00 2.66
C ARG A 32 -0.90 -12.91 2.91
N ALA A 33 -0.91 -11.87 2.08
CA ALA A 33 -1.87 -10.78 2.19
C ALA A 33 -3.29 -11.30 1.96
N GLN A 34 -3.49 -12.15 0.94
CA GLN A 34 -4.77 -12.73 0.61
C GLN A 34 -5.28 -13.55 1.79
N ASN A 35 -4.47 -14.51 2.26
CA ASN A 35 -4.70 -15.17 3.53
C ASN A 35 -5.08 -14.17 4.61
N TYR A 36 -4.18 -13.29 4.99
CA TYR A 36 -4.35 -12.39 6.12
C TYR A 36 -5.70 -11.69 6.07
N ALA A 37 -6.02 -11.11 4.91
CA ALA A 37 -7.29 -10.46 4.66
C ALA A 37 -8.46 -11.42 4.93
N ASN A 38 -8.35 -12.65 4.42
CA ASN A 38 -9.35 -13.70 4.60
C ASN A 38 -9.49 -14.09 6.07
N SER A 39 -8.40 -14.54 6.68
CA SER A 39 -8.34 -15.16 7.98
C SER A 39 -8.95 -14.28 9.07
N ARG A 40 -8.89 -12.96 8.91
CA ARG A 40 -9.40 -12.00 9.89
C ARG A 40 -10.75 -11.41 9.47
N ALA A 41 -11.40 -11.91 8.42
CA ALA A 41 -12.53 -11.24 7.78
C ALA A 41 -13.66 -10.78 8.70
N GLY A 42 -13.84 -11.43 9.85
CA GLY A 42 -14.82 -10.99 10.83
C GLY A 42 -14.56 -9.57 11.34
N ASP A 43 -13.28 -9.24 11.59
CA ASP A 43 -12.84 -7.94 12.12
C ASP A 43 -12.13 -7.12 11.05
N CYS A 44 -11.71 -7.76 9.96
CA CYS A 44 -11.14 -7.12 8.79
C CYS A 44 -9.78 -6.50 9.07
N ASN A 45 -9.05 -7.03 10.04
CA ASN A 45 -7.67 -6.68 10.31
C ASN A 45 -7.61 -5.21 10.72
N LEU A 46 -7.41 -4.31 9.75
CA LEU A 46 -7.01 -2.93 9.93
C LEU A 46 -6.07 -2.78 11.13
N ILE A 47 -4.99 -3.55 11.17
CA ILE A 47 -3.95 -3.41 12.19
C ILE A 47 -2.66 -3.03 11.47
N HIS A 48 -2.26 -1.77 11.59
CA HIS A 48 -0.92 -1.29 11.23
C HIS A 48 0.11 -2.27 11.78
N SER A 49 0.85 -2.94 10.90
CA SER A 49 1.86 -3.91 11.32
C SER A 49 2.87 -3.19 12.22
N GLY A 50 3.62 -2.28 11.62
CA GLY A 50 4.70 -1.53 12.23
C GLY A 50 5.36 -0.74 11.12
N ALA A 51 5.98 -1.42 10.16
CA ALA A 51 6.58 -0.81 8.98
C ALA A 51 6.67 -1.86 7.88
N GLY A 52 6.28 -1.50 6.66
CA GLY A 52 6.19 -2.37 5.50
C GLY A 52 4.78 -2.29 4.95
N GLU A 53 3.80 -2.68 5.74
CA GLU A 53 2.45 -2.95 5.26
C GLU A 53 1.62 -1.65 5.15
N ASN A 54 0.55 -1.69 4.35
CA ASN A 54 -0.56 -0.74 4.40
C ASN A 54 -1.83 -1.54 4.12
N LEU A 55 -2.98 -0.98 4.48
CA LEU A 55 -4.27 -1.66 4.37
C LEU A 55 -5.31 -0.64 3.90
N ALA A 56 -6.46 -1.12 3.42
CA ALA A 56 -7.57 -0.29 2.95
C ALA A 56 -8.87 -1.06 3.08
N LYS A 57 -9.91 -0.46 3.68
CA LYS A 57 -11.28 -0.95 3.55
C LYS A 57 -12.00 -0.07 2.52
N GLY A 58 -13.13 -0.56 2.01
CA GLY A 58 -13.95 0.12 1.01
C GLY A 58 -15.41 -0.27 1.19
N GLY A 59 -16.04 -0.85 0.16
CA GLY A 59 -17.45 -1.26 0.16
C GLY A 59 -18.16 -0.79 -1.09
N GLY A 60 -17.85 0.42 -1.55
CA GLY A 60 -18.26 0.88 -2.85
C GLY A 60 -17.54 0.09 -3.94
N ASP A 61 -17.36 0.69 -5.12
CA ASP A 61 -16.60 0.11 -6.23
C ASP A 61 -15.08 0.21 -5.98
N PHE A 62 -14.68 -0.17 -4.77
CA PHE A 62 -13.35 0.04 -4.22
C PHE A 62 -12.41 -1.06 -4.69
N THR A 63 -11.91 -0.90 -5.91
CA THR A 63 -10.98 -1.86 -6.50
C THR A 63 -9.60 -1.68 -5.85
N GLY A 64 -8.72 -2.67 -6.03
CA GLY A 64 -7.38 -2.58 -5.49
C GLY A 64 -6.65 -1.34 -6.03
N ARG A 65 -6.84 -1.02 -7.31
CA ARG A 65 -6.39 0.23 -7.90
C ARG A 65 -6.87 1.40 -7.03
N ALA A 66 -8.17 1.48 -6.74
CA ALA A 66 -8.74 2.54 -5.90
C ALA A 66 -8.07 2.54 -4.52
N ALA A 67 -7.69 1.38 -3.98
CA ALA A 67 -6.93 1.33 -2.75
C ALA A 67 -5.60 2.08 -2.91
N VAL A 68 -4.81 1.77 -3.93
CA VAL A 68 -3.59 2.53 -4.17
C VAL A 68 -3.91 4.02 -4.32
N GLN A 69 -4.93 4.36 -5.10
CA GLN A 69 -5.38 5.73 -5.24
C GLN A 69 -5.64 6.36 -3.87
N LEU A 70 -6.28 5.64 -2.95
CA LEU A 70 -6.53 6.15 -1.61
C LEU A 70 -5.17 6.45 -0.99
N TRP A 71 -4.19 5.55 -1.14
CA TRP A 71 -2.85 5.73 -0.60
C TRP A 71 -2.14 6.93 -1.22
N VAL A 72 -2.42 7.23 -2.49
CA VAL A 72 -1.83 8.36 -3.21
C VAL A 72 -2.62 9.65 -2.97
N SER A 73 -3.65 9.62 -2.12
CA SER A 73 -4.28 10.82 -1.57
C SER A 73 -3.26 11.79 -0.97
N GLU A 74 -2.14 11.31 -0.44
CA GLU A 74 -1.23 12.17 0.31
C GLU A 74 -0.36 13.06 -0.59
N ARG A 75 -0.73 13.24 -1.86
CA ARG A 75 -0.02 14.10 -2.81
C ARG A 75 0.31 15.48 -2.23
N PRO A 76 -0.67 16.28 -1.78
CA PRO A 76 -0.43 17.56 -1.13
C PRO A 76 0.61 17.54 0.00
N SER A 77 0.89 16.41 0.64
CA SER A 77 1.93 16.34 1.66
C SER A 77 3.26 15.79 1.12
N TYR A 78 3.26 14.81 0.22
CA TYR A 78 4.53 14.24 -0.19
C TYR A 78 5.06 15.18 -1.28
N ASN A 79 6.30 15.63 -1.15
CA ASN A 79 6.86 16.61 -2.09
C ASN A 79 8.37 16.48 -2.07
N TYR A 80 9.03 16.31 -3.21
CA TYR A 80 10.48 16.40 -3.27
C TYR A 80 10.83 17.87 -3.13
N ALA A 81 11.39 18.16 -1.98
CA ALA A 81 12.13 19.37 -1.69
C ALA A 81 13.27 18.91 -0.79
N THR A 82 13.10 19.00 0.52
CA THR A 82 14.13 18.73 1.50
C THR A 82 13.87 17.37 2.15
N ASN A 83 13.48 16.42 1.30
CA ASN A 83 13.30 15.00 1.60
C ASN A 83 12.37 14.80 2.79
N GLN A 84 11.10 15.19 2.63
CA GLN A 84 10.14 15.18 3.72
C GLN A 84 8.73 14.93 3.19
N CYS A 85 7.72 15.05 4.05
CA CYS A 85 6.31 14.92 3.69
C CYS A 85 5.57 16.21 4.04
N VAL A 86 6.19 17.34 3.69
CA VAL A 86 5.76 18.71 3.98
C VAL A 86 5.50 18.83 5.50
N GLY A 87 4.91 19.94 5.95
CA GLY A 87 4.24 19.95 7.23
C GLY A 87 2.95 19.14 7.08
N GLY A 88 3.08 17.84 6.83
CA GLY A 88 2.01 16.97 6.38
C GLY A 88 2.09 15.67 7.17
N LYS A 89 1.55 15.71 8.38
CA LYS A 89 1.24 14.47 9.10
C LYS A 89 0.00 13.86 8.45
N LYS A 90 -0.43 12.68 8.94
CA LYS A 90 -1.48 11.90 8.29
C LYS A 90 -1.14 11.67 6.81
N CYS A 91 0.12 11.34 6.51
CA CYS A 91 0.59 11.02 5.16
C CYS A 91 1.13 9.59 5.09
N ARG A 92 0.76 8.76 6.06
CA ARG A 92 1.34 7.43 6.26
C ARG A 92 0.67 6.42 5.33
N HIS A 93 0.75 6.63 4.02
CA HIS A 93 0.40 5.61 3.04
C HIS A 93 1.23 5.82 1.78
N TYR A 94 1.13 6.99 1.13
CA TYR A 94 1.92 7.29 -0.06
C TYR A 94 3.38 6.91 0.14
N THR A 95 3.92 7.20 1.32
CA THR A 95 5.29 6.86 1.64
C THR A 95 5.60 5.41 1.27
N GLN A 96 4.76 4.43 1.61
CA GLN A 96 5.02 3.05 1.19
C GLN A 96 4.93 2.92 -0.33
N VAL A 97 3.91 3.54 -0.93
CA VAL A 97 3.67 3.43 -2.36
C VAL A 97 4.92 3.86 -3.14
N VAL A 98 5.60 4.88 -2.62
CA VAL A 98 6.84 5.39 -3.18
C VAL A 98 8.08 4.62 -2.72
N TRP A 99 8.08 4.20 -1.46
CA TRP A 99 9.24 3.86 -0.66
C TRP A 99 10.35 3.21 -1.48
N ARG A 100 11.39 3.97 -1.82
CA ARG A 100 12.44 3.50 -2.71
C ARG A 100 12.99 2.15 -2.27
N ASN A 101 13.10 1.90 -0.96
CA ASN A 101 13.70 0.65 -0.50
C ASN A 101 12.91 -0.59 -0.94
N SER A 102 11.58 -0.53 -1.07
CA SER A 102 10.79 -1.74 -1.21
C SER A 102 10.81 -2.18 -2.68
N VAL A 103 10.99 -3.48 -2.92
CA VAL A 103 11.13 -4.00 -4.28
C VAL A 103 10.11 -5.09 -4.59
N ARG A 104 9.64 -5.77 -3.56
CA ARG A 104 8.58 -6.75 -3.66
C ARG A 104 7.28 -6.10 -3.18
N LEU A 105 6.20 -6.29 -3.92
CA LEU A 105 4.87 -5.80 -3.61
C LEU A 105 3.92 -7.00 -3.63
N GLY A 106 3.03 -7.12 -2.64
CA GLY A 106 2.01 -8.14 -2.67
C GLY A 106 0.76 -7.69 -1.91
N CYS A 107 -0.30 -7.38 -2.66
CA CYS A 107 -1.63 -7.18 -2.11
C CYS A 107 -2.44 -8.45 -2.15
N GLY A 108 -3.39 -8.55 -1.23
CA GLY A 108 -4.44 -9.55 -1.24
C GLY A 108 -5.77 -8.87 -1.57
N ARG A 109 -6.87 -9.50 -1.18
CA ARG A 109 -8.20 -8.95 -1.19
C ARG A 109 -9.01 -9.78 -0.19
N ALA A 110 -10.09 -9.25 0.38
CA ALA A 110 -11.12 -10.07 0.99
C ALA A 110 -12.37 -9.22 1.11
N ARG A 111 -13.57 -9.81 1.08
CA ARG A 111 -14.78 -9.09 1.42
C ARG A 111 -15.10 -9.40 2.88
N CYS A 112 -14.66 -8.55 3.79
CA CYS A 112 -14.90 -8.65 5.23
C CYS A 112 -16.35 -8.44 5.64
N ASN A 113 -16.63 -8.69 6.92
CA ASN A 113 -17.91 -8.33 7.50
C ASN A 113 -17.98 -6.83 7.69
N ASN A 114 -17.32 -6.32 8.73
CA ASN A 114 -17.35 -4.89 9.03
C ASN A 114 -16.68 -4.16 7.88
N GLY A 115 -15.44 -4.50 7.57
CA GLY A 115 -14.61 -3.65 6.72
C GLY A 115 -14.82 -3.93 5.24
N TRP A 116 -16.04 -4.33 4.85
CA TRP A 116 -16.50 -4.31 3.48
C TRP A 116 -15.50 -4.93 2.51
N TRP A 117 -15.15 -4.25 1.42
CA TRP A 117 -14.14 -4.71 0.48
C TRP A 117 -12.81 -4.27 1.05
N PHE A 118 -11.96 -5.25 1.35
CA PHE A 118 -10.70 -5.08 2.04
C PHE A 118 -9.51 -5.47 1.19
N ILE A 119 -8.43 -4.72 1.40
CA ILE A 119 -7.14 -4.93 0.78
C ILE A 119 -6.10 -4.81 1.89
N SER A 120 -5.39 -5.90 2.17
CA SER A 120 -4.11 -5.83 2.86
C SER A 120 -3.05 -5.73 1.78
N CYS A 121 -2.01 -4.92 1.97
CA CYS A 121 -0.89 -4.82 1.05
C CYS A 121 0.42 -4.86 1.80
N ASN A 122 1.23 -5.89 1.54
CA ASN A 122 2.47 -6.17 2.25
C ASN A 122 3.63 -6.06 1.26
N TYR A 123 4.82 -5.75 1.77
CA TYR A 123 5.98 -5.32 0.99
C TYR A 123 7.24 -5.85 1.68
N ASP A 124 8.33 -6.00 0.92
CA ASP A 124 9.67 -6.10 1.48
C ASP A 124 10.69 -5.47 0.53
N PRO A 125 11.83 -4.96 1.04
CA PRO A 125 12.11 -4.69 2.46
C PRO A 125 11.15 -3.65 3.06
N VAL A 126 11.25 -3.42 4.38
CA VAL A 126 10.29 -2.59 5.11
C VAL A 126 10.23 -1.16 4.59
N GLY A 127 9.14 -0.46 4.92
CA GLY A 127 9.00 0.94 4.60
C GLY A 127 7.98 1.62 5.48
N ASN A 128 7.96 2.96 5.44
CA ASN A 128 7.40 3.82 6.48
C ASN A 128 8.23 3.74 7.77
N TRP A 129 9.41 3.13 7.68
CA TRP A 129 10.33 2.88 8.79
C TRP A 129 11.34 4.02 8.81
N ILE A 130 11.55 4.65 9.95
CA ILE A 130 12.48 5.76 10.05
C ILE A 130 13.92 5.27 9.83
N GLY A 131 14.83 6.18 9.43
CA GLY A 131 16.23 5.85 9.23
C GLY A 131 16.42 4.99 7.99
N GLN A 132 15.95 5.49 6.84
CA GLN A 132 16.08 4.80 5.56
C GLN A 132 16.02 5.74 4.37
N ARG A 133 15.03 6.64 4.37
CA ARG A 133 14.76 7.65 3.34
C ARG A 133 13.70 7.13 2.37
N PRO A 134 12.59 7.85 2.13
CA PRO A 134 11.52 7.39 1.25
C PRO A 134 11.87 7.48 -0.23
N TYR A 135 12.58 8.52 -0.65
CA TYR A 135 12.81 8.83 -2.04
C TYR A 135 14.16 9.54 -2.12
N GLN A 1 -7.75 -3.79 -12.21
CA GLN A 1 -8.52 -3.54 -10.98
C GLN A 1 -8.19 -4.54 -9.85
N ASN A 2 -8.33 -5.85 -10.05
CA ASN A 2 -7.93 -6.84 -9.05
C ASN A 2 -6.90 -7.66 -9.78
N SER A 3 -5.67 -7.16 -9.78
CA SER A 3 -4.67 -7.58 -10.74
C SER A 3 -3.32 -7.03 -10.28
N PRO A 4 -2.22 -7.80 -10.41
CA PRO A 4 -0.93 -7.39 -9.90
C PRO A 4 -0.47 -6.13 -10.63
N GLN A 5 -0.53 -6.15 -11.97
CA GLN A 5 -0.17 -5.03 -12.81
C GLN A 5 -0.82 -3.73 -12.36
N ASP A 6 -2.06 -3.77 -11.85
CA ASP A 6 -2.78 -2.56 -11.48
C ASP A 6 -2.16 -1.96 -10.25
N TYR A 7 -1.99 -2.76 -9.19
CA TYR A 7 -1.31 -2.28 -8.00
C TYR A 7 0.04 -1.73 -8.43
N LEU A 8 0.81 -2.58 -9.10
CA LEU A 8 2.11 -2.24 -9.63
C LEU A 8 2.09 -0.96 -10.47
N ALA A 9 1.03 -0.73 -11.24
CA ALA A 9 0.91 0.43 -12.13
C ALA A 9 0.77 1.69 -11.30
N VAL A 10 -0.18 1.74 -10.38
CA VAL A 10 -0.36 2.93 -9.53
C VAL A 10 0.90 3.14 -8.68
N HIS A 11 1.48 2.05 -8.17
CA HIS A 11 2.73 2.08 -7.45
C HIS A 11 3.84 2.71 -8.28
N ASN A 12 3.98 2.24 -9.52
CA ASN A 12 4.96 2.76 -10.46
C ASN A 12 4.64 4.23 -10.75
N ASP A 13 3.36 4.59 -10.85
CA ASP A 13 2.90 5.98 -10.97
C ASP A 13 3.50 6.86 -9.88
N ALA A 14 3.22 6.53 -8.63
CA ALA A 14 3.75 7.24 -7.49
C ALA A 14 5.27 7.38 -7.63
N ARG A 15 5.95 6.27 -7.89
CA ARG A 15 7.40 6.29 -8.03
C ARG A 15 7.88 7.13 -9.21
N ALA A 16 7.15 7.13 -10.32
CA ALA A 16 7.42 8.00 -11.45
C ALA A 16 7.34 9.45 -10.98
N GLN A 17 6.31 9.77 -10.20
CA GLN A 17 6.07 11.12 -9.73
C GLN A 17 7.21 11.70 -8.91
N VAL A 18 7.93 10.89 -8.14
CA VAL A 18 9.10 11.34 -7.39
C VAL A 18 10.40 11.14 -8.16
N GLY A 19 10.47 10.09 -8.98
CA GLY A 19 11.72 9.59 -9.51
C GLY A 19 12.28 8.58 -8.51
N VAL A 20 11.57 7.46 -8.35
CA VAL A 20 12.06 6.22 -7.78
C VAL A 20 11.79 5.16 -8.85
N GLY A 21 12.58 4.09 -8.89
CA GLY A 21 12.50 3.05 -9.91
C GLY A 21 11.37 2.03 -9.69
N PRO A 22 11.32 0.97 -10.52
CA PRO A 22 10.24 -0.02 -10.51
C PRO A 22 10.41 -1.10 -9.43
N MET A 23 9.39 -1.95 -9.28
CA MET A 23 9.38 -3.12 -8.40
C MET A 23 8.41 -4.15 -8.98
N SER A 24 8.66 -5.43 -8.72
CA SER A 24 7.88 -6.54 -9.25
C SER A 24 6.86 -7.06 -8.24
N TRP A 25 6.05 -8.01 -8.72
CA TRP A 25 5.13 -8.77 -7.88
C TRP A 25 5.92 -9.83 -7.12
N ASP A 26 5.41 -10.22 -5.96
CA ASP A 26 5.87 -11.24 -5.06
C ASP A 26 4.65 -12.09 -4.69
N ALA A 27 4.41 -13.18 -5.41
CA ALA A 27 3.17 -13.93 -5.19
C ALA A 27 3.13 -14.50 -3.76
N ASN A 28 4.30 -14.69 -3.15
CA ASN A 28 4.44 -15.14 -1.76
C ASN A 28 3.89 -14.08 -0.81
N LEU A 29 4.18 -12.81 -1.07
CA LEU A 29 3.74 -11.70 -0.24
C LEU A 29 2.28 -11.39 -0.54
N ALA A 30 1.87 -11.49 -1.80
CA ALA A 30 0.46 -11.46 -2.16
C ALA A 30 -0.31 -12.52 -1.35
N SER A 31 0.21 -13.74 -1.26
CA SER A 31 -0.40 -14.79 -0.45
C SER A 31 -0.52 -14.30 1.00
N ARG A 32 0.56 -13.71 1.53
CA ARG A 32 0.60 -13.14 2.87
C ARG A 32 -0.54 -12.14 3.09
N ALA A 33 -0.69 -11.22 2.14
CA ALA A 33 -1.70 -10.20 2.17
C ALA A 33 -3.09 -10.83 2.11
N GLN A 34 -3.24 -11.87 1.28
CA GLN A 34 -4.51 -12.59 1.18
C GLN A 34 -4.85 -13.24 2.53
N ASN A 35 -3.86 -13.85 3.18
CA ASN A 35 -3.92 -14.25 4.58
C ASN A 35 -4.32 -13.13 5.52
N TYR A 36 -3.78 -11.92 5.37
CA TYR A 36 -4.18 -10.82 6.22
C TYR A 36 -5.67 -10.61 6.04
N ALA A 37 -6.07 -10.30 4.80
CA ALA A 37 -7.43 -9.92 4.46
C ALA A 37 -8.40 -11.01 4.92
N ASN A 38 -8.02 -12.28 4.74
CA ASN A 38 -8.79 -13.42 5.20
C ASN A 38 -8.93 -13.44 6.71
N SER A 39 -7.80 -13.38 7.42
CA SER A 39 -7.82 -13.48 8.88
C SER A 39 -8.66 -12.34 9.47
N ARG A 40 -8.49 -11.15 8.91
CA ARG A 40 -9.24 -9.95 9.25
C ARG A 40 -10.38 -9.74 8.26
N ALA A 41 -11.35 -10.66 8.24
CA ALA A 41 -12.64 -10.45 7.57
C ALA A 41 -13.74 -10.25 8.61
N GLY A 42 -13.63 -10.96 9.74
CA GLY A 42 -14.50 -10.78 10.88
C GLY A 42 -14.45 -9.35 11.43
N ASP A 43 -13.25 -8.76 11.49
CA ASP A 43 -13.00 -7.48 12.16
C ASP A 43 -12.63 -6.45 11.12
N CYS A 44 -11.72 -6.85 10.22
CA CYS A 44 -11.49 -6.15 8.96
C CYS A 44 -11.33 -4.67 9.15
N ASN A 45 -10.42 -4.35 10.06
CA ASN A 45 -10.22 -3.04 10.63
C ASN A 45 -8.83 -2.58 10.22
N LEU A 46 -8.68 -1.33 9.81
CA LEU A 46 -7.48 -0.81 9.16
C LEU A 46 -6.38 -0.49 10.18
N ILE A 47 -6.03 -1.46 11.02
CA ILE A 47 -5.11 -1.24 12.13
C ILE A 47 -3.68 -1.37 11.60
N HIS A 48 -3.33 -2.54 11.08
CA HIS A 48 -1.96 -2.88 10.72
C HIS A 48 -1.37 -1.96 9.64
N SER A 49 -0.05 -2.08 9.46
CA SER A 49 0.90 -1.31 8.68
C SER A 49 1.96 -0.74 9.62
N GLY A 50 2.54 -1.60 10.47
CA GLY A 50 3.66 -1.22 11.32
C GLY A 50 4.79 -0.77 10.40
N ALA A 51 5.27 -1.72 9.59
CA ALA A 51 6.06 -1.47 8.40
C ALA A 51 5.87 -2.68 7.49
N GLY A 52 6.03 -2.51 6.18
CA GLY A 52 5.85 -3.58 5.22
C GLY A 52 4.38 -3.83 4.95
N GLU A 53 3.50 -2.82 5.03
CA GLU A 53 2.09 -2.98 4.70
C GLU A 53 1.39 -1.68 4.28
N ASN A 54 0.24 -1.82 3.64
CA ASN A 54 -0.83 -0.82 3.50
C ASN A 54 -2.15 -1.60 3.45
N LEU A 55 -3.26 -1.00 3.90
CA LEU A 55 -4.58 -1.65 3.93
C LEU A 55 -5.64 -0.70 3.34
N ALA A 56 -6.78 -1.19 2.85
CA ALA A 56 -7.88 -0.36 2.34
C ALA A 56 -9.22 -1.06 2.53
N LYS A 57 -10.31 -0.29 2.59
CA LYS A 57 -11.69 -0.78 2.65
C LYS A 57 -12.38 -0.47 1.31
N GLY A 58 -13.51 -1.11 1.01
CA GLY A 58 -14.23 -0.93 -0.25
C GLY A 58 -15.75 -0.97 -0.08
N GLY A 59 -16.49 -1.65 -0.97
CA GLY A 59 -17.92 -1.89 -0.78
C GLY A 59 -18.66 -2.17 -2.09
N GLY A 60 -18.92 -1.15 -2.89
CA GLY A 60 -19.26 -1.34 -4.28
C GLY A 60 -17.94 -1.58 -4.99
N ASP A 61 -17.88 -2.58 -5.87
CA ASP A 61 -16.90 -2.82 -6.94
C ASP A 61 -15.44 -2.43 -6.68
N PHE A 62 -15.02 -2.42 -5.43
CA PHE A 62 -13.85 -1.64 -5.06
C PHE A 62 -12.57 -2.24 -5.62
N THR A 63 -11.83 -1.43 -6.36
CA THR A 63 -10.69 -1.82 -7.16
C THR A 63 -9.42 -1.70 -6.31
N GLY A 64 -8.45 -2.58 -6.54
CA GLY A 64 -7.13 -2.43 -5.95
C GLY A 64 -6.49 -1.12 -6.41
N ARG A 65 -6.78 -0.70 -7.65
CA ARG A 65 -6.38 0.61 -8.17
C ARG A 65 -6.75 1.68 -7.15
N ALA A 66 -8.03 1.75 -6.79
CA ALA A 66 -8.52 2.72 -5.81
C ALA A 66 -7.85 2.53 -4.44
N ALA A 67 -7.58 1.29 -4.03
CA ALA A 67 -6.86 1.07 -2.79
C ALA A 67 -5.48 1.74 -2.83
N VAL A 68 -4.69 1.55 -3.88
CA VAL A 68 -3.43 2.27 -3.96
C VAL A 68 -3.69 3.77 -3.95
N GLN A 69 -4.68 4.22 -4.70
CA GLN A 69 -5.10 5.62 -4.70
C GLN A 69 -5.49 6.12 -3.31
N LEU A 70 -5.95 5.25 -2.41
CA LEU A 70 -6.17 5.64 -1.02
C LEU A 70 -4.81 5.93 -0.40
N TRP A 71 -3.84 5.06 -0.60
CA TRP A 71 -2.52 5.22 0.00
C TRP A 71 -1.78 6.41 -0.60
N VAL A 72 -2.01 6.72 -1.87
CA VAL A 72 -1.47 7.91 -2.53
C VAL A 72 -2.31 9.15 -2.21
N SER A 73 -3.40 9.01 -1.45
CA SER A 73 -4.21 10.14 -1.03
C SER A 73 -3.33 11.21 -0.37
N GLU A 74 -2.27 10.82 0.35
CA GLU A 74 -1.35 11.71 1.06
C GLU A 74 -0.59 12.72 0.17
N ARG A 75 -0.83 12.79 -1.14
CA ARG A 75 -0.18 13.75 -2.03
C ARG A 75 -0.15 15.21 -1.49
N PRO A 76 -1.18 15.72 -0.82
CA PRO A 76 -1.11 17.01 -0.17
C PRO A 76 0.10 17.18 0.75
N SER A 77 0.58 16.12 1.39
CA SER A 77 1.79 16.12 2.21
C SER A 77 3.01 15.59 1.45
N TYR A 78 2.82 14.71 0.46
CA TYR A 78 3.94 14.06 -0.17
C TYR A 78 4.48 15.03 -1.24
N ASN A 79 5.74 15.42 -1.09
CA ASN A 79 6.41 16.36 -1.97
C ASN A 79 7.89 15.99 -2.00
N TYR A 80 8.51 16.01 -3.18
CA TYR A 80 9.92 15.70 -3.39
C TYR A 80 10.69 17.03 -3.30
N ALA A 81 11.68 17.25 -4.15
CA ALA A 81 12.42 18.45 -4.46
C ALA A 81 13.52 18.60 -3.43
N THR A 82 13.10 18.62 -2.18
CA THR A 82 13.96 18.76 -1.03
C THR A 82 14.02 17.43 -0.28
N ASN A 83 12.98 16.61 -0.40
CA ASN A 83 12.81 15.32 0.25
C ASN A 83 12.31 15.56 1.68
N GLN A 84 11.00 15.56 1.84
CA GLN A 84 10.28 15.67 3.10
C GLN A 84 8.92 15.04 2.84
N CYS A 85 8.05 14.87 3.84
CA CYS A 85 6.62 14.70 3.55
C CYS A 85 5.82 15.82 4.21
N VAL A 86 6.35 17.03 4.04
CA VAL A 86 5.81 18.33 4.41
C VAL A 86 5.55 18.38 5.93
N GLY A 87 5.16 19.52 6.47
CA GLY A 87 4.66 19.61 7.83
C GLY A 87 3.23 19.07 7.92
N GLY A 88 2.95 17.97 7.25
CA GLY A 88 1.63 17.43 6.99
C GLY A 88 1.58 16.07 7.66
N LYS A 89 0.92 16.00 8.81
CA LYS A 89 0.84 14.77 9.56
C LYS A 89 -0.14 13.83 8.85
N LYS A 90 -0.08 12.56 9.21
CA LYS A 90 -0.78 11.48 8.50
C LYS A 90 -0.33 11.44 7.04
N CYS A 91 0.95 11.13 6.81
CA CYS A 91 1.50 10.78 5.50
C CYS A 91 1.87 9.30 5.45
N ARG A 92 1.49 8.54 6.48
CA ARG A 92 2.04 7.22 6.74
C ARG A 92 1.34 6.16 5.88
N HIS A 93 1.37 6.28 4.55
CA HIS A 93 0.85 5.28 3.61
C HIS A 93 1.56 5.42 2.26
N TYR A 94 1.50 6.60 1.63
CA TYR A 94 2.14 6.86 0.34
C TYR A 94 3.60 6.43 0.37
N THR A 95 4.28 6.76 1.45
CA THR A 95 5.68 6.45 1.65
C THR A 95 5.96 4.95 1.44
N GLN A 96 5.00 4.06 1.71
CA GLN A 96 5.15 2.65 1.43
C GLN A 96 5.00 2.37 -0.06
N VAL A 97 4.05 3.03 -0.72
CA VAL A 97 3.81 2.87 -2.15
C VAL A 97 5.09 3.23 -2.91
N VAL A 98 5.74 4.30 -2.49
CA VAL A 98 6.97 4.77 -3.10
C VAL A 98 8.23 4.08 -2.59
N TRP A 99 8.16 3.40 -1.44
CA TRP A 99 9.33 2.97 -0.67
C TRP A 99 10.56 2.59 -1.49
N ARG A 100 11.54 3.50 -1.48
CA ARG A 100 12.83 3.38 -2.14
C ARG A 100 13.40 1.98 -1.96
N ASN A 101 13.58 1.54 -0.72
CA ASN A 101 14.25 0.27 -0.46
C ASN A 101 13.25 -0.89 -0.57
N SER A 102 12.53 -0.97 -1.69
CA SER A 102 11.72 -2.12 -2.07
C SER A 102 12.16 -2.62 -3.44
N VAL A 103 11.82 -3.88 -3.71
CA VAL A 103 11.76 -4.45 -5.05
C VAL A 103 10.48 -5.32 -5.18
N ARG A 104 9.56 -5.25 -4.22
CA ARG A 104 8.52 -6.27 -4.04
C ARG A 104 7.24 -5.64 -3.47
N LEU A 105 6.08 -5.87 -4.08
CA LEU A 105 4.79 -5.58 -3.48
C LEU A 105 3.75 -6.57 -3.95
N GLY A 106 2.84 -6.90 -3.05
CA GLY A 106 1.89 -8.00 -3.17
C GLY A 106 0.61 -7.71 -2.39
N CYS A 107 -0.55 -7.82 -3.05
CA CYS A 107 -1.88 -7.67 -2.45
C CYS A 107 -2.72 -8.93 -2.43
N GLY A 108 -3.66 -8.93 -1.48
CA GLY A 108 -4.77 -9.86 -1.40
C GLY A 108 -6.04 -9.09 -1.05
N ARG A 109 -7.21 -9.67 -1.36
CA ARG A 109 -8.51 -9.00 -1.25
C ARG A 109 -9.50 -9.95 -0.58
N ALA A 110 -10.24 -9.47 0.39
CA ALA A 110 -11.23 -10.26 1.11
C ALA A 110 -12.47 -9.41 1.30
N ARG A 111 -13.63 -10.02 1.11
CA ARG A 111 -14.85 -9.40 1.58
C ARG A 111 -14.86 -9.53 3.10
N CYS A 112 -15.59 -8.64 3.78
CA CYS A 112 -15.65 -8.58 5.23
C CYS A 112 -17.03 -8.30 5.75
N ASN A 113 -17.18 -8.44 7.06
CA ASN A 113 -18.43 -8.11 7.73
C ASN A 113 -18.63 -6.60 7.65
N ASN A 114 -17.95 -5.80 8.46
CA ASN A 114 -18.02 -4.35 8.30
C ASN A 114 -17.23 -3.89 7.09
N GLY A 115 -15.99 -4.35 6.95
CA GLY A 115 -15.01 -3.65 6.14
C GLY A 115 -15.11 -3.99 4.65
N TRP A 116 -16.29 -4.39 4.18
CA TRP A 116 -16.61 -4.37 2.77
C TRP A 116 -15.62 -5.22 1.95
N TRP A 117 -15.28 -4.81 0.73
CA TRP A 117 -14.24 -5.43 -0.06
C TRP A 117 -12.93 -4.82 0.40
N PHE A 118 -12.32 -5.44 1.40
CA PHE A 118 -11.09 -4.97 1.98
C PHE A 118 -9.92 -5.50 1.18
N ILE A 119 -8.84 -4.73 1.17
CA ILE A 119 -7.60 -5.04 0.52
C ILE A 119 -6.50 -4.87 1.54
N SER A 120 -5.49 -5.72 1.47
CA SER A 120 -4.27 -5.59 2.24
C SER A 120 -3.14 -5.78 1.23
N CYS A 121 -2.06 -5.04 1.37
CA CYS A 121 -0.88 -5.12 0.52
C CYS A 121 0.30 -5.18 1.44
N ASN A 122 1.14 -6.21 1.32
CA ASN A 122 2.35 -6.38 2.11
C ASN A 122 3.54 -6.13 1.17
N TYR A 123 4.66 -5.66 1.72
CA TYR A 123 5.80 -5.17 0.96
C TYR A 123 7.07 -5.73 1.59
N ASP A 124 8.09 -6.00 0.78
CA ASP A 124 9.39 -6.48 1.23
C ASP A 124 10.54 -5.68 0.60
N PRO A 125 11.65 -5.48 1.32
CA PRO A 125 11.74 -5.57 2.77
C PRO A 125 10.80 -4.53 3.39
N VAL A 126 10.61 -4.59 4.71
CA VAL A 126 9.57 -3.78 5.33
C VAL A 126 9.77 -2.29 5.05
N GLY A 127 8.70 -1.64 4.58
CA GLY A 127 8.71 -0.26 4.16
C GLY A 127 7.91 0.58 5.14
N ASN A 128 8.14 1.89 5.13
CA ASN A 128 7.72 2.82 6.17
C ASN A 128 8.38 2.48 7.51
N TRP A 129 9.55 1.84 7.46
CA TRP A 129 10.37 1.51 8.61
C TRP A 129 11.41 2.62 8.75
N ILE A 130 12.15 2.69 9.85
CA ILE A 130 13.04 3.82 10.13
C ILE A 130 14.43 3.64 9.50
N GLY A 131 15.36 4.55 9.79
CA GLY A 131 16.70 4.52 9.22
C GLY A 131 16.68 5.09 7.82
N GLN A 132 16.00 4.42 6.90
CA GLN A 132 15.99 4.78 5.49
C GLN A 132 14.94 5.86 5.26
N ARG A 133 15.15 6.67 4.22
CA ARG A 133 14.12 7.56 3.72
C ARG A 133 13.23 6.77 2.74
N PRO A 134 11.95 7.16 2.61
CA PRO A 134 11.02 6.53 1.69
C PRO A 134 11.30 6.87 0.23
N TYR A 135 11.95 8.00 -0.04
CA TYR A 135 12.31 8.47 -1.36
C TYR A 135 13.52 9.38 -1.19
N GLN A 1 -10.59 -4.36 -11.00
CA GLN A 1 -9.32 -3.64 -10.81
C GLN A 1 -8.67 -3.98 -9.47
N ASN A 2 -7.78 -4.97 -9.45
CA ASN A 2 -6.86 -5.24 -8.34
C ASN A 2 -5.67 -6.01 -8.92
N SER A 3 -5.88 -7.20 -9.46
CA SER A 3 -4.91 -7.92 -10.29
C SER A 3 -3.51 -7.90 -9.66
N PRO A 4 -2.45 -8.09 -10.44
CA PRO A 4 -1.11 -7.67 -10.08
C PRO A 4 -0.93 -6.24 -10.61
N GLN A 5 -0.99 -6.09 -11.94
CA GLN A 5 -0.64 -4.84 -12.60
C GLN A 5 -1.60 -3.68 -12.28
N ASP A 6 -2.84 -3.93 -11.87
CA ASP A 6 -3.71 -2.81 -11.46
C ASP A 6 -3.13 -2.18 -10.19
N TYR A 7 -2.69 -2.98 -9.20
CA TYR A 7 -1.93 -2.39 -8.09
C TYR A 7 -0.63 -1.81 -8.61
N LEU A 8 0.20 -2.64 -9.26
CA LEU A 8 1.57 -2.26 -9.57
C LEU A 8 1.65 -0.99 -10.39
N ALA A 9 0.76 -0.81 -11.37
CA ALA A 9 0.72 0.38 -12.22
C ALA A 9 0.77 1.65 -11.38
N VAL A 10 -0.14 1.79 -10.42
CA VAL A 10 -0.23 3.01 -9.64
C VAL A 10 1.03 3.20 -8.78
N HIS A 11 1.58 2.11 -8.23
CA HIS A 11 2.85 2.20 -7.50
C HIS A 11 3.95 2.69 -8.43
N ASN A 12 4.03 2.09 -9.62
CA ASN A 12 5.00 2.42 -10.64
C ASN A 12 4.89 3.91 -10.97
N ASP A 13 3.66 4.40 -11.13
CA ASP A 13 3.39 5.83 -11.13
C ASP A 13 4.07 6.58 -9.99
N ALA A 14 3.58 6.41 -8.77
CA ALA A 14 4.04 7.20 -7.64
C ALA A 14 5.57 7.18 -7.56
N ARG A 15 6.16 6.00 -7.66
CA ARG A 15 7.60 5.84 -7.65
C ARG A 15 8.23 6.61 -8.83
N ALA A 16 7.68 6.50 -10.04
CA ALA A 16 8.11 7.32 -11.17
C ALA A 16 8.07 8.81 -10.83
N GLN A 17 6.97 9.30 -10.26
CA GLN A 17 6.75 10.70 -9.93
C GLN A 17 7.95 11.25 -9.16
N VAL A 18 8.36 10.59 -8.08
CA VAL A 18 9.49 10.99 -7.25
C VAL A 18 10.81 10.31 -7.63
N GLY A 19 10.84 9.58 -8.74
CA GLY A 19 12.07 8.99 -9.27
C GLY A 19 12.65 7.95 -8.33
N VAL A 20 11.79 7.21 -7.63
CA VAL A 20 12.15 6.03 -6.87
C VAL A 20 11.98 4.82 -7.79
N GLY A 21 12.75 3.76 -7.56
CA GLY A 21 12.73 2.60 -8.42
C GLY A 21 11.40 1.88 -8.31
N PRO A 22 11.04 1.06 -9.30
CA PRO A 22 9.84 0.24 -9.24
C PRO A 22 10.07 -0.98 -8.34
N MET A 23 9.14 -1.93 -8.36
CA MET A 23 9.17 -3.18 -7.62
C MET A 23 8.86 -4.31 -8.61
N SER A 24 8.61 -5.53 -8.13
CA SER A 24 8.00 -6.60 -8.90
C SER A 24 6.79 -7.12 -8.13
N TRP A 25 6.13 -8.17 -8.65
CA TRP A 25 5.01 -8.81 -8.00
C TRP A 25 5.51 -10.04 -7.26
N ASP A 26 5.58 -9.98 -5.94
CA ASP A 26 5.92 -11.10 -5.08
C ASP A 26 4.64 -11.87 -4.84
N ALA A 27 4.52 -13.00 -5.53
CA ALA A 27 3.35 -13.86 -5.42
C ALA A 27 3.25 -14.41 -3.99
N ASN A 28 4.38 -14.59 -3.31
CA ASN A 28 4.35 -15.01 -1.91
C ASN A 28 3.70 -13.92 -1.06
N LEU A 29 4.19 -12.69 -1.17
CA LEU A 29 3.66 -11.61 -0.36
C LEU A 29 2.19 -11.38 -0.70
N ALA A 30 1.80 -11.54 -1.96
CA ALA A 30 0.40 -11.50 -2.35
C ALA A 30 -0.37 -12.59 -1.62
N SER A 31 0.15 -13.83 -1.60
CA SER A 31 -0.48 -14.94 -0.93
C SER A 31 -0.65 -14.61 0.57
N ARG A 32 0.39 -14.06 1.20
CA ARG A 32 0.36 -13.55 2.55
C ARG A 32 -0.77 -12.55 2.74
N ALA A 33 -0.79 -11.48 1.94
CA ALA A 33 -1.75 -10.40 2.07
C ALA A 33 -3.16 -10.95 1.99
N GLN A 34 -3.40 -11.78 0.97
CA GLN A 34 -4.67 -12.45 0.76
C GLN A 34 -5.04 -13.27 2.00
N ASN A 35 -4.11 -14.10 2.47
CA ASN A 35 -4.32 -14.98 3.63
C ASN A 35 -4.64 -14.18 4.89
N TYR A 36 -3.86 -13.16 5.20
CA TYR A 36 -4.08 -12.29 6.35
C TYR A 36 -5.46 -11.66 6.26
N ALA A 37 -5.76 -11.08 5.10
CA ALA A 37 -7.05 -10.47 4.85
C ALA A 37 -8.18 -11.48 5.07
N ASN A 38 -8.00 -12.69 4.55
CA ASN A 38 -8.95 -13.79 4.62
C ASN A 38 -9.19 -14.23 6.06
N SER A 39 -8.12 -14.44 6.83
CA SER A 39 -8.26 -14.87 8.21
C SER A 39 -9.07 -13.82 8.98
N ARG A 40 -8.74 -12.54 8.82
CA ARG A 40 -9.51 -11.50 9.49
C ARG A 40 -10.83 -11.25 8.78
N ALA A 41 -11.81 -12.15 8.93
CA ALA A 41 -13.14 -11.99 8.35
C ALA A 41 -14.18 -11.96 9.46
N GLY A 42 -14.19 -10.86 10.20
CA GLY A 42 -15.10 -10.60 11.29
C GLY A 42 -14.51 -9.51 12.16
N ASP A 43 -13.20 -9.56 12.35
CA ASP A 43 -12.41 -8.65 13.17
C ASP A 43 -11.47 -7.91 12.23
N CYS A 44 -11.94 -7.67 11.02
CA CYS A 44 -11.14 -7.17 9.92
C CYS A 44 -10.82 -5.71 10.15
N ASN A 45 -11.85 -4.95 10.52
CA ASN A 45 -11.68 -3.65 11.14
C ASN A 45 -10.60 -2.84 10.38
N LEU A 46 -9.53 -2.36 11.04
CA LEU A 46 -8.25 -1.98 10.43
C LEU A 46 -7.14 -2.32 11.42
N ILE A 47 -6.41 -3.42 11.19
CA ILE A 47 -5.29 -3.83 12.03
C ILE A 47 -4.08 -4.01 11.12
N HIS A 48 -2.96 -3.35 11.42
CA HIS A 48 -1.67 -3.70 10.83
C HIS A 48 -1.27 -5.05 11.42
N SER A 49 -0.89 -6.02 10.59
CA SER A 49 -0.18 -7.19 11.06
C SER A 49 1.15 -6.77 11.72
N GLY A 50 2.11 -6.28 10.93
CA GLY A 50 3.40 -5.85 11.43
C GLY A 50 3.74 -4.45 10.94
N ALA A 51 4.95 -4.25 10.42
CA ALA A 51 5.35 -3.06 9.67
C ALA A 51 5.52 -3.46 8.21
N GLY A 52 5.42 -2.50 7.29
CA GLY A 52 5.43 -2.79 5.86
C GLY A 52 4.04 -2.66 5.25
N GLU A 53 2.98 -3.08 5.95
CA GLU A 53 1.74 -3.32 5.25
C GLU A 53 0.97 -2.03 5.08
N ASN A 54 0.34 -1.84 3.93
CA ASN A 54 -0.68 -0.81 3.77
C ASN A 54 -2.01 -1.54 3.65
N LEU A 55 -3.09 -0.93 4.13
CA LEU A 55 -4.42 -1.51 4.16
C LEU A 55 -5.36 -0.52 3.49
N ALA A 56 -6.45 -0.99 2.89
CA ALA A 56 -7.55 -0.17 2.45
C ALA A 56 -8.84 -0.96 2.59
N LYS A 57 -9.91 -0.29 2.98
CA LYS A 57 -11.25 -0.84 3.04
C LYS A 57 -12.22 0.15 2.40
N GLY A 58 -13.40 -0.33 2.07
CA GLY A 58 -14.49 0.48 1.57
C GLY A 58 -15.57 -0.46 1.07
N GLY A 59 -16.81 0.02 1.01
CA GLY A 59 -17.94 -0.77 0.56
C GLY A 59 -18.14 -0.62 -0.93
N GLY A 60 -19.29 -1.13 -1.41
CA GLY A 60 -19.53 -1.28 -2.82
C GLY A 60 -18.53 -2.27 -3.39
N ASP A 61 -18.03 -2.01 -4.59
CA ASP A 61 -17.11 -2.84 -5.36
C ASP A 61 -15.69 -2.28 -5.31
N PHE A 62 -15.26 -1.83 -4.13
CA PHE A 62 -14.00 -1.10 -3.94
C PHE A 62 -12.82 -1.89 -4.51
N THR A 63 -11.91 -1.19 -5.20
CA THR A 63 -10.87 -1.78 -6.03
C THR A 63 -9.48 -1.64 -5.41
N GLY A 64 -8.57 -2.52 -5.81
CA GLY A 64 -7.17 -2.41 -5.45
C GLY A 64 -6.59 -1.15 -6.08
N ARG A 65 -6.98 -0.83 -7.32
CA ARG A 65 -6.53 0.41 -7.95
C ARG A 65 -6.93 1.59 -7.06
N ALA A 66 -8.22 1.68 -6.69
CA ALA A 66 -8.68 2.72 -5.79
C ALA A 66 -7.88 2.70 -4.49
N ALA A 67 -7.56 1.51 -3.97
CA ALA A 67 -6.73 1.41 -2.79
C ALA A 67 -5.39 2.14 -3.00
N VAL A 68 -4.65 1.83 -4.07
CA VAL A 68 -3.39 2.55 -4.27
C VAL A 68 -3.64 4.05 -4.38
N GLN A 69 -4.65 4.43 -5.16
CA GLN A 69 -5.05 5.81 -5.31
C GLN A 69 -5.45 6.44 -3.96
N LEU A 70 -5.98 5.69 -3.01
CA LEU A 70 -6.40 6.23 -1.72
C LEU A 70 -5.14 6.63 -0.95
N TRP A 71 -4.05 5.89 -1.20
CA TRP A 71 -2.77 6.15 -0.59
C TRP A 71 -2.14 7.35 -1.32
N VAL A 72 -2.18 7.37 -2.66
CA VAL A 72 -1.60 8.46 -3.44
C VAL A 72 -2.40 9.76 -3.35
N SER A 73 -3.66 9.73 -2.91
CA SER A 73 -4.38 10.97 -2.65
C SER A 73 -3.72 11.79 -1.53
N GLU A 74 -2.77 11.22 -0.76
CA GLU A 74 -1.92 11.97 0.16
C GLU A 74 -0.95 12.92 -0.54
N ARG A 75 -1.13 13.24 -1.83
CA ARG A 75 -0.28 14.22 -2.51
C ARG A 75 -0.11 15.54 -1.75
N PRO A 76 -1.15 16.17 -1.19
CA PRO A 76 -0.99 17.40 -0.43
C PRO A 76 -0.56 17.12 1.02
N SER A 77 0.14 16.00 1.26
CA SER A 77 0.85 15.74 2.49
C SER A 77 2.24 15.14 2.25
N TYR A 78 2.50 14.49 1.13
CA TYR A 78 3.86 14.11 0.77
C TYR A 78 4.51 15.34 0.09
N ASN A 79 5.80 15.59 0.32
CA ASN A 79 6.53 16.66 -0.34
C ASN A 79 7.85 16.10 -0.82
N TYR A 80 8.61 16.88 -1.60
CA TYR A 80 10.00 16.66 -1.91
C TYR A 80 10.68 17.97 -1.54
N ALA A 81 11.75 17.89 -0.78
CA ALA A 81 12.59 19.00 -0.37
C ALA A 81 13.79 18.36 0.31
N THR A 82 13.83 18.39 1.64
CA THR A 82 14.92 17.90 2.46
C THR A 82 14.59 16.48 2.92
N ASN A 83 13.93 15.75 2.03
CA ASN A 83 13.41 14.42 2.28
C ASN A 83 12.42 14.44 3.44
N GLN A 84 11.17 14.87 3.19
CA GLN A 84 10.18 14.96 4.23
C GLN A 84 8.77 14.89 3.65
N CYS A 85 7.77 14.79 4.52
CA CYS A 85 6.37 15.06 4.19
C CYS A 85 6.14 16.55 4.45
N VAL A 86 5.02 17.08 3.99
CA VAL A 86 4.74 18.50 4.01
C VAL A 86 4.69 18.89 5.50
N GLY A 87 5.26 20.04 5.82
CA GLY A 87 5.49 20.44 7.19
C GLY A 87 4.19 20.59 7.99
N GLY A 88 4.02 19.77 9.04
CA GLY A 88 2.87 19.85 9.93
C GLY A 88 1.66 19.11 9.36
N LYS A 89 1.80 18.41 8.23
CA LYS A 89 0.73 17.62 7.67
C LYS A 89 0.93 16.17 8.13
N LYS A 90 0.03 15.29 7.72
CA LYS A 90 0.06 13.87 8.00
C LYS A 90 -0.12 13.14 6.68
N CYS A 91 0.68 12.11 6.50
CA CYS A 91 0.79 11.35 5.28
C CYS A 91 0.62 9.89 5.68
N ARG A 92 1.71 9.15 5.77
CA ARG A 92 1.81 7.83 6.38
C ARG A 92 1.16 6.70 5.57
N HIS A 93 0.75 6.91 4.32
CA HIS A 93 0.49 5.82 3.39
C HIS A 93 1.25 5.99 2.08
N TYR A 94 1.27 7.18 1.46
CA TYR A 94 2.05 7.38 0.24
C TYR A 94 3.49 6.94 0.45
N THR A 95 4.05 7.23 1.62
CA THR A 95 5.34 6.72 2.05
C THR A 95 5.50 5.25 1.66
N GLN A 96 4.53 4.41 2.00
CA GLN A 96 4.60 2.98 1.74
C GLN A 96 4.54 2.69 0.25
N VAL A 97 3.68 3.39 -0.50
CA VAL A 97 3.58 3.23 -1.95
C VAL A 97 4.98 3.40 -2.54
N VAL A 98 5.63 4.47 -2.09
CA VAL A 98 6.84 4.96 -2.70
C VAL A 98 8.09 4.24 -2.17
N TRP A 99 8.03 3.75 -0.93
CA TRP A 99 9.15 3.37 -0.08
C TRP A 99 10.34 2.78 -0.84
N ARG A 100 11.46 3.52 -0.93
CA ARG A 100 12.63 3.10 -1.69
C ARG A 100 13.13 1.73 -1.21
N ASN A 101 13.08 1.45 0.09
CA ASN A 101 13.55 0.16 0.60
C ASN A 101 12.75 -1.00 -0.01
N SER A 102 11.43 -0.85 -0.14
CA SER A 102 10.56 -1.94 -0.57
C SER A 102 10.51 -2.02 -2.10
N VAL A 103 11.35 -2.87 -2.68
CA VAL A 103 11.28 -3.21 -4.10
C VAL A 103 10.46 -4.48 -4.35
N ARG A 104 9.76 -4.96 -3.32
CA ARG A 104 8.86 -6.08 -3.41
C ARG A 104 7.46 -5.57 -3.07
N LEU A 105 6.44 -6.12 -3.70
CA LEU A 105 5.05 -5.83 -3.42
C LEU A 105 4.17 -7.05 -3.69
N GLY A 106 3.27 -7.34 -2.76
CA GLY A 106 2.30 -8.40 -2.89
C GLY A 106 1.02 -7.96 -2.20
N CYS A 107 0.02 -7.57 -2.98
CA CYS A 107 -1.24 -7.06 -2.47
C CYS A 107 -2.30 -8.15 -2.49
N GLY A 108 -3.32 -8.04 -1.64
CA GLY A 108 -4.40 -9.00 -1.52
C GLY A 108 -5.73 -8.26 -1.56
N ARG A 109 -6.84 -8.98 -1.40
CA ARG A 109 -8.19 -8.45 -1.43
C ARG A 109 -9.11 -9.54 -0.89
N ALA A 110 -9.43 -9.52 0.41
CA ALA A 110 -10.56 -10.28 0.93
C ALA A 110 -11.77 -9.34 0.93
N ARG A 111 -12.99 -9.88 0.98
CA ARG A 111 -14.14 -9.11 1.40
C ARG A 111 -14.51 -9.56 2.80
N CYS A 112 -14.58 -8.64 3.75
CA CYS A 112 -14.99 -9.01 5.09
C CYS A 112 -16.45 -9.40 5.04
N ASN A 113 -16.83 -10.39 5.84
CA ASN A 113 -18.22 -10.70 6.12
C ASN A 113 -18.98 -9.47 6.64
N ASN A 114 -18.28 -8.48 7.22
CA ASN A 114 -18.89 -7.20 7.57
C ASN A 114 -19.40 -6.41 6.37
N GLY A 115 -19.10 -6.86 5.16
CA GLY A 115 -19.72 -6.37 3.94
C GLY A 115 -19.02 -5.15 3.36
N TRP A 116 -17.72 -5.01 3.64
CA TRP A 116 -16.81 -4.11 2.95
C TRP A 116 -15.59 -4.91 2.48
N TRP A 117 -14.82 -4.34 1.57
CA TRP A 117 -13.62 -4.97 1.06
C TRP A 117 -12.47 -4.70 2.02
N PHE A 118 -11.44 -5.53 1.93
CA PHE A 118 -10.31 -5.54 2.84
C PHE A 118 -9.08 -5.89 2.03
N ILE A 119 -8.51 -4.84 1.45
CA ILE A 119 -7.30 -4.89 0.68
C ILE A 119 -6.18 -4.70 1.68
N SER A 120 -5.59 -5.81 2.13
CA SER A 120 -4.31 -5.77 2.81
C SER A 120 -3.27 -5.78 1.71
N CYS A 121 -2.13 -5.12 1.90
CA CYS A 121 -1.03 -5.27 0.97
C CYS A 121 0.30 -5.27 1.68
N ASN A 122 1.09 -6.31 1.43
CA ASN A 122 2.41 -6.51 2.01
C ASN A 122 3.45 -5.90 1.09
N TYR A 123 4.53 -5.43 1.69
CA TYR A 123 5.69 -4.81 1.05
C TYR A 123 6.88 -5.45 1.75
N ASP A 124 7.97 -5.70 1.02
CA ASP A 124 9.13 -6.39 1.54
C ASP A 124 10.41 -5.75 0.99
N PRO A 125 11.49 -5.64 1.78
CA PRO A 125 11.48 -5.77 3.22
C PRO A 125 10.61 -4.67 3.84
N VAL A 126 10.50 -4.66 5.17
CA VAL A 126 9.60 -3.76 5.87
C VAL A 126 9.80 -2.31 5.45
N GLY A 127 8.73 -1.54 5.51
CA GLY A 127 8.71 -0.17 5.06
C GLY A 127 7.66 0.63 5.79
N ASN A 128 7.65 1.93 5.50
CA ASN A 128 6.84 2.93 6.20
C ASN A 128 7.03 2.78 7.71
N TRP A 129 8.26 2.41 8.04
CA TRP A 129 8.80 2.03 9.34
C TRP A 129 9.47 3.29 9.90
N ILE A 130 10.54 3.14 10.66
CA ILE A 130 11.54 4.18 10.92
C ILE A 130 11.72 5.06 9.70
N GLY A 131 11.85 6.37 9.93
CA GLY A 131 11.90 7.42 8.92
C GLY A 131 13.20 7.40 8.12
N GLN A 132 13.57 6.23 7.61
CA GLN A 132 14.84 6.02 6.91
C GLN A 132 14.73 6.44 5.44
N ARG A 133 14.03 7.55 5.17
CA ARG A 133 13.69 8.06 3.84
C ARG A 133 12.68 7.15 3.12
N PRO A 134 11.52 7.68 2.69
CA PRO A 134 10.61 6.96 1.82
C PRO A 134 11.03 7.03 0.35
N TYR A 135 11.70 8.11 -0.06
CA TYR A 135 12.20 8.30 -1.41
C TYR A 135 13.65 8.73 -1.29
N GLN A 1 -7.73 -1.18 -13.45
CA GLN A 1 -8.12 -0.79 -12.09
C GLN A 1 -7.89 -1.94 -11.10
N ASN A 2 -8.49 -3.09 -11.39
CA ASN A 2 -8.42 -4.28 -10.57
C ASN A 2 -7.15 -5.06 -10.91
N SER A 3 -6.86 -6.14 -10.17
CA SER A 3 -5.88 -7.14 -10.57
C SER A 3 -4.45 -6.67 -10.24
N PRO A 4 -3.42 -7.53 -10.32
CA PRO A 4 -2.15 -7.29 -9.66
C PRO A 4 -1.40 -6.11 -10.29
N GLN A 5 -1.26 -6.16 -11.62
CA GLN A 5 -0.57 -5.14 -12.39
C GLN A 5 -1.03 -3.73 -12.02
N ASP A 6 -2.30 -3.52 -11.68
CA ASP A 6 -2.75 -2.19 -11.26
C ASP A 6 -2.02 -1.70 -10.02
N TYR A 7 -1.92 -2.50 -8.97
CA TYR A 7 -1.22 -2.06 -7.78
C TYR A 7 0.18 -1.61 -8.19
N LEU A 8 0.87 -2.52 -8.87
CA LEU A 8 2.16 -2.25 -9.47
C LEU A 8 2.14 -0.90 -10.21
N ALA A 9 1.21 -0.70 -11.13
CA ALA A 9 1.14 0.49 -11.96
C ALA A 9 1.02 1.75 -11.13
N VAL A 10 0.04 1.82 -10.24
CA VAL A 10 -0.19 3.03 -9.45
C VAL A 10 1.03 3.29 -8.56
N HIS A 11 1.61 2.24 -7.97
CA HIS A 11 2.84 2.38 -7.19
C HIS A 11 3.96 2.92 -8.08
N ASN A 12 4.13 2.33 -9.26
CA ASN A 12 5.18 2.70 -10.19
C ASN A 12 4.97 4.14 -10.64
N ASP A 13 3.71 4.59 -10.73
CA ASP A 13 3.33 5.96 -10.99
C ASP A 13 3.85 6.88 -9.91
N ALA A 14 3.38 6.69 -8.67
CA ALA A 14 3.80 7.47 -7.53
C ALA A 14 5.32 7.51 -7.46
N ARG A 15 5.95 6.34 -7.60
CA ARG A 15 7.39 6.23 -7.68
C ARG A 15 7.96 7.05 -8.83
N ALA A 16 7.35 7.04 -10.01
CA ALA A 16 7.80 7.87 -11.12
C ALA A 16 7.80 9.34 -10.69
N GLN A 17 6.77 9.77 -9.95
CA GLN A 17 6.67 11.11 -9.42
C GLN A 17 7.72 11.41 -8.32
N VAL A 18 8.57 10.45 -7.96
CA VAL A 18 9.79 10.70 -7.22
C VAL A 18 10.97 9.91 -7.82
N GLY A 19 10.90 9.54 -9.10
CA GLY A 19 11.90 8.76 -9.81
C GLY A 19 12.45 7.56 -9.03
N VAL A 20 11.64 6.89 -8.21
CA VAL A 20 12.08 5.70 -7.48
C VAL A 20 11.94 4.53 -8.46
N GLY A 21 12.72 3.46 -8.28
CA GLY A 21 12.82 2.39 -9.26
C GLY A 21 11.60 1.47 -9.28
N PRO A 22 11.32 0.82 -10.43
CA PRO A 22 10.19 -0.08 -10.60
C PRO A 22 10.48 -1.47 -10.03
N MET A 23 9.48 -2.35 -10.04
CA MET A 23 9.52 -3.64 -9.35
C MET A 23 8.54 -4.61 -10.00
N SER A 24 8.58 -5.88 -9.61
CA SER A 24 7.68 -6.93 -10.07
C SER A 24 6.75 -7.40 -8.95
N TRP A 25 5.90 -8.38 -9.24
CA TRP A 25 4.96 -8.94 -8.28
C TRP A 25 5.70 -9.84 -7.29
N ASP A 26 5.02 -10.23 -6.21
CA ASP A 26 5.52 -11.24 -5.30
C ASP A 26 4.41 -12.16 -4.81
N ALA A 27 4.54 -13.46 -5.11
CA ALA A 27 3.57 -14.46 -4.73
C ALA A 27 3.48 -14.63 -3.22
N ASN A 28 4.60 -14.53 -2.51
CA ASN A 28 4.66 -14.77 -1.07
C ASN A 28 4.00 -13.61 -0.36
N LEU A 29 4.31 -12.39 -0.75
CA LEU A 29 3.64 -11.24 -0.19
C LEU A 29 2.16 -11.28 -0.55
N ALA A 30 1.82 -11.68 -1.78
CA ALA A 30 0.42 -11.82 -2.15
C ALA A 30 -0.25 -12.85 -1.24
N SER A 31 0.43 -13.96 -0.91
CA SER A 31 -0.12 -14.95 -0.03
C SER A 31 -0.33 -14.36 1.37
N ARG A 32 0.71 -13.76 1.97
CA ARG A 32 0.63 -12.99 3.21
C ARG A 32 -0.57 -12.06 3.20
N ALA A 33 -0.71 -11.24 2.16
CA ALA A 33 -1.72 -10.22 2.07
C ALA A 33 -3.11 -10.85 2.04
N GLN A 34 -3.28 -11.87 1.19
CA GLN A 34 -4.55 -12.57 1.06
C GLN A 34 -4.91 -13.21 2.39
N ASN A 35 -3.94 -13.84 3.03
CA ASN A 35 -4.07 -14.46 4.34
C ASN A 35 -4.49 -13.41 5.37
N TYR A 36 -3.78 -12.30 5.44
CA TYR A 36 -3.99 -11.25 6.42
C TYR A 36 -5.38 -10.65 6.26
N ALA A 37 -5.71 -10.31 5.01
CA ALA A 37 -7.03 -9.86 4.64
C ALA A 37 -8.07 -10.88 5.12
N ASN A 38 -7.81 -12.15 4.83
CA ASN A 38 -8.71 -13.25 5.18
C ASN A 38 -8.96 -13.33 6.67
N SER A 39 -7.93 -13.58 7.46
CA SER A 39 -8.07 -13.87 8.87
C SER A 39 -8.81 -12.74 9.59
N ARG A 40 -8.47 -11.50 9.26
CA ARG A 40 -9.08 -10.37 9.93
C ARG A 40 -10.50 -10.08 9.45
N ALA A 41 -11.03 -10.79 8.45
CA ALA A 41 -12.36 -10.52 7.90
C ALA A 41 -13.45 -10.44 8.97
N GLY A 42 -13.40 -11.32 9.97
CA GLY A 42 -14.36 -11.33 11.07
C GLY A 42 -14.45 -9.98 11.80
N ASP A 43 -13.37 -9.20 11.77
CA ASP A 43 -13.27 -7.87 12.35
C ASP A 43 -13.35 -6.84 11.23
N CYS A 44 -12.35 -6.82 10.35
CA CYS A 44 -12.26 -6.03 9.13
C CYS A 44 -11.90 -4.56 9.34
N ASN A 45 -11.67 -4.11 10.58
CA ASN A 45 -11.58 -2.69 10.95
C ASN A 45 -10.21 -2.06 10.68
N LEU A 46 -9.67 -2.28 9.49
CA LEU A 46 -8.44 -1.70 8.93
C LEU A 46 -7.30 -1.45 9.93
N ILE A 47 -7.11 -2.35 10.89
CA ILE A 47 -5.89 -2.35 11.66
C ILE A 47 -4.88 -3.14 10.83
N HIS A 48 -3.61 -2.73 10.84
CA HIS A 48 -2.43 -3.41 10.34
C HIS A 48 -1.75 -2.77 9.13
N SER A 49 -1.13 -1.62 9.35
CA SER A 49 -0.09 -1.16 8.45
C SER A 49 1.06 -0.69 9.33
N GLY A 50 1.63 -1.64 10.05
CA GLY A 50 2.71 -1.38 10.98
C GLY A 50 3.98 -1.16 10.18
N ALA A 51 4.58 -2.27 9.77
CA ALA A 51 5.71 -2.29 8.86
C ALA A 51 5.19 -2.28 7.42
N GLY A 52 5.68 -3.22 6.63
CA GLY A 52 5.58 -3.31 5.19
C GLY A 52 4.25 -3.88 4.73
N GLU A 53 3.17 -3.46 5.39
CA GLU A 53 1.81 -3.66 4.97
C GLU A 53 1.10 -2.33 4.73
N ASN A 54 0.17 -2.30 3.77
CA ASN A 54 -0.68 -1.16 3.46
C ASN A 54 -2.09 -1.66 3.18
N LEU A 55 -3.13 -1.00 3.70
CA LEU A 55 -4.49 -1.53 3.73
C LEU A 55 -5.49 -0.53 3.13
N ALA A 56 -6.65 -1.00 2.68
CA ALA A 56 -7.80 -0.16 2.37
C ALA A 56 -9.08 -0.98 2.47
N LYS A 57 -10.23 -0.33 2.67
CA LYS A 57 -11.54 -0.93 2.47
C LYS A 57 -12.35 -0.06 1.52
N GLY A 58 -13.33 -0.66 0.86
CA GLY A 58 -14.39 0.05 0.16
C GLY A 58 -15.57 -0.90 0.09
N GLY A 59 -16.78 -0.43 0.40
CA GLY A 59 -17.98 -1.14 -0.01
C GLY A 59 -18.26 -0.69 -1.43
N GLY A 60 -18.78 -1.57 -2.28
CA GLY A 60 -19.02 -1.26 -3.68
C GLY A 60 -17.77 -1.50 -4.51
N ASP A 61 -17.67 -2.72 -5.07
CA ASP A 61 -16.72 -3.16 -6.12
C ASP A 61 -15.26 -2.71 -6.01
N PHE A 62 -14.82 -2.36 -4.82
CA PHE A 62 -13.61 -1.57 -4.59
C PHE A 62 -12.40 -2.22 -5.27
N THR A 63 -11.90 -1.61 -6.34
CA THR A 63 -10.76 -2.09 -7.09
C THR A 63 -9.45 -1.64 -6.42
N GLY A 64 -8.38 -2.40 -6.62
CA GLY A 64 -7.11 -2.09 -5.99
C GLY A 64 -6.54 -0.75 -6.41
N ARG A 65 -6.77 -0.31 -7.65
CA ARG A 65 -6.37 1.05 -8.04
C ARG A 65 -6.93 2.05 -7.04
N ALA A 66 -8.21 1.96 -6.70
CA ALA A 66 -8.82 2.88 -5.75
C ALA A 66 -8.10 2.82 -4.40
N ALA A 67 -7.73 1.60 -3.96
CA ALA A 67 -6.97 1.42 -2.74
C ALA A 67 -5.61 2.12 -2.80
N VAL A 68 -4.78 1.86 -3.81
CA VAL A 68 -3.50 2.54 -3.93
C VAL A 68 -3.72 4.04 -3.98
N GLN A 69 -4.69 4.44 -4.80
CA GLN A 69 -5.10 5.80 -4.92
C GLN A 69 -5.56 6.37 -3.59
N LEU A 70 -6.04 5.57 -2.64
CA LEU A 70 -6.46 6.11 -1.36
C LEU A 70 -5.16 6.42 -0.62
N TRP A 71 -4.18 5.52 -0.69
CA TRP A 71 -2.85 5.76 -0.13
C TRP A 71 -2.23 7.04 -0.72
N VAL A 72 -2.38 7.22 -2.03
CA VAL A 72 -1.87 8.35 -2.78
C VAL A 72 -2.86 9.53 -2.81
N SER A 73 -4.00 9.45 -2.12
CA SER A 73 -4.90 10.60 -2.05
C SER A 73 -4.10 11.80 -1.51
N GLU A 74 -3.27 11.52 -0.51
CA GLU A 74 -2.25 12.41 0.04
C GLU A 74 -1.10 12.60 -0.95
N ARG A 75 -1.35 12.74 -2.25
CA ARG A 75 -0.32 13.09 -3.21
C ARG A 75 0.37 14.39 -2.77
N PRO A 76 -0.37 15.47 -2.45
CA PRO A 76 0.25 16.69 -1.94
C PRO A 76 0.64 16.53 -0.46
N SER A 77 1.58 15.62 -0.17
CA SER A 77 2.34 15.64 1.05
C SER A 77 3.83 15.37 0.80
N TYR A 78 4.18 14.50 -0.15
CA TYR A 78 5.57 14.09 -0.28
C TYR A 78 6.27 15.18 -1.10
N ASN A 79 7.25 15.85 -0.50
CA ASN A 79 8.03 16.90 -1.15
C ASN A 79 9.48 16.43 -1.18
N TYR A 80 9.91 15.90 -2.32
CA TYR A 80 11.30 15.55 -2.52
C TYR A 80 12.06 16.86 -2.48
N ALA A 81 12.87 16.92 -1.45
CA ALA A 81 13.84 17.93 -1.11
C ALA A 81 14.62 17.36 0.08
N THR A 82 14.07 17.49 1.28
CA THR A 82 14.70 17.01 2.50
C THR A 82 14.22 15.60 2.87
N ASN A 83 13.71 14.83 1.90
CA ASN A 83 13.20 13.48 2.13
C ASN A 83 12.09 13.44 3.20
N GLN A 84 11.40 14.57 3.43
CA GLN A 84 10.32 14.64 4.39
C GLN A 84 8.99 14.72 3.67
N CYS A 85 7.92 14.39 4.37
CA CYS A 85 6.58 14.80 3.97
C CYS A 85 6.36 16.20 4.50
N VAL A 86 5.40 16.93 3.93
CA VAL A 86 5.17 18.32 4.24
C VAL A 86 4.51 18.33 5.61
N GLY A 87 4.92 19.25 6.46
CA GLY A 87 4.41 19.42 7.81
C GLY A 87 4.18 18.06 8.48
N GLY A 88 2.93 17.77 8.81
CA GLY A 88 2.49 16.46 9.23
C GLY A 88 1.18 16.17 8.53
N LYS A 89 1.22 15.88 7.23
CA LYS A 89 0.04 15.35 6.54
C LYS A 89 0.03 13.83 6.72
N LYS A 90 -1.04 13.18 6.31
CA LYS A 90 -1.27 11.77 6.57
C LYS A 90 -0.58 10.93 5.49
N CYS A 91 0.73 11.09 5.34
CA CYS A 91 1.45 10.52 4.20
C CYS A 91 2.02 9.14 4.55
N ARG A 92 1.77 8.68 5.79
CA ARG A 92 2.15 7.39 6.36
C ARG A 92 1.37 6.24 5.69
N HIS A 93 1.42 6.15 4.36
CA HIS A 93 0.99 5.07 3.50
C HIS A 93 1.59 5.37 2.13
N TYR A 94 1.49 6.61 1.65
CA TYR A 94 2.22 7.07 0.47
C TYR A 94 3.69 6.65 0.57
N THR A 95 4.31 6.94 1.70
CA THR A 95 5.67 6.50 1.97
C THR A 95 5.83 5.03 1.63
N GLN A 96 4.89 4.18 2.05
CA GLN A 96 4.91 2.75 1.79
C GLN A 96 4.81 2.47 0.30
N VAL A 97 3.93 3.20 -0.40
CA VAL A 97 3.73 3.07 -1.84
C VAL A 97 5.05 3.30 -2.56
N VAL A 98 5.76 4.34 -2.14
CA VAL A 98 6.97 4.79 -2.77
C VAL A 98 8.21 4.02 -2.34
N TRP A 99 8.21 3.52 -1.10
CA TRP A 99 9.38 3.13 -0.31
C TRP A 99 10.51 2.53 -1.16
N ARG A 100 11.52 3.34 -1.46
CA ARG A 100 12.75 2.97 -2.16
C ARG A 100 13.22 1.58 -1.74
N ASN A 101 13.32 1.30 -0.44
CA ASN A 101 13.88 0.02 0.00
C ASN A 101 13.10 -1.17 -0.57
N SER A 102 11.78 -1.06 -0.74
CA SER A 102 10.92 -2.16 -1.12
C SER A 102 10.96 -2.30 -2.65
N VAL A 103 11.14 -3.51 -3.16
CA VAL A 103 11.15 -3.77 -4.60
C VAL A 103 10.28 -4.98 -4.96
N ARG A 104 9.31 -5.29 -4.10
CA ARG A 104 8.40 -6.41 -4.26
C ARG A 104 7.09 -5.95 -3.65
N LEU A 105 5.96 -6.40 -4.20
CA LEU A 105 4.65 -6.10 -3.68
C LEU A 105 3.74 -7.26 -4.04
N GLY A 106 2.86 -7.62 -3.12
CA GLY A 106 1.84 -8.63 -3.36
C GLY A 106 0.61 -8.23 -2.56
N CYS A 107 -0.51 -8.05 -3.24
CA CYS A 107 -1.82 -7.82 -2.64
C CYS A 107 -2.65 -9.09 -2.62
N GLY A 108 -3.65 -9.08 -1.75
CA GLY A 108 -4.72 -10.05 -1.70
C GLY A 108 -6.02 -9.27 -1.57
N ARG A 109 -7.16 -9.96 -1.53
CA ARG A 109 -8.46 -9.33 -1.51
C ARG A 109 -9.41 -10.25 -0.73
N ALA A 110 -9.88 -9.82 0.44
CA ALA A 110 -10.88 -10.54 1.21
C ALA A 110 -12.15 -9.70 1.20
N ARG A 111 -13.30 -10.32 0.94
CA ARG A 111 -14.58 -9.66 1.10
C ARG A 111 -15.04 -10.00 2.51
N CYS A 112 -15.03 -9.01 3.40
CA CYS A 112 -15.53 -9.20 4.75
C CYS A 112 -17.03 -9.39 4.75
N ASN A 113 -17.55 -9.91 5.86
CA ASN A 113 -18.97 -10.23 6.10
C ASN A 113 -19.88 -9.04 5.79
N ASN A 114 -19.52 -7.85 6.26
CA ASN A 114 -20.22 -6.58 5.99
C ASN A 114 -20.16 -6.16 4.52
N GLY A 115 -19.43 -6.85 3.66
CA GLY A 115 -19.31 -6.50 2.26
C GLY A 115 -18.26 -5.41 2.03
N TRP A 116 -17.45 -5.07 3.02
CA TRP A 116 -16.23 -4.34 2.74
C TRP A 116 -15.33 -5.24 1.91
N TRP A 117 -14.85 -4.74 0.78
CA TRP A 117 -13.77 -5.36 0.06
C TRP A 117 -12.51 -4.87 0.75
N PHE A 118 -11.93 -5.73 1.58
CA PHE A 118 -10.72 -5.49 2.33
C PHE A 118 -9.54 -5.83 1.43
N ILE A 119 -8.78 -4.80 1.08
CA ILE A 119 -7.53 -4.93 0.34
C ILE A 119 -6.39 -4.72 1.31
N SER A 120 -5.38 -5.57 1.19
CA SER A 120 -4.13 -5.54 1.91
C SER A 120 -3.05 -5.78 0.87
N CYS A 121 -1.95 -5.03 0.94
CA CYS A 121 -0.71 -5.29 0.20
C CYS A 121 0.40 -5.45 1.20
N ASN A 122 1.19 -6.52 1.08
CA ASN A 122 2.46 -6.71 1.74
C ASN A 122 3.57 -6.33 0.75
N TYR A 123 4.71 -5.86 1.27
CA TYR A 123 5.84 -5.32 0.54
C TYR A 123 7.14 -5.98 1.06
N ASP A 124 8.16 -6.19 0.22
CA ASP A 124 9.46 -6.76 0.62
C ASP A 124 10.61 -5.93 0.00
N PRO A 125 11.65 -5.57 0.77
CA PRO A 125 11.66 -5.56 2.23
C PRO A 125 10.59 -4.62 2.79
N VAL A 126 10.55 -4.51 4.12
CA VAL A 126 9.53 -3.74 4.83
C VAL A 126 9.51 -2.27 4.39
N GLY A 127 8.41 -1.59 4.76
CA GLY A 127 8.19 -0.18 4.48
C GLY A 127 7.63 0.49 5.71
N ASN A 128 7.77 1.82 5.79
CA ASN A 128 7.41 2.64 6.95
C ASN A 128 7.96 2.06 8.24
N TRP A 129 9.17 1.50 8.15
CA TRP A 129 9.97 1.11 9.29
C TRP A 129 10.97 2.26 9.53
N ILE A 130 11.86 2.20 10.52
CA ILE A 130 12.82 3.28 10.78
C ILE A 130 14.01 3.18 9.83
N GLY A 131 14.75 4.28 9.64
CA GLY A 131 16.12 4.28 9.10
C GLY A 131 16.22 4.03 7.58
N GLN A 132 15.28 3.31 6.97
CA GLN A 132 15.33 3.07 5.54
C GLN A 132 14.70 4.29 4.87
N ARG A 133 15.40 4.86 3.89
CA ARG A 133 14.97 6.09 3.26
C ARG A 133 13.78 5.82 2.35
N PRO A 134 12.69 6.59 2.43
CA PRO A 134 11.57 6.41 1.53
C PRO A 134 11.85 6.80 0.07
N TYR A 135 12.58 7.89 -0.20
CA TYR A 135 12.71 8.44 -1.56
C TYR A 135 13.89 9.41 -1.64
N GLN A 1 -8.65 -4.52 -12.08
CA GLN A 1 -8.76 -3.42 -11.11
C GLN A 1 -8.26 -3.88 -9.73
N ASN A 2 -8.06 -5.18 -9.52
CA ASN A 2 -7.34 -5.75 -8.39
C ASN A 2 -6.26 -6.71 -8.92
N SER A 3 -5.81 -6.48 -10.15
CA SER A 3 -4.83 -7.27 -10.87
C SER A 3 -3.43 -6.84 -10.40
N PRO A 4 -2.38 -7.66 -10.55
CA PRO A 4 -1.08 -7.34 -10.00
C PRO A 4 -0.57 -6.02 -10.59
N GLN A 5 -0.66 -5.92 -11.92
CA GLN A 5 -0.30 -4.73 -12.66
C GLN A 5 -1.13 -3.51 -12.27
N ASP A 6 -2.32 -3.66 -11.67
CA ASP A 6 -3.05 -2.48 -11.22
C ASP A 6 -2.23 -1.84 -10.12
N TYR A 7 -1.96 -2.63 -9.07
CA TYR A 7 -1.16 -2.17 -7.95
C TYR A 7 0.19 -1.69 -8.47
N LEU A 8 0.93 -2.55 -9.16
CA LEU A 8 2.25 -2.20 -9.67
C LEU A 8 2.19 -0.94 -10.53
N ALA A 9 1.18 -0.76 -11.38
CA ALA A 9 1.05 0.45 -12.20
C ALA A 9 0.96 1.69 -11.32
N VAL A 10 -0.05 1.77 -10.45
CA VAL A 10 -0.22 2.93 -9.60
C VAL A 10 1.07 3.19 -8.81
N HIS A 11 1.68 2.13 -8.26
CA HIS A 11 2.94 2.28 -7.56
C HIS A 11 4.04 2.79 -8.50
N ASN A 12 4.15 2.28 -9.72
CA ASN A 12 5.12 2.76 -10.72
C ASN A 12 4.95 4.25 -10.91
N ASP A 13 3.72 4.71 -11.05
CA ASP A 13 3.41 6.12 -11.19
C ASP A 13 3.90 6.93 -10.01
N ALA A 14 3.41 6.61 -8.81
CA ALA A 14 3.79 7.27 -7.57
C ALA A 14 5.31 7.31 -7.43
N ARG A 15 5.98 6.18 -7.67
CA ARG A 15 7.43 6.10 -7.65
C ARG A 15 8.03 7.01 -8.72
N ALA A 16 7.49 6.99 -9.94
CA ALA A 16 7.95 7.87 -11.01
C ALA A 16 7.89 9.32 -10.56
N GLN A 17 6.84 9.71 -9.82
CA GLN A 17 6.68 11.07 -9.34
C GLN A 17 7.92 11.55 -8.55
N VAL A 18 8.64 10.65 -7.90
CA VAL A 18 9.88 10.96 -7.18
C VAL A 18 11.10 10.26 -7.81
N GLY A 19 10.95 9.69 -8.99
CA GLY A 19 12.01 9.00 -9.72
C GLY A 19 12.57 7.81 -8.95
N VAL A 20 11.74 7.10 -8.19
CA VAL A 20 12.12 5.92 -7.44
C VAL A 20 12.04 4.69 -8.38
N GLY A 21 13.00 3.77 -8.25
CA GLY A 21 13.10 2.58 -9.08
C GLY A 21 11.93 1.61 -8.87
N PRO A 22 11.84 0.56 -9.70
CA PRO A 22 10.67 -0.32 -9.71
C PRO A 22 10.81 -1.52 -8.74
N MET A 23 9.68 -2.20 -8.51
CA MET A 23 9.53 -3.36 -7.63
C MET A 23 8.85 -4.47 -8.44
N SER A 24 8.87 -5.70 -7.93
CA SER A 24 8.31 -6.87 -8.59
C SER A 24 6.88 -7.13 -8.12
N TRP A 25 6.27 -8.18 -8.67
CA TRP A 25 5.08 -8.79 -8.09
C TRP A 25 5.48 -10.10 -7.41
N ASP A 26 5.26 -10.23 -6.12
CA ASP A 26 5.57 -11.38 -5.30
C ASP A 26 4.31 -12.16 -5.03
N ALA A 27 4.25 -13.39 -5.54
CA ALA A 27 3.10 -14.26 -5.35
C ALA A 27 2.95 -14.59 -3.87
N ASN A 28 4.08 -14.78 -3.19
CA ASN A 28 4.09 -15.15 -1.78
C ASN A 28 3.50 -14.02 -0.96
N LEU A 29 4.03 -12.81 -1.10
CA LEU A 29 3.56 -11.67 -0.32
C LEU A 29 2.10 -11.38 -0.65
N ALA A 30 1.70 -11.50 -1.93
CA ALA A 30 0.30 -11.40 -2.30
C ALA A 30 -0.54 -12.44 -1.55
N SER A 31 -0.06 -13.69 -1.49
CA SER A 31 -0.76 -14.75 -0.81
C SER A 31 -0.88 -14.42 0.67
N ARG A 32 0.22 -14.00 1.29
CA ARG A 32 0.27 -13.54 2.67
C ARG A 32 -0.83 -12.52 2.89
N ALA A 33 -0.87 -11.46 2.08
CA ALA A 33 -1.85 -10.41 2.22
C ALA A 33 -3.28 -10.96 2.17
N GLN A 34 -3.57 -11.82 1.19
CA GLN A 34 -4.92 -12.37 1.07
C GLN A 34 -5.27 -13.25 2.26
N ASN A 35 -4.43 -14.25 2.55
CA ASN A 35 -4.54 -15.12 3.72
C ASN A 35 -4.81 -14.28 4.95
N TYR A 36 -3.92 -13.33 5.24
CA TYR A 36 -4.01 -12.39 6.35
C TYR A 36 -5.37 -11.71 6.37
N ALA A 37 -5.81 -11.17 5.23
CA ALA A 37 -7.12 -10.56 5.13
C ALA A 37 -8.17 -11.58 5.58
N ASN A 38 -8.35 -12.64 4.81
CA ASN A 38 -9.27 -13.76 5.02
C ASN A 38 -9.25 -14.34 6.43
N SER A 39 -8.09 -14.44 7.06
CA SER A 39 -7.96 -15.04 8.38
C SER A 39 -8.70 -14.20 9.41
N ARG A 40 -8.78 -12.89 9.17
CA ARG A 40 -9.69 -12.04 9.90
C ARG A 40 -11.00 -12.04 9.14
N ALA A 41 -12.13 -12.11 9.84
CA ALA A 41 -13.41 -12.15 9.19
C ALA A 41 -14.47 -12.08 10.28
N GLY A 42 -14.54 -10.91 10.90
CA GLY A 42 -15.36 -10.63 12.06
C GLY A 42 -14.85 -9.33 12.70
N ASP A 43 -13.52 -9.18 12.79
CA ASP A 43 -12.85 -7.97 13.25
C ASP A 43 -11.67 -7.65 12.35
N CYS A 44 -11.98 -7.40 11.08
CA CYS A 44 -10.97 -7.01 10.10
C CYS A 44 -10.55 -5.56 10.33
N ASN A 45 -11.35 -4.79 11.10
CA ASN A 45 -10.92 -3.56 11.77
C ASN A 45 -10.08 -2.62 10.88
N LEU A 46 -9.07 -1.96 11.44
CA LEU A 46 -7.90 -1.38 10.80
C LEU A 46 -6.79 -1.42 11.84
N ILE A 47 -6.05 -2.51 11.92
CA ILE A 47 -4.93 -2.66 12.83
C ILE A 47 -3.82 -3.29 12.00
N HIS A 48 -2.86 -2.47 11.57
CA HIS A 48 -1.73 -2.89 10.77
C HIS A 48 -0.50 -2.99 11.65
N SER A 49 0.27 -4.05 11.43
CA SER A 49 1.67 -4.19 11.78
C SER A 49 2.37 -2.86 11.49
N GLY A 50 2.16 -2.38 10.27
CA GLY A 50 2.96 -1.35 9.64
C GLY A 50 4.42 -1.81 9.58
N ALA A 51 5.30 -0.94 9.09
CA ALA A 51 6.65 -1.34 8.74
C ALA A 51 6.57 -2.49 7.74
N GLY A 52 5.87 -2.27 6.62
CA GLY A 52 5.84 -3.19 5.48
C GLY A 52 4.44 -3.47 4.92
N GLU A 53 3.39 -2.74 5.36
CA GLU A 53 2.03 -2.94 4.88
C GLU A 53 1.32 -1.62 4.57
N ASN A 54 0.36 -1.65 3.64
CA ASN A 54 -0.64 -0.61 3.40
C ASN A 54 -1.99 -1.33 3.37
N LEU A 55 -3.00 -0.85 4.11
CA LEU A 55 -4.35 -1.44 4.07
C LEU A 55 -5.28 -0.54 3.26
N ALA A 56 -6.47 -1.01 2.89
CA ALA A 56 -7.54 -0.19 2.40
C ALA A 56 -8.86 -0.88 2.68
N LYS A 57 -9.93 -0.10 2.81
CA LYS A 57 -11.29 -0.61 2.79
C LYS A 57 -12.23 0.29 2.01
N GLY A 58 -13.33 -0.29 1.54
CA GLY A 58 -14.56 0.39 1.14
C GLY A 58 -15.59 -0.73 0.90
N GLY A 59 -16.87 -0.44 1.05
CA GLY A 59 -17.87 -1.49 1.17
C GLY A 59 -18.14 -2.18 -0.16
N GLY A 60 -18.72 -1.45 -1.09
CA GLY A 60 -19.24 -2.04 -2.32
C GLY A 60 -18.11 -2.23 -3.32
N ASP A 61 -18.02 -3.43 -3.93
CA ASP A 61 -17.21 -3.77 -5.11
C ASP A 61 -15.89 -2.99 -5.25
N PHE A 62 -15.20 -2.83 -4.12
CA PHE A 62 -14.03 -1.98 -3.97
C PHE A 62 -12.90 -2.50 -4.86
N THR A 63 -12.01 -1.62 -5.30
CA THR A 63 -10.98 -1.96 -6.27
C THR A 63 -9.59 -1.63 -5.75
N GLY A 64 -8.67 -2.58 -5.90
CA GLY A 64 -7.28 -2.44 -5.52
C GLY A 64 -6.63 -1.22 -6.15
N ARG A 65 -6.91 -0.93 -7.41
CA ARG A 65 -6.32 0.19 -8.10
C ARG A 65 -6.68 1.48 -7.37
N ALA A 66 -7.98 1.68 -7.15
CA ALA A 66 -8.46 2.82 -6.38
C ALA A 66 -7.92 2.75 -4.94
N ALA A 67 -7.69 1.55 -4.40
CA ALA A 67 -7.10 1.38 -3.09
C ALA A 67 -5.69 1.99 -3.05
N VAL A 68 -4.83 1.68 -4.01
CA VAL A 68 -3.53 2.34 -4.06
C VAL A 68 -3.75 3.84 -4.20
N GLN A 69 -4.68 4.24 -5.06
CA GLN A 69 -5.00 5.65 -5.21
C GLN A 69 -5.46 6.28 -3.89
N LEU A 70 -6.10 5.54 -2.98
CA LEU A 70 -6.45 6.08 -1.67
C LEU A 70 -5.16 6.38 -0.91
N TRP A 71 -4.13 5.55 -1.07
CA TRP A 71 -2.84 5.75 -0.43
C TRP A 71 -2.13 6.95 -1.05
N VAL A 72 -2.17 7.04 -2.37
CA VAL A 72 -1.55 8.10 -3.15
C VAL A 72 -2.29 9.43 -3.00
N SER A 73 -3.58 9.44 -2.62
CA SER A 73 -4.39 10.65 -2.67
C SER A 73 -3.87 11.79 -1.78
N GLU A 74 -2.95 11.51 -0.85
CA GLU A 74 -2.15 12.53 -0.16
C GLU A 74 -1.19 13.28 -1.10
N ARG A 75 -1.21 13.01 -2.40
CA ARG A 75 -0.43 13.67 -3.43
C ARG A 75 -0.17 15.16 -3.17
N PRO A 76 -1.18 16.02 -2.99
CA PRO A 76 -0.96 17.42 -2.70
C PRO A 76 -0.02 17.67 -1.51
N SER A 77 -0.10 16.87 -0.44
CA SER A 77 0.84 16.95 0.66
C SER A 77 2.12 16.15 0.41
N TYR A 78 2.15 15.24 -0.54
CA TYR A 78 3.36 14.49 -0.83
C TYR A 78 4.22 15.35 -1.75
N ASN A 79 5.49 15.54 -1.38
CA ASN A 79 6.43 16.33 -2.15
C ASN A 79 7.83 15.85 -1.81
N TYR A 80 8.81 16.08 -2.68
CA TYR A 80 10.19 15.97 -2.30
C TYR A 80 10.55 17.28 -1.61
N ALA A 81 11.79 17.73 -1.66
CA ALA A 81 12.35 18.94 -1.07
C ALA A 81 12.67 18.62 0.38
N THR A 82 11.62 18.19 1.06
CA THR A 82 11.55 17.87 2.47
C THR A 82 11.82 16.37 2.62
N ASN A 83 11.28 15.59 1.67
CA ASN A 83 11.37 14.14 1.62
C ASN A 83 10.59 13.54 2.79
N GLN A 84 9.52 14.20 3.22
CA GLN A 84 8.74 13.80 4.39
C GLN A 84 7.28 14.22 4.19
N CYS A 85 6.84 14.30 2.94
CA CYS A 85 5.61 14.98 2.57
C CYS A 85 5.63 16.40 3.18
N VAL A 86 4.48 17.06 3.30
CA VAL A 86 4.41 18.49 3.58
C VAL A 86 3.62 18.66 4.87
N GLY A 87 4.12 19.52 5.74
CA GLY A 87 3.45 19.97 6.96
C GLY A 87 3.21 18.83 7.94
N GLY A 88 2.18 18.02 7.68
CA GLY A 88 1.81 16.90 8.52
C GLY A 88 0.40 16.46 8.17
N LYS A 89 0.10 16.29 6.88
CA LYS A 89 -1.11 15.58 6.46
C LYS A 89 -0.89 14.08 6.67
N LYS A 90 -1.87 13.24 6.37
CA LYS A 90 -1.87 11.84 6.79
C LYS A 90 -1.05 11.00 5.81
N CYS A 91 0.20 11.36 5.54
CA CYS A 91 0.88 10.93 4.32
C CYS A 91 1.69 9.66 4.53
N ARG A 92 1.20 8.82 5.43
CA ARG A 92 1.86 7.59 5.84
C ARG A 92 1.72 6.54 4.73
N HIS A 93 0.56 6.51 4.10
CA HIS A 93 0.25 5.47 3.14
C HIS A 93 1.01 5.71 1.84
N TYR A 94 1.14 6.98 1.43
CA TYR A 94 1.91 7.36 0.26
C TYR A 94 3.34 6.86 0.43
N THR A 95 3.99 7.17 1.54
CA THR A 95 5.38 6.77 1.71
C THR A 95 5.54 5.26 1.53
N GLN A 96 4.60 4.46 2.04
CA GLN A 96 4.64 3.02 1.84
C GLN A 96 4.48 2.67 0.35
N VAL A 97 3.65 3.40 -0.40
CA VAL A 97 3.52 3.19 -1.84
C VAL A 97 4.86 3.42 -2.54
N VAL A 98 5.56 4.47 -2.13
CA VAL A 98 6.78 4.87 -2.80
C VAL A 98 7.99 4.08 -2.35
N TRP A 99 7.97 3.60 -1.10
CA TRP A 99 9.12 3.21 -0.31
C TRP A 99 10.27 2.59 -1.14
N ARG A 100 11.22 3.44 -1.52
CA ARG A 100 12.35 3.12 -2.36
C ARG A 100 13.04 1.83 -1.90
N ASN A 101 13.32 1.72 -0.60
CA ASN A 101 13.96 0.53 -0.06
C ASN A 101 12.93 -0.58 0.18
N SER A 102 12.11 -0.87 -0.83
CA SER A 102 11.23 -2.03 -0.86
C SER A 102 11.09 -2.37 -2.33
N VAL A 103 11.42 -3.60 -2.70
CA VAL A 103 11.54 -4.02 -4.09
C VAL A 103 10.56 -5.15 -4.43
N ARG A 104 9.79 -5.57 -3.44
CA ARG A 104 8.73 -6.55 -3.56
C ARG A 104 7.40 -5.83 -3.37
N LEU A 105 6.32 -6.35 -3.93
CA LEU A 105 4.96 -5.93 -3.64
C LEU A 105 3.96 -7.04 -3.96
N GLY A 106 3.01 -7.29 -3.07
CA GLY A 106 1.94 -8.25 -3.30
C GLY A 106 0.72 -7.88 -2.47
N CYS A 107 -0.48 -7.88 -3.08
CA CYS A 107 -1.76 -7.57 -2.43
C CYS A 107 -2.72 -8.74 -2.34
N GLY A 108 -3.67 -8.61 -1.41
CA GLY A 108 -4.85 -9.43 -1.25
C GLY A 108 -6.08 -8.51 -1.14
N ARG A 109 -7.27 -9.10 -1.06
CA ARG A 109 -8.56 -8.45 -1.20
C ARG A 109 -9.63 -9.42 -0.68
N ALA A 110 -10.01 -9.36 0.60
CA ALA A 110 -11.04 -10.24 1.18
C ALA A 110 -12.19 -9.37 1.69
N ARG A 111 -13.44 -9.76 1.43
CA ARG A 111 -14.58 -9.01 1.95
C ARG A 111 -14.87 -9.48 3.38
N CYS A 112 -14.62 -8.63 4.35
CA CYS A 112 -14.99 -8.85 5.74
C CYS A 112 -16.17 -7.94 6.08
N ASN A 113 -16.77 -8.17 7.26
CA ASN A 113 -17.86 -7.39 7.80
C ASN A 113 -17.53 -5.90 7.88
N ASN A 114 -16.65 -5.49 8.80
CA ASN A 114 -16.22 -4.09 8.96
C ASN A 114 -14.82 -3.87 8.40
N GLY A 115 -14.19 -4.94 7.90
CA GLY A 115 -13.08 -4.80 6.97
C GLY A 115 -13.60 -4.40 5.60
N TRP A 116 -14.91 -4.51 5.36
CA TRP A 116 -15.52 -4.22 4.06
C TRP A 116 -14.70 -4.96 3.02
N TRP A 117 -14.36 -4.38 1.87
CA TRP A 117 -13.39 -5.07 1.02
C TRP A 117 -12.03 -4.70 1.56
N PHE A 118 -11.50 -5.60 2.38
CA PHE A 118 -10.29 -5.44 3.11
C PHE A 118 -9.16 -5.81 2.18
N ILE A 119 -8.51 -4.78 1.65
CA ILE A 119 -7.35 -4.90 0.80
C ILE A 119 -6.13 -4.62 1.67
N SER A 120 -5.08 -5.42 1.49
CA SER A 120 -3.79 -5.24 2.12
C SER A 120 -2.75 -5.47 1.05
N CYS A 121 -1.70 -4.64 0.99
CA CYS A 121 -0.48 -4.98 0.27
C CYS A 121 0.60 -5.16 1.31
N ASN A 122 1.36 -6.25 1.19
CA ASN A 122 2.62 -6.45 1.86
C ASN A 122 3.72 -5.99 0.91
N TYR A 123 4.81 -5.47 1.47
CA TYR A 123 5.97 -4.93 0.78
C TYR A 123 7.18 -5.60 1.45
N ASP A 124 8.32 -5.75 0.75
CA ASP A 124 9.52 -6.36 1.35
C ASP A 124 10.81 -5.73 0.82
N PRO A 125 11.78 -5.38 1.68
CA PRO A 125 11.68 -5.32 3.13
C PRO A 125 10.71 -4.21 3.58
N VAL A 126 10.66 -3.97 4.89
CA VAL A 126 9.76 -3.04 5.53
C VAL A 126 9.71 -1.66 4.87
N GLY A 127 8.54 -1.03 4.92
CA GLY A 127 8.31 0.34 4.51
C GLY A 127 7.43 1.04 5.53
N ASN A 128 7.64 2.35 5.72
CA ASN A 128 7.20 3.14 6.87
C ASN A 128 7.95 2.69 8.12
N TRP A 129 9.20 2.29 7.93
CA TRP A 129 10.16 2.00 8.97
C TRP A 129 11.04 3.24 9.15
N ILE A 130 11.37 3.62 10.39
CA ILE A 130 12.17 4.82 10.62
C ILE A 130 13.64 4.63 10.26
N GLY A 131 14.34 5.75 10.04
CA GLY A 131 15.76 5.77 9.76
C GLY A 131 16.09 5.10 8.44
N GLN A 132 15.45 5.55 7.36
CA GLN A 132 15.73 5.09 6.01
C GLN A 132 15.28 6.21 5.07
N ARG A 133 15.83 6.33 3.86
CA ARG A 133 15.28 7.24 2.86
C ARG A 133 14.10 6.56 2.15
N PRO A 134 12.87 7.08 2.28
CA PRO A 134 11.71 6.51 1.60
C PRO A 134 11.71 6.83 0.11
N TYR A 135 12.30 7.96 -0.29
CA TYR A 135 12.44 8.38 -1.67
C TYR A 135 13.61 9.34 -1.70
N GLN A 1 -9.61 -2.63 -13.63
CA GLN A 1 -9.11 -2.33 -12.28
C GLN A 1 -9.08 -3.62 -11.46
N ASN A 2 -8.24 -4.58 -11.85
CA ASN A 2 -7.90 -5.68 -10.95
C ASN A 2 -6.56 -6.28 -11.36
N SER A 3 -6.13 -7.36 -10.68
CA SER A 3 -4.93 -8.10 -11.00
C SER A 3 -3.70 -7.30 -10.49
N PRO A 4 -2.48 -7.87 -10.50
CA PRO A 4 -1.36 -7.31 -9.76
C PRO A 4 -1.02 -5.92 -10.29
N GLN A 5 -1.10 -5.81 -11.62
CA GLN A 5 -0.86 -4.62 -12.39
C GLN A 5 -1.68 -3.41 -11.92
N ASP A 6 -2.83 -3.59 -11.27
CA ASP A 6 -3.52 -2.47 -10.62
C ASP A 6 -2.58 -1.81 -9.63
N TYR A 7 -2.16 -2.59 -8.65
CA TYR A 7 -1.38 -2.06 -7.56
C TYR A 7 -0.07 -1.55 -8.14
N LEU A 8 0.60 -2.42 -8.90
CA LEU A 8 1.87 -2.09 -9.51
C LEU A 8 1.78 -0.84 -10.38
N ALA A 9 0.69 -0.65 -11.12
CA ALA A 9 0.51 0.55 -11.93
C ALA A 9 0.69 1.79 -11.06
N VAL A 10 -0.14 1.92 -10.04
CA VAL A 10 -0.22 3.12 -9.24
C VAL A 10 1.07 3.26 -8.42
N HIS A 11 1.65 2.16 -7.95
CA HIS A 11 2.94 2.22 -7.27
C HIS A 11 4.00 2.80 -8.21
N ASN A 12 4.18 2.16 -9.36
CA ASN A 12 5.18 2.56 -10.34
C ASN A 12 4.94 4.03 -10.68
N ASP A 13 3.70 4.43 -10.91
CA ASP A 13 3.36 5.85 -11.03
C ASP A 13 3.87 6.71 -9.90
N ALA A 14 3.34 6.51 -8.70
CA ALA A 14 3.69 7.30 -7.52
C ALA A 14 5.20 7.40 -7.33
N ARG A 15 5.93 6.33 -7.63
CA ARG A 15 7.38 6.29 -7.63
C ARG A 15 7.93 7.20 -8.73
N ALA A 16 7.45 7.05 -9.96
CA ALA A 16 7.84 7.90 -11.07
C ALA A 16 7.66 9.37 -10.72
N GLN A 17 6.55 9.73 -10.05
CA GLN A 17 6.28 11.10 -9.64
C GLN A 17 7.48 11.74 -8.92
N VAL A 18 8.23 10.96 -8.14
CA VAL A 18 9.40 11.42 -7.40
C VAL A 18 10.68 10.73 -7.90
N GLY A 19 10.68 10.23 -9.12
CA GLY A 19 11.85 9.67 -9.78
C GLY A 19 12.39 8.41 -9.12
N VAL A 20 11.57 7.70 -8.34
CA VAL A 20 11.98 6.49 -7.66
C VAL A 20 11.84 5.35 -8.68
N GLY A 21 12.76 4.39 -8.68
CA GLY A 21 12.71 3.24 -9.59
C GLY A 21 11.41 2.45 -9.41
N PRO A 22 11.02 1.61 -10.38
CA PRO A 22 9.75 0.88 -10.33
C PRO A 22 9.84 -0.25 -9.30
N MET A 23 8.95 -1.24 -9.36
CA MET A 23 8.94 -2.41 -8.49
C MET A 23 8.32 -3.58 -9.23
N SER A 24 8.32 -4.77 -8.63
CA SER A 24 7.81 -6.01 -9.20
C SER A 24 6.87 -6.71 -8.24
N TRP A 25 6.24 -7.78 -8.73
CA TRP A 25 5.26 -8.51 -7.96
C TRP A 25 5.98 -9.56 -7.10
N ASP A 26 5.27 -10.15 -6.14
CA ASP A 26 5.68 -11.35 -5.44
C ASP A 26 4.46 -12.22 -5.18
N ALA A 27 4.65 -13.53 -5.32
CA ALA A 27 3.67 -14.55 -4.98
C ALA A 27 3.50 -14.65 -3.47
N ASN A 28 4.61 -14.56 -2.74
CA ASN A 28 4.64 -14.92 -1.33
C ASN A 28 3.93 -13.84 -0.53
N LEU A 29 4.34 -12.59 -0.68
CA LEU A 29 3.67 -11.46 -0.05
C LEU A 29 2.19 -11.45 -0.41
N ALA A 30 1.87 -11.74 -1.67
CA ALA A 30 0.49 -11.79 -2.12
C ALA A 30 -0.26 -12.82 -1.28
N SER A 31 0.29 -14.02 -1.16
CA SER A 31 -0.32 -15.07 -0.37
C SER A 31 -0.55 -14.58 1.06
N ARG A 32 0.50 -14.08 1.70
CA ARG A 32 0.50 -13.52 3.04
C ARG A 32 -0.64 -12.51 3.19
N ALA A 33 -0.74 -11.56 2.27
CA ALA A 33 -1.68 -10.46 2.28
C ALA A 33 -3.11 -10.99 2.13
N GLN A 34 -3.33 -11.90 1.19
CA GLN A 34 -4.63 -12.48 0.90
C GLN A 34 -5.11 -13.25 2.13
N ASN A 35 -4.20 -14.03 2.72
CA ASN A 35 -4.40 -14.73 3.98
C ASN A 35 -4.75 -13.75 5.10
N TYR A 36 -3.95 -12.69 5.26
CA TYR A 36 -4.14 -11.72 6.32
C TYR A 36 -5.53 -11.11 6.20
N ALA A 37 -5.85 -10.64 4.99
CA ALA A 37 -7.15 -10.10 4.67
C ALA A 37 -8.23 -11.09 5.05
N ASN A 38 -8.08 -12.35 4.62
CA ASN A 38 -9.02 -13.43 4.97
C ASN A 38 -9.24 -13.50 6.46
N SER A 39 -8.15 -13.55 7.24
CA SER A 39 -8.26 -13.72 8.67
C SER A 39 -9.08 -12.57 9.28
N ARG A 40 -8.78 -11.33 8.89
CA ARG A 40 -9.47 -10.18 9.42
C ARG A 40 -10.89 -10.00 8.89
N ALA A 41 -11.17 -10.48 7.68
CA ALA A 41 -12.44 -10.29 6.98
C ALA A 41 -13.63 -10.51 7.90
N GLY A 42 -13.51 -11.51 8.78
CA GLY A 42 -14.39 -11.77 9.90
C GLY A 42 -15.10 -10.54 10.45
N ASP A 43 -14.36 -9.47 10.77
CA ASP A 43 -14.98 -8.17 11.07
C ASP A 43 -14.22 -7.03 10.38
N CYS A 44 -13.63 -7.29 9.22
CA CYS A 44 -12.95 -6.30 8.39
C CYS A 44 -11.61 -5.86 8.97
N ASN A 45 -11.63 -5.22 10.14
CA ASN A 45 -10.52 -4.94 11.04
C ASN A 45 -9.19 -4.53 10.38
N LEU A 46 -8.92 -3.23 10.29
CA LEU A 46 -7.61 -2.70 9.90
C LEU A 46 -6.55 -3.03 10.95
N ILE A 47 -5.98 -4.24 10.93
CA ILE A 47 -4.71 -4.56 11.61
C ILE A 47 -3.78 -5.05 10.51
N HIS A 48 -2.48 -4.80 10.63
CA HIS A 48 -1.47 -5.55 9.91
C HIS A 48 -0.23 -5.87 10.76
N SER A 49 0.02 -5.08 11.81
CA SER A 49 1.26 -5.02 12.57
C SER A 49 2.46 -4.75 11.65
N GLY A 50 2.95 -5.79 10.99
CA GLY A 50 4.16 -5.83 10.17
C GLY A 50 4.41 -4.51 9.44
N ALA A 51 5.60 -3.94 9.61
CA ALA A 51 5.93 -2.59 9.18
C ALA A 51 6.23 -2.51 7.68
N GLY A 52 5.42 -3.18 6.86
CA GLY A 52 5.41 -3.08 5.42
C GLY A 52 3.99 -2.78 4.94
N GLU A 53 2.96 -3.32 5.61
CA GLU A 53 1.68 -3.46 4.92
C GLU A 53 0.87 -2.17 4.92
N ASN A 54 0.12 -1.99 3.84
CA ASN A 54 -0.75 -0.86 3.55
C ASN A 54 -2.13 -1.47 3.25
N LEU A 55 -3.16 -1.04 3.96
CA LEU A 55 -4.48 -1.66 3.92
C LEU A 55 -5.50 -0.68 3.32
N ALA A 56 -6.64 -1.20 2.88
CA ALA A 56 -7.75 -0.38 2.44
C ALA A 56 -9.07 -1.09 2.70
N LYS A 57 -10.02 -0.41 3.35
CA LYS A 57 -11.41 -0.83 3.35
C LYS A 57 -12.10 -0.09 2.21
N GLY A 58 -13.18 -0.63 1.65
CA GLY A 58 -14.04 0.16 0.78
C GLY A 58 -15.27 -0.61 0.34
N GLY A 59 -16.07 0.01 -0.53
CA GLY A 59 -17.41 -0.43 -0.82
C GLY A 59 -17.45 -1.63 -1.77
N GLY A 60 -18.67 -1.99 -2.16
CA GLY A 60 -18.94 -3.05 -3.12
C GLY A 60 -18.08 -2.90 -4.38
N ASP A 61 -17.85 -1.68 -4.85
CA ASP A 61 -17.16 -1.41 -6.12
C ASP A 61 -15.65 -1.40 -6.08
N PHE A 62 -15.13 -1.58 -4.89
CA PHE A 62 -13.79 -1.17 -4.51
C PHE A 62 -12.69 -2.01 -5.15
N THR A 63 -11.78 -1.35 -5.87
CA THR A 63 -10.74 -1.97 -6.67
C THR A 63 -9.37 -1.84 -6.00
N GLY A 64 -8.39 -2.64 -6.44
CA GLY A 64 -7.02 -2.52 -5.97
C GLY A 64 -6.43 -1.18 -6.40
N ARG A 65 -6.65 -0.77 -7.65
CA ARG A 65 -6.19 0.53 -8.13
C ARG A 65 -6.74 1.60 -7.20
N ALA A 66 -8.04 1.59 -6.89
CA ALA A 66 -8.64 2.56 -5.98
C ALA A 66 -7.96 2.54 -4.61
N ALA A 67 -7.65 1.35 -4.09
CA ALA A 67 -6.93 1.25 -2.83
C ALA A 67 -5.58 1.98 -2.90
N VAL A 68 -4.74 1.68 -3.89
CA VAL A 68 -3.46 2.38 -3.97
C VAL A 68 -3.68 3.88 -4.18
N GLN A 69 -4.64 4.24 -5.02
CA GLN A 69 -5.05 5.61 -5.19
C GLN A 69 -5.40 6.25 -3.84
N LEU A 70 -6.01 5.50 -2.90
CA LEU A 70 -6.43 6.07 -1.64
C LEU A 70 -5.13 6.36 -0.85
N TRP A 71 -4.14 5.48 -0.99
CA TRP A 71 -2.82 5.66 -0.40
C TRP A 71 -2.07 6.84 -1.02
N VAL A 72 -2.27 7.11 -2.32
CA VAL A 72 -1.66 8.24 -2.99
C VAL A 72 -2.48 9.53 -2.73
N SER A 73 -3.72 9.42 -2.24
CA SER A 73 -4.50 10.59 -1.86
C SER A 73 -3.81 11.44 -0.78
N GLU A 74 -2.80 10.90 -0.11
CA GLU A 74 -1.92 11.64 0.77
C GLU A 74 -1.19 12.79 0.02
N ARG A 75 -1.31 12.87 -1.31
CA ARG A 75 -0.42 13.60 -2.22
C ARG A 75 0.15 14.87 -1.60
N PRO A 76 -0.63 15.94 -1.36
CA PRO A 76 -0.07 17.24 -1.04
C PRO A 76 0.67 17.27 0.29
N SER A 77 0.28 16.41 1.22
CA SER A 77 0.88 16.32 2.54
C SER A 77 2.14 15.44 2.52
N TYR A 78 2.34 14.63 1.49
CA TYR A 78 3.68 14.14 1.18
C TYR A 78 4.28 15.27 0.33
N ASN A 79 5.59 15.56 0.43
CA ASN A 79 6.11 16.77 -0.17
C ASN A 79 7.57 16.64 -0.59
N TYR A 80 7.77 16.27 -1.86
CA TYR A 80 9.07 16.17 -2.47
C TYR A 80 9.81 17.51 -2.46
N ALA A 81 9.12 18.64 -2.53
CA ALA A 81 9.75 19.92 -2.80
C ALA A 81 10.82 20.24 -1.76
N THR A 82 10.56 19.89 -0.51
CA THR A 82 11.51 20.01 0.58
C THR A 82 11.83 18.63 1.17
N ASN A 83 11.67 17.59 0.33
CA ASN A 83 11.94 16.18 0.60
C ASN A 83 11.51 15.76 2.00
N GLN A 84 10.24 15.99 2.36
CA GLN A 84 9.74 15.73 3.71
C GLN A 84 8.24 15.51 3.70
N CYS A 85 7.67 15.01 4.80
CA CYS A 85 6.23 14.87 4.96
C CYS A 85 5.70 16.04 5.76
N VAL A 86 4.71 16.73 5.24
CA VAL A 86 4.19 17.95 5.82
C VAL A 86 3.34 17.49 7.00
N GLY A 87 3.74 17.95 8.19
CA GLY A 87 3.06 17.76 9.45
C GLY A 87 2.68 16.29 9.76
N GLY A 88 3.42 15.33 9.21
CA GLY A 88 3.33 13.93 9.58
C GLY A 88 2.08 13.21 9.02
N LYS A 89 0.88 13.70 9.32
CA LYS A 89 -0.37 13.06 8.94
C LYS A 89 -0.68 13.27 7.46
N LYS A 90 -1.65 12.47 7.01
CA LYS A 90 -2.10 12.31 5.62
C LYS A 90 -0.90 12.32 4.67
N CYS A 91 0.15 11.62 5.07
CA CYS A 91 1.38 11.40 4.33
C CYS A 91 1.66 9.91 4.30
N ARG A 92 1.53 9.27 5.47
CA ARG A 92 2.10 7.96 5.70
C ARG A 92 1.17 6.87 5.18
N HIS A 93 0.97 6.84 3.87
CA HIS A 93 0.48 5.72 3.09
C HIS A 93 1.25 5.75 1.77
N TYR A 94 1.25 6.91 1.10
CA TYR A 94 2.10 7.19 -0.04
C TYR A 94 3.53 6.75 0.24
N THR A 95 4.03 7.01 1.45
CA THR A 95 5.39 6.62 1.83
C THR A 95 5.72 5.19 1.42
N GLN A 96 4.89 4.19 1.76
CA GLN A 96 5.16 2.82 1.34
C GLN A 96 5.04 2.70 -0.17
N VAL A 97 3.99 3.30 -0.75
CA VAL A 97 3.74 3.20 -2.17
C VAL A 97 4.99 3.65 -2.95
N VAL A 98 5.67 4.66 -2.43
CA VAL A 98 6.90 5.17 -2.97
C VAL A 98 8.12 4.38 -2.53
N TRP A 99 8.16 3.94 -1.27
CA TRP A 99 9.35 3.55 -0.51
C TRP A 99 10.40 2.89 -1.40
N ARG A 100 11.42 3.66 -1.77
CA ARG A 100 12.46 3.30 -2.72
C ARG A 100 13.00 1.91 -2.43
N ASN A 101 13.27 1.66 -1.16
CA ASN A 101 13.84 0.40 -0.69
C ASN A 101 12.91 -0.79 -0.91
N SER A 102 11.59 -0.57 -0.98
CA SER A 102 10.62 -1.65 -1.16
C SER A 102 10.53 -1.93 -2.65
N VAL A 103 10.60 -3.20 -3.04
CA VAL A 103 10.75 -3.59 -4.43
C VAL A 103 9.86 -4.75 -4.84
N ARG A 104 9.68 -5.68 -3.91
CA ARG A 104 8.77 -6.80 -4.03
C ARG A 104 7.44 -6.37 -3.44
N LEU A 105 6.35 -6.56 -4.17
CA LEU A 105 5.00 -6.23 -3.73
C LEU A 105 4.09 -7.42 -3.99
N GLY A 106 3.29 -7.82 -3.00
CA GLY A 106 2.24 -8.78 -3.24
C GLY A 106 1.02 -8.32 -2.46
N CYS A 107 -0.16 -8.36 -3.08
CA CYS A 107 -1.35 -7.75 -2.51
C CYS A 107 -2.51 -8.70 -2.63
N GLY A 108 -3.39 -8.64 -1.64
CA GLY A 108 -4.49 -9.55 -1.44
C GLY A 108 -5.77 -8.74 -1.33
N ARG A 109 -6.87 -9.46 -1.13
CA ARG A 109 -8.21 -8.91 -1.19
C ARG A 109 -9.13 -9.93 -0.55
N ALA A 110 -10.02 -9.51 0.34
CA ALA A 110 -11.00 -10.38 0.98
C ALA A 110 -12.24 -9.55 1.25
N ARG A 111 -13.45 -10.10 1.08
CA ARG A 111 -14.64 -9.32 1.33
C ARG A 111 -14.97 -9.43 2.82
N CYS A 112 -15.02 -8.30 3.50
CA CYS A 112 -15.37 -8.25 4.90
C CYS A 112 -16.79 -8.72 5.14
N ASN A 113 -17.01 -9.29 6.33
CA ASN A 113 -18.28 -9.86 6.72
C ASN A 113 -19.42 -8.84 6.56
N ASN A 114 -19.16 -7.57 6.86
CA ASN A 114 -20.16 -6.51 6.75
C ASN A 114 -20.63 -6.31 5.30
N GLY A 115 -19.74 -6.52 4.33
CA GLY A 115 -20.01 -6.32 2.92
C GLY A 115 -19.11 -5.26 2.27
N TRP A 116 -18.12 -4.72 2.97
CA TRP A 116 -17.04 -3.97 2.35
C TRP A 116 -16.02 -4.93 1.77
N TRP A 117 -15.29 -4.48 0.75
CA TRP A 117 -14.10 -5.15 0.28
C TRP A 117 -12.90 -4.63 1.07
N PHE A 118 -12.06 -5.55 1.55
CA PHE A 118 -10.79 -5.27 2.18
C PHE A 118 -9.69 -5.57 1.17
N ILE A 119 -8.70 -4.70 1.06
CA ILE A 119 -7.48 -4.92 0.32
C ILE A 119 -6.32 -4.80 1.31
N SER A 120 -5.30 -5.63 1.12
CA SER A 120 -4.01 -5.56 1.79
C SER A 120 -2.94 -5.53 0.72
N CYS A 121 -1.85 -4.78 0.91
CA CYS A 121 -0.62 -4.95 0.15
C CYS A 121 0.48 -5.16 1.18
N ASN A 122 1.34 -6.16 0.97
CA ASN A 122 2.53 -6.42 1.78
C ASN A 122 3.75 -6.34 0.86
N TYR A 123 4.92 -6.03 1.42
CA TYR A 123 6.11 -5.59 0.70
C TYR A 123 7.34 -6.31 1.24
N ASP A 124 8.32 -6.60 0.38
CA ASP A 124 9.67 -6.96 0.79
C ASP A 124 10.61 -5.93 0.14
N PRO A 125 11.61 -5.42 0.87
CA PRO A 125 11.69 -5.41 2.32
C PRO A 125 10.50 -4.68 2.94
N VAL A 126 10.44 -4.69 4.27
CA VAL A 126 9.51 -3.85 5.02
C VAL A 126 9.84 -2.38 4.76
N GLY A 127 8.83 -1.51 4.83
CA GLY A 127 8.93 -0.11 4.47
C GLY A 127 7.90 0.68 5.29
N ASN A 128 8.27 1.91 5.66
CA ASN A 128 7.71 2.70 6.77
C ASN A 128 8.46 2.35 8.06
N TRP A 129 9.56 1.61 7.92
CA TRP A 129 10.41 1.07 8.96
C TRP A 129 11.61 2.01 9.17
N ILE A 130 12.48 1.71 10.13
CA ILE A 130 13.71 2.45 10.39
C ILE A 130 14.79 2.14 9.35
N GLY A 131 15.85 2.94 9.30
CA GLY A 131 17.08 2.60 8.58
C GLY A 131 16.89 2.28 7.10
N GLN A 132 15.91 2.92 6.45
CA GLN A 132 15.69 2.89 5.03
C GLN A 132 15.13 4.25 4.66
N ARG A 133 15.11 4.60 3.37
CA ARG A 133 14.73 5.92 2.88
C ARG A 133 13.48 5.79 2.02
N PRO A 134 12.50 6.72 2.14
CA PRO A 134 11.31 6.67 1.32
C PRO A 134 11.64 7.04 -0.13
N TYR A 135 12.42 8.09 -0.37
CA TYR A 135 12.80 8.57 -1.69
C TYR A 135 13.97 9.53 -1.51
N GLN A 1 -8.74 -4.04 -12.14
CA GLN A 1 -8.41 -3.13 -11.02
C GLN A 1 -8.02 -3.90 -9.72
N ASN A 2 -7.50 -5.12 -9.80
CA ASN A 2 -6.90 -5.80 -8.66
C ASN A 2 -5.89 -6.88 -9.05
N SER A 3 -5.48 -6.94 -10.32
CA SER A 3 -4.48 -7.88 -10.78
C SER A 3 -3.10 -7.41 -10.29
N PRO A 4 -2.03 -8.20 -10.41
CA PRO A 4 -0.68 -7.76 -10.07
C PRO A 4 -0.39 -6.38 -10.65
N GLN A 5 -0.53 -6.29 -11.97
CA GLN A 5 -0.35 -5.11 -12.79
C GLN A 5 -1.16 -3.94 -12.22
N ASP A 6 -2.40 -4.18 -11.77
CA ASP A 6 -3.27 -3.09 -11.33
C ASP A 6 -2.63 -2.37 -10.16
N TYR A 7 -2.22 -3.12 -9.13
CA TYR A 7 -1.52 -2.53 -8.02
C TYR A 7 -0.21 -1.91 -8.52
N LEU A 8 0.59 -2.72 -9.19
CA LEU A 8 1.92 -2.35 -9.66
C LEU A 8 1.92 -1.03 -10.43
N ALA A 9 0.93 -0.82 -11.29
CA ALA A 9 0.84 0.35 -12.16
C ALA A 9 0.81 1.63 -11.35
N VAL A 10 -0.06 1.67 -10.33
CA VAL A 10 -0.27 2.87 -9.53
C VAL A 10 0.97 3.09 -8.66
N HIS A 11 1.54 2.01 -8.11
CA HIS A 11 2.82 2.08 -7.39
C HIS A 11 3.89 2.70 -8.29
N ASN A 12 4.02 2.17 -9.51
CA ASN A 12 5.05 2.58 -10.44
C ASN A 12 4.84 4.05 -10.77
N ASP A 13 3.60 4.45 -11.06
CA ASP A 13 3.23 5.84 -11.27
C ASP A 13 3.73 6.71 -10.14
N ALA A 14 3.28 6.40 -8.92
CA ALA A 14 3.60 7.19 -7.75
C ALA A 14 5.11 7.27 -7.53
N ARG A 15 5.83 6.16 -7.71
CA ARG A 15 7.28 6.17 -7.67
C ARG A 15 7.88 7.05 -8.76
N ALA A 16 7.35 6.97 -9.99
CA ALA A 16 7.80 7.79 -11.10
C ALA A 16 7.68 9.26 -10.72
N GLN A 17 6.60 9.65 -10.05
CA GLN A 17 6.38 11.01 -9.60
C GLN A 17 7.50 11.55 -8.70
N VAL A 18 8.28 10.69 -8.04
CA VAL A 18 9.44 11.08 -7.26
C VAL A 18 10.73 10.43 -7.78
N GLY A 19 10.67 9.79 -8.95
CA GLY A 19 11.80 9.15 -9.60
C GLY A 19 12.44 8.10 -8.69
N VAL A 20 11.60 7.25 -8.08
CA VAL A 20 12.08 6.10 -7.33
C VAL A 20 12.05 4.88 -8.24
N GLY A 21 13.04 3.99 -8.10
CA GLY A 21 13.12 2.75 -8.87
C GLY A 21 11.89 1.86 -8.65
N PRO A 22 11.48 1.08 -9.65
CA PRO A 22 10.24 0.33 -9.61
C PRO A 22 10.34 -0.92 -8.73
N MET A 23 9.25 -1.68 -8.69
CA MET A 23 9.09 -2.97 -8.06
C MET A 23 8.38 -3.89 -9.03
N SER A 24 8.39 -5.20 -8.76
CA SER A 24 7.58 -6.17 -9.44
C SER A 24 6.79 -6.95 -8.38
N TRP A 25 6.04 -7.97 -8.82
CA TRP A 25 5.21 -8.73 -7.91
C TRP A 25 6.12 -9.65 -7.08
N ASP A 26 5.53 -10.31 -6.09
CA ASP A 26 6.06 -11.50 -5.47
C ASP A 26 4.85 -12.33 -5.04
N ALA A 27 4.83 -13.61 -5.43
CA ALA A 27 3.75 -14.51 -5.10
C ALA A 27 3.68 -14.68 -3.59
N ASN A 28 4.83 -14.73 -2.91
CA ASN A 28 4.83 -15.00 -1.47
C ASN A 28 4.11 -13.86 -0.76
N LEU A 29 4.53 -12.62 -0.99
CA LEU A 29 3.85 -11.47 -0.42
C LEU A 29 2.37 -11.47 -0.80
N ALA A 30 2.04 -11.74 -2.06
CA ALA A 30 0.65 -11.74 -2.48
C ALA A 30 -0.16 -12.76 -1.69
N SER A 31 0.37 -13.98 -1.54
CA SER A 31 -0.26 -15.07 -0.85
C SER A 31 -0.60 -14.59 0.57
N ARG A 32 0.38 -13.96 1.21
CA ARG A 32 0.36 -13.48 2.57
C ARG A 32 -0.65 -12.34 2.73
N ALA A 33 -0.58 -11.31 1.91
CA ALA A 33 -1.48 -10.17 1.98
C ALA A 33 -2.93 -10.63 1.80
N GLN A 34 -3.14 -11.49 0.81
CA GLN A 34 -4.44 -12.04 0.52
C GLN A 34 -4.94 -12.93 1.66
N ASN A 35 -4.07 -13.80 2.18
CA ASN A 35 -4.39 -14.66 3.32
C ASN A 35 -4.77 -13.79 4.50
N TYR A 36 -3.93 -12.82 4.84
CA TYR A 36 -4.17 -11.88 5.92
C TYR A 36 -5.57 -11.28 5.79
N ALA A 37 -5.86 -10.66 4.64
CA ALA A 37 -7.19 -10.12 4.36
C ALA A 37 -8.26 -11.18 4.64
N ASN A 38 -8.07 -12.36 4.07
CA ASN A 38 -9.01 -13.49 4.15
C ASN A 38 -9.27 -13.87 5.60
N SER A 39 -8.25 -14.08 6.41
CA SER A 39 -8.42 -14.48 7.80
C SER A 39 -9.00 -13.34 8.64
N ARG A 40 -8.97 -12.10 8.15
CA ARG A 40 -9.70 -11.00 8.75
C ARG A 40 -11.10 -10.82 8.14
N ALA A 41 -11.54 -11.61 7.14
CA ALA A 41 -12.84 -11.46 6.49
C ALA A 41 -13.98 -11.85 7.44
N GLY A 42 -14.28 -10.95 8.37
CA GLY A 42 -15.12 -11.22 9.53
C GLY A 42 -14.81 -10.19 10.61
N ASP A 43 -13.52 -9.93 10.84
CA ASP A 43 -12.96 -9.04 11.84
C ASP A 43 -12.07 -8.13 11.02
N CYS A 44 -12.62 -7.51 9.98
CA CYS A 44 -11.76 -7.01 8.91
C CYS A 44 -11.02 -5.79 9.44
N ASN A 45 -11.80 -4.93 10.08
CA ASN A 45 -11.34 -3.85 10.95
C ASN A 45 -10.03 -3.18 10.53
N LEU A 46 -10.08 -2.07 9.78
CA LEU A 46 -8.92 -1.23 9.48
C LEU A 46 -8.10 -0.87 10.71
N ILE A 47 -7.17 -1.76 11.06
CA ILE A 47 -6.19 -1.67 12.12
C ILE A 47 -4.91 -2.11 11.43
N HIS A 48 -3.90 -1.23 11.34
CA HIS A 48 -2.66 -1.52 10.64
C HIS A 48 -1.48 -1.41 11.59
N SER A 49 -0.62 -2.43 11.57
CA SER A 49 0.75 -2.34 12.06
C SER A 49 1.41 -1.08 11.50
N GLY A 50 1.30 -0.93 10.18
CA GLY A 50 2.12 -0.03 9.41
C GLY A 50 3.25 -0.91 8.91
N ALA A 51 4.48 -0.65 9.32
CA ALA A 51 5.63 -1.46 8.90
C ALA A 51 5.56 -1.65 7.40
N GLY A 52 5.78 -2.87 6.95
CA GLY A 52 5.69 -3.25 5.56
C GLY A 52 4.28 -3.75 5.22
N GLU A 53 3.26 -2.99 5.61
CA GLU A 53 1.88 -3.13 5.17
C GLU A 53 1.29 -1.75 4.89
N ASN A 54 0.17 -1.70 4.16
CA ASN A 54 -0.73 -0.56 4.10
C ASN A 54 -2.12 -1.08 3.69
N LEU A 55 -3.17 -0.43 4.20
CA LEU A 55 -4.53 -0.94 4.08
C LEU A 55 -5.44 0.08 3.42
N ALA A 56 -6.48 -0.40 2.73
CA ALA A 56 -7.68 0.35 2.40
C ALA A 56 -8.87 -0.46 2.91
N LYS A 57 -9.95 0.22 3.31
CA LYS A 57 -11.24 -0.45 3.44
C LYS A 57 -11.89 -0.48 2.06
N GLY A 58 -13.21 -0.61 2.00
CA GLY A 58 -13.93 -0.38 0.77
C GLY A 58 -15.41 -0.07 0.96
N GLY A 59 -16.26 -0.74 0.18
CA GLY A 59 -17.69 -0.47 0.14
C GLY A 59 -18.40 -1.69 -0.44
N GLY A 60 -18.95 -1.59 -1.64
CA GLY A 60 -19.75 -2.64 -2.24
C GLY A 60 -18.88 -3.54 -3.10
N ASP A 61 -17.96 -2.94 -3.85
CA ASP A 61 -17.17 -3.63 -4.88
C ASP A 61 -15.76 -3.07 -4.96
N PHE A 62 -15.28 -2.49 -3.87
CA PHE A 62 -14.10 -1.65 -3.87
C PHE A 62 -12.87 -2.40 -4.40
N THR A 63 -12.00 -1.70 -5.13
CA THR A 63 -10.93 -2.32 -5.89
C THR A 63 -9.54 -2.10 -5.29
N GLY A 64 -8.59 -2.89 -5.75
CA GLY A 64 -7.19 -2.75 -5.37
C GLY A 64 -6.59 -1.49 -5.98
N ARG A 65 -6.96 -1.20 -7.23
CA ARG A 65 -6.60 0.03 -7.90
C ARG A 65 -7.02 1.21 -7.01
N ALA A 66 -8.30 1.25 -6.63
CA ALA A 66 -8.80 2.24 -5.68
C ALA A 66 -8.03 2.21 -4.37
N ALA A 67 -7.62 1.03 -3.88
CA ALA A 67 -6.82 0.94 -2.67
C ALA A 67 -5.51 1.71 -2.81
N VAL A 68 -4.70 1.40 -3.83
CA VAL A 68 -3.46 2.14 -4.04
C VAL A 68 -3.76 3.62 -4.20
N GLN A 69 -4.80 3.93 -4.94
CA GLN A 69 -5.24 5.29 -5.12
C GLN A 69 -5.59 5.94 -3.77
N LEU A 70 -6.18 5.20 -2.82
CA LEU A 70 -6.58 5.75 -1.53
C LEU A 70 -5.29 6.03 -0.77
N TRP A 71 -4.27 5.19 -0.95
CA TRP A 71 -2.97 5.41 -0.37
C TRP A 71 -2.35 6.69 -0.94
N VAL A 72 -2.30 6.81 -2.27
CA VAL A 72 -1.74 7.93 -2.99
C VAL A 72 -2.54 9.24 -2.74
N SER A 73 -3.72 9.17 -2.14
CA SER A 73 -4.49 10.35 -1.76
C SER A 73 -3.73 11.34 -0.86
N GLU A 74 -2.63 10.94 -0.20
CA GLU A 74 -1.78 11.85 0.55
C GLU A 74 -0.93 12.79 -0.34
N ARG A 75 -1.19 12.82 -1.66
CA ARG A 75 -0.61 13.75 -2.63
C ARG A 75 -0.31 15.17 -2.08
N PRO A 76 -1.28 15.89 -1.48
CA PRO A 76 -1.05 17.27 -1.07
C PRO A 76 -0.19 17.37 0.19
N SER A 77 0.29 16.27 0.75
CA SER A 77 1.14 16.28 1.93
C SER A 77 2.48 15.63 1.63
N TYR A 78 2.54 14.61 0.78
CA TYR A 78 3.84 14.06 0.44
C TYR A 78 4.33 15.00 -0.65
N ASN A 79 5.58 15.45 -0.51
CA ASN A 79 6.23 16.25 -1.53
C ASN A 79 7.72 15.95 -1.38
N TYR A 80 8.51 15.91 -2.45
CA TYR A 80 9.91 15.58 -2.32
C TYR A 80 10.62 16.87 -1.93
N ALA A 81 11.94 16.89 -2.12
CA ALA A 81 12.84 18.00 -1.85
C ALA A 81 13.22 17.94 -0.37
N THR A 82 12.18 17.81 0.45
CA THR A 82 12.17 17.82 1.88
C THR A 82 12.26 16.39 2.43
N ASN A 83 11.85 15.41 1.61
CA ASN A 83 11.78 14.01 1.98
C ASN A 83 10.72 13.81 3.09
N GLN A 84 9.66 14.61 3.11
CA GLN A 84 8.72 14.65 4.23
C GLN A 84 7.27 14.78 3.76
N CYS A 85 6.35 14.72 4.73
CA CYS A 85 4.91 14.72 4.52
C CYS A 85 4.26 16.07 4.85
N VAL A 86 5.03 17.17 4.76
CA VAL A 86 4.56 18.56 4.92
C VAL A 86 3.88 18.69 6.31
N GLY A 87 3.22 19.79 6.61
CA GLY A 87 2.20 19.84 7.66
C GLY A 87 0.90 19.34 7.06
N GLY A 88 0.87 18.07 6.73
CA GLY A 88 -0.33 17.40 6.28
C GLY A 88 -0.96 16.71 7.47
N LYS A 89 -1.79 15.75 7.14
CA LYS A 89 -2.54 14.95 8.09
C LYS A 89 -2.01 13.52 8.04
N LYS A 90 -2.72 12.56 8.63
CA LYS A 90 -2.17 11.21 8.76
C LYS A 90 -1.97 10.61 7.37
N CYS A 91 -0.71 10.44 6.97
CA CYS A 91 -0.30 10.00 5.64
C CYS A 91 -0.13 8.49 5.74
N ARG A 92 1.09 8.05 6.09
CA ARG A 92 1.43 6.66 6.28
C ARG A 92 0.83 5.76 5.21
N HIS A 93 0.93 6.15 3.94
CA HIS A 93 0.35 5.44 2.83
C HIS A 93 1.21 5.63 1.58
N TYR A 94 1.20 6.83 0.98
CA TYR A 94 2.01 7.09 -0.22
C TYR A 94 3.46 6.76 0.10
N THR A 95 3.93 7.13 1.28
CA THR A 95 5.22 6.69 1.82
C THR A 95 5.52 5.27 1.37
N GLN A 96 4.63 4.34 1.74
CA GLN A 96 4.88 2.94 1.51
C GLN A 96 4.74 2.58 0.04
N VAL A 97 3.76 3.17 -0.63
CA VAL A 97 3.58 2.98 -2.05
C VAL A 97 4.84 3.41 -2.80
N VAL A 98 5.55 4.41 -2.30
CA VAL A 98 6.79 4.95 -2.86
C VAL A 98 8.06 4.21 -2.44
N TRP A 99 7.97 3.36 -1.43
CA TRP A 99 9.10 2.92 -0.64
C TRP A 99 10.20 2.31 -1.51
N ARG A 100 11.27 3.06 -1.78
CA ARG A 100 12.38 2.66 -2.64
C ARG A 100 12.85 1.27 -2.25
N ASN A 101 13.05 1.06 -0.94
CA ASN A 101 13.60 -0.18 -0.43
C ASN A 101 12.71 -1.38 -0.73
N SER A 102 11.38 -1.22 -0.81
CA SER A 102 10.53 -2.37 -1.01
C SER A 102 10.50 -2.68 -2.50
N VAL A 103 11.43 -3.51 -2.93
CA VAL A 103 11.53 -3.95 -4.30
C VAL A 103 10.79 -5.28 -4.46
N ARG A 104 9.78 -5.52 -3.62
CA ARG A 104 8.88 -6.65 -3.67
C ARG A 104 7.50 -6.06 -3.44
N LEU A 105 6.44 -6.70 -3.96
CA LEU A 105 5.08 -6.25 -3.74
C LEU A 105 4.14 -7.44 -3.83
N GLY A 106 2.99 -7.33 -3.18
CA GLY A 106 2.04 -8.43 -3.08
C GLY A 106 0.82 -7.95 -2.31
N CYS A 107 -0.27 -7.71 -3.03
CA CYS A 107 -1.44 -7.01 -2.54
C CYS A 107 -2.67 -7.90 -2.72
N GLY A 108 -3.50 -8.00 -1.68
CA GLY A 108 -4.65 -8.90 -1.64
C GLY A 108 -5.96 -8.15 -1.78
N ARG A 109 -7.10 -8.82 -1.56
CA ARG A 109 -8.42 -8.21 -1.49
C ARG A 109 -9.36 -9.25 -0.86
N ALA A 110 -9.96 -8.96 0.28
CA ALA A 110 -11.03 -9.78 0.84
C ALA A 110 -12.19 -8.85 1.17
N ARG A 111 -13.40 -9.38 1.35
CA ARG A 111 -14.55 -8.56 1.69
C ARG A 111 -14.74 -8.56 3.20
N CYS A 112 -15.34 -7.50 3.75
CA CYS A 112 -15.63 -7.39 5.17
C CYS A 112 -17.09 -7.71 5.43
N ASN A 113 -17.33 -8.56 6.43
CA ASN A 113 -18.67 -8.75 6.98
C ASN A 113 -19.23 -7.43 7.51
N ASN A 114 -18.35 -6.48 7.85
CA ASN A 114 -18.76 -5.15 8.27
C ASN A 114 -19.49 -4.41 7.14
N GLY A 115 -19.47 -4.94 5.91
CA GLY A 115 -20.17 -4.42 4.75
C GLY A 115 -19.16 -4.06 3.67
N TRP A 116 -18.06 -3.43 4.08
CA TRP A 116 -17.04 -2.88 3.22
C TRP A 116 -16.15 -3.98 2.63
N TRP A 117 -14.97 -3.62 2.12
CA TRP A 117 -13.92 -4.55 1.74
C TRP A 117 -12.67 -4.23 2.54
N PHE A 118 -11.71 -5.16 2.54
CA PHE A 118 -10.38 -5.02 3.13
C PHE A 118 -9.36 -5.33 2.05
N ILE A 119 -8.54 -4.36 1.68
CA ILE A 119 -7.31 -4.63 0.97
C ILE A 119 -6.19 -4.44 1.97
N SER A 120 -5.40 -5.48 2.21
CA SER A 120 -4.07 -5.37 2.77
C SER A 120 -3.08 -5.46 1.62
N CYS A 121 -1.88 -4.96 1.83
CA CYS A 121 -0.81 -5.17 0.87
C CYS A 121 0.54 -5.13 1.56
N ASN A 122 1.25 -6.25 1.51
CA ASN A 122 2.46 -6.43 2.28
C ASN A 122 3.65 -6.08 1.39
N TYR A 123 4.73 -5.63 2.02
CA TYR A 123 5.94 -5.13 1.38
C TYR A 123 7.13 -5.73 2.11
N ASP A 124 8.11 -6.24 1.38
CA ASP A 124 9.37 -6.74 1.93
C ASP A 124 10.51 -5.93 1.33
N PRO A 125 11.55 -5.53 2.09
CA PRO A 125 11.64 -5.55 3.54
C PRO A 125 10.69 -4.52 4.16
N VAL A 126 10.68 -4.39 5.50
CA VAL A 126 9.66 -3.59 6.17
C VAL A 126 9.67 -2.13 5.75
N GLY A 127 8.50 -1.52 5.89
CA GLY A 127 8.13 -0.27 5.28
C GLY A 127 7.89 0.84 6.30
N ASN A 128 7.76 2.07 5.79
CA ASN A 128 7.46 3.30 6.54
C ASN A 128 8.52 3.67 7.59
N TRP A 129 9.57 2.87 7.66
CA TRP A 129 10.47 2.71 8.78
C TRP A 129 11.75 3.54 8.68
N ILE A 130 12.32 3.88 9.84
CA ILE A 130 13.60 4.56 9.95
C ILE A 130 14.72 3.77 9.29
N GLY A 131 15.85 4.41 9.01
CA GLY A 131 17.01 3.74 8.44
C GLY A 131 16.87 3.54 6.93
N GLN A 132 15.70 3.05 6.49
CA GLN A 132 15.50 2.63 5.12
C GLN A 132 15.16 3.85 4.27
N ARG A 133 14.15 4.65 4.67
CA ARG A 133 13.73 5.88 4.02
C ARG A 133 12.88 5.61 2.75
N PRO A 134 11.81 6.39 2.53
CA PRO A 134 10.88 6.18 1.44
C PRO A 134 11.48 6.51 0.08
N TYR A 135 12.03 7.71 -0.07
CA TYR A 135 12.49 8.29 -1.32
C TYR A 135 13.72 9.14 -1.01
N GLN A 1 -10.17 -4.40 -11.61
CA GLN A 1 -9.19 -3.33 -11.37
C GLN A 1 -8.40 -3.66 -10.10
N ASN A 2 -7.73 -4.81 -10.12
CA ASN A 2 -6.91 -5.26 -8.98
C ASN A 2 -5.68 -6.02 -9.47
N SER A 3 -5.79 -7.29 -9.85
CA SER A 3 -4.72 -7.98 -10.59
C SER A 3 -3.37 -7.88 -9.84
N PRO A 4 -2.23 -8.05 -10.54
CA PRO A 4 -0.95 -7.57 -10.10
C PRO A 4 -0.71 -6.16 -10.65
N GLN A 5 -0.78 -6.03 -11.99
CA GLN A 5 -0.36 -4.83 -12.70
C GLN A 5 -1.18 -3.62 -12.29
N ASP A 6 -2.49 -3.75 -12.10
CA ASP A 6 -3.29 -2.59 -11.74
C ASP A 6 -2.79 -1.95 -10.43
N TYR A 7 -2.29 -2.72 -9.45
CA TYR A 7 -1.58 -2.09 -8.34
C TYR A 7 -0.23 -1.57 -8.80
N LEU A 8 0.59 -2.45 -9.38
CA LEU A 8 1.99 -2.17 -9.65
C LEU A 8 2.18 -0.92 -10.49
N ALA A 9 1.37 -0.74 -11.51
CA ALA A 9 1.35 0.43 -12.35
C ALA A 9 1.25 1.70 -11.49
N VAL A 10 0.21 1.77 -10.64
CA VAL A 10 -0.01 2.94 -9.81
C VAL A 10 1.20 3.14 -8.88
N HIS A 11 1.77 2.06 -8.32
CA HIS A 11 2.98 2.18 -7.52
C HIS A 11 4.11 2.78 -8.33
N ASN A 12 4.36 2.24 -9.52
CA ASN A 12 5.49 2.61 -10.34
C ASN A 12 5.32 4.06 -10.81
N ASP A 13 4.09 4.51 -11.08
CA ASP A 13 3.77 5.93 -11.10
C ASP A 13 4.21 6.66 -9.83
N ALA A 14 3.57 6.34 -8.70
CA ALA A 14 3.78 7.02 -7.44
C ALA A 14 5.27 7.15 -7.10
N ARG A 15 6.05 6.14 -7.46
CA ARG A 15 7.49 6.10 -7.27
C ARG A 15 8.16 7.00 -8.31
N ALA A 16 7.84 6.85 -9.59
CA ALA A 16 8.31 7.73 -10.65
C ALA A 16 8.14 9.20 -10.28
N GLN A 17 6.98 9.57 -9.74
CA GLN A 17 6.67 10.94 -9.31
C GLN A 17 7.83 11.55 -8.54
N VAL A 18 8.29 10.86 -7.51
CA VAL A 18 9.34 11.34 -6.62
C VAL A 18 10.70 10.79 -7.01
N GLY A 19 10.84 10.24 -8.22
CA GLY A 19 12.09 9.68 -8.67
C GLY A 19 12.59 8.60 -7.72
N VAL A 20 11.73 7.62 -7.41
CA VAL A 20 12.04 6.45 -6.63
C VAL A 20 12.05 5.26 -7.59
N GLY A 21 12.97 4.31 -7.40
CA GLY A 21 13.04 3.10 -8.20
C GLY A 21 11.71 2.34 -8.23
N PRO A 22 11.46 1.49 -9.22
CA PRO A 22 10.21 0.77 -9.37
C PRO A 22 10.05 -0.29 -8.28
N MET A 23 9.12 -1.22 -8.50
CA MET A 23 8.98 -2.46 -7.79
C MET A 23 8.40 -3.49 -8.75
N SER A 24 8.39 -4.76 -8.35
CA SER A 24 7.75 -5.86 -9.04
C SER A 24 6.85 -6.64 -8.09
N TRP A 25 6.17 -7.62 -8.67
CA TRP A 25 5.27 -8.46 -7.89
C TRP A 25 6.09 -9.46 -7.10
N ASP A 26 5.51 -9.97 -6.02
CA ASP A 26 5.89 -11.21 -5.37
C ASP A 26 4.60 -11.92 -4.97
N ALA A 27 4.33 -13.08 -5.56
CA ALA A 27 3.13 -13.84 -5.27
C ALA A 27 3.11 -14.29 -3.82
N ASN A 28 4.26 -14.44 -3.16
CA ASN A 28 4.32 -14.85 -1.77
C ASN A 28 3.70 -13.75 -0.92
N LEU A 29 4.05 -12.50 -1.22
CA LEU A 29 3.44 -11.37 -0.55
C LEU A 29 1.95 -11.35 -0.83
N ALA A 30 1.55 -11.54 -2.09
CA ALA A 30 0.15 -11.56 -2.44
C ALA A 30 -0.59 -12.61 -1.58
N SER A 31 -0.06 -13.82 -1.55
CA SER A 31 -0.62 -14.93 -0.80
C SER A 31 -0.74 -14.51 0.67
N ARG A 32 0.34 -14.01 1.25
CA ARG A 32 0.41 -13.64 2.65
C ARG A 32 -0.63 -12.56 2.97
N ALA A 33 -0.72 -11.52 2.13
CA ALA A 33 -1.66 -10.43 2.31
C ALA A 33 -3.09 -10.98 2.33
N GLN A 34 -3.44 -11.73 1.29
CA GLN A 34 -4.75 -12.34 1.16
C GLN A 34 -5.04 -13.20 2.39
N ASN A 35 -4.07 -14.00 2.81
CA ASN A 35 -4.20 -14.91 3.94
C ASN A 35 -4.40 -14.15 5.25
N TYR A 36 -3.62 -13.11 5.48
CA TYR A 36 -3.72 -12.28 6.68
C TYR A 36 -5.14 -11.75 6.79
N ALA A 37 -5.63 -11.14 5.70
CA ALA A 37 -6.99 -10.62 5.60
C ALA A 37 -7.99 -11.73 5.91
N ASN A 38 -7.91 -12.83 5.15
CA ASN A 38 -8.81 -13.97 5.25
C ASN A 38 -8.90 -14.46 6.69
N SER A 39 -7.75 -14.60 7.35
CA SER A 39 -7.74 -15.08 8.71
C SER A 39 -8.56 -14.12 9.58
N ARG A 40 -8.29 -12.83 9.45
CA ARG A 40 -8.83 -11.79 10.29
C ARG A 40 -10.10 -11.20 9.66
N ALA A 41 -11.05 -12.04 9.26
CA ALA A 41 -12.23 -11.61 8.54
C ALA A 41 -13.20 -10.81 9.40
N GLY A 42 -13.48 -11.29 10.61
CA GLY A 42 -14.56 -10.74 11.41
C GLY A 42 -14.16 -9.46 12.15
N ASP A 43 -12.92 -8.99 12.03
CA ASP A 43 -12.38 -7.90 12.84
C ASP A 43 -11.98 -6.76 11.93
N CYS A 44 -11.01 -7.03 11.07
CA CYS A 44 -10.54 -6.14 10.02
C CYS A 44 -10.27 -4.73 10.54
N ASN A 45 -9.66 -4.63 11.71
CA ASN A 45 -9.14 -3.36 12.21
C ASN A 45 -7.93 -2.97 11.36
N LEU A 46 -7.81 -1.72 10.93
CA LEU A 46 -6.72 -1.31 10.04
C LEU A 46 -5.42 -1.09 10.82
N ILE A 47 -4.87 -2.14 11.43
CA ILE A 47 -3.66 -2.09 12.24
C ILE A 47 -2.52 -2.88 11.57
N HIS A 48 -2.84 -4.07 11.08
CA HIS A 48 -1.86 -5.10 10.74
C HIS A 48 -1.07 -5.51 11.98
N SER A 49 0.01 -6.27 11.80
CA SER A 49 1.02 -6.55 12.80
C SER A 49 2.37 -6.60 12.08
N GLY A 50 2.70 -5.56 11.33
CA GLY A 50 3.94 -5.50 10.58
C GLY A 50 3.99 -4.21 9.77
N ALA A 51 5.05 -3.40 9.97
CA ALA A 51 5.30 -2.21 9.18
C ALA A 51 5.86 -2.66 7.83
N GLY A 52 4.99 -3.02 6.90
CA GLY A 52 5.36 -3.41 5.55
C GLY A 52 4.11 -3.67 4.74
N GLU A 53 3.09 -2.82 4.90
CA GLU A 53 1.76 -3.00 4.36
C GLU A 53 1.02 -1.66 4.22
N ASN A 54 0.01 -1.63 3.36
CA ASN A 54 -1.04 -0.62 3.31
C ASN A 54 -2.33 -1.42 3.28
N LEU A 55 -3.29 -1.04 4.13
CA LEU A 55 -4.63 -1.61 4.14
C LEU A 55 -5.60 -0.56 3.61
N ALA A 56 -6.76 -1.00 3.14
CA ALA A 56 -7.83 -0.11 2.73
C ALA A 56 -9.14 -0.87 2.78
N LYS A 57 -10.03 -0.55 3.73
CA LYS A 57 -11.41 -0.97 3.66
C LYS A 57 -12.09 0.01 2.71
N GLY A 58 -13.21 -0.39 2.09
CA GLY A 58 -13.97 0.54 1.27
C GLY A 58 -15.36 0.05 0.93
N GLY A 59 -15.39 -1.23 0.64
CA GLY A 59 -16.62 -1.93 0.29
C GLY A 59 -17.20 -1.44 -1.03
N GLY A 60 -18.44 -1.82 -1.30
CA GLY A 60 -19.08 -1.60 -2.57
C GLY A 60 -18.31 -2.36 -3.66
N ASP A 61 -17.64 -1.63 -4.54
CA ASP A 61 -16.82 -2.15 -5.63
C ASP A 61 -15.42 -1.55 -5.60
N PHE A 62 -15.01 -1.06 -4.43
CA PHE A 62 -13.79 -0.31 -4.22
C PHE A 62 -12.60 -1.11 -4.74
N THR A 63 -11.94 -0.60 -5.78
CA THR A 63 -10.98 -1.35 -6.55
C THR A 63 -9.61 -1.31 -5.86
N GLY A 64 -8.74 -2.28 -6.17
CA GLY A 64 -7.39 -2.23 -5.64
C GLY A 64 -6.62 -1.09 -6.29
N ARG A 65 -6.85 -0.87 -7.58
CA ARG A 65 -6.29 0.26 -8.31
C ARG A 65 -6.64 1.56 -7.56
N ALA A 66 -7.95 1.79 -7.34
CA ALA A 66 -8.43 2.95 -6.60
C ALA A 66 -7.80 2.97 -5.21
N ALA A 67 -7.59 1.82 -4.58
CA ALA A 67 -6.92 1.80 -3.29
C ALA A 67 -5.51 2.39 -3.39
N VAL A 68 -4.65 1.91 -4.29
CA VAL A 68 -3.34 2.53 -4.44
C VAL A 68 -3.48 4.02 -4.75
N GLN A 69 -4.35 4.36 -5.68
CA GLN A 69 -4.65 5.74 -5.99
C GLN A 69 -5.04 6.50 -4.72
N LEU A 70 -5.79 5.89 -3.81
CA LEU A 70 -6.26 6.53 -2.60
C LEU A 70 -5.04 6.74 -1.71
N TRP A 71 -4.12 5.77 -1.69
CA TRP A 71 -2.84 5.88 -1.00
C TRP A 71 -1.96 6.98 -1.59
N VAL A 72 -2.14 7.33 -2.86
CA VAL A 72 -1.44 8.45 -3.50
C VAL A 72 -2.19 9.77 -3.25
N SER A 73 -3.48 9.73 -2.93
CA SER A 73 -4.22 10.92 -2.57
C SER A 73 -3.57 11.75 -1.47
N GLU A 74 -2.65 11.19 -0.68
CA GLU A 74 -1.86 11.95 0.30
C GLU A 74 -0.93 13.00 -0.35
N ARG A 75 -1.04 13.26 -1.66
CA ARG A 75 -0.40 14.33 -2.39
C ARG A 75 -0.22 15.67 -1.64
N PRO A 76 -1.23 16.25 -0.96
CA PRO A 76 -1.07 17.52 -0.25
C PRO A 76 -0.43 17.34 1.13
N SER A 77 0.13 16.18 1.46
CA SER A 77 0.69 15.90 2.76
C SER A 77 2.04 15.20 2.69
N TYR A 78 2.27 14.35 1.69
CA TYR A 78 3.62 13.93 1.39
C TYR A 78 4.19 15.04 0.50
N ASN A 79 5.42 15.47 0.72
CA ASN A 79 5.98 16.57 -0.05
C ASN A 79 7.51 16.46 -0.04
N TYR A 80 8.19 16.64 -1.17
CA TYR A 80 9.62 16.34 -1.24
C TYR A 80 10.38 17.23 -0.26
N ALA A 81 10.09 18.54 -0.25
CA ALA A 81 10.77 19.55 0.57
C ALA A 81 11.05 19.11 2.01
N THR A 82 10.12 18.38 2.63
CA THR A 82 10.23 18.01 4.03
C THR A 82 10.89 16.64 4.16
N ASN A 83 10.82 15.84 3.09
CA ASN A 83 11.32 14.47 3.01
C ASN A 83 10.64 13.54 4.03
N GLN A 84 9.51 13.99 4.56
CA GLN A 84 8.65 13.25 5.45
C GLN A 84 7.28 13.89 5.33
N CYS A 85 6.24 13.21 5.83
CA CYS A 85 4.91 13.79 5.83
C CYS A 85 4.86 15.14 6.54
N VAL A 86 4.12 16.07 5.94
CA VAL A 86 3.89 17.41 6.43
C VAL A 86 3.06 17.28 7.70
N GLY A 87 3.38 18.04 8.73
CA GLY A 87 2.67 18.13 10.00
C GLY A 87 2.25 16.74 10.52
N GLY A 88 0.95 16.45 10.49
CA GLY A 88 0.40 15.20 10.97
C GLY A 88 -0.97 14.96 10.36
N LYS A 89 -1.03 14.90 9.03
CA LYS A 89 -2.26 14.49 8.36
C LYS A 89 -2.42 12.98 8.55
N LYS A 90 -3.62 12.47 8.24
CA LYS A 90 -3.78 11.05 7.98
C LYS A 90 -3.27 10.80 6.57
N CYS A 91 -1.95 10.88 6.47
CA CYS A 91 -1.16 10.55 5.33
C CYS A 91 -0.75 9.10 5.54
N ARG A 92 0.52 8.83 5.82
CA ARG A 92 1.01 7.53 6.25
C ARG A 92 0.96 6.41 5.20
N HIS A 93 0.07 6.48 4.22
CA HIS A 93 -0.08 5.46 3.19
C HIS A 93 0.96 5.64 2.10
N TYR A 94 1.00 6.79 1.41
CA TYR A 94 1.97 7.04 0.34
C TYR A 94 3.39 6.64 0.72
N THR A 95 3.81 6.97 1.94
CA THR A 95 5.14 6.67 2.44
C THR A 95 5.50 5.19 2.30
N GLN A 96 4.53 4.28 2.43
CA GLN A 96 4.75 2.88 2.18
C GLN A 96 4.92 2.61 0.68
N VAL A 97 3.97 3.12 -0.11
CA VAL A 97 3.88 2.88 -1.54
C VAL A 97 5.22 3.24 -2.17
N VAL A 98 5.69 4.43 -1.80
CA VAL A 98 6.91 5.02 -2.29
C VAL A 98 8.16 4.54 -1.55
N TRP A 99 8.02 3.61 -0.59
CA TRP A 99 9.16 3.17 0.21
C TRP A 99 10.25 2.61 -0.70
N ARG A 100 11.38 3.31 -0.81
CA ARG A 100 12.37 2.99 -1.81
C ARG A 100 13.14 1.71 -1.47
N ASN A 101 13.20 1.33 -0.19
CA ASN A 101 13.87 0.09 0.19
C ASN A 101 13.11 -1.14 -0.33
N SER A 102 11.78 -1.08 -0.36
CA SER A 102 10.99 -2.23 -0.78
C SER A 102 10.92 -2.25 -2.30
N VAL A 103 11.14 -3.42 -2.90
CA VAL A 103 11.07 -3.60 -4.34
C VAL A 103 10.10 -4.73 -4.70
N ARG A 104 9.58 -5.46 -3.72
CA ARG A 104 8.53 -6.44 -3.90
C ARG A 104 7.21 -5.79 -3.51
N LEU A 105 6.12 -6.28 -4.09
CA LEU A 105 4.76 -5.91 -3.72
C LEU A 105 3.85 -7.08 -4.03
N GLY A 106 2.72 -7.15 -3.37
CA GLY A 106 1.83 -8.31 -3.48
C GLY A 106 0.56 -8.08 -2.68
N CYS A 107 -0.59 -8.15 -3.36
CA CYS A 107 -1.84 -7.62 -2.84
C CYS A 107 -2.85 -8.73 -2.64
N GLY A 108 -3.84 -8.47 -1.79
CA GLY A 108 -4.81 -9.44 -1.33
C GLY A 108 -6.20 -8.80 -1.23
N ARG A 109 -7.17 -9.57 -0.77
CA ARG A 109 -8.56 -9.21 -0.71
C ARG A 109 -9.24 -10.21 0.21
N ALA A 110 -10.06 -9.74 1.15
CA ALA A 110 -11.06 -10.55 1.82
C ALA A 110 -12.29 -9.67 1.96
N ARG A 111 -13.49 -10.23 1.86
CA ARG A 111 -14.70 -9.49 2.18
C ARG A 111 -15.04 -9.74 3.65
N CYS A 112 -14.62 -8.81 4.49
CA CYS A 112 -14.91 -8.81 5.92
C CYS A 112 -16.37 -8.49 6.20
N ASN A 113 -16.69 -8.44 7.49
CA ASN A 113 -17.88 -7.77 8.00
C ASN A 113 -17.68 -6.27 7.82
N ASN A 114 -17.21 -5.58 8.87
CA ASN A 114 -17.09 -4.12 8.85
C ASN A 114 -15.92 -3.64 7.99
N GLY A 115 -15.07 -4.55 7.51
CA GLY A 115 -14.01 -4.17 6.60
C GLY A 115 -14.52 -4.14 5.15
N TRP A 116 -15.76 -4.60 4.91
CA TRP A 116 -16.32 -4.82 3.60
C TRP A 116 -15.24 -5.43 2.70
N TRP A 117 -14.88 -4.79 1.59
CA TRP A 117 -13.79 -5.23 0.76
C TRP A 117 -12.55 -4.67 1.41
N PHE A 118 -11.90 -5.52 2.20
CA PHE A 118 -10.62 -5.25 2.81
C PHE A 118 -9.53 -5.59 1.82
N ILE A 119 -8.91 -4.55 1.27
CA ILE A 119 -7.66 -4.69 0.58
C ILE A 119 -6.57 -4.65 1.64
N SER A 120 -5.68 -5.64 1.57
CA SER A 120 -4.37 -5.58 2.16
C SER A 120 -3.39 -5.64 1.00
N CYS A 121 -2.28 -4.91 1.09
CA CYS A 121 -1.20 -5.14 0.14
C CYS A 121 0.14 -4.97 0.82
N ASN A 122 0.98 -5.99 0.75
CA ASN A 122 2.17 -6.17 1.57
C ASN A 122 3.40 -5.96 0.69
N TYR A 123 4.46 -5.44 1.28
CA TYR A 123 5.70 -5.03 0.63
C TYR A 123 6.82 -5.92 1.18
N ASP A 124 7.92 -6.10 0.45
CA ASP A 124 9.16 -6.68 0.97
C ASP A 124 10.35 -5.92 0.37
N PRO A 125 11.44 -5.70 1.13
CA PRO A 125 11.55 -5.78 2.58
C PRO A 125 10.52 -4.91 3.31
N VAL A 126 10.51 -4.95 4.65
CA VAL A 126 9.54 -4.20 5.44
C VAL A 126 9.61 -2.72 5.08
N GLY A 127 8.56 -1.95 5.35
CA GLY A 127 8.55 -0.57 4.92
C GLY A 127 7.50 0.29 5.59
N ASN A 128 7.51 1.56 5.22
CA ASN A 128 6.87 2.63 5.98
C ASN A 128 7.41 2.66 7.42
N TRP A 129 8.57 2.04 7.63
CA TRP A 129 9.04 1.56 8.91
C TRP A 129 9.99 2.61 9.49
N ILE A 130 9.86 2.95 10.77
CA ILE A 130 10.83 3.81 11.43
C ILE A 130 12.20 3.15 11.34
N GLY A 131 13.18 3.90 10.85
CA GLY A 131 14.52 3.42 10.60
C GLY A 131 15.18 4.29 9.53
N GLN A 132 14.60 4.31 8.32
CA GLN A 132 15.17 4.99 7.18
C GLN A 132 14.18 5.99 6.57
N ARG A 133 14.64 6.71 5.55
CA ARG A 133 13.82 7.64 4.77
C ARG A 133 12.97 6.88 3.73
N PRO A 134 11.84 7.47 3.29
CA PRO A 134 10.98 6.86 2.29
C PRO A 134 11.52 7.00 0.87
N TYR A 135 11.83 8.24 0.47
CA TYR A 135 12.36 8.61 -0.84
C TYR A 135 13.58 9.48 -0.56
N GLN A 1 -8.16 -2.27 -13.29
CA GLN A 1 -8.65 -1.69 -12.02
C GLN A 1 -8.37 -2.64 -10.85
N ASN A 2 -8.52 -3.94 -11.10
CA ASN A 2 -8.74 -4.96 -10.08
C ASN A 2 -7.56 -5.91 -9.91
N SER A 3 -6.68 -5.99 -10.90
CA SER A 3 -5.66 -7.02 -11.00
C SER A 3 -4.39 -6.64 -10.21
N PRO A 4 -3.49 -7.58 -9.89
CA PRO A 4 -2.25 -7.26 -9.20
C PRO A 4 -1.41 -6.26 -9.99
N GLN A 5 -1.38 -6.40 -11.32
CA GLN A 5 -0.74 -5.41 -12.20
C GLN A 5 -1.30 -4.01 -11.99
N ASP A 6 -2.53 -3.83 -11.50
CA ASP A 6 -3.03 -2.49 -11.16
C ASP A 6 -2.26 -1.97 -9.97
N TYR A 7 -2.11 -2.80 -8.94
CA TYR A 7 -1.36 -2.43 -7.76
C TYR A 7 0.02 -1.96 -8.19
N LEU A 8 0.70 -2.81 -8.93
CA LEU A 8 1.99 -2.50 -9.53
C LEU A 8 1.93 -1.21 -10.32
N ALA A 9 0.96 -1.04 -11.23
CA ALA A 9 0.87 0.12 -12.08
C ALA A 9 0.79 1.41 -11.28
N VAL A 10 -0.15 1.50 -10.33
CA VAL A 10 -0.32 2.74 -9.58
C VAL A 10 0.92 3.00 -8.71
N HIS A 11 1.48 1.96 -8.10
CA HIS A 11 2.74 2.11 -7.36
C HIS A 11 3.81 2.67 -8.30
N ASN A 12 3.95 2.07 -9.47
CA ASN A 12 4.95 2.44 -10.45
C ASN A 12 4.72 3.87 -10.90
N ASP A 13 3.47 4.32 -11.03
CA ASP A 13 3.11 5.73 -11.12
C ASP A 13 3.75 6.61 -10.06
N ALA A 14 3.39 6.37 -8.80
CA ALA A 14 3.90 7.16 -7.69
C ALA A 14 5.43 7.20 -7.77
N ARG A 15 6.04 6.04 -7.96
CA ARG A 15 7.49 5.93 -8.02
C ARG A 15 8.04 6.69 -9.23
N ALA A 16 7.38 6.62 -10.39
CA ALA A 16 7.75 7.38 -11.57
C ALA A 16 7.75 8.88 -11.26
N GLN A 17 6.70 9.37 -10.62
CA GLN A 17 6.53 10.78 -10.29
C GLN A 17 7.76 11.35 -9.59
N VAL A 18 8.29 10.61 -8.62
CA VAL A 18 9.43 11.06 -7.85
C VAL A 18 10.75 10.55 -8.44
N GLY A 19 10.70 9.65 -9.42
CA GLY A 19 11.90 8.99 -9.89
C GLY A 19 12.42 8.12 -8.76
N VAL A 20 11.70 7.05 -8.48
CA VAL A 20 12.09 5.94 -7.64
C VAL A 20 11.94 4.68 -8.50
N GLY A 21 12.77 3.67 -8.25
CA GLY A 21 12.70 2.43 -9.04
C GLY A 21 11.35 1.75 -8.87
N PRO A 22 10.91 0.96 -9.86
CA PRO A 22 9.67 0.21 -9.79
C PRO A 22 9.82 -0.99 -8.86
N MET A 23 8.78 -1.79 -8.76
CA MET A 23 8.73 -3.01 -7.95
C MET A 23 8.25 -4.16 -8.85
N SER A 24 8.26 -5.39 -8.33
CA SER A 24 7.76 -6.57 -9.02
C SER A 24 6.80 -7.31 -8.09
N TRP A 25 6.22 -8.40 -8.60
CA TRP A 25 5.21 -9.15 -7.87
C TRP A 25 5.82 -10.37 -7.20
N ASP A 26 5.92 -10.32 -5.88
CA ASP A 26 6.21 -11.40 -4.97
C ASP A 26 4.93 -12.18 -4.66
N ALA A 27 4.83 -13.35 -5.28
CA ALA A 27 3.66 -14.20 -5.16
C ALA A 27 3.49 -14.65 -3.72
N ASN A 28 4.57 -14.89 -2.98
CA ASN A 28 4.43 -15.36 -1.62
C ASN A 28 3.85 -14.24 -0.76
N LEU A 29 4.40 -13.03 -0.83
CA LEU A 29 3.83 -11.88 -0.15
C LEU A 29 2.37 -11.71 -0.54
N ALA A 30 2.06 -11.78 -1.84
CA ALA A 30 0.70 -11.59 -2.33
C ALA A 30 -0.24 -12.63 -1.74
N SER A 31 0.16 -13.90 -1.82
CA SER A 31 -0.57 -15.00 -1.28
C SER A 31 -0.87 -14.70 0.19
N ARG A 32 0.16 -14.37 0.97
CA ARG A 32 0.04 -14.19 2.38
C ARG A 32 -0.85 -13.00 2.70
N ALA A 33 -0.73 -11.89 1.96
CA ALA A 33 -1.56 -10.72 2.14
C ALA A 33 -3.02 -11.09 1.94
N GLN A 34 -3.34 -11.79 0.85
CA GLN A 34 -4.70 -12.20 0.54
C GLN A 34 -5.22 -13.21 1.56
N ASN A 35 -4.38 -14.16 1.94
CA ASN A 35 -4.74 -15.21 2.88
C ASN A 35 -5.02 -14.60 4.25
N TYR A 36 -4.15 -13.69 4.67
CA TYR A 36 -4.33 -12.86 5.84
C TYR A 36 -5.68 -12.16 5.75
N ALA A 37 -5.90 -11.38 4.69
CA ALA A 37 -7.15 -10.69 4.47
C ALA A 37 -8.34 -11.66 4.62
N ASN A 38 -8.22 -12.86 4.06
CA ASN A 38 -9.21 -13.92 4.21
C ASN A 38 -9.46 -14.25 5.68
N SER A 39 -8.48 -14.80 6.38
CA SER A 39 -8.65 -15.26 7.76
C SER A 39 -8.74 -14.11 8.75
N ARG A 40 -8.54 -12.86 8.34
CA ARG A 40 -8.79 -11.69 9.14
C ARG A 40 -10.29 -11.38 9.10
N ALA A 41 -11.01 -11.82 8.07
CA ALA A 41 -12.33 -11.32 7.70
C ALA A 41 -13.35 -11.13 8.81
N GLY A 42 -13.35 -12.02 9.79
CA GLY A 42 -14.27 -11.93 10.91
C GLY A 42 -14.07 -10.63 11.70
N ASP A 43 -12.82 -10.22 11.89
CA ASP A 43 -12.45 -9.09 12.75
C ASP A 43 -12.09 -7.88 11.89
N CYS A 44 -11.32 -8.13 10.84
CA CYS A 44 -10.92 -7.19 9.82
C CYS A 44 -10.23 -5.97 10.39
N ASN A 45 -9.39 -6.20 11.39
CA ASN A 45 -8.69 -5.14 12.10
C ASN A 45 -7.66 -4.50 11.18
N LEU A 46 -7.70 -3.17 11.03
CA LEU A 46 -6.73 -2.43 10.25
C LEU A 46 -5.41 -2.30 11.02
N ILE A 47 -4.71 -3.42 11.25
CA ILE A 47 -3.46 -3.46 11.99
C ILE A 47 -2.49 -4.33 11.19
N HIS A 48 -1.21 -3.94 11.12
CA HIS A 48 -0.19 -4.85 10.64
C HIS A 48 0.28 -5.71 11.82
N SER A 49 1.57 -5.66 12.10
CA SER A 49 2.29 -6.51 13.03
C SER A 49 3.75 -6.04 13.04
N GLY A 50 3.98 -4.74 12.84
CA GLY A 50 5.27 -4.16 12.51
C GLY A 50 5.11 -3.20 11.33
N ALA A 51 6.22 -2.61 10.87
CA ALA A 51 6.23 -1.67 9.77
C ALA A 51 5.94 -2.41 8.45
N GLY A 52 5.95 -1.74 7.29
CA GLY A 52 5.84 -2.44 6.01
C GLY A 52 4.44 -3.01 5.71
N GLU A 53 3.40 -2.17 5.70
CA GLU A 53 2.08 -2.54 5.21
C GLU A 53 1.30 -1.30 4.75
N ASN A 54 0.35 -1.50 3.85
CA ASN A 54 -0.76 -0.58 3.60
C ASN A 54 -2.01 -1.46 3.54
N LEU A 55 -3.06 -1.11 4.28
CA LEU A 55 -4.37 -1.76 4.24
C LEU A 55 -5.41 -0.75 3.75
N ALA A 56 -6.58 -1.24 3.37
CA ALA A 56 -7.73 -0.40 3.08
C ALA A 56 -9.01 -1.21 3.23
N LYS A 57 -9.90 -0.80 4.14
CA LYS A 57 -11.29 -1.21 4.06
C LYS A 57 -12.01 -0.23 3.13
N GLY A 58 -12.87 -0.74 2.27
CA GLY A 58 -13.79 0.08 1.49
C GLY A 58 -15.18 -0.49 1.66
N GLY A 59 -15.74 -1.03 0.57
CA GLY A 59 -17.11 -1.51 0.52
C GLY A 59 -17.89 -0.65 -0.46
N GLY A 60 -18.18 -1.21 -1.64
CA GLY A 60 -18.71 -0.53 -2.79
C GLY A 60 -17.90 -0.99 -4.00
N ASP A 61 -17.78 -0.15 -5.03
CA ASP A 61 -17.05 -0.42 -6.26
C ASP A 61 -15.53 -0.32 -6.08
N PHE A 62 -15.04 -0.77 -4.91
CA PHE A 62 -13.71 -0.49 -4.42
C PHE A 62 -12.71 -1.49 -5.01
N THR A 63 -12.31 -1.24 -6.24
CA THR A 63 -11.21 -1.94 -6.89
C THR A 63 -9.88 -1.43 -6.31
N GLY A 64 -8.89 -2.31 -6.21
CA GLY A 64 -7.61 -2.00 -5.61
C GLY A 64 -6.95 -0.75 -6.21
N ARG A 65 -7.12 -0.50 -7.52
CA ARG A 65 -6.63 0.72 -8.13
C ARG A 65 -7.08 1.96 -7.33
N ALA A 66 -8.36 2.02 -6.97
CA ALA A 66 -8.90 3.11 -6.18
C ALA A 66 -8.21 3.16 -4.81
N ALA A 67 -8.03 2.00 -4.17
CA ALA A 67 -7.37 1.95 -2.88
C ALA A 67 -5.97 2.57 -2.97
N VAL A 68 -5.12 2.13 -3.90
CA VAL A 68 -3.82 2.79 -4.08
C VAL A 68 -4.01 4.28 -4.32
N GLN A 69 -4.92 4.65 -5.22
CA GLN A 69 -5.22 6.04 -5.50
C GLN A 69 -5.60 6.81 -4.23
N LEU A 70 -6.23 6.16 -3.25
CA LEU A 70 -6.61 6.79 -2.01
C LEU A 70 -5.32 6.94 -1.19
N TRP A 71 -4.45 5.92 -1.19
CA TRP A 71 -3.15 5.97 -0.52
C TRP A 71 -2.24 7.05 -1.09
N VAL A 72 -2.35 7.31 -2.40
CA VAL A 72 -1.56 8.31 -3.11
C VAL A 72 -2.23 9.68 -3.01
N SER A 73 -3.37 9.79 -2.32
CA SER A 73 -4.05 11.07 -2.15
C SER A 73 -3.22 12.06 -1.33
N GLU A 74 -2.09 11.66 -0.74
CA GLU A 74 -1.21 12.56 0.02
C GLU A 74 -0.56 13.66 -0.84
N ARG A 75 -0.83 13.76 -2.15
CA ARG A 75 -0.09 14.66 -3.05
C ARG A 75 0.14 16.07 -2.51
N PRO A 76 -0.89 16.84 -2.09
CA PRO A 76 -0.69 18.19 -1.55
C PRO A 76 0.24 18.25 -0.34
N SER A 77 0.60 17.11 0.27
CA SER A 77 1.60 17.02 1.32
C SER A 77 2.87 16.28 0.89
N TYR A 78 2.83 15.39 -0.11
CA TYR A 78 4.05 14.72 -0.53
C TYR A 78 4.74 15.66 -1.51
N ASN A 79 5.89 16.18 -1.12
CA ASN A 79 6.69 17.09 -1.93
C ASN A 79 8.03 16.39 -2.06
N TYR A 80 8.67 16.38 -3.22
CA TYR A 80 10.08 16.03 -3.26
C TYR A 80 10.82 17.31 -2.88
N ALA A 81 11.74 17.80 -3.70
CA ALA A 81 12.45 19.05 -3.55
C ALA A 81 13.63 18.82 -2.62
N THR A 82 13.32 18.23 -1.47
CA THR A 82 14.25 17.94 -0.42
C THR A 82 14.24 16.42 -0.29
N ASN A 83 13.40 15.87 0.59
CA ASN A 83 13.29 14.43 0.80
C ASN A 83 12.24 14.09 1.87
N GLN A 84 11.10 14.78 1.90
CA GLN A 84 10.16 14.61 3.01
C GLN A 84 8.76 15.00 2.56
N CYS A 85 7.75 14.60 3.32
CA CYS A 85 6.42 15.16 3.13
C CYS A 85 6.29 16.39 4.02
N VAL A 86 5.52 17.35 3.53
CA VAL A 86 5.19 18.60 4.16
C VAL A 86 4.39 18.28 5.42
N GLY A 87 4.44 19.12 6.46
CA GLY A 87 3.55 19.00 7.60
C GLY A 87 2.17 19.57 7.28
N GLY A 88 1.60 19.05 6.20
CA GLY A 88 0.20 19.22 5.90
C GLY A 88 -0.56 18.35 6.90
N LYS A 89 -0.10 17.10 7.02
CA LYS A 89 -0.74 15.99 7.69
C LYS A 89 0.29 14.91 7.95
N LYS A 90 -0.20 13.81 8.54
CA LYS A 90 0.45 12.52 8.48
C LYS A 90 0.45 12.11 7.01
N CYS A 91 1.64 11.97 6.44
CA CYS A 91 1.85 11.58 5.04
C CYS A 91 2.20 10.10 5.03
N ARG A 92 1.35 9.27 5.64
CA ARG A 92 1.70 7.92 6.04
C ARG A 92 0.96 6.89 5.21
N HIS A 93 1.15 6.98 3.90
CA HIS A 93 0.72 6.00 2.92
C HIS A 93 1.55 6.17 1.67
N TYR A 94 1.56 7.37 1.08
CA TYR A 94 2.36 7.63 -0.11
C TYR A 94 3.80 7.18 0.08
N THR A 95 4.41 7.53 1.21
CA THR A 95 5.73 7.05 1.61
C THR A 95 5.84 5.55 1.34
N GLN A 96 4.91 4.77 1.90
CA GLN A 96 4.92 3.32 1.79
C GLN A 96 4.75 2.87 0.33
N VAL A 97 3.88 3.54 -0.42
CA VAL A 97 3.65 3.25 -1.83
C VAL A 97 4.95 3.46 -2.61
N VAL A 98 5.67 4.53 -2.31
CA VAL A 98 6.85 4.94 -3.03
C VAL A 98 8.11 4.21 -2.55
N TRP A 99 8.11 3.79 -1.29
CA TRP A 99 9.26 3.41 -0.48
C TRP A 99 10.36 2.74 -1.30
N ARG A 100 11.37 3.50 -1.74
CA ARG A 100 12.46 3.08 -2.62
C ARG A 100 12.96 1.70 -2.23
N ASN A 101 13.29 1.54 -0.96
CA ASN A 101 13.95 0.32 -0.52
C ASN A 101 13.07 -0.92 -0.69
N SER A 102 11.74 -0.76 -0.72
CA SER A 102 10.85 -1.90 -0.93
C SER A 102 10.78 -2.12 -2.43
N VAL A 103 11.36 -3.22 -2.88
CA VAL A 103 11.20 -3.68 -4.26
C VAL A 103 10.04 -4.67 -4.32
N ARG A 104 9.46 -5.01 -3.16
CA ARG A 104 8.45 -6.03 -3.01
C ARG A 104 7.11 -5.37 -2.74
N LEU A 105 6.04 -5.95 -3.27
CA LEU A 105 4.68 -5.54 -3.05
C LEU A 105 3.79 -6.75 -3.32
N GLY A 106 3.37 -7.44 -2.27
CA GLY A 106 2.42 -8.54 -2.42
C GLY A 106 1.12 -8.11 -1.80
N CYS A 107 0.06 -8.01 -2.60
CA CYS A 107 -1.24 -7.56 -2.13
C CYS A 107 -2.30 -8.65 -2.28
N GLY A 108 -3.42 -8.43 -1.59
CA GLY A 108 -4.57 -9.31 -1.59
C GLY A 108 -5.83 -8.49 -1.38
N ARG A 109 -6.99 -9.03 -1.76
CA ARG A 109 -8.31 -8.48 -1.54
C ARG A 109 -9.17 -9.61 -0.96
N ALA A 110 -9.96 -9.33 0.08
CA ALA A 110 -10.89 -10.28 0.68
C ALA A 110 -12.10 -9.50 1.18
N ARG A 111 -13.31 -10.04 0.99
CA ARG A 111 -14.48 -9.38 1.54
C ARG A 111 -14.57 -9.71 3.03
N CYS A 112 -14.13 -8.80 3.89
CA CYS A 112 -14.45 -8.91 5.31
C CYS A 112 -15.92 -8.73 5.64
N ASN A 113 -16.29 -9.21 6.82
CA ASN A 113 -17.64 -9.12 7.36
C ASN A 113 -17.96 -7.65 7.65
N ASN A 114 -17.12 -6.99 8.45
CA ASN A 114 -17.29 -5.57 8.80
C ASN A 114 -16.34 -4.65 8.06
N GLY A 115 -15.50 -5.19 7.18
CA GLY A 115 -14.55 -4.38 6.42
C GLY A 115 -14.88 -4.36 4.94
N TRP A 116 -16.01 -4.96 4.56
CA TRP A 116 -16.48 -5.01 3.20
C TRP A 116 -15.31 -5.41 2.30
N TRP A 117 -14.94 -4.61 1.30
CA TRP A 117 -13.77 -4.97 0.51
C TRP A 117 -12.55 -4.48 1.27
N PHE A 118 -11.90 -5.42 1.96
CA PHE A 118 -10.63 -5.19 2.58
C PHE A 118 -9.55 -5.56 1.59
N ILE A 119 -8.56 -4.68 1.48
CA ILE A 119 -7.36 -4.89 0.71
C ILE A 119 -6.20 -4.80 1.70
N SER A 120 -5.18 -5.62 1.48
CA SER A 120 -3.97 -5.66 2.29
C SER A 120 -2.78 -5.76 1.36
N CYS A 121 -1.71 -5.01 1.61
CA CYS A 121 -0.47 -5.03 0.86
C CYS A 121 0.68 -5.11 1.83
N ASN A 122 1.46 -6.18 1.79
CA ASN A 122 2.67 -6.32 2.59
C ASN A 122 3.85 -5.97 1.70
N TYR A 123 4.81 -5.24 2.28
CA TYR A 123 5.98 -4.70 1.61
C TYR A 123 7.21 -5.31 2.27
N ASP A 124 8.33 -5.37 1.56
CA ASP A 124 9.58 -5.89 2.09
C ASP A 124 10.76 -5.26 1.34
N PRO A 125 11.85 -4.85 2.02
CA PRO A 125 11.97 -4.67 3.45
C PRO A 125 10.97 -3.62 3.94
N VAL A 126 10.85 -3.49 5.26
CA VAL A 126 9.81 -2.69 5.85
C VAL A 126 9.82 -1.23 5.39
N GLY A 127 8.63 -0.63 5.38
CA GLY A 127 8.38 0.72 4.93
C GLY A 127 7.69 1.53 6.01
N ASN A 128 7.84 2.85 5.90
CA ASN A 128 7.54 3.86 6.93
C ASN A 128 8.53 3.85 8.09
N TRP A 129 9.62 3.10 7.97
CA TRP A 129 10.59 2.85 9.03
C TRP A 129 11.76 3.83 8.90
N ILE A 130 12.12 4.57 9.95
CA ILE A 130 13.33 5.38 9.92
C ILE A 130 14.57 4.53 9.62
N GLY A 131 15.60 5.16 9.05
CA GLY A 131 16.79 4.45 8.61
C GLY A 131 16.56 3.87 7.22
N GLN A 132 15.95 4.66 6.34
CA GLN A 132 15.79 4.36 4.93
C GLN A 132 15.62 5.68 4.20
N ARG A 133 15.54 5.64 2.86
CA ARG A 133 14.95 6.70 2.06
C ARG A 133 13.59 6.20 1.56
N PRO A 134 12.49 6.94 1.75
CA PRO A 134 11.25 6.66 1.06
C PRO A 134 11.41 6.89 -0.44
N TYR A 135 12.14 7.93 -0.80
CA TYR A 135 12.50 8.33 -2.14
C TYR A 135 13.91 8.88 -2.02
N GLN A 1 -10.10 -3.55 -11.87
CA GLN A 1 -9.02 -2.69 -11.37
C GLN A 1 -8.30 -3.35 -10.19
N ASN A 2 -7.95 -4.63 -10.34
CA ASN A 2 -7.44 -5.46 -9.27
C ASN A 2 -6.62 -6.61 -9.85
N SER A 3 -5.92 -6.34 -10.95
CA SER A 3 -4.84 -7.20 -11.42
C SER A 3 -3.63 -6.96 -10.49
N PRO A 4 -2.64 -7.85 -10.45
CA PRO A 4 -1.39 -7.56 -9.76
C PRO A 4 -0.78 -6.29 -10.36
N GLN A 5 -0.75 -6.26 -11.69
CA GLN A 5 -0.44 -5.09 -12.49
C GLN A 5 -1.17 -3.83 -12.04
N ASP A 6 -2.42 -3.93 -11.57
CA ASP A 6 -3.17 -2.72 -11.25
C ASP A 6 -2.47 -1.99 -10.12
N TYR A 7 -2.11 -2.72 -9.07
CA TYR A 7 -1.36 -2.15 -7.98
C TYR A 7 0.00 -1.69 -8.49
N LEU A 8 0.74 -2.59 -9.15
CA LEU A 8 2.09 -2.31 -9.61
C LEU A 8 2.16 -1.00 -10.40
N ALA A 9 1.22 -0.80 -11.33
CA ALA A 9 1.13 0.40 -12.13
C ALA A 9 1.03 1.64 -11.23
N VAL A 10 0.06 1.68 -10.32
CA VAL A 10 -0.14 2.87 -9.49
C VAL A 10 1.07 3.09 -8.57
N HIS A 11 1.66 2.02 -8.05
CA HIS A 11 2.91 2.13 -7.30
C HIS A 11 3.96 2.81 -8.16
N ASN A 12 4.15 2.29 -9.38
CA ASN A 12 5.08 2.85 -10.34
C ASN A 12 4.75 4.31 -10.61
N ASP A 13 3.47 4.69 -10.60
CA ASP A 13 3.05 6.08 -10.73
C ASP A 13 3.65 6.94 -9.61
N ALA A 14 3.30 6.62 -8.37
CA ALA A 14 3.79 7.35 -7.20
C ALA A 14 5.31 7.44 -7.23
N ARG A 15 5.93 6.29 -7.47
CA ARG A 15 7.38 6.15 -7.50
C ARG A 15 7.97 6.98 -8.64
N ALA A 16 7.38 6.92 -9.83
CA ALA A 16 7.77 7.74 -10.97
C ALA A 16 7.81 9.20 -10.55
N GLN A 17 6.77 9.63 -9.85
CA GLN A 17 6.58 11.00 -9.42
C GLN A 17 7.58 11.44 -8.34
N VAL A 18 8.47 10.55 -7.88
CA VAL A 18 9.68 10.92 -7.16
C VAL A 18 10.87 10.07 -7.63
N GLY A 19 10.89 9.68 -8.91
CA GLY A 19 11.95 8.93 -9.58
C GLY A 19 12.50 7.74 -8.78
N VAL A 20 11.64 7.00 -8.10
CA VAL A 20 12.00 5.79 -7.40
C VAL A 20 11.99 4.63 -8.41
N GLY A 21 13.01 3.77 -8.35
CA GLY A 21 13.19 2.65 -9.26
C GLY A 21 12.02 1.67 -9.22
N PRO A 22 11.92 0.74 -10.20
CA PRO A 22 10.77 -0.14 -10.34
C PRO A 22 10.78 -1.26 -9.29
N MET A 23 9.81 -2.17 -9.36
CA MET A 23 9.72 -3.39 -8.54
C MET A 23 9.30 -4.55 -9.45
N SER A 24 9.08 -5.72 -8.88
CA SER A 24 8.28 -6.75 -9.51
C SER A 24 7.27 -7.27 -8.48
N TRP A 25 6.40 -8.15 -8.93
CA TRP A 25 5.40 -8.75 -8.06
C TRP A 25 6.10 -9.74 -7.12
N ASP A 26 5.40 -10.11 -6.05
CA ASP A 26 5.75 -11.25 -5.23
C ASP A 26 4.47 -12.00 -4.88
N ALA A 27 4.34 -13.21 -5.38
CA ALA A 27 3.11 -13.97 -5.20
C ALA A 27 2.95 -14.39 -3.74
N ASN A 28 4.05 -14.57 -3.02
CA ASN A 28 3.99 -15.02 -1.65
C ASN A 28 3.54 -13.85 -0.81
N LEU A 29 4.09 -12.66 -1.02
CA LEU A 29 3.54 -11.46 -0.41
C LEU A 29 2.04 -11.36 -0.70
N ALA A 30 1.66 -11.52 -1.98
CA ALA A 30 0.27 -11.43 -2.39
C ALA A 30 -0.61 -12.42 -1.64
N SER A 31 -0.16 -13.68 -1.54
CA SER A 31 -0.86 -14.70 -0.81
C SER A 31 -0.96 -14.30 0.66
N ARG A 32 0.13 -13.81 1.24
CA ARG A 32 0.21 -13.51 2.66
C ARG A 32 -0.77 -12.40 3.01
N ALA A 33 -0.74 -11.31 2.24
CA ALA A 33 -1.65 -10.19 2.41
C ALA A 33 -3.11 -10.68 2.38
N GLN A 34 -3.43 -11.42 1.32
CA GLN A 34 -4.73 -12.06 1.11
C GLN A 34 -5.11 -12.93 2.32
N ASN A 35 -4.17 -13.73 2.79
CA ASN A 35 -4.37 -14.71 3.86
C ASN A 35 -4.68 -13.98 5.15
N TYR A 36 -3.83 -13.05 5.58
CA TYR A 36 -4.04 -12.25 6.79
C TYR A 36 -5.45 -11.65 6.76
N ALA A 37 -5.75 -10.96 5.67
CA ALA A 37 -7.04 -10.32 5.49
C ALA A 37 -8.16 -11.33 5.66
N ASN A 38 -8.07 -12.44 4.92
CA ASN A 38 -9.03 -13.54 4.99
C ASN A 38 -9.27 -13.98 6.43
N SER A 39 -8.20 -14.27 7.15
CA SER A 39 -8.28 -14.77 8.50
C SER A 39 -8.66 -13.69 9.51
N ARG A 40 -8.88 -12.44 9.09
CA ARG A 40 -9.53 -11.43 9.89
C ARG A 40 -10.89 -11.05 9.29
N ALA A 41 -11.44 -11.85 8.38
CA ALA A 41 -12.82 -11.69 7.96
C ALA A 41 -13.70 -12.08 9.14
N GLY A 42 -13.87 -11.13 10.05
CA GLY A 42 -14.36 -11.32 11.40
C GLY A 42 -14.06 -10.05 12.19
N ASP A 43 -12.78 -9.68 12.21
CA ASP A 43 -12.20 -8.61 13.01
C ASP A 43 -11.25 -7.87 12.07
N CYS A 44 -11.80 -7.45 10.94
CA CYS A 44 -11.03 -7.04 9.78
C CYS A 44 -10.43 -5.69 10.16
N ASN A 45 -11.30 -4.86 10.73
CA ASN A 45 -10.99 -3.53 11.24
C ASN A 45 -10.06 -2.78 10.26
N LEU A 46 -9.01 -2.11 10.74
CA LEU A 46 -7.91 -1.59 9.95
C LEU A 46 -6.62 -1.74 10.75
N ILE A 47 -6.47 -2.88 11.44
CA ILE A 47 -5.31 -3.13 12.29
C ILE A 47 -4.47 -4.22 11.62
N HIS A 48 -3.28 -3.87 11.14
CA HIS A 48 -2.23 -4.82 10.89
C HIS A 48 -0.95 -4.31 11.54
N SER A 49 -0.87 -4.46 12.85
CA SER A 49 0.26 -4.09 13.68
C SER A 49 1.45 -4.98 13.40
N GLY A 50 2.04 -4.87 12.20
CA GLY A 50 3.16 -5.70 11.79
C GLY A 50 4.05 -4.95 10.80
N ALA A 51 4.11 -5.44 9.55
CA ALA A 51 5.14 -5.05 8.61
C ALA A 51 4.65 -3.98 7.64
N GLY A 52 5.03 -4.09 6.37
CA GLY A 52 4.85 -3.06 5.36
C GLY A 52 3.40 -2.98 4.85
N GLU A 53 2.42 -3.54 5.56
CA GLU A 53 1.17 -3.89 4.90
C GLU A 53 0.26 -2.67 4.83
N ASN A 54 0.05 -2.15 3.62
CA ASN A 54 -0.73 -0.97 3.32
C ASN A 54 -2.18 -1.39 3.22
N LEU A 55 -3.01 -1.00 4.18
CA LEU A 55 -4.39 -1.46 4.28
C LEU A 55 -5.34 -0.47 3.59
N ALA A 56 -6.53 -0.91 3.22
CA ALA A 56 -7.63 -0.04 2.82
C ALA A 56 -8.95 -0.80 2.99
N LYS A 57 -10.03 -0.09 3.33
CA LYS A 57 -11.36 -0.66 3.38
C LYS A 57 -12.23 0.01 2.33
N GLY A 58 -13.28 -0.67 1.88
CA GLY A 58 -14.36 -0.02 1.17
C GLY A 58 -15.53 -0.98 1.00
N GLY A 59 -16.68 -0.44 0.61
CA GLY A 59 -17.94 -1.16 0.54
C GLY A 59 -17.98 -2.12 -0.64
N GLY A 60 -18.57 -1.71 -1.76
CA GLY A 60 -18.85 -2.57 -2.90
C GLY A 60 -17.59 -2.88 -3.69
N ASP A 61 -17.48 -2.37 -4.92
CA ASP A 61 -16.29 -2.59 -5.75
C ASP A 61 -15.27 -1.48 -5.49
N PHE A 62 -14.72 -1.40 -4.27
CA PHE A 62 -13.61 -0.50 -4.02
C PHE A 62 -12.36 -1.15 -4.61
N THR A 63 -12.01 -0.86 -5.86
CA THR A 63 -11.03 -1.70 -6.54
C THR A 63 -9.62 -1.43 -6.00
N GLY A 64 -8.75 -2.43 -6.05
CA GLY A 64 -7.41 -2.33 -5.51
C GLY A 64 -6.65 -1.12 -6.09
N ARG A 65 -6.81 -0.88 -7.38
CA ARG A 65 -6.29 0.30 -8.05
C ARG A 65 -6.71 1.56 -7.30
N ALA A 66 -8.01 1.68 -7.00
CA ALA A 66 -8.57 2.80 -6.27
C ALA A 66 -7.96 2.90 -4.88
N ALA A 67 -7.66 1.77 -4.24
CA ALA A 67 -6.95 1.77 -2.95
C ALA A 67 -5.56 2.36 -3.09
N VAL A 68 -4.75 1.92 -4.05
CA VAL A 68 -3.44 2.53 -4.25
C VAL A 68 -3.61 4.02 -4.53
N GLN A 69 -4.58 4.37 -5.37
CA GLN A 69 -4.92 5.74 -5.61
C GLN A 69 -5.35 6.48 -4.33
N LEU A 70 -5.91 5.81 -3.32
CA LEU A 70 -6.28 6.48 -2.09
C LEU A 70 -4.95 6.76 -1.39
N TRP A 71 -4.05 5.79 -1.37
CA TRP A 71 -2.72 5.95 -0.80
C TRP A 71 -1.96 7.11 -1.47
N VAL A 72 -2.11 7.29 -2.77
CA VAL A 72 -1.48 8.38 -3.51
C VAL A 72 -2.29 9.69 -3.40
N SER A 73 -3.51 9.64 -2.89
CA SER A 73 -4.28 10.83 -2.58
C SER A 73 -3.45 11.80 -1.72
N GLU A 74 -2.53 11.27 -0.92
CA GLU A 74 -1.63 12.04 -0.09
C GLU A 74 -0.58 12.83 -0.91
N ARG A 75 -0.75 13.00 -2.23
CA ARG A 75 0.16 13.75 -3.09
C ARG A 75 0.69 15.07 -2.50
N PRO A 76 -0.14 16.08 -2.18
CA PRO A 76 0.37 17.36 -1.72
C PRO A 76 1.12 17.24 -0.39
N SER A 77 0.91 16.15 0.32
CA SER A 77 1.50 15.84 1.60
C SER A 77 2.82 15.08 1.50
N TYR A 78 3.28 14.74 0.30
CA TYR A 78 4.66 14.43 0.03
C TYR A 78 5.27 15.58 -0.76
N ASN A 79 6.52 15.94 -0.48
CA ASN A 79 7.24 16.94 -1.27
C ASN A 79 8.73 16.72 -1.13
N TYR A 80 9.41 16.51 -2.25
CA TYR A 80 10.82 16.18 -2.25
C TYR A 80 11.69 17.25 -1.57
N ALA A 81 11.21 18.50 -1.48
CA ALA A 81 11.91 19.57 -0.76
C ALA A 81 12.42 19.14 0.61
N THR A 82 11.64 18.36 1.37
CA THR A 82 12.04 17.92 2.70
C THR A 82 12.72 16.54 2.67
N ASN A 83 12.74 15.90 1.50
CA ASN A 83 12.93 14.48 1.29
C ASN A 83 12.23 13.67 2.39
N GLN A 84 10.97 13.98 2.69
CA GLN A 84 10.16 13.12 3.54
C GLN A 84 8.68 13.36 3.25
N CYS A 85 7.83 12.78 4.09
CA CYS A 85 6.44 13.21 4.16
C CYS A 85 6.41 14.64 4.69
N VAL A 86 5.61 15.53 4.09
CA VAL A 86 5.64 16.95 4.40
C VAL A 86 5.21 17.12 5.86
N GLY A 87 5.80 18.08 6.56
CA GLY A 87 5.40 18.47 7.90
C GLY A 87 5.14 17.23 8.76
N GLY A 88 3.93 17.13 9.29
CA GLY A 88 3.49 16.01 10.10
C GLY A 88 1.98 15.94 10.09
N LYS A 89 1.43 15.40 9.00
CA LYS A 89 0.06 14.93 8.90
C LYS A 89 0.11 13.40 8.95
N LYS A 90 -1.04 12.72 9.06
CA LYS A 90 -1.10 11.28 8.83
C LYS A 90 -1.14 11.04 7.31
N CYS A 91 0.00 11.34 6.69
CA CYS A 91 0.37 10.97 5.33
C CYS A 91 1.17 9.68 5.50
N ARG A 92 0.47 8.61 5.86
CA ARG A 92 1.06 7.35 6.23
C ARG A 92 0.45 6.21 5.42
N HIS A 93 0.24 6.44 4.12
CA HIS A 93 0.08 5.38 3.16
C HIS A 93 0.90 5.65 1.90
N TYR A 94 0.96 6.88 1.38
CA TYR A 94 1.84 7.20 0.26
C TYR A 94 3.27 6.72 0.54
N THR A 95 3.77 6.99 1.74
CA THR A 95 5.14 6.63 2.09
C THR A 95 5.37 5.14 1.83
N GLN A 96 4.35 4.32 2.08
CA GLN A 96 4.43 2.90 1.82
C GLN A 96 4.48 2.64 0.32
N VAL A 97 3.58 3.27 -0.44
CA VAL A 97 3.52 3.10 -1.89
C VAL A 97 4.89 3.34 -2.50
N VAL A 98 5.53 4.41 -2.04
CA VAL A 98 6.79 4.87 -2.57
C VAL A 98 8.01 4.17 -2.00
N TRP A 99 7.90 3.58 -0.80
CA TRP A 99 9.00 3.05 -0.01
C TRP A 99 10.11 2.44 -0.87
N ARG A 100 11.16 3.22 -1.13
CA ARG A 100 12.18 2.92 -2.12
C ARG A 100 12.82 1.57 -1.82
N ASN A 101 12.99 1.24 -0.54
CA ASN A 101 13.64 -0.01 -0.21
C ASN A 101 12.84 -1.21 -0.69
N SER A 102 11.50 -1.12 -0.77
CA SER A 102 10.72 -2.31 -1.08
C SER A 102 10.67 -2.51 -2.59
N VAL A 103 11.10 -3.71 -3.01
CA VAL A 103 11.18 -4.10 -4.41
C VAL A 103 10.34 -5.34 -4.71
N ARG A 104 9.86 -6.01 -3.66
CA ARG A 104 8.77 -6.95 -3.76
C ARG A 104 7.50 -6.20 -3.40
N LEU A 105 6.39 -6.56 -4.04
CA LEU A 105 5.07 -6.09 -3.68
C LEU A 105 4.10 -7.21 -4.02
N GLY A 106 3.14 -7.48 -3.15
CA GLY A 106 2.13 -8.49 -3.41
C GLY A 106 0.89 -8.16 -2.61
N CYS A 107 -0.26 -8.12 -3.27
CA CYS A 107 -1.48 -7.51 -2.73
C CYS A 107 -2.62 -8.51 -2.68
N GLY A 108 -3.63 -8.22 -1.86
CA GLY A 108 -4.71 -9.14 -1.53
C GLY A 108 -5.99 -8.78 -2.26
N ARG A 109 -6.98 -8.38 -1.46
CA ARG A 109 -8.37 -8.11 -1.74
C ARG A 109 -9.19 -9.30 -1.23
N ALA A 110 -9.39 -9.38 0.08
CA ALA A 110 -10.24 -10.37 0.72
C ALA A 110 -11.50 -9.68 1.22
N ARG A 111 -12.62 -10.40 1.30
CA ARG A 111 -13.90 -9.85 1.70
C ARG A 111 -14.18 -10.21 3.16
N CYS A 112 -14.63 -9.23 3.95
CA CYS A 112 -14.89 -9.38 5.38
C CYS A 112 -16.32 -9.83 5.63
N ASN A 113 -16.52 -10.46 6.78
CA ASN A 113 -17.80 -10.72 7.41
C ASN A 113 -18.69 -9.47 7.39
N ASN A 114 -18.10 -8.30 7.66
CA ASN A 114 -18.87 -7.07 7.75
C ASN A 114 -19.38 -6.59 6.39
N GLY A 115 -19.02 -7.26 5.30
CA GLY A 115 -19.48 -6.96 3.96
C GLY A 115 -18.45 -6.16 3.16
N TRP A 116 -17.58 -5.40 3.83
CA TRP A 116 -16.61 -4.59 3.14
C TRP A 116 -15.47 -5.48 2.62
N TRP A 117 -14.76 -5.00 1.61
CA TRP A 117 -13.50 -5.63 1.23
C TRP A 117 -12.42 -5.05 2.12
N PHE A 118 -11.54 -5.90 2.63
CA PHE A 118 -10.25 -5.51 3.17
C PHE A 118 -9.22 -5.67 2.06
N ILE A 119 -8.79 -4.56 1.48
CA ILE A 119 -7.60 -4.56 0.67
C ILE A 119 -6.41 -4.40 1.60
N SER A 120 -5.37 -5.17 1.33
CA SER A 120 -4.08 -5.09 1.99
C SER A 120 -3.04 -5.27 0.90
N CYS A 121 -1.87 -4.65 1.03
CA CYS A 121 -0.74 -5.02 0.19
C CYS A 121 0.55 -5.11 0.97
N ASN A 122 1.26 -6.23 0.86
CA ASN A 122 2.55 -6.49 1.46
C ASN A 122 3.65 -5.95 0.55
N TYR A 123 4.78 -5.61 1.16
CA TYR A 123 5.97 -5.06 0.54
C TYR A 123 7.15 -5.78 1.21
N ASP A 124 8.24 -6.06 0.50
CA ASP A 124 9.48 -6.53 1.13
C ASP A 124 10.66 -5.74 0.56
N PRO A 125 11.62 -5.29 1.39
CA PRO A 125 11.59 -5.26 2.85
C PRO A 125 10.44 -4.42 3.41
N VAL A 126 10.27 -4.46 4.73
CA VAL A 126 9.11 -3.88 5.39
C VAL A 126 9.16 -2.35 5.37
N GLY A 127 8.01 -1.77 5.73
CA GLY A 127 7.67 -0.42 5.38
C GLY A 127 7.56 0.58 6.53
N ASN A 128 7.87 1.85 6.24
CA ASN A 128 7.93 2.97 7.19
C ASN A 128 8.72 2.56 8.43
N TRP A 129 9.74 1.73 8.19
CA TRP A 129 10.60 1.10 9.17
C TRP A 129 11.88 1.96 9.28
N ILE A 130 12.66 1.80 10.34
CA ILE A 130 13.70 2.76 10.70
C ILE A 130 14.88 2.80 9.72
N GLY A 131 15.76 3.77 9.92
CA GLY A 131 17.04 3.87 9.23
C GLY A 131 16.88 4.61 7.92
N GLN A 132 16.00 4.13 7.05
CA GLN A 132 15.85 4.60 5.69
C GLN A 132 14.80 5.70 5.56
N ARG A 133 14.93 6.55 4.54
CA ARG A 133 13.90 7.49 4.10
C ARG A 133 12.83 6.69 3.33
N PRO A 134 11.69 7.28 2.94
CA PRO A 134 10.74 6.62 2.07
C PRO A 134 11.29 6.62 0.64
N TYR A 135 11.21 7.75 -0.05
CA TYR A 135 11.80 7.95 -1.36
C TYR A 135 13.18 8.58 -1.17
N GLN A 1 -10.45 -4.59 -11.17
CA GLN A 1 -9.21 -3.83 -10.93
C GLN A 1 -8.60 -4.22 -9.58
N ASN A 2 -8.01 -5.42 -9.52
CA ASN A 2 -7.23 -5.88 -8.38
C ASN A 2 -6.23 -6.96 -8.81
N SER A 3 -5.61 -6.79 -9.98
CA SER A 3 -4.53 -7.65 -10.42
C SER A 3 -3.23 -7.24 -9.69
N PRO A 4 -2.10 -7.91 -9.97
CA PRO A 4 -0.81 -7.44 -9.50
C PRO A 4 -0.47 -6.14 -10.21
N GLN A 5 -0.57 -6.13 -11.54
CA GLN A 5 -0.24 -4.98 -12.35
C GLN A 5 -1.18 -3.81 -12.08
N ASP A 6 -2.42 -4.04 -11.63
CA ASP A 6 -3.27 -2.94 -11.16
C ASP A 6 -2.52 -2.15 -10.10
N TYR A 7 -2.08 -2.84 -9.03
CA TYR A 7 -1.31 -2.18 -7.99
C TYR A 7 -0.04 -1.58 -8.58
N LEU A 8 0.76 -2.41 -9.24
CA LEU A 8 2.07 -2.03 -9.71
C LEU A 8 2.01 -0.83 -10.65
N ALA A 9 0.97 -0.72 -11.47
CA ALA A 9 0.79 0.42 -12.37
C ALA A 9 0.76 1.71 -11.56
N VAL A 10 -0.15 1.79 -10.58
CA VAL A 10 -0.26 2.98 -9.75
C VAL A 10 1.04 3.21 -8.98
N HIS A 11 1.66 2.15 -8.45
CA HIS A 11 2.93 2.29 -7.74
C HIS A 11 3.99 2.92 -8.62
N ASN A 12 4.14 2.41 -9.84
CA ASN A 12 5.12 2.91 -10.78
C ASN A 12 4.82 4.37 -11.09
N ASP A 13 3.55 4.73 -11.25
CA ASP A 13 3.16 6.13 -11.44
C ASP A 13 3.63 6.98 -10.26
N ALA A 14 3.19 6.61 -9.07
CA ALA A 14 3.49 7.29 -7.83
C ALA A 14 5.00 7.44 -7.61
N ARG A 15 5.78 6.42 -7.98
CA ARG A 15 7.23 6.45 -7.89
C ARG A 15 7.82 7.34 -8.99
N ALA A 16 7.37 7.20 -10.23
CA ALA A 16 7.78 8.02 -11.36
C ALA A 16 7.61 9.50 -11.04
N GLN A 17 6.49 9.84 -10.39
CA GLN A 17 6.21 11.16 -9.85
C GLN A 17 7.40 11.78 -9.10
N VAL A 18 8.22 10.96 -8.41
CA VAL A 18 9.41 11.39 -7.68
C VAL A 18 10.67 10.66 -8.19
N GLY A 19 10.63 10.15 -9.42
CA GLY A 19 11.72 9.41 -10.03
C GLY A 19 12.32 8.35 -9.10
N VAL A 20 11.47 7.60 -8.40
CA VAL A 20 11.90 6.53 -7.53
C VAL A 20 11.98 5.22 -8.33
N GLY A 21 13.05 4.45 -8.15
CA GLY A 21 13.22 3.16 -8.81
C GLY A 21 12.02 2.22 -8.60
N PRO A 22 11.69 1.37 -9.58
CA PRO A 22 10.49 0.53 -9.58
C PRO A 22 10.63 -0.67 -8.64
N MET A 23 9.62 -1.56 -8.68
CA MET A 23 9.58 -2.81 -7.92
C MET A 23 8.93 -3.91 -8.77
N SER A 24 8.79 -5.11 -8.19
CA SER A 24 8.15 -6.29 -8.74
C SER A 24 7.01 -6.76 -7.85
N TRP A 25 6.29 -7.78 -8.31
CA TRP A 25 5.30 -8.49 -7.51
C TRP A 25 6.06 -9.56 -6.72
N ASP A 26 5.43 -10.19 -5.73
CA ASP A 26 5.94 -11.44 -5.19
C ASP A 26 4.81 -12.41 -4.89
N ALA A 27 4.95 -13.63 -5.41
CA ALA A 27 3.94 -14.66 -5.35
C ALA A 27 3.71 -15.06 -3.90
N ASN A 28 4.75 -15.15 -3.09
CA ASN A 28 4.63 -15.63 -1.72
C ASN A 28 3.98 -14.55 -0.89
N LEU A 29 4.45 -13.31 -0.97
CA LEU A 29 3.78 -12.20 -0.33
C LEU A 29 2.32 -12.18 -0.76
N ALA A 30 2.01 -12.40 -2.03
CA ALA A 30 0.64 -12.36 -2.51
C ALA A 30 -0.19 -13.48 -1.86
N SER A 31 0.35 -14.69 -1.79
CA SER A 31 -0.34 -15.82 -1.21
C SER A 31 -0.63 -15.53 0.28
N ARG A 32 0.39 -15.02 0.97
CA ARG A 32 0.33 -14.74 2.38
C ARG A 32 -0.65 -13.60 2.62
N ALA A 33 -0.59 -12.55 1.79
CA ALA A 33 -1.46 -11.40 1.93
C ALA A 33 -2.89 -11.83 1.69
N GLN A 34 -3.12 -12.68 0.69
CA GLN A 34 -4.45 -13.23 0.47
C GLN A 34 -4.93 -13.94 1.74
N ASN A 35 -4.08 -14.79 2.33
CA ASN A 35 -4.36 -15.44 3.61
C ASN A 35 -4.67 -14.41 4.70
N TYR A 36 -3.91 -13.33 4.74
CA TYR A 36 -4.06 -12.28 5.72
C TYR A 36 -5.44 -11.64 5.59
N ALA A 37 -5.80 -11.24 4.38
CA ALA A 37 -7.07 -10.63 4.07
C ALA A 37 -8.20 -11.60 4.37
N ASN A 38 -8.04 -12.85 3.93
CA ASN A 38 -8.99 -13.93 4.11
C ASN A 38 -9.31 -14.08 5.59
N SER A 39 -8.27 -14.21 6.42
CA SER A 39 -8.48 -14.36 7.86
C SER A 39 -9.18 -13.11 8.41
N ARG A 40 -8.78 -11.93 7.91
CA ARG A 40 -9.34 -10.64 8.28
C ARG A 40 -10.73 -10.47 7.64
N ALA A 41 -11.70 -11.29 8.07
CA ALA A 41 -13.08 -11.30 7.64
C ALA A 41 -13.85 -12.14 8.66
N GLY A 42 -14.82 -11.53 9.34
CA GLY A 42 -15.51 -12.12 10.47
C GLY A 42 -15.76 -11.00 11.48
N ASP A 43 -14.67 -10.35 11.86
CA ASP A 43 -14.68 -9.09 12.59
C ASP A 43 -14.34 -8.00 11.58
N CYS A 44 -13.21 -8.22 10.92
CA CYS A 44 -12.59 -7.38 9.92
C CYS A 44 -11.76 -6.31 10.62
N ASN A 45 -10.69 -6.71 11.31
CA ASN A 45 -9.86 -5.85 12.17
C ASN A 45 -8.72 -5.18 11.39
N LEU A 46 -8.53 -3.86 11.47
CA LEU A 46 -7.38 -3.19 10.85
C LEU A 46 -6.10 -3.45 11.66
N ILE A 47 -5.49 -4.64 11.48
CA ILE A 47 -4.34 -5.12 12.26
C ILE A 47 -3.03 -4.57 11.69
N HIS A 48 -2.80 -4.68 10.39
CA HIS A 48 -1.56 -4.31 9.69
C HIS A 48 -0.31 -4.77 10.44
N SER A 49 -0.05 -6.07 10.41
CA SER A 49 1.17 -6.75 10.82
C SER A 49 1.88 -6.06 11.99
N GLY A 50 2.69 -5.08 11.66
CA GLY A 50 3.63 -4.40 12.52
C GLY A 50 4.64 -3.65 11.65
N ALA A 51 4.96 -4.18 10.48
CA ALA A 51 5.81 -3.51 9.51
C ALA A 51 5.50 -4.02 8.10
N GLY A 52 5.58 -3.11 7.12
CA GLY A 52 5.53 -3.40 5.71
C GLY A 52 4.12 -3.39 5.14
N GLU A 53 3.17 -2.72 5.81
CA GLU A 53 1.74 -2.85 5.49
C GLU A 53 1.04 -1.48 5.36
N ASN A 54 -0.06 -1.46 4.60
CA ASN A 54 -0.88 -0.29 4.25
C ASN A 54 -2.29 -0.75 3.91
N LEU A 55 -3.24 -0.48 4.82
CA LEU A 55 -4.58 -1.00 4.67
C LEU A 55 -5.49 -0.01 3.95
N ALA A 56 -6.67 -0.53 3.58
CA ALA A 56 -7.83 0.22 3.15
C ALA A 56 -9.07 -0.59 3.53
N LYS A 57 -10.22 0.07 3.73
CA LYS A 57 -11.52 -0.57 3.86
C LYS A 57 -12.59 0.32 3.22
N GLY A 58 -13.59 -0.26 2.55
CA GLY A 58 -14.64 0.53 1.91
C GLY A 58 -15.83 -0.35 1.56
N GLY A 59 -17.04 0.20 1.60
CA GLY A 59 -18.28 -0.55 1.43
C GLY A 59 -18.53 -0.96 -0.01
N GLY A 60 -18.52 -0.01 -0.94
CA GLY A 60 -18.70 -0.33 -2.36
C GLY A 60 -17.58 -1.22 -2.86
N ASP A 61 -17.69 -1.72 -4.10
CA ASP A 61 -16.72 -2.60 -4.75
C ASP A 61 -15.34 -1.96 -4.79
N PHE A 62 -14.62 -2.07 -3.68
CA PHE A 62 -13.36 -1.37 -3.51
C PHE A 62 -12.33 -2.07 -4.40
N THR A 63 -11.89 -1.42 -5.47
CA THR A 63 -10.83 -1.92 -6.31
C THR A 63 -9.47 -1.64 -5.67
N GLY A 64 -8.56 -2.62 -5.75
CA GLY A 64 -7.24 -2.50 -5.17
C GLY A 64 -6.52 -1.30 -5.80
N ARG A 65 -6.66 -1.14 -7.11
CA ARG A 65 -6.16 0.03 -7.81
C ARG A 65 -6.62 1.32 -7.12
N ALA A 66 -7.93 1.41 -6.86
CA ALA A 66 -8.51 2.57 -6.22
C ALA A 66 -7.97 2.73 -4.79
N ALA A 67 -7.67 1.63 -4.10
CA ALA A 67 -7.01 1.70 -2.80
C ALA A 67 -5.66 2.38 -2.93
N VAL A 68 -4.78 1.90 -3.82
CA VAL A 68 -3.48 2.55 -4.01
C VAL A 68 -3.67 4.03 -4.31
N GLN A 69 -4.56 4.33 -5.24
CA GLN A 69 -4.94 5.70 -5.56
C GLN A 69 -5.36 6.48 -4.30
N LEU A 70 -6.09 5.87 -3.37
CA LEU A 70 -6.52 6.58 -2.19
C LEU A 70 -5.28 6.89 -1.34
N TRP A 71 -4.33 5.97 -1.32
CA TRP A 71 -3.10 6.13 -0.56
C TRP A 71 -2.26 7.27 -1.14
N VAL A 72 -2.18 7.33 -2.46
CA VAL A 72 -1.52 8.42 -3.18
C VAL A 72 -2.20 9.76 -2.91
N SER A 73 -3.42 9.79 -2.34
CA SER A 73 -4.13 11.02 -2.08
C SER A 73 -3.43 11.95 -1.06
N GLU A 74 -2.32 11.55 -0.44
CA GLU A 74 -1.40 12.49 0.21
C GLU A 74 -0.55 13.28 -0.81
N ARG A 75 -0.85 13.21 -2.11
CA ARG A 75 -0.13 13.94 -3.13
C ARG A 75 0.10 15.44 -2.83
N PRO A 76 -0.88 16.17 -2.29
CA PRO A 76 -0.65 17.54 -1.82
C PRO A 76 0.54 17.63 -0.85
N SER A 77 0.65 16.69 0.07
CA SER A 77 1.55 16.72 1.21
C SER A 77 2.87 15.96 0.98
N TYR A 78 3.00 15.15 -0.07
CA TYR A 78 4.31 14.64 -0.44
C TYR A 78 4.95 15.71 -1.31
N ASN A 79 6.27 15.92 -1.21
CA ASN A 79 6.94 16.79 -2.20
C ASN A 79 8.27 16.21 -2.60
N TYR A 80 9.32 16.52 -1.82
CA TYR A 80 10.74 16.20 -1.89
C TYR A 80 11.37 17.31 -1.05
N ALA A 81 12.35 18.08 -1.54
CA ALA A 81 12.88 19.32 -1.03
C ALA A 81 13.92 18.97 0.03
N THR A 82 13.38 18.30 1.02
CA THR A 82 14.03 17.83 2.22
C THR A 82 13.76 16.33 2.37
N ASN A 83 13.21 15.70 1.33
CA ASN A 83 12.91 14.27 1.30
C ASN A 83 11.99 13.90 2.47
N GLN A 84 10.99 14.73 2.76
CA GLN A 84 10.13 14.59 3.92
C GLN A 84 8.73 15.04 3.55
N CYS A 85 7.76 14.60 4.34
CA CYS A 85 6.37 14.97 4.16
C CYS A 85 6.23 16.44 4.50
N VAL A 86 5.47 17.19 3.72
CA VAL A 86 5.34 18.63 3.85
C VAL A 86 4.70 18.85 5.22
N GLY A 87 5.34 19.68 6.02
CA GLY A 87 5.00 19.94 7.41
C GLY A 87 4.65 18.67 8.19
N GLY A 88 5.28 17.54 7.87
CA GLY A 88 5.01 16.27 8.54
C GLY A 88 3.52 15.91 8.58
N LYS A 89 2.77 16.17 7.51
CA LYS A 89 1.32 15.94 7.52
C LYS A 89 0.98 14.44 7.44
N LYS A 90 -0.29 14.10 7.18
CA LYS A 90 -0.83 12.74 7.35
C LYS A 90 -0.41 11.84 6.19
N CYS A 91 0.89 11.66 6.01
CA CYS A 91 1.48 11.09 4.81
C CYS A 91 1.72 9.59 4.95
N ARG A 92 1.16 8.94 5.97
CA ARG A 92 1.30 7.51 6.19
C ARG A 92 0.46 6.72 5.18
N HIS A 93 0.79 6.81 3.89
CA HIS A 93 0.21 6.03 2.82
C HIS A 93 1.10 6.17 1.58
N TYR A 94 1.21 7.36 0.97
CA TYR A 94 2.07 7.55 -0.19
C TYR A 94 3.50 7.15 0.11
N THR A 95 4.03 7.53 1.28
CA THR A 95 5.34 7.10 1.75
C THR A 95 5.56 5.61 1.46
N GLN A 96 4.53 4.81 1.74
CA GLN A 96 4.55 3.38 1.47
C GLN A 96 4.60 3.16 -0.06
N VAL A 97 3.63 3.71 -0.79
CA VAL A 97 3.47 3.45 -2.22
C VAL A 97 4.77 3.76 -2.98
N VAL A 98 5.47 4.79 -2.51
CA VAL A 98 6.71 5.26 -3.09
C VAL A 98 7.94 4.50 -2.60
N TRP A 99 7.84 3.74 -1.51
CA TRP A 99 8.94 3.28 -0.68
C TRP A 99 10.05 2.62 -1.51
N ARG A 100 11.03 3.39 -1.99
CA ARG A 100 12.06 2.93 -2.92
C ARG A 100 12.63 1.61 -2.44
N ASN A 101 12.93 1.54 -1.14
CA ASN A 101 13.55 0.36 -0.54
C ASN A 101 12.54 -0.75 -0.25
N SER A 102 11.64 -1.06 -1.19
CA SER A 102 10.89 -2.30 -1.26
C SER A 102 10.93 -2.73 -2.73
N VAL A 103 11.01 -4.03 -3.00
CA VAL A 103 11.08 -4.56 -4.36
C VAL A 103 10.11 -5.73 -4.59
N ARG A 104 9.63 -6.34 -3.52
CA ARG A 104 8.56 -7.31 -3.59
C ARG A 104 7.27 -6.63 -3.16
N LEU A 105 6.13 -7.14 -3.64
CA LEU A 105 4.82 -6.61 -3.35
C LEU A 105 3.83 -7.74 -3.49
N GLY A 106 2.99 -7.99 -2.48
CA GLY A 106 1.98 -9.01 -2.58
C GLY A 106 0.77 -8.59 -1.78
N CYS A 107 -0.35 -8.39 -2.48
CA CYS A 107 -1.51 -7.74 -1.90
C CYS A 107 -2.62 -8.72 -1.59
N GLY A 108 -3.52 -8.35 -0.70
CA GLY A 108 -4.52 -9.22 -0.13
C GLY A 108 -5.81 -8.45 -0.02
N ARG A 109 -6.75 -8.78 -0.90
CA ARG A 109 -8.07 -8.20 -0.93
C ARG A 109 -9.05 -9.29 -0.55
N ALA A 110 -10.07 -8.97 0.24
CA ALA A 110 -11.07 -9.95 0.68
C ALA A 110 -12.32 -9.19 1.12
N ARG A 111 -13.49 -9.75 0.85
CA ARG A 111 -14.74 -9.17 1.32
C ARG A 111 -14.94 -9.60 2.78
N CYS A 112 -15.16 -8.63 3.66
CA CYS A 112 -15.61 -8.88 5.03
C CYS A 112 -16.99 -9.49 5.05
N ASN A 113 -17.27 -10.22 6.13
CA ASN A 113 -18.63 -10.60 6.47
C ASN A 113 -19.56 -9.41 6.57
N ASN A 114 -19.08 -8.25 7.04
CA ASN A 114 -19.88 -7.03 7.05
C ASN A 114 -20.10 -6.43 5.65
N GLY A 115 -19.67 -7.14 4.60
CA GLY A 115 -19.91 -6.80 3.21
C GLY A 115 -18.87 -5.83 2.66
N TRP A 116 -18.20 -5.04 3.51
CA TRP A 116 -17.18 -4.13 3.02
C TRP A 116 -16.02 -4.91 2.42
N TRP A 117 -15.35 -4.33 1.44
CA TRP A 117 -14.11 -4.86 0.91
C TRP A 117 -12.97 -4.38 1.79
N PHE A 118 -12.19 -5.34 2.28
CA PHE A 118 -10.86 -5.14 2.81
C PHE A 118 -9.80 -5.13 1.73
N ILE A 119 -8.77 -4.29 1.91
CA ILE A 119 -7.48 -4.44 1.25
C ILE A 119 -6.37 -4.29 2.31
N SER A 120 -5.38 -5.19 2.23
CA SER A 120 -4.08 -5.14 2.88
C SER A 120 -3.04 -5.30 1.77
N CYS A 121 -1.79 -4.88 1.98
CA CYS A 121 -0.73 -5.27 1.07
C CYS A 121 0.65 -5.23 1.71
N ASN A 122 1.40 -6.33 1.61
CA ASN A 122 2.68 -6.49 2.31
C ASN A 122 3.82 -6.33 1.30
N TYR A 123 4.97 -5.82 1.76
CA TYR A 123 6.08 -5.36 0.93
C TYR A 123 7.39 -5.80 1.58
N ASP A 124 8.33 -6.34 0.79
CA ASP A 124 9.66 -6.74 1.24
C ASP A 124 10.74 -6.03 0.42
N PRO A 125 11.88 -5.64 1.02
CA PRO A 125 12.12 -5.55 2.46
C PRO A 125 11.17 -4.51 3.09
N VAL A 126 11.15 -4.46 4.41
CA VAL A 126 10.06 -3.81 5.13
C VAL A 126 9.74 -2.37 4.71
N GLY A 127 8.47 -2.17 4.38
CA GLY A 127 7.91 -0.89 4.01
C GLY A 127 7.59 -0.03 5.23
N ASN A 128 7.72 1.28 5.06
CA ASN A 128 7.36 2.31 6.04
C ASN A 128 7.97 2.07 7.41
N TRP A 129 9.15 1.46 7.44
CA TRP A 129 9.90 1.12 8.64
C TRP A 129 10.91 2.24 8.91
N ILE A 130 11.11 2.63 10.16
CA ILE A 130 12.13 3.62 10.48
C ILE A 130 13.51 3.06 10.15
N GLY A 131 14.45 3.92 9.77
CA GLY A 131 15.76 3.49 9.32
C GLY A 131 15.69 3.05 7.86
N GLN A 132 15.20 3.95 7.00
CA GLN A 132 15.19 3.78 5.56
C GLN A 132 15.11 5.17 4.93
N ARG A 133 15.09 5.24 3.59
CA ARG A 133 14.59 6.38 2.84
C ARG A 133 13.32 5.92 2.11
N PRO A 134 12.23 6.71 2.13
CA PRO A 134 11.04 6.40 1.37
C PRO A 134 11.21 6.72 -0.10
N TYR A 135 11.78 7.88 -0.42
CA TYR A 135 12.17 8.28 -1.76
C TYR A 135 13.62 8.71 -1.65
N GLN A 1 -8.91 -2.25 -12.92
CA GLN A 1 -8.77 -1.54 -11.64
C GLN A 1 -8.62 -2.52 -10.47
N ASN A 2 -8.56 -3.84 -10.70
CA ASN A 2 -8.36 -4.82 -9.66
C ASN A 2 -7.33 -5.88 -10.05
N SER A 3 -6.56 -5.66 -11.11
CA SER A 3 -5.49 -6.59 -11.47
C SER A 3 -4.33 -6.42 -10.49
N PRO A 4 -3.42 -7.40 -10.36
CA PRO A 4 -2.19 -7.19 -9.61
C PRO A 4 -1.39 -6.04 -10.24
N GLN A 5 -1.28 -6.06 -11.57
CA GLN A 5 -0.70 -4.98 -12.36
C GLN A 5 -1.32 -3.63 -11.99
N ASP A 6 -2.59 -3.59 -11.58
CA ASP A 6 -3.21 -2.31 -11.27
C ASP A 6 -2.53 -1.68 -10.06
N TYR A 7 -2.28 -2.46 -9.00
CA TYR A 7 -1.56 -1.93 -7.86
C TYR A 7 -0.16 -1.52 -8.31
N LEU A 8 0.55 -2.46 -8.94
CA LEU A 8 1.91 -2.24 -9.41
C LEU A 8 2.01 -0.96 -10.24
N ALA A 9 1.05 -0.71 -11.13
CA ALA A 9 1.01 0.46 -11.98
C ALA A 9 1.03 1.73 -11.12
N VAL A 10 0.07 1.88 -10.22
CA VAL A 10 -0.07 3.10 -9.42
C VAL A 10 1.22 3.32 -8.62
N HIS A 11 1.74 2.24 -8.02
CA HIS A 11 3.01 2.30 -7.29
C HIS A 11 4.13 2.79 -8.21
N ASN A 12 4.35 2.08 -9.31
CA ASN A 12 5.41 2.35 -10.27
C ASN A 12 5.33 3.78 -10.79
N ASP A 13 4.11 4.30 -10.97
CA ASP A 13 3.88 5.72 -11.21
C ASP A 13 4.41 6.62 -10.11
N ALA A 14 3.87 6.50 -8.89
CA ALA A 14 4.29 7.33 -7.78
C ALA A 14 5.80 7.28 -7.62
N ARG A 15 6.37 6.09 -7.73
CA ARG A 15 7.80 5.87 -7.67
C ARG A 15 8.50 6.62 -8.80
N ALA A 16 8.05 6.47 -10.05
CA ALA A 16 8.57 7.22 -11.17
C ALA A 16 8.58 8.72 -10.88
N GLN A 17 7.50 9.24 -10.30
CA GLN A 17 7.36 10.67 -10.03
C GLN A 17 8.58 11.21 -9.26
N VAL A 18 9.03 10.48 -8.25
CA VAL A 18 10.17 10.87 -7.42
C VAL A 18 11.45 10.12 -7.81
N GLY A 19 11.51 9.52 -9.00
CA GLY A 19 12.73 8.88 -9.51
C GLY A 19 13.17 7.72 -8.60
N VAL A 20 12.19 6.96 -8.13
CA VAL A 20 12.37 5.72 -7.40
C VAL A 20 12.18 4.58 -8.40
N GLY A 21 13.02 3.55 -8.36
CA GLY A 21 12.92 2.42 -9.28
C GLY A 21 11.63 1.62 -9.08
N PRO A 22 11.20 0.83 -10.08
CA PRO A 22 9.92 0.14 -10.08
C PRO A 22 9.92 -1.07 -9.14
N MET A 23 8.93 -1.95 -9.30
CA MET A 23 8.73 -3.19 -8.55
C MET A 23 7.99 -4.20 -9.44
N SER A 24 7.97 -5.46 -9.02
CA SER A 24 7.26 -6.56 -9.67
C SER A 24 6.48 -7.37 -8.63
N TRP A 25 5.75 -8.38 -9.07
CA TRP A 25 4.86 -9.16 -8.20
C TRP A 25 5.66 -10.22 -7.44
N ASP A 26 5.05 -10.83 -6.43
CA ASP A 26 5.61 -11.79 -5.51
C ASP A 26 4.49 -12.74 -5.09
N ALA A 27 4.54 -13.98 -5.55
CA ALA A 27 3.50 -14.94 -5.21
C ALA A 27 3.49 -15.19 -3.71
N ASN A 28 4.66 -15.17 -3.07
CA ASN A 28 4.77 -15.48 -1.65
C ASN A 28 4.11 -14.38 -0.82
N LEU A 29 4.48 -13.13 -1.08
CA LEU A 29 3.90 -11.98 -0.38
C LEU A 29 2.41 -11.92 -0.67
N ALA A 30 2.01 -12.01 -1.94
CA ALA A 30 0.61 -11.98 -2.32
C ALA A 30 -0.17 -13.06 -1.57
N SER A 31 0.38 -14.28 -1.52
CA SER A 31 -0.18 -15.35 -0.71
C SER A 31 -0.36 -14.89 0.73
N ARG A 32 0.70 -14.41 1.38
CA ARG A 32 0.66 -13.93 2.76
C ARG A 32 -0.46 -12.91 2.94
N ALA A 33 -0.56 -11.93 2.03
CA ALA A 33 -1.52 -10.85 2.12
C ALA A 33 -2.94 -11.40 1.95
N GLN A 34 -3.13 -12.29 0.98
CA GLN A 34 -4.41 -12.91 0.68
C GLN A 34 -4.86 -13.69 1.91
N ASN A 35 -3.96 -14.50 2.44
CA ASN A 35 -4.12 -15.35 3.61
C ASN A 35 -4.44 -14.50 4.81
N TYR A 36 -3.72 -13.41 5.02
CA TYR A 36 -3.99 -12.49 6.10
C TYR A 36 -5.41 -11.96 5.92
N ALA A 37 -5.72 -11.33 4.80
CA ALA A 37 -7.04 -10.77 4.54
C ALA A 37 -8.14 -11.82 4.81
N ASN A 38 -7.98 -13.01 4.23
CA ASN A 38 -8.85 -14.17 4.42
C ASN A 38 -9.08 -14.43 5.90
N SER A 39 -8.00 -14.73 6.63
CA SER A 39 -8.08 -15.08 8.04
C SER A 39 -8.73 -13.95 8.84
N ARG A 40 -8.44 -12.71 8.45
CA ARG A 40 -8.83 -11.50 9.14
C ARG A 40 -10.31 -11.25 8.94
N ALA A 41 -10.91 -11.76 7.85
CA ALA A 41 -12.28 -11.43 7.44
C ALA A 41 -13.38 -11.73 8.45
N GLY A 42 -13.06 -12.41 9.56
CA GLY A 42 -13.94 -12.44 10.71
C GLY A 42 -14.10 -11.03 11.30
N ASP A 43 -12.98 -10.41 11.66
CA ASP A 43 -12.92 -9.20 12.48
C ASP A 43 -12.62 -8.00 11.59
N CYS A 44 -11.60 -8.14 10.75
CA CYS A 44 -11.33 -7.26 9.63
C CYS A 44 -11.21 -5.79 10.01
N ASN A 45 -10.79 -5.51 11.24
CA ASN A 45 -10.63 -4.12 11.65
C ASN A 45 -9.38 -3.53 11.02
N LEU A 46 -9.40 -2.22 10.75
CA LEU A 46 -8.18 -1.48 10.50
C LEU A 46 -7.41 -1.38 11.83
N ILE A 47 -6.72 -2.45 12.23
CA ILE A 47 -5.96 -2.45 13.46
C ILE A 47 -4.62 -1.83 13.11
N HIS A 48 -3.82 -2.55 12.34
CA HIS A 48 -2.51 -2.24 11.81
C HIS A 48 -1.88 -3.58 11.49
N SER A 49 -0.91 -3.56 10.59
CA SER A 49 -0.18 -4.72 10.14
C SER A 49 1.30 -4.37 10.09
N GLY A 50 2.03 -4.88 11.08
CA GLY A 50 3.47 -4.76 11.27
C GLY A 50 3.98 -3.36 10.94
N ALA A 51 4.81 -3.27 9.91
CA ALA A 51 5.44 -2.03 9.46
C ALA A 51 5.76 -2.10 7.97
N GLY A 52 5.03 -2.89 7.19
CA GLY A 52 5.29 -3.12 5.77
C GLY A 52 3.98 -3.43 5.08
N GLU A 53 2.93 -2.64 5.34
CA GLU A 53 1.60 -2.84 4.79
C GLU A 53 0.82 -1.52 4.80
N ASN A 54 0.05 -1.26 3.73
CA ASN A 54 -0.96 -0.20 3.65
C ASN A 54 -2.29 -0.94 3.65
N LEU A 55 -3.26 -0.53 4.48
CA LEU A 55 -4.58 -1.15 4.53
C LEU A 55 -5.62 -0.28 3.85
N ALA A 56 -6.76 -0.84 3.47
CA ALA A 56 -7.98 -0.11 3.17
C ALA A 56 -9.19 -0.99 3.43
N LYS A 57 -10.38 -0.38 3.51
CA LYS A 57 -11.69 -1.02 3.61
C LYS A 57 -12.64 -0.18 2.75
N GLY A 58 -13.74 -0.72 2.26
CA GLY A 58 -14.72 0.06 1.53
C GLY A 58 -15.70 -0.84 0.79
N GLY A 59 -17.00 -0.54 0.81
CA GLY A 59 -18.03 -1.38 0.22
C GLY A 59 -18.76 -0.64 -0.89
N GLY A 60 -18.85 -1.28 -2.07
CA GLY A 60 -19.32 -0.69 -3.31
C GLY A 60 -18.22 -0.96 -4.34
N ASP A 61 -18.13 -0.15 -5.40
CA ASP A 61 -17.08 -0.26 -6.41
C ASP A 61 -15.76 0.31 -5.91
N PHE A 62 -15.36 -0.03 -4.69
CA PHE A 62 -14.06 0.32 -4.18
C PHE A 62 -13.08 -0.67 -4.77
N THR A 63 -12.21 -0.26 -5.68
CA THR A 63 -11.28 -1.15 -6.36
C THR A 63 -9.91 -1.10 -5.67
N GLY A 64 -9.03 -2.07 -5.94
CA GLY A 64 -7.68 -2.03 -5.39
C GLY A 64 -6.87 -0.89 -6.02
N ARG A 65 -7.03 -0.64 -7.33
CA ARG A 65 -6.43 0.50 -8.01
C ARG A 65 -6.87 1.78 -7.29
N ALA A 66 -8.17 1.91 -7.04
CA ALA A 66 -8.69 3.01 -6.23
C ALA A 66 -8.04 3.03 -4.85
N ALA A 67 -7.83 1.88 -4.20
CA ALA A 67 -7.20 1.84 -2.90
C ALA A 67 -5.84 2.54 -2.96
N VAL A 68 -4.94 2.07 -3.83
CA VAL A 68 -3.64 2.70 -3.94
C VAL A 68 -3.81 4.18 -4.25
N GLN A 69 -4.63 4.50 -5.23
CA GLN A 69 -4.92 5.87 -5.62
C GLN A 69 -5.44 6.69 -4.43
N LEU A 70 -6.21 6.09 -3.54
CA LEU A 70 -6.86 6.78 -2.45
C LEU A 70 -5.79 7.07 -1.39
N TRP A 71 -4.83 6.15 -1.25
CA TRP A 71 -3.66 6.39 -0.44
C TRP A 71 -2.91 7.58 -1.02
N VAL A 72 -2.51 7.47 -2.29
CA VAL A 72 -1.83 8.51 -3.06
C VAL A 72 -2.71 9.75 -3.23
N SER A 73 -3.95 9.77 -2.75
CA SER A 73 -4.73 10.99 -2.71
C SER A 73 -4.08 12.01 -1.76
N GLU A 74 -3.15 11.55 -0.91
CA GLU A 74 -2.19 12.36 -0.18
C GLU A 74 -1.05 12.95 -1.04
N ARG A 75 -1.15 12.81 -2.38
CA ARG A 75 -0.29 13.45 -3.35
C ARG A 75 0.09 14.88 -2.96
N PRO A 76 -0.86 15.83 -2.88
CA PRO A 76 -0.54 17.20 -2.55
C PRO A 76 0.11 17.33 -1.17
N SER A 77 -0.20 16.43 -0.23
CA SER A 77 0.35 16.46 1.11
C SER A 77 1.72 15.81 1.22
N TYR A 78 2.23 15.10 0.21
CA TYR A 78 3.65 14.80 0.16
C TYR A 78 4.33 15.82 -0.76
N ASN A 79 5.61 16.09 -0.54
CA ASN A 79 6.41 16.91 -1.45
C ASN A 79 7.86 16.44 -1.34
N TYR A 80 8.76 16.81 -2.27
CA TYR A 80 10.16 16.44 -2.19
C TYR A 80 10.90 17.64 -1.59
N ALA A 81 12.23 17.63 -1.70
CA ALA A 81 13.20 18.55 -1.14
C ALA A 81 13.44 18.10 0.30
N THR A 82 12.33 17.98 1.00
CA THR A 82 12.16 17.75 2.41
C THR A 82 12.02 16.25 2.66
N ASN A 83 11.47 15.53 1.67
CA ASN A 83 11.44 14.09 1.58
C ASN A 83 10.43 13.50 2.55
N GLN A 84 9.32 14.21 2.77
CA GLN A 84 8.29 13.73 3.66
C GLN A 84 6.93 14.34 3.35
N CYS A 85 5.93 13.89 4.11
CA CYS A 85 4.68 14.59 4.28
C CYS A 85 4.86 16.02 4.80
N VAL A 86 4.18 16.93 4.11
CA VAL A 86 4.14 18.37 4.30
C VAL A 86 3.53 18.63 5.68
N GLY A 87 3.60 19.87 6.16
CA GLY A 87 2.75 20.33 7.25
C GLY A 87 1.28 20.31 6.83
N GLY A 88 0.69 19.13 6.69
CA GLY A 88 -0.64 18.91 6.15
C GLY A 88 -0.94 17.42 6.34
N LYS A 89 -1.15 17.04 7.60
CA LYS A 89 -1.11 15.65 8.03
C LYS A 89 -2.36 14.88 7.57
N LYS A 90 -2.53 13.64 8.04
CA LYS A 90 -3.34 12.62 7.41
C LYS A 90 -2.74 12.29 6.07
N CYS A 91 -1.65 11.55 6.15
CA CYS A 91 -0.91 11.07 5.03
C CYS A 91 -0.40 9.70 5.47
N ARG A 92 0.86 9.64 5.89
CA ARG A 92 1.54 8.46 6.41
C ARG A 92 1.24 7.20 5.57
N HIS A 93 1.27 7.30 4.23
CA HIS A 93 0.82 6.22 3.37
C HIS A 93 1.58 6.24 2.03
N TYR A 94 1.58 7.38 1.35
CA TYR A 94 2.30 7.60 0.10
C TYR A 94 3.74 7.11 0.27
N THR A 95 4.37 7.46 1.39
CA THR A 95 5.70 7.02 1.72
C THR A 95 5.83 5.51 1.53
N GLN A 96 4.90 4.72 2.08
CA GLN A 96 4.93 3.28 1.93
C GLN A 96 4.72 2.88 0.45
N VAL A 97 3.86 3.58 -0.28
CA VAL A 97 3.65 3.32 -1.70
C VAL A 97 4.96 3.52 -2.46
N VAL A 98 5.71 4.55 -2.10
CA VAL A 98 6.91 4.93 -2.81
C VAL A 98 8.11 4.11 -2.35
N TRP A 99 8.14 3.68 -1.09
CA TRP A 99 9.32 3.27 -0.34
C TRP A 99 10.38 2.60 -1.22
N ARG A 100 11.42 3.34 -1.59
CA ARG A 100 12.51 2.95 -2.47
C ARG A 100 13.24 1.72 -1.95
N ASN A 101 13.28 1.57 -0.63
CA ASN A 101 13.81 0.37 -0.01
C ASN A 101 13.02 -0.85 -0.45
N SER A 102 11.69 -0.72 -0.62
CA SER A 102 10.83 -1.80 -1.06
C SER A 102 10.86 -1.90 -2.58
N VAL A 103 10.86 -3.13 -3.07
CA VAL A 103 10.79 -3.47 -4.47
C VAL A 103 9.77 -4.60 -4.69
N ARG A 104 8.95 -4.88 -3.68
CA ARG A 104 8.04 -6.01 -3.63
C ARG A 104 6.65 -5.53 -3.21
N LEU A 105 5.60 -6.16 -3.71
CA LEU A 105 4.23 -5.67 -3.60
C LEU A 105 3.20 -6.79 -3.75
N GLY A 106 2.86 -7.50 -2.67
CA GLY A 106 1.98 -8.65 -2.74
C GLY A 106 0.63 -8.34 -2.13
N CYS A 107 -0.39 -8.18 -2.98
CA CYS A 107 -1.71 -7.76 -2.51
C CYS A 107 -2.62 -8.93 -2.25
N GLY A 108 -3.54 -8.76 -1.30
CA GLY A 108 -4.41 -9.81 -0.79
C GLY A 108 -5.80 -9.73 -1.38
N ARG A 109 -6.53 -8.86 -0.71
CA ARG A 109 -7.93 -8.49 -0.92
C ARG A 109 -8.83 -9.60 -0.38
N ALA A 110 -9.70 -9.29 0.57
CA ALA A 110 -10.78 -10.16 1.00
C ALA A 110 -12.00 -9.28 1.22
N ARG A 111 -13.21 -9.83 1.06
CA ARG A 111 -14.40 -9.12 1.49
C ARG A 111 -14.65 -9.45 2.97
N CYS A 112 -15.21 -8.52 3.73
CA CYS A 112 -15.50 -8.65 5.14
C CYS A 112 -16.85 -8.04 5.47
N ASN A 113 -17.43 -8.45 6.59
CA ASN A 113 -18.79 -8.07 6.95
C ASN A 113 -18.82 -6.59 7.33
N ASN A 114 -17.87 -6.14 8.16
CA ASN A 114 -17.74 -4.74 8.58
C ASN A 114 -16.56 -4.03 7.90
N GLY A 115 -15.88 -4.70 6.97
CA GLY A 115 -14.76 -4.13 6.24
C GLY A 115 -15.05 -4.03 4.74
N TRP A 116 -16.14 -4.65 4.29
CA TRP A 116 -16.49 -4.76 2.89
C TRP A 116 -15.24 -5.17 2.11
N TRP A 117 -14.81 -4.47 1.06
CA TRP A 117 -13.64 -4.90 0.32
C TRP A 117 -12.40 -4.38 1.05
N PHE A 118 -11.87 -5.26 1.89
CA PHE A 118 -10.70 -5.01 2.69
C PHE A 118 -9.45 -5.38 1.91
N ILE A 119 -8.53 -4.43 1.77
CA ILE A 119 -7.27 -4.62 1.09
C ILE A 119 -6.17 -4.54 2.13
N SER A 120 -5.37 -5.62 2.23
CA SER A 120 -4.03 -5.63 2.79
C SER A 120 -3.12 -5.85 1.60
N CYS A 121 -1.94 -5.21 1.57
CA CYS A 121 -0.95 -5.45 0.53
C CYS A 121 0.46 -5.28 1.07
N ASN A 122 1.23 -6.37 1.11
CA ASN A 122 2.48 -6.48 1.86
C ASN A 122 3.64 -5.99 1.01
N TYR A 123 4.52 -5.20 1.62
CA TYR A 123 5.75 -4.69 1.02
C TYR A 123 6.92 -5.48 1.60
N ASP A 124 8.05 -5.55 0.89
CA ASP A 124 9.30 -6.09 1.43
C ASP A 124 10.47 -5.31 0.81
N PRO A 125 11.41 -4.82 1.61
CA PRO A 125 11.39 -4.75 3.06
C PRO A 125 10.28 -3.84 3.61
N VAL A 126 10.19 -3.79 4.94
CA VAL A 126 9.28 -2.93 5.69
C VAL A 126 9.37 -1.48 5.23
N GLY A 127 8.27 -0.72 5.33
CA GLY A 127 8.22 0.66 4.87
C GLY A 127 7.27 1.52 5.69
N ASN A 128 7.47 2.84 5.58
CA ASN A 128 6.99 3.80 6.58
C ASN A 128 7.58 3.46 7.96
N TRP A 129 8.69 2.72 7.97
CA TRP A 129 9.45 2.32 9.15
C TRP A 129 10.58 3.34 9.28
N ILE A 130 10.97 3.71 10.50
CA ILE A 130 12.03 4.68 10.70
C ILE A 130 13.39 4.10 10.23
N GLY A 131 14.31 4.95 9.78
CA GLY A 131 15.70 4.57 9.58
C GLY A 131 16.03 4.32 8.11
N GLN A 132 15.14 3.67 7.37
CA GLN A 132 15.32 3.45 5.95
C GLN A 132 14.85 4.70 5.20
N ARG A 133 15.44 5.00 4.05
CA ARG A 133 15.07 6.16 3.24
C ARG A 133 13.89 5.83 2.32
N PRO A 134 12.95 6.76 2.11
CA PRO A 134 11.75 6.53 1.32
C PRO A 134 11.93 6.85 -0.18
N TYR A 135 12.56 7.98 -0.53
CA TYR A 135 12.78 8.41 -1.91
C TYR A 135 13.96 9.37 -1.91
N GLN A 1 -8.75 -2.52 -12.87
CA GLN A 1 -8.69 -1.82 -11.57
C GLN A 1 -8.59 -2.78 -10.37
N ASN A 2 -8.63 -4.09 -10.56
CA ASN A 2 -8.54 -5.10 -9.51
C ASN A 2 -7.62 -6.24 -9.94
N SER A 3 -6.56 -5.92 -10.70
CA SER A 3 -5.51 -6.87 -11.09
C SER A 3 -4.23 -6.60 -10.28
N PRO A 4 -3.25 -7.51 -10.36
CA PRO A 4 -1.94 -7.32 -9.73
C PRO A 4 -1.28 -6.08 -10.32
N GLN A 5 -1.23 -6.03 -11.66
CA GLN A 5 -0.66 -4.92 -12.39
C GLN A 5 -1.34 -3.60 -12.03
N ASP A 6 -2.58 -3.60 -11.51
CA ASP A 6 -3.23 -2.37 -11.14
C ASP A 6 -2.54 -1.75 -9.93
N TYR A 7 -2.33 -2.52 -8.86
CA TYR A 7 -1.62 -1.95 -7.71
C TYR A 7 -0.26 -1.47 -8.20
N LEU A 8 0.46 -2.37 -8.87
CA LEU A 8 1.78 -2.09 -9.38
C LEU A 8 1.81 -0.86 -10.28
N ALA A 9 0.78 -0.65 -11.10
CA ALA A 9 0.69 0.51 -11.98
C ALA A 9 0.77 1.78 -11.15
N VAL A 10 -0.12 1.89 -10.17
CA VAL A 10 -0.20 3.09 -9.35
C VAL A 10 1.12 3.27 -8.57
N HIS A 11 1.64 2.19 -8.00
CA HIS A 11 2.92 2.24 -7.28
C HIS A 11 4.01 2.78 -8.20
N ASN A 12 4.16 2.15 -9.35
CA ASN A 12 5.18 2.49 -10.32
C ASN A 12 4.96 3.91 -10.80
N ASP A 13 3.71 4.38 -10.90
CA ASP A 13 3.41 5.78 -11.17
C ASP A 13 4.02 6.71 -10.15
N ALA A 14 3.66 6.51 -8.88
CA ALA A 14 4.15 7.34 -7.80
C ALA A 14 5.69 7.30 -7.78
N ARG A 15 6.25 6.09 -7.79
CA ARG A 15 7.70 5.91 -7.82
C ARG A 15 8.31 6.66 -9.00
N ALA A 16 7.73 6.51 -10.19
CA ALA A 16 8.17 7.21 -11.38
C ALA A 16 8.21 8.71 -11.12
N GLN A 17 7.12 9.25 -10.57
CA GLN A 17 7.02 10.68 -10.30
C GLN A 17 8.20 11.19 -9.48
N VAL A 18 8.66 10.44 -8.48
CA VAL A 18 9.79 10.84 -7.63
C VAL A 18 11.10 10.13 -8.01
N GLY A 19 11.20 9.60 -9.23
CA GLY A 19 12.41 8.96 -9.73
C GLY A 19 12.93 7.94 -8.72
N VAL A 20 12.05 7.01 -8.35
CA VAL A 20 12.33 5.88 -7.49
C VAL A 20 12.27 4.65 -8.41
N GLY A 21 13.31 3.82 -8.41
CA GLY A 21 13.28 2.55 -9.13
C GLY A 21 12.08 1.73 -8.63
N PRO A 22 11.35 1.04 -9.53
CA PRO A 22 9.98 0.55 -9.35
C PRO A 22 9.86 -0.59 -8.32
N MET A 23 9.03 -1.59 -8.58
CA MET A 23 8.88 -2.81 -7.80
C MET A 23 8.32 -3.93 -8.67
N SER A 24 8.18 -5.12 -8.08
CA SER A 24 7.58 -6.29 -8.69
C SER A 24 6.55 -6.96 -7.78
N TRP A 25 5.80 -7.87 -8.40
CA TRP A 25 4.81 -8.69 -7.74
C TRP A 25 5.54 -9.84 -7.06
N ASP A 26 5.69 -9.83 -5.73
CA ASP A 26 6.05 -11.05 -5.03
C ASP A 26 4.75 -11.79 -4.80
N ALA A 27 4.57 -12.90 -5.52
CA ALA A 27 3.36 -13.69 -5.44
C ALA A 27 3.20 -14.25 -4.03
N ASN A 28 4.29 -14.38 -3.27
CA ASN A 28 4.23 -14.86 -1.90
C ASN A 28 3.71 -13.77 -0.99
N LEU A 29 4.05 -12.51 -1.23
CA LEU A 29 3.43 -11.43 -0.47
C LEU A 29 1.97 -11.36 -0.86
N ALA A 30 1.63 -11.52 -2.13
CA ALA A 30 0.24 -11.50 -2.56
C ALA A 30 -0.53 -12.59 -1.82
N SER A 31 -0.03 -13.82 -1.87
CA SER A 31 -0.65 -14.96 -1.24
C SER A 31 -0.83 -14.69 0.26
N ARG A 32 0.28 -14.34 0.92
CA ARG A 32 0.32 -14.11 2.36
C ARG A 32 -0.62 -12.96 2.76
N ALA A 33 -0.65 -11.88 1.99
CA ALA A 33 -1.47 -10.72 2.28
C ALA A 33 -2.95 -11.07 2.13
N GLN A 34 -3.30 -11.71 1.02
CA GLN A 34 -4.66 -12.12 0.74
C GLN A 34 -5.14 -13.10 1.82
N ASN A 35 -4.31 -14.09 2.11
CA ASN A 35 -4.52 -15.09 3.14
C ASN A 35 -4.73 -14.39 4.47
N TYR A 36 -3.84 -13.47 4.85
CA TYR A 36 -3.95 -12.74 6.10
C TYR A 36 -5.31 -12.05 6.15
N ALA A 37 -5.63 -11.26 5.14
CA ALA A 37 -6.88 -10.52 5.11
C ALA A 37 -8.07 -11.46 5.25
N ASN A 38 -8.03 -12.59 4.55
CA ASN A 38 -9.03 -13.65 4.61
C ASN A 38 -9.19 -14.14 6.04
N SER A 39 -8.12 -14.71 6.59
CA SER A 39 -8.15 -15.37 7.88
C SER A 39 -8.46 -14.37 8.99
N ARG A 40 -8.01 -13.13 8.83
CA ARG A 40 -8.02 -12.11 9.88
C ARG A 40 -9.18 -11.14 9.65
N ALA A 41 -10.23 -11.57 8.96
CA ALA A 41 -11.39 -10.75 8.74
C ALA A 41 -12.14 -10.59 10.07
N GLY A 42 -13.13 -11.44 10.36
CA GLY A 42 -13.82 -11.48 11.64
C GLY A 42 -14.81 -10.33 11.78
N ASP A 43 -14.28 -9.11 11.80
CA ASP A 43 -15.05 -7.89 11.59
C ASP A 43 -14.71 -7.46 10.17
N CYS A 44 -13.77 -6.52 10.06
CA CYS A 44 -13.20 -5.89 8.87
C CYS A 44 -12.21 -4.83 9.36
N ASN A 45 -11.48 -5.17 10.42
CA ASN A 45 -10.67 -4.20 11.14
C ASN A 45 -9.32 -4.19 10.45
N LEU A 46 -8.82 -3.01 10.11
CA LEU A 46 -7.61 -2.87 9.31
C LEU A 46 -6.41 -3.10 10.22
N ILE A 47 -6.21 -4.34 10.67
CA ILE A 47 -5.07 -4.75 11.46
C ILE A 47 -4.12 -5.46 10.49
N HIS A 48 -2.81 -5.28 10.67
CA HIS A 48 -1.83 -6.17 10.06
C HIS A 48 -0.76 -6.50 11.11
N SER A 49 -0.11 -5.45 11.58
CA SER A 49 1.19 -5.46 12.22
C SER A 49 1.67 -4.01 12.17
N GLY A 50 1.93 -3.51 10.96
CA GLY A 50 2.34 -2.14 10.75
C GLY A 50 3.86 -2.03 10.86
N ALA A 51 4.57 -3.02 10.33
CA ALA A 51 5.99 -2.99 10.05
C ALA A 51 6.11 -3.44 8.60
N GLY A 52 5.81 -2.51 7.69
CA GLY A 52 5.91 -2.70 6.25
C GLY A 52 4.56 -3.00 5.61
N GLU A 53 3.50 -2.31 6.05
CA GLU A 53 2.16 -2.51 5.57
C GLU A 53 1.43 -1.19 5.30
N ASN A 54 0.37 -1.34 4.51
CA ASN A 54 -0.77 -0.43 4.40
C ASN A 54 -1.96 -1.37 4.16
N LEU A 55 -3.16 -0.87 4.39
CA LEU A 55 -4.40 -1.60 4.17
C LEU A 55 -5.43 -0.56 3.70
N ALA A 56 -6.57 -1.03 3.23
CA ALA A 56 -7.73 -0.23 2.88
C ALA A 56 -8.96 -1.14 2.98
N LYS A 57 -10.14 -0.56 2.89
CA LYS A 57 -11.38 -1.30 2.75
C LYS A 57 -12.42 -0.41 2.11
N GLY A 58 -13.54 -1.00 1.69
CA GLY A 58 -14.69 -0.25 1.22
C GLY A 58 -15.92 -1.14 1.19
N GLY A 59 -17.08 -0.58 0.87
CA GLY A 59 -18.35 -1.25 1.04
C GLY A 59 -18.58 -2.26 -0.07
N GLY A 60 -18.66 -1.77 -1.30
CA GLY A 60 -18.75 -2.62 -2.47
C GLY A 60 -17.42 -3.31 -2.72
N ASP A 61 -17.38 -4.12 -3.77
CA ASP A 61 -16.19 -4.76 -4.31
C ASP A 61 -15.24 -3.69 -4.86
N PHE A 62 -14.59 -3.03 -3.92
CA PHE A 62 -13.88 -1.76 -4.05
C PHE A 62 -12.51 -1.93 -4.73
N THR A 63 -12.49 -2.53 -5.93
CA THR A 63 -11.33 -2.55 -6.80
C THR A 63 -10.05 -3.03 -6.10
N GLY A 64 -9.06 -2.15 -6.03
CA GLY A 64 -7.76 -2.31 -5.43
C GLY A 64 -6.94 -1.11 -5.92
N ARG A 65 -7.04 -0.83 -7.22
CA ARG A 65 -6.44 0.35 -7.81
C ARG A 65 -6.92 1.60 -7.09
N ALA A 66 -8.23 1.75 -6.88
CA ALA A 66 -8.77 2.94 -6.23
C ALA A 66 -8.16 3.11 -4.84
N ALA A 67 -7.90 2.00 -4.14
CA ALA A 67 -7.21 2.06 -2.86
C ALA A 67 -5.82 2.68 -3.04
N VAL A 68 -4.99 2.12 -3.92
CA VAL A 68 -3.66 2.70 -4.12
C VAL A 68 -3.77 4.16 -4.57
N GLN A 69 -4.70 4.46 -5.45
CA GLN A 69 -4.95 5.82 -5.87
C GLN A 69 -5.29 6.70 -4.67
N LEU A 70 -6.11 6.23 -3.73
CA LEU A 70 -6.44 6.99 -2.53
C LEU A 70 -5.17 7.26 -1.74
N TRP A 71 -4.24 6.30 -1.74
CA TRP A 71 -2.95 6.44 -1.09
C TRP A 71 -2.13 7.52 -1.82
N VAL A 72 -2.13 7.51 -3.15
CA VAL A 72 -1.48 8.56 -3.92
C VAL A 72 -2.17 9.91 -3.72
N SER A 73 -3.46 9.94 -3.35
CA SER A 73 -4.15 11.17 -2.98
C SER A 73 -3.60 11.84 -1.71
N GLU A 74 -2.57 11.27 -1.06
CA GLU A 74 -1.73 12.04 -0.15
C GLU A 74 -0.85 13.06 -0.90
N ARG A 75 -0.98 13.16 -2.23
CA ARG A 75 -0.30 14.09 -3.11
C ARG A 75 -0.04 15.47 -2.47
N PRO A 76 -1.04 16.18 -1.91
CA PRO A 76 -0.82 17.42 -1.18
C PRO A 76 0.40 17.38 -0.25
N SER A 77 0.50 16.36 0.61
CA SER A 77 1.63 16.26 1.52
C SER A 77 2.86 15.61 0.88
N TYR A 78 2.72 14.96 -0.25
CA TYR A 78 3.85 14.28 -0.87
C TYR A 78 4.60 15.34 -1.66
N ASN A 79 5.83 15.64 -1.22
CA ASN A 79 6.60 16.69 -1.85
C ASN A 79 8.08 16.45 -1.60
N TYR A 80 8.93 16.83 -2.55
CA TYR A 80 10.33 16.46 -2.62
C TYR A 80 11.13 17.73 -2.34
N ALA A 81 12.39 17.78 -2.77
CA ALA A 81 13.37 18.84 -2.66
C ALA A 81 14.03 18.76 -1.30
N THR A 82 13.20 18.54 -0.29
CA THR A 82 13.53 18.49 1.11
C THR A 82 13.52 17.02 1.59
N ASN A 83 13.24 16.08 0.68
CA ASN A 83 13.14 14.65 0.94
C ASN A 83 12.30 14.37 2.20
N GLN A 84 11.02 14.71 2.20
CA GLN A 84 10.13 14.43 3.32
C GLN A 84 8.69 14.30 2.82
N CYS A 85 7.70 14.89 3.48
CA CYS A 85 6.30 14.65 3.13
C CYS A 85 5.44 15.71 3.82
N VAL A 86 5.79 16.97 3.56
CA VAL A 86 5.17 18.21 4.03
C VAL A 86 4.87 18.07 5.52
N GLY A 87 5.96 17.95 6.26
CA GLY A 87 5.99 17.61 7.67
C GLY A 87 6.58 16.22 7.88
N GLY A 88 6.72 15.42 6.81
CA GLY A 88 7.34 14.11 6.86
C GLY A 88 6.40 13.03 7.41
N LYS A 89 5.60 13.39 8.41
CA LYS A 89 4.44 12.64 8.85
C LYS A 89 3.32 12.83 7.81
N LYS A 90 2.06 12.61 8.19
CA LYS A 90 0.91 13.10 7.44
C LYS A 90 0.92 12.67 5.97
N CYS A 91 1.33 11.43 5.71
CA CYS A 91 1.43 10.85 4.38
C CYS A 91 1.10 9.38 4.53
N ARG A 92 2.00 8.65 5.19
CA ARG A 92 1.90 7.24 5.55
C ARG A 92 1.73 6.25 4.41
N HIS A 93 0.66 6.34 3.62
CA HIS A 93 0.49 5.37 2.57
C HIS A 93 1.49 5.70 1.47
N TYR A 94 1.62 6.98 1.12
CA TYR A 94 2.53 7.38 0.06
C TYR A 94 3.95 6.91 0.34
N THR A 95 4.46 7.17 1.53
CA THR A 95 5.76 6.72 1.98
C THR A 95 5.94 5.23 1.63
N GLN A 96 5.01 4.38 2.05
CA GLN A 96 5.10 2.94 1.83
C GLN A 96 5.06 2.63 0.33
N VAL A 97 4.10 3.21 -0.39
CA VAL A 97 3.93 2.98 -1.82
C VAL A 97 5.26 3.25 -2.52
N VAL A 98 5.85 4.40 -2.22
CA VAL A 98 7.03 4.92 -2.86
C VAL A 98 8.33 4.36 -2.26
N TRP A 99 8.25 3.47 -1.28
CA TRP A 99 9.41 3.11 -0.47
C TRP A 99 10.44 2.38 -1.34
N ARG A 100 11.40 3.10 -1.91
CA ARG A 100 12.48 2.63 -2.75
C ARG A 100 12.99 1.27 -2.27
N ASN A 101 13.30 1.21 -0.97
CA ASN A 101 13.88 0.03 -0.35
C ASN A 101 13.03 -1.23 -0.59
N SER A 102 11.71 -1.09 -0.56
CA SER A 102 10.80 -2.21 -0.75
C SER A 102 10.64 -2.41 -2.25
N VAL A 103 11.25 -3.47 -2.78
CA VAL A 103 11.23 -3.80 -4.20
C VAL A 103 10.12 -4.79 -4.53
N ARG A 104 9.60 -5.48 -3.52
CA ARG A 104 8.43 -6.32 -3.68
C ARG A 104 7.20 -5.60 -3.18
N LEU A 105 6.06 -5.93 -3.79
CA LEU A 105 4.74 -5.70 -3.26
C LEU A 105 3.92 -6.94 -3.60
N GLY A 106 2.88 -7.16 -2.82
CA GLY A 106 1.89 -8.19 -3.03
C GLY A 106 0.69 -7.80 -2.18
N CYS A 107 -0.49 -7.83 -2.79
CA CYS A 107 -1.71 -7.28 -2.19
C CYS A 107 -2.79 -8.36 -2.19
N GLY A 108 -3.92 -8.05 -1.55
CA GLY A 108 -5.02 -8.97 -1.32
C GLY A 108 -6.34 -8.20 -1.41
N ARG A 109 -7.42 -8.96 -1.55
CA ARG A 109 -8.78 -8.59 -1.88
C ARG A 109 -9.67 -9.62 -1.19
N ALA A 110 -9.76 -9.58 0.14
CA ALA A 110 -10.49 -10.56 0.93
C ALA A 110 -11.82 -9.93 1.34
N ARG A 111 -12.95 -10.56 1.06
CA ARG A 111 -14.20 -10.03 1.57
C ARG A 111 -14.21 -10.11 3.09
N CYS A 112 -14.38 -8.98 3.77
CA CYS A 112 -14.55 -8.96 5.21
C CYS A 112 -15.83 -9.66 5.64
N ASN A 113 -15.78 -10.29 6.80
CA ASN A 113 -16.92 -10.97 7.40
C ASN A 113 -18.07 -9.97 7.58
N ASN A 114 -17.79 -8.72 7.93
CA ASN A 114 -18.83 -7.71 8.08
C ASN A 114 -19.53 -7.34 6.76
N GLY A 115 -19.10 -7.90 5.63
CA GLY A 115 -19.74 -7.70 4.33
C GLY A 115 -19.02 -6.66 3.47
N TRP A 116 -18.15 -5.83 4.05
CA TRP A 116 -17.28 -4.95 3.29
C TRP A 116 -16.14 -5.77 2.68
N TRP A 117 -15.28 -5.12 1.91
CA TRP A 117 -14.11 -5.74 1.32
C TRP A 117 -12.84 -5.20 1.97
N PHE A 118 -11.94 -6.12 2.33
CA PHE A 118 -10.63 -5.88 2.87
C PHE A 118 -9.67 -5.84 1.68
N ILE A 119 -8.92 -4.75 1.50
CA ILE A 119 -7.80 -4.71 0.57
C ILE A 119 -6.54 -4.53 1.41
N SER A 120 -5.56 -5.41 1.23
CA SER A 120 -4.52 -5.60 2.23
C SER A 120 -3.20 -5.91 1.55
N CYS A 121 -2.09 -5.33 2.01
CA CYS A 121 -0.79 -5.54 1.37
C CYS A 121 0.27 -5.69 2.45
N ASN A 122 1.41 -6.28 2.08
CA ASN A 122 2.63 -6.42 2.86
C ASN A 122 3.77 -6.05 1.91
N TYR A 123 4.93 -5.66 2.43
CA TYR A 123 6.12 -5.29 1.67
C TYR A 123 7.35 -5.73 2.46
N ASP A 124 8.43 -6.08 1.77
CA ASP A 124 9.75 -6.36 2.35
C ASP A 124 10.79 -5.66 1.47
N PRO A 125 11.94 -5.22 2.00
CA PRO A 125 12.19 -4.94 3.40
C PRO A 125 11.14 -4.00 3.95
N VAL A 126 10.89 -4.09 5.26
CA VAL A 126 9.80 -3.36 5.86
C VAL A 126 9.85 -1.88 5.52
N GLY A 127 8.73 -1.38 5.00
CA GLY A 127 8.62 -0.02 4.53
C GLY A 127 8.19 0.90 5.66
N ASN A 128 8.32 2.20 5.42
CA ASN A 128 7.95 3.27 6.36
C ASN A 128 8.73 3.21 7.67
N TRP A 129 9.88 2.52 7.65
CA TRP A 129 10.59 2.10 8.84
C TRP A 129 11.69 3.13 9.14
N ILE A 130 12.52 2.90 10.15
CA ILE A 130 13.54 3.84 10.60
C ILE A 130 14.84 3.69 9.78
N GLY A 131 15.67 4.75 9.79
CA GLY A 131 17.02 4.74 9.23
C GLY A 131 17.09 4.16 7.81
N GLN A 132 16.13 4.54 6.98
CA GLN A 132 15.96 4.02 5.64
C GLN A 132 15.19 5.07 4.83
N ARG A 133 15.69 5.43 3.65
CA ARG A 133 15.10 6.47 2.82
C ARG A 133 13.82 5.95 2.14
N PRO A 134 12.75 6.76 2.07
CA PRO A 134 11.59 6.46 1.24
C PRO A 134 11.92 6.60 -0.25
N TYR A 135 12.56 7.70 -0.64
CA TYR A 135 12.76 8.13 -2.02
C TYR A 135 14.05 8.93 -2.08
N GLN A 1 -8.24 -2.87 -12.65
CA GLN A 1 -8.81 -2.75 -11.30
C GLN A 1 -8.21 -3.69 -10.25
N ASN A 2 -8.21 -5.01 -10.47
CA ASN A 2 -7.90 -6.01 -9.46
C ASN A 2 -6.92 -7.02 -10.06
N SER A 3 -5.71 -6.59 -10.38
CA SER A 3 -4.64 -7.41 -10.96
C SER A 3 -3.30 -6.90 -10.43
N PRO A 4 -2.21 -7.68 -10.48
CA PRO A 4 -0.90 -7.23 -10.00
C PRO A 4 -0.49 -5.86 -10.59
N GLN A 5 -0.56 -5.72 -11.91
CA GLN A 5 -0.23 -4.46 -12.57
C GLN A 5 -1.19 -3.32 -12.24
N ASP A 6 -2.27 -3.52 -11.47
CA ASP A 6 -2.97 -2.36 -10.94
C ASP A 6 -2.07 -1.71 -9.91
N TYR A 7 -1.77 -2.48 -8.88
CA TYR A 7 -0.92 -2.05 -7.79
C TYR A 7 0.40 -1.57 -8.35
N LEU A 8 1.07 -2.45 -9.07
CA LEU A 8 2.38 -2.20 -9.62
C LEU A 8 2.35 -1.01 -10.57
N ALA A 9 1.31 -0.85 -11.41
CA ALA A 9 1.22 0.37 -12.21
C ALA A 9 1.21 1.58 -11.30
N VAL A 10 0.18 1.75 -10.47
CA VAL A 10 0.03 3.00 -9.72
C VAL A 10 1.28 3.27 -8.87
N HIS A 11 1.82 2.22 -8.24
CA HIS A 11 3.04 2.35 -7.46
C HIS A 11 4.19 2.83 -8.34
N ASN A 12 4.45 2.14 -9.45
CA ASN A 12 5.55 2.49 -10.33
C ASN A 12 5.34 3.92 -10.86
N ASP A 13 4.10 4.30 -11.16
CA ASP A 13 3.69 5.64 -11.54
C ASP A 13 4.15 6.66 -10.51
N ALA A 14 3.73 6.47 -9.26
CA ALA A 14 4.07 7.37 -8.17
C ALA A 14 5.59 7.41 -7.96
N ARG A 15 6.23 6.25 -7.88
CA ARG A 15 7.67 6.15 -7.77
C ARG A 15 8.33 6.89 -8.94
N ALA A 16 7.75 6.81 -10.13
CA ALA A 16 8.23 7.49 -11.32
C ALA A 16 7.98 9.00 -11.28
N GLN A 17 7.10 9.48 -10.40
CA GLN A 17 6.94 10.92 -10.17
C GLN A 17 8.15 11.43 -9.39
N VAL A 18 8.58 10.69 -8.37
CA VAL A 18 9.67 11.10 -7.50
C VAL A 18 11.01 10.54 -7.97
N GLY A 19 11.02 9.68 -8.99
CA GLY A 19 12.23 9.14 -9.57
C GLY A 19 12.87 8.16 -8.57
N VAL A 20 12.06 7.22 -8.09
CA VAL A 20 12.46 6.16 -7.18
C VAL A 20 12.50 4.85 -7.99
N GLY A 21 13.10 3.80 -7.44
CA GLY A 21 13.07 2.48 -8.06
C GLY A 21 11.64 1.96 -8.18
N PRO A 22 11.32 1.10 -9.16
CA PRO A 22 10.02 0.47 -9.29
C PRO A 22 9.96 -0.77 -8.39
N MET A 23 8.92 -1.61 -8.55
CA MET A 23 8.80 -2.88 -7.82
C MET A 23 8.17 -3.97 -8.67
N SER A 24 8.31 -5.20 -8.19
CA SER A 24 7.71 -6.40 -8.73
C SER A 24 6.69 -7.02 -7.79
N TRP A 25 5.94 -7.97 -8.35
CA TRP A 25 5.12 -8.89 -7.58
C TRP A 25 6.08 -9.99 -7.14
N ASP A 26 5.95 -10.54 -5.92
CA ASP A 26 6.73 -11.73 -5.52
C ASP A 26 5.87 -12.97 -5.33
N ALA A 27 4.59 -12.85 -5.66
CA ALA A 27 3.51 -13.82 -5.45
C ALA A 27 3.28 -14.17 -3.98
N ASN A 28 4.32 -14.46 -3.22
CA ASN A 28 4.24 -14.87 -1.82
C ASN A 28 3.65 -13.76 -0.99
N LEU A 29 4.04 -12.50 -1.23
CA LEU A 29 3.42 -11.40 -0.51
C LEU A 29 1.91 -11.34 -0.79
N ALA A 30 1.50 -11.70 -2.01
CA ALA A 30 0.09 -11.67 -2.37
C ALA A 30 -0.64 -12.79 -1.63
N SER A 31 -0.07 -14.00 -1.66
CA SER A 31 -0.63 -15.13 -0.98
C SER A 31 -0.77 -14.83 0.52
N ARG A 32 0.30 -14.34 1.12
CA ARG A 32 0.38 -13.91 2.50
C ARG A 32 -0.71 -12.88 2.79
N ALA A 33 -0.75 -11.79 2.03
CA ALA A 33 -1.73 -10.73 2.22
C ALA A 33 -3.15 -11.30 2.20
N GLN A 34 -3.44 -12.16 1.22
CA GLN A 34 -4.73 -12.80 1.08
C GLN A 34 -5.05 -13.62 2.32
N ASN A 35 -4.17 -14.54 2.70
CA ASN A 35 -4.29 -15.34 3.91
C ASN A 35 -4.57 -14.48 5.14
N TYR A 36 -3.71 -13.50 5.38
CA TYR A 36 -3.80 -12.57 6.50
C TYR A 36 -5.18 -11.91 6.54
N ALA A 37 -5.60 -11.32 5.43
CA ALA A 37 -6.92 -10.72 5.33
C ALA A 37 -8.00 -11.74 5.68
N ASN A 38 -7.98 -12.86 4.95
CA ASN A 38 -8.92 -13.96 5.08
C ASN A 38 -9.11 -14.32 6.54
N SER A 39 -8.01 -14.57 7.24
CA SER A 39 -8.08 -15.17 8.56
C SER A 39 -8.31 -14.15 9.68
N ARG A 40 -8.67 -12.92 9.32
CA ARG A 40 -9.03 -11.86 10.24
C ARG A 40 -10.45 -11.37 9.90
N ALA A 41 -11.17 -12.10 9.03
CA ALA A 41 -12.34 -11.62 8.32
C ALA A 41 -13.55 -11.55 9.23
N GLY A 42 -13.60 -10.47 9.99
CA GLY A 42 -14.64 -10.09 10.93
C GLY A 42 -14.13 -8.85 11.66
N ASP A 43 -12.88 -8.94 12.11
CA ASP A 43 -12.15 -7.98 12.92
C ASP A 43 -11.13 -7.21 12.11
N CYS A 44 -11.13 -7.41 10.79
CA CYS A 44 -9.97 -7.08 9.98
C CYS A 44 -9.79 -5.57 9.79
N ASN A 45 -10.91 -4.85 9.83
CA ASN A 45 -11.01 -3.40 9.91
C ASN A 45 -9.89 -2.68 9.15
N LEU A 46 -8.94 -2.05 9.86
CA LEU A 46 -7.70 -1.52 9.33
C LEU A 46 -6.63 -1.78 10.39
N ILE A 47 -6.53 -3.01 10.90
CA ILE A 47 -5.55 -3.29 11.95
C ILE A 47 -4.24 -3.54 11.22
N HIS A 48 -3.15 -2.93 11.67
CA HIS A 48 -1.88 -2.99 10.97
C HIS A 48 -1.17 -4.29 11.37
N SER A 49 -0.24 -4.24 12.33
CA SER A 49 0.52 -5.41 12.79
C SER A 49 1.15 -6.16 11.62
N GLY A 50 2.32 -5.72 11.16
CA GLY A 50 3.01 -6.27 10.00
C GLY A 50 4.20 -5.39 9.61
N ALA A 51 4.01 -4.07 9.66
CA ALA A 51 5.06 -3.05 9.54
C ALA A 51 5.74 -2.98 8.18
N GLY A 52 5.13 -3.54 7.13
CA GLY A 52 5.57 -3.41 5.76
C GLY A 52 4.35 -3.57 4.89
N GLU A 53 3.34 -2.74 5.17
CA GLU A 53 1.97 -3.00 4.80
C GLU A 53 1.13 -1.73 4.69
N ASN A 54 0.40 -1.56 3.59
CA ASN A 54 -0.72 -0.63 3.45
C ASN A 54 -1.99 -1.45 3.36
N LEU A 55 -3.13 -0.82 3.67
CA LEU A 55 -4.43 -1.48 3.73
C LEU A 55 -5.49 -0.54 3.17
N ALA A 56 -6.66 -1.07 2.81
CA ALA A 56 -7.85 -0.28 2.55
C ALA A 56 -9.09 -1.14 2.85
N LYS A 57 -10.02 -0.62 3.64
CA LYS A 57 -11.37 -1.17 3.76
C LYS A 57 -12.19 -0.67 2.56
N GLY A 58 -13.40 -1.16 2.35
CA GLY A 58 -14.25 -0.67 1.29
C GLY A 58 -15.70 -1.10 1.46
N GLY A 59 -16.24 -1.85 0.51
CA GLY A 59 -17.60 -2.37 0.54
C GLY A 59 -18.39 -2.02 -0.72
N GLY A 60 -17.89 -1.10 -1.54
CA GLY A 60 -18.51 -0.77 -2.82
C GLY A 60 -18.01 -1.71 -3.91
N ASP A 61 -18.12 -1.25 -5.16
CA ASP A 61 -17.44 -1.77 -6.34
C ASP A 61 -15.95 -1.45 -6.25
N PHE A 62 -15.32 -1.83 -5.14
CA PHE A 62 -14.07 -1.24 -4.70
C PHE A 62 -12.90 -1.81 -5.48
N THR A 63 -12.20 -0.98 -6.25
CA THR A 63 -11.12 -1.43 -7.10
C THR A 63 -9.81 -1.31 -6.31
N GLY A 64 -8.91 -2.27 -6.48
CA GLY A 64 -7.59 -2.21 -5.90
C GLY A 64 -6.88 -0.94 -6.36
N ARG A 65 -7.06 -0.58 -7.63
CA ARG A 65 -6.52 0.62 -8.25
C ARG A 65 -6.93 1.87 -7.46
N ALA A 66 -8.22 2.04 -7.20
CA ALA A 66 -8.74 3.18 -6.46
C ALA A 66 -8.15 3.22 -5.06
N ALA A 67 -8.01 2.06 -4.40
CA ALA A 67 -7.39 2.02 -3.08
C ALA A 67 -5.98 2.61 -3.13
N VAL A 68 -5.12 2.22 -4.08
CA VAL A 68 -3.81 2.87 -4.17
C VAL A 68 -3.98 4.37 -4.35
N GLN A 69 -4.83 4.75 -5.31
CA GLN A 69 -5.08 6.14 -5.63
C GLN A 69 -5.54 6.93 -4.39
N LEU A 70 -6.28 6.33 -3.47
CA LEU A 70 -6.63 7.00 -2.20
C LEU A 70 -5.33 7.38 -1.51
N TRP A 71 -4.38 6.46 -1.45
CA TRP A 71 -3.10 6.69 -0.79
C TRP A 71 -2.28 7.75 -1.53
N VAL A 72 -2.29 7.73 -2.87
CA VAL A 72 -1.63 8.80 -3.62
C VAL A 72 -2.28 10.15 -3.30
N SER A 73 -3.60 10.17 -3.07
CA SER A 73 -4.29 11.38 -2.66
C SER A 73 -3.82 11.96 -1.31
N GLU A 74 -2.85 11.33 -0.63
CA GLU A 74 -2.08 12.01 0.40
C GLU A 74 -1.14 13.08 -0.18
N ARG A 75 -1.17 13.35 -1.48
CA ARG A 75 -0.33 14.35 -2.15
C ARG A 75 -0.09 15.66 -1.36
N PRO A 76 -1.08 16.34 -0.77
CA PRO A 76 -0.84 17.55 0.01
C PRO A 76 -0.08 17.34 1.34
N SER A 77 0.30 16.10 1.67
CA SER A 77 1.36 15.82 2.62
C SER A 77 2.62 15.29 1.95
N TYR A 78 2.52 14.67 0.78
CA TYR A 78 3.65 13.99 0.17
C TYR A 78 4.45 15.06 -0.56
N ASN A 79 5.68 15.30 -0.07
CA ASN A 79 6.59 16.20 -0.74
C ASN A 79 8.02 15.84 -0.41
N TYR A 80 8.89 15.98 -1.41
CA TYR A 80 10.30 15.66 -1.30
C TYR A 80 10.97 16.85 -0.61
N ALA A 81 12.11 17.32 -1.10
CA ALA A 81 12.78 18.56 -0.81
C ALA A 81 13.61 18.39 0.45
N THR A 82 12.96 17.91 1.50
CA THR A 82 13.54 17.70 2.82
C THR A 82 13.13 16.32 3.34
N ASN A 83 13.00 15.36 2.43
CA ASN A 83 12.85 13.95 2.66
C ASN A 83 11.81 13.59 3.72
N GLN A 84 10.58 14.06 3.55
CA GLN A 84 9.58 13.90 4.58
C GLN A 84 8.19 13.91 3.95
N CYS A 85 7.18 14.32 4.70
CA CYS A 85 5.82 14.45 4.23
C CYS A 85 5.41 15.89 4.54
N VAL A 86 5.88 16.82 3.71
CA VAL A 86 5.80 18.27 3.88
C VAL A 86 6.48 18.68 5.21
N GLY A 87 6.85 19.94 5.36
CA GLY A 87 7.50 20.51 6.54
C GLY A 87 7.05 19.86 7.86
N GLY A 88 5.75 19.64 8.05
CA GLY A 88 5.26 18.89 9.21
C GLY A 88 3.87 18.28 8.99
N LYS A 89 3.59 17.72 7.82
CA LYS A 89 2.48 16.77 7.68
C LYS A 89 3.03 15.35 7.90
N LYS A 90 2.21 14.31 7.73
CA LYS A 90 2.57 12.92 7.79
C LYS A 90 1.61 12.17 6.86
N CYS A 91 2.14 11.45 5.87
CA CYS A 91 1.34 10.85 4.80
C CYS A 91 1.01 9.43 5.22
N ARG A 92 2.06 8.70 5.61
CA ARG A 92 2.00 7.37 6.17
C ARG A 92 1.67 6.30 5.12
N HIS A 93 0.57 6.41 4.40
CA HIS A 93 0.29 5.41 3.37
C HIS A 93 1.24 5.62 2.19
N TYR A 94 1.30 6.86 1.68
CA TYR A 94 2.09 7.17 0.50
C TYR A 94 3.55 6.78 0.66
N THR A 95 4.14 7.04 1.82
CA THR A 95 5.51 6.66 2.11
C THR A 95 5.73 5.19 1.78
N GLN A 96 4.83 4.29 2.17
CA GLN A 96 4.97 2.89 1.83
C GLN A 96 4.74 2.64 0.32
N VAL A 97 3.87 3.40 -0.34
CA VAL A 97 3.71 3.31 -1.80
C VAL A 97 5.06 3.56 -2.48
N VAL A 98 5.73 4.62 -2.06
CA VAL A 98 6.96 5.10 -2.67
C VAL A 98 8.22 4.39 -2.19
N TRP A 99 8.20 3.86 -0.95
CA TRP A 99 9.36 3.48 -0.17
C TRP A 99 10.51 2.92 -1.00
N ARG A 100 11.56 3.71 -1.18
CA ARG A 100 12.71 3.40 -2.00
C ARG A 100 13.20 1.98 -1.74
N ASN A 101 13.32 1.61 -0.47
CA ASN A 101 13.91 0.32 -0.10
C ASN A 101 13.06 -0.88 -0.52
N SER A 102 11.74 -0.72 -0.66
CA SER A 102 10.84 -1.86 -0.90
C SER A 102 10.86 -2.16 -2.40
N VAL A 103 10.99 -3.42 -2.77
CA VAL A 103 11.07 -3.84 -4.17
C VAL A 103 10.06 -4.95 -4.50
N ARG A 104 9.48 -5.57 -3.48
CA ARG A 104 8.42 -6.54 -3.63
C ARG A 104 7.13 -5.94 -3.11
N LEU A 105 6.02 -6.23 -3.78
CA LEU A 105 4.68 -5.84 -3.35
C LEU A 105 3.83 -7.11 -3.53
N GLY A 106 2.82 -7.32 -2.70
CA GLY A 106 1.82 -8.35 -2.95
C GLY A 106 0.58 -8.01 -2.15
N CYS A 107 -0.59 -8.13 -2.79
CA CYS A 107 -1.86 -7.74 -2.21
C CYS A 107 -2.84 -8.90 -2.28
N GLY A 108 -3.86 -8.85 -1.43
CA GLY A 108 -4.98 -9.77 -1.43
C GLY A 108 -6.26 -8.96 -1.55
N ARG A 109 -7.41 -9.63 -1.54
CA ARG A 109 -8.72 -9.01 -1.51
C ARG A 109 -9.61 -9.95 -0.71
N ALA A 110 -10.12 -9.55 0.45
CA ALA A 110 -11.07 -10.36 1.21
C ALA A 110 -12.20 -9.46 1.68
N ARG A 111 -13.44 -9.93 1.60
CA ARG A 111 -14.57 -9.22 2.16
C ARG A 111 -14.67 -9.59 3.65
N CYS A 112 -14.19 -8.71 4.52
CA CYS A 112 -14.33 -8.80 5.97
C CYS A 112 -15.64 -8.17 6.40
N ASN A 113 -16.11 -8.50 7.61
CA ASN A 113 -17.42 -8.04 8.07
C ASN A 113 -17.44 -6.51 8.25
N ASN A 114 -16.47 -5.98 9.00
CA ASN A 114 -16.34 -4.54 9.24
C ASN A 114 -15.41 -3.87 8.24
N GLY A 115 -14.34 -4.55 7.85
CA GLY A 115 -13.42 -4.05 6.85
C GLY A 115 -14.08 -3.99 5.47
N TRP A 116 -15.25 -4.63 5.30
CA TRP A 116 -15.90 -4.77 4.02
C TRP A 116 -14.85 -5.25 3.02
N TRP A 117 -14.62 -4.57 1.90
CA TRP A 117 -13.64 -5.07 0.96
C TRP A 117 -12.27 -4.62 1.44
N PHE A 118 -11.64 -5.51 2.19
CA PHE A 118 -10.31 -5.36 2.71
C PHE A 118 -9.30 -5.77 1.64
N ILE A 119 -8.63 -4.77 1.09
CA ILE A 119 -7.41 -4.94 0.34
C ILE A 119 -6.30 -4.85 1.37
N SER A 120 -5.64 -5.97 1.66
CA SER A 120 -4.39 -6.04 2.35
C SER A 120 -3.28 -5.92 1.29
N CYS A 121 -2.21 -5.19 1.57
CA CYS A 121 -1.11 -5.01 0.63
C CYS A 121 0.19 -4.96 1.39
N ASN A 122 0.93 -6.07 1.36
CA ASN A 122 2.19 -6.23 2.09
C ASN A 122 3.35 -6.04 1.11
N TYR A 123 4.51 -5.62 1.60
CA TYR A 123 5.66 -5.15 0.83
C TYR A 123 6.91 -5.74 1.48
N ASP A 124 7.96 -6.03 0.70
CA ASP A 124 9.25 -6.37 1.28
C ASP A 124 10.42 -5.80 0.46
N PRO A 125 11.58 -5.53 1.08
CA PRO A 125 11.76 -5.38 2.53
C PRO A 125 10.89 -4.23 3.07
N VAL A 126 10.66 -4.22 4.38
CA VAL A 126 9.54 -3.48 4.95
C VAL A 126 9.72 -1.96 4.87
N GLY A 127 8.65 -1.21 5.15
CA GLY A 127 8.61 0.23 4.96
C GLY A 127 7.66 0.91 5.93
N ASN A 128 7.67 2.25 5.90
CA ASN A 128 7.21 3.13 6.99
C ASN A 128 8.05 2.93 8.26
N TRP A 129 9.13 2.18 8.16
CA TRP A 129 9.95 1.70 9.25
C TRP A 129 11.14 2.64 9.46
N ILE A 130 11.48 2.92 10.71
CA ILE A 130 12.47 3.93 11.06
C ILE A 130 13.83 3.57 10.43
N GLY A 131 14.76 4.53 10.37
CA GLY A 131 16.09 4.30 9.84
C GLY A 131 16.17 4.56 8.33
N GLN A 132 15.25 4.01 7.54
CA GLN A 132 15.40 3.96 6.09
C GLN A 132 14.94 5.27 5.45
N ARG A 133 15.09 5.36 4.12
CA ARG A 133 14.70 6.49 3.31
C ARG A 133 13.44 6.15 2.50
N PRO A 134 12.39 6.99 2.51
CA PRO A 134 11.24 6.81 1.66
C PRO A 134 11.57 7.15 0.21
N TYR A 135 12.33 8.22 -0.02
CA TYR A 135 12.83 8.66 -1.33
C TYR A 135 14.11 9.46 -1.09
N GLN A 1 -9.50 -4.15 -13.03
CA GLN A 1 -8.89 -3.68 -11.78
C GLN A 1 -8.88 -4.78 -10.69
N ASN A 2 -8.19 -5.87 -10.94
CA ASN A 2 -8.04 -6.96 -9.98
C ASN A 2 -6.67 -7.64 -10.09
N SER A 3 -6.02 -7.55 -11.25
CA SER A 3 -4.75 -8.17 -11.55
C SER A 3 -3.61 -7.41 -10.83
N PRO A 4 -2.43 -8.02 -10.71
CA PRO A 4 -1.29 -7.41 -10.04
C PRO A 4 -0.90 -6.09 -10.68
N GLN A 5 -0.83 -6.04 -12.01
CA GLN A 5 -0.48 -4.84 -12.74
C GLN A 5 -1.36 -3.64 -12.36
N ASP A 6 -2.57 -3.89 -11.90
CA ASP A 6 -3.48 -2.80 -11.56
C ASP A 6 -2.95 -2.11 -10.30
N TYR A 7 -2.39 -2.87 -9.37
CA TYR A 7 -1.76 -2.32 -8.18
C TYR A 7 -0.37 -1.77 -8.51
N LEU A 8 0.42 -2.59 -9.21
CA LEU A 8 1.80 -2.31 -9.53
C LEU A 8 1.91 -1.09 -10.42
N ALA A 9 0.94 -0.87 -11.32
CA ALA A 9 0.91 0.33 -12.14
C ALA A 9 0.91 1.54 -11.24
N VAL A 10 -0.06 1.69 -10.35
CA VAL A 10 -0.16 2.87 -9.50
C VAL A 10 1.13 3.04 -8.68
N HIS A 11 1.70 1.94 -8.19
CA HIS A 11 2.99 1.99 -7.51
C HIS A 11 4.07 2.60 -8.42
N ASN A 12 4.20 2.10 -9.64
CA ASN A 12 5.23 2.53 -10.57
C ASN A 12 4.98 4.00 -10.97
N ASP A 13 3.74 4.36 -11.28
CA ASP A 13 3.26 5.74 -11.43
C ASP A 13 3.75 6.65 -10.32
N ALA A 14 3.33 6.37 -9.09
CA ALA A 14 3.67 7.21 -7.96
C ALA A 14 5.18 7.29 -7.83
N ARG A 15 5.88 6.15 -7.95
CA ARG A 15 7.33 6.15 -7.96
C ARG A 15 7.92 6.96 -9.12
N ALA A 16 7.27 6.98 -10.28
CA ALA A 16 7.72 7.77 -11.41
C ALA A 16 7.63 9.24 -11.02
N GLN A 17 6.51 9.62 -10.41
CA GLN A 17 6.19 10.99 -10.06
C GLN A 17 7.17 11.60 -9.06
N VAL A 18 7.97 10.79 -8.36
CA VAL A 18 9.07 11.26 -7.53
C VAL A 18 10.43 10.83 -8.08
N GLY A 19 10.48 9.83 -8.96
CA GLY A 19 11.71 9.18 -9.36
C GLY A 19 12.25 8.40 -8.17
N VAL A 20 11.66 7.24 -7.90
CA VAL A 20 12.24 6.20 -7.04
C VAL A 20 12.18 4.87 -7.81
N GLY A 21 13.10 3.94 -7.54
CA GLY A 21 13.27 2.73 -8.34
C GLY A 21 12.08 1.77 -8.26
N PRO A 22 11.98 0.81 -9.20
CA PRO A 22 10.77 0.02 -9.42
C PRO A 22 10.57 -1.11 -8.40
N MET A 23 9.59 -1.98 -8.66
CA MET A 23 9.28 -3.20 -7.94
C MET A 23 8.52 -4.15 -8.89
N SER A 24 8.22 -5.35 -8.43
CA SER A 24 7.38 -6.34 -9.10
C SER A 24 6.56 -7.14 -8.09
N TRP A 25 5.84 -8.18 -8.55
CA TRP A 25 4.91 -8.95 -7.75
C TRP A 25 5.69 -10.06 -7.03
N ASP A 26 5.83 -9.97 -5.72
CA ASP A 26 6.30 -11.08 -4.90
C ASP A 26 5.07 -11.93 -4.58
N ALA A 27 5.03 -13.17 -5.08
CA ALA A 27 3.91 -14.06 -4.86
C ALA A 27 3.78 -14.46 -3.39
N ASN A 28 4.87 -14.50 -2.63
CA ASN A 28 4.82 -14.78 -1.20
C ASN A 28 4.10 -13.63 -0.52
N LEU A 29 4.45 -12.38 -0.83
CA LEU A 29 3.74 -11.24 -0.28
C LEU A 29 2.28 -11.31 -0.66
N ALA A 30 1.98 -11.56 -1.93
CA ALA A 30 0.60 -11.65 -2.39
C ALA A 30 -0.16 -12.72 -1.60
N SER A 31 0.48 -13.88 -1.38
CA SER A 31 -0.12 -14.95 -0.61
C SER A 31 -0.38 -14.48 0.83
N ARG A 32 0.60 -13.86 1.47
CA ARG A 32 0.46 -13.31 2.81
C ARG A 32 -0.72 -12.36 2.89
N ALA A 33 -0.75 -11.39 1.99
CA ALA A 33 -1.75 -10.35 2.01
C ALA A 33 -3.12 -10.98 1.84
N GLN A 34 -3.28 -11.88 0.85
CA GLN A 34 -4.56 -12.52 0.63
C GLN A 34 -4.96 -13.40 1.82
N ASN A 35 -4.01 -14.13 2.40
CA ASN A 35 -4.20 -14.82 3.68
C ASN A 35 -4.73 -13.84 4.72
N TYR A 36 -4.07 -12.70 4.90
CA TYR A 36 -4.41 -11.76 5.95
C TYR A 36 -5.83 -11.27 5.75
N ALA A 37 -6.15 -10.80 4.55
CA ALA A 37 -7.49 -10.37 4.19
C ALA A 37 -8.49 -11.51 4.47
N ASN A 38 -8.18 -12.72 4.01
CA ASN A 38 -9.02 -13.90 4.21
C ASN A 38 -9.31 -14.12 5.68
N SER A 39 -8.27 -14.23 6.49
CA SER A 39 -8.41 -14.44 7.92
C SER A 39 -9.18 -13.29 8.57
N ARG A 40 -8.98 -12.06 8.07
CA ARG A 40 -9.69 -10.90 8.56
C ARG A 40 -11.10 -10.81 7.99
N ALA A 41 -11.48 -11.59 6.97
CA ALA A 41 -12.78 -11.46 6.33
C ALA A 41 -13.90 -11.52 7.37
N GLY A 42 -13.82 -12.49 8.28
CA GLY A 42 -14.83 -12.66 9.31
C GLY A 42 -14.85 -11.49 10.31
N ASP A 43 -13.76 -10.74 10.44
CA ASP A 43 -13.52 -9.84 11.56
C ASP A 43 -13.34 -8.39 11.08
N CYS A 44 -12.29 -8.16 10.30
CA CYS A 44 -11.90 -6.89 9.73
C CYS A 44 -11.58 -5.88 10.83
N ASN A 45 -10.66 -6.26 11.73
CA ASN A 45 -10.19 -5.33 12.77
C ASN A 45 -9.46 -4.12 12.20
N LEU A 46 -8.83 -4.26 11.04
CA LEU A 46 -8.08 -3.21 10.37
C LEU A 46 -7.12 -2.47 11.33
N ILE A 47 -6.50 -3.20 12.26
CA ILE A 47 -5.50 -2.64 13.17
C ILE A 47 -4.16 -2.66 12.43
N HIS A 48 -3.81 -3.84 11.92
CA HIS A 48 -2.58 -4.18 11.23
C HIS A 48 -1.44 -4.44 12.23
N SER A 49 -0.84 -5.62 12.18
CA SER A 49 0.07 -6.12 13.21
C SER A 49 1.54 -6.09 12.76
N GLY A 50 2.07 -4.96 12.28
CA GLY A 50 3.50 -4.89 11.97
C GLY A 50 3.83 -3.72 11.05
N ALA A 51 5.05 -3.68 10.51
CA ALA A 51 5.45 -2.75 9.45
C ALA A 51 5.15 -3.40 8.09
N GLY A 52 5.68 -2.85 7.00
CA GLY A 52 5.62 -3.50 5.70
C GLY A 52 4.21 -3.57 5.13
N GLU A 53 3.30 -2.69 5.54
CA GLU A 53 1.93 -2.72 5.01
C GLU A 53 1.25 -1.35 5.15
N ASN A 54 0.15 -1.20 4.43
CA ASN A 54 -0.83 -0.13 4.52
C ASN A 54 -2.10 -0.73 3.96
N LEU A 55 -3.23 -0.56 4.63
CA LEU A 55 -4.48 -1.23 4.27
C LEU A 55 -5.42 -0.26 3.56
N ALA A 56 -6.44 -0.80 2.90
CA ALA A 56 -7.64 -0.08 2.54
C ALA A 56 -8.84 -0.88 3.04
N LYS A 57 -9.89 -0.17 3.47
CA LYS A 57 -11.21 -0.74 3.72
C LYS A 57 -12.08 -0.34 2.53
N GLY A 58 -12.96 -1.23 2.10
CA GLY A 58 -13.76 -0.97 0.91
C GLY A 58 -14.93 -0.04 1.19
N GLY A 59 -16.02 -0.29 0.47
CA GLY A 59 -17.24 0.50 0.53
C GLY A 59 -18.21 -0.21 -0.41
N GLY A 60 -18.27 0.23 -1.67
CA GLY A 60 -18.92 -0.49 -2.75
C GLY A 60 -17.90 -0.67 -3.87
N ASP A 61 -17.93 -1.80 -4.58
CA ASP A 61 -17.16 -2.05 -5.80
C ASP A 61 -15.66 -1.73 -5.68
N PHE A 62 -15.11 -1.88 -4.48
CA PHE A 62 -13.80 -1.34 -4.20
C PHE A 62 -12.71 -2.11 -4.95
N THR A 63 -12.01 -1.43 -5.85
CA THR A 63 -10.93 -1.97 -6.65
C THR A 63 -9.62 -2.00 -5.86
N GLY A 64 -8.71 -2.91 -6.21
CA GLY A 64 -7.37 -2.86 -5.63
C GLY A 64 -6.70 -1.52 -5.96
N ARG A 65 -6.87 -1.05 -7.19
CA ARG A 65 -6.35 0.23 -7.63
C ARG A 65 -6.80 1.35 -6.68
N ALA A 66 -8.10 1.38 -6.33
CA ALA A 66 -8.63 2.38 -5.42
C ALA A 66 -7.83 2.43 -4.12
N ALA A 67 -7.33 1.30 -3.62
CA ALA A 67 -6.50 1.28 -2.43
C ALA A 67 -5.27 2.16 -2.63
N VAL A 68 -4.46 1.85 -3.64
CA VAL A 68 -3.23 2.61 -3.87
C VAL A 68 -3.58 4.07 -4.11
N GLN A 69 -4.59 4.30 -4.92
CA GLN A 69 -5.10 5.64 -5.21
C GLN A 69 -5.58 6.34 -3.93
N LEU A 70 -6.09 5.60 -2.94
CA LEU A 70 -6.64 6.19 -1.74
C LEU A 70 -5.42 6.65 -0.95
N TRP A 71 -4.38 5.82 -0.89
CA TRP A 71 -3.11 6.17 -0.25
C TRP A 71 -2.50 7.39 -0.93
N VAL A 72 -2.41 7.38 -2.26
CA VAL A 72 -1.83 8.47 -3.03
C VAL A 72 -2.70 9.74 -2.91
N SER A 73 -3.87 9.71 -2.26
CA SER A 73 -4.49 10.96 -1.80
C SER A 73 -3.52 11.82 -0.98
N GLU A 74 -2.54 11.19 -0.33
CA GLU A 74 -1.48 11.85 0.41
C GLU A 74 -0.51 12.65 -0.49
N ARG A 75 -0.78 12.74 -1.80
CA ARG A 75 0.05 13.43 -2.79
C ARG A 75 0.28 14.94 -2.59
N PRO A 76 -0.69 15.78 -2.18
CA PRO A 76 -0.55 17.22 -2.35
C PRO A 76 0.55 17.79 -1.45
N SER A 77 0.83 17.17 -0.31
CA SER A 77 1.94 17.48 0.59
C SER A 77 3.24 16.77 0.18
N TYR A 78 3.23 15.96 -0.85
CA TYR A 78 4.27 14.98 -1.10
C TYR A 78 5.45 15.62 -1.83
N ASN A 79 6.25 16.37 -1.07
CA ASN A 79 7.33 17.18 -1.61
C ASN A 79 8.59 16.33 -1.79
N TYR A 80 9.16 16.40 -2.98
CA TYR A 80 10.45 15.82 -3.33
C TYR A 80 11.52 16.91 -3.46
N ALA A 81 11.14 18.16 -3.74
CA ALA A 81 12.08 19.24 -3.95
C ALA A 81 12.99 19.35 -2.73
N THR A 82 12.41 19.39 -1.53
CA THR A 82 13.14 19.32 -0.27
C THR A 82 13.01 17.93 0.38
N ASN A 83 12.85 16.89 -0.44
CA ASN A 83 12.91 15.46 -0.12
C ASN A 83 12.15 15.01 1.14
N GLN A 84 11.05 15.64 1.53
CA GLN A 84 10.25 15.14 2.66
C GLN A 84 8.82 15.64 2.54
N CYS A 85 7.85 14.91 3.08
CA CYS A 85 6.47 15.35 2.99
C CYS A 85 6.30 16.63 3.80
N VAL A 86 5.56 17.57 3.23
CA VAL A 86 5.25 18.84 3.84
C VAL A 86 4.42 18.49 5.08
N GLY A 87 4.41 19.35 6.09
CA GLY A 87 3.50 19.20 7.21
C GLY A 87 2.09 19.60 6.80
N GLY A 88 1.53 18.84 5.85
CA GLY A 88 0.10 18.81 5.65
C GLY A 88 -0.40 17.93 6.79
N LYS A 89 -0.63 16.64 6.54
CA LYS A 89 -0.67 15.63 7.58
C LYS A 89 0.11 14.40 7.10
N LYS A 90 0.04 13.31 7.85
CA LYS A 90 0.90 12.15 7.65
C LYS A 90 0.64 11.53 6.28
N CYS A 91 1.67 11.48 5.45
CA CYS A 91 1.65 10.91 4.10
C CYS A 91 2.12 9.46 4.18
N ARG A 92 1.66 8.78 5.24
CA ARG A 92 2.31 7.57 5.70
C ARG A 92 2.22 6.45 4.68
N HIS A 93 1.08 6.33 4.01
CA HIS A 93 0.89 5.23 3.10
C HIS A 93 1.69 5.48 1.85
N TYR A 94 1.62 6.69 1.30
CA TYR A 94 2.35 7.03 0.10
C TYR A 94 3.85 6.83 0.34
N THR A 95 4.39 7.19 1.51
CA THR A 95 5.78 6.83 1.81
C THR A 95 6.05 5.34 1.57
N GLN A 96 5.15 4.45 2.01
CA GLN A 96 5.33 3.03 1.77
C GLN A 96 5.23 2.71 0.28
N VAL A 97 4.23 3.28 -0.40
CA VAL A 97 3.99 3.01 -1.81
C VAL A 97 5.26 3.29 -2.59
N VAL A 98 5.89 4.42 -2.30
CA VAL A 98 7.07 4.90 -2.99
C VAL A 98 8.37 4.30 -2.45
N TRP A 99 8.32 3.49 -1.40
CA TRP A 99 9.45 3.22 -0.52
C TRP A 99 10.57 2.56 -1.31
N ARG A 100 11.69 3.27 -1.49
CA ARG A 100 12.84 2.81 -2.24
C ARG A 100 13.15 1.36 -1.85
N ASN A 101 13.39 1.13 -0.56
CA ASN A 101 13.98 -0.12 -0.12
C ASN A 101 13.15 -1.34 -0.55
N SER A 102 11.83 -1.17 -0.61
CA SER A 102 10.87 -2.23 -0.85
C SER A 102 10.77 -2.47 -2.35
N VAL A 103 11.38 -3.53 -2.84
CA VAL A 103 11.31 -3.92 -4.24
C VAL A 103 10.34 -5.09 -4.47
N ARG A 104 9.83 -5.69 -3.40
CA ARG A 104 8.77 -6.66 -3.45
C ARG A 104 7.46 -5.95 -3.08
N LEU A 105 6.36 -6.35 -3.69
CA LEU A 105 5.01 -5.92 -3.34
C LEU A 105 4.07 -7.07 -3.70
N GLY A 106 2.92 -7.14 -3.05
CA GLY A 106 2.01 -8.28 -3.22
C GLY A 106 0.76 -8.12 -2.37
N CYS A 107 -0.41 -8.24 -3.00
CA CYS A 107 -1.68 -7.78 -2.41
C CYS A 107 -2.68 -8.89 -2.16
N GLY A 108 -3.66 -8.58 -1.32
CA GLY A 108 -4.79 -9.43 -0.95
C GLY A 108 -6.09 -8.64 -1.16
N ARG A 109 -7.23 -9.32 -1.09
CA ARG A 109 -8.53 -8.74 -1.39
C ARG A 109 -9.61 -9.73 -0.96
N ALA A 110 -10.30 -9.49 0.16
CA ALA A 110 -11.36 -10.36 0.66
C ALA A 110 -12.44 -9.51 1.32
N ARG A 111 -13.69 -9.98 1.37
CA ARG A 111 -14.83 -9.16 1.76
C ARG A 111 -15.15 -9.31 3.25
N CYS A 112 -15.30 -8.21 3.96
CA CYS A 112 -15.78 -8.23 5.35
C CYS A 112 -17.26 -8.61 5.40
N ASN A 113 -17.73 -9.18 6.52
CA ASN A 113 -19.17 -9.40 6.73
C ASN A 113 -19.89 -8.06 6.72
N ASN A 114 -19.21 -7.00 7.17
CA ASN A 114 -19.72 -5.64 7.12
C ASN A 114 -19.92 -5.13 5.69
N GLY A 115 -19.45 -5.88 4.69
CA GLY A 115 -19.73 -5.68 3.29
C GLY A 115 -18.56 -5.04 2.55
N TRP A 116 -17.74 -4.24 3.23
CA TRP A 116 -16.63 -3.56 2.59
C TRP A 116 -15.57 -4.58 2.14
N TRP A 117 -14.98 -4.39 0.97
CA TRP A 117 -13.91 -5.24 0.50
C TRP A 117 -12.58 -4.77 1.10
N PHE A 118 -11.97 -5.63 1.92
CA PHE A 118 -10.73 -5.41 2.64
C PHE A 118 -9.57 -5.73 1.71
N ILE A 119 -8.67 -4.77 1.52
CA ILE A 119 -7.43 -4.98 0.79
C ILE A 119 -6.28 -4.71 1.74
N SER A 120 -5.49 -5.75 2.03
CA SER A 120 -4.14 -5.64 2.54
C SER A 120 -3.21 -5.62 1.33
N CYS A 121 -2.06 -4.96 1.42
CA CYS A 121 -1.00 -5.19 0.46
C CYS A 121 0.35 -4.91 1.08
N ASN A 122 1.22 -5.91 1.08
CA ASN A 122 2.39 -5.98 1.94
C ASN A 122 3.64 -5.71 1.11
N TYR A 123 4.75 -5.32 1.77
CA TYR A 123 5.98 -4.87 1.13
C TYR A 123 7.15 -5.64 1.75
N ASP A 124 8.17 -5.98 0.96
CA ASP A 124 9.40 -6.64 1.44
C ASP A 124 10.64 -6.01 0.78
N PRO A 125 11.70 -5.69 1.54
CA PRO A 125 11.70 -5.52 2.98
C PRO A 125 10.65 -4.48 3.40
N VAL A 126 10.28 -4.53 4.67
CA VAL A 126 9.24 -3.68 5.23
C VAL A 126 9.56 -2.18 5.10
N GLY A 127 8.54 -1.38 4.77
CA GLY A 127 8.63 0.06 4.74
C GLY A 127 7.71 0.69 5.78
N ASN A 128 7.80 2.03 5.87
CA ASN A 128 7.38 2.84 7.01
C ASN A 128 8.09 2.40 8.30
N TRP A 129 9.20 1.68 8.16
CA TRP A 129 9.95 1.07 9.24
C TRP A 129 11.10 2.02 9.60
N ILE A 130 11.93 1.65 10.58
CA ILE A 130 13.09 2.41 11.00
C ILE A 130 14.31 2.07 10.15
N GLY A 131 15.39 2.84 10.26
CA GLY A 131 16.69 2.49 9.69
C GLY A 131 16.67 2.31 8.16
N GLN A 132 15.74 2.98 7.48
CA GLN A 132 15.64 3.05 6.04
C GLN A 132 15.00 4.41 5.75
N ARG A 133 14.86 4.81 4.48
CA ARG A 133 14.19 6.04 4.07
C ARG A 133 13.16 5.69 2.99
N PRO A 134 12.09 6.48 2.87
CA PRO A 134 11.15 6.31 1.78
C PRO A 134 11.80 6.70 0.45
N TYR A 135 12.46 7.86 0.41
CA TYR A 135 13.10 8.36 -0.78
C TYR A 135 14.22 9.33 -0.38
N GLN A 1 -8.82 -2.80 -12.99
CA GLN A 1 -8.77 -2.14 -11.67
C GLN A 1 -8.46 -3.12 -10.53
N ASN A 2 -8.76 -4.41 -10.70
CA ASN A 2 -8.60 -5.44 -9.68
C ASN A 2 -7.30 -6.24 -9.82
N SER A 3 -6.58 -6.11 -10.93
CA SER A 3 -5.50 -7.05 -11.23
C SER A 3 -4.27 -6.78 -10.34
N PRO A 4 -3.37 -7.76 -10.20
CA PRO A 4 -2.14 -7.59 -9.44
C PRO A 4 -1.32 -6.43 -10.02
N GLN A 5 -1.15 -6.41 -11.34
CA GLN A 5 -0.44 -5.35 -12.02
C GLN A 5 -1.00 -3.97 -11.66
N ASP A 6 -2.29 -3.87 -11.28
CA ASP A 6 -2.93 -2.59 -11.12
C ASP A 6 -2.37 -1.91 -9.88
N TYR A 7 -2.22 -2.65 -8.78
CA TYR A 7 -1.62 -2.05 -7.60
C TYR A 7 -0.21 -1.61 -7.98
N LEU A 8 0.57 -2.53 -8.56
CA LEU A 8 1.90 -2.26 -9.09
C LEU A 8 1.94 -0.99 -9.93
N ALA A 9 1.01 -0.83 -10.84
CA ALA A 9 1.00 0.27 -11.77
C ALA A 9 0.97 1.57 -10.99
N VAL A 10 0.04 1.73 -10.05
CA VAL A 10 -0.04 2.94 -9.25
C VAL A 10 1.25 3.14 -8.45
N HIS A 11 1.78 2.06 -7.85
CA HIS A 11 3.02 2.12 -7.10
C HIS A 11 4.17 2.65 -7.96
N ASN A 12 4.27 2.13 -9.17
CA ASN A 12 5.33 2.46 -10.11
C ASN A 12 5.07 3.85 -10.69
N ASP A 13 3.82 4.25 -10.83
CA ASP A 13 3.43 5.63 -11.10
C ASP A 13 4.01 6.58 -10.05
N ALA A 14 3.60 6.38 -8.80
CA ALA A 14 4.00 7.22 -7.69
C ALA A 14 5.52 7.32 -7.61
N ARG A 15 6.21 6.20 -7.79
CA ARG A 15 7.66 6.17 -7.86
C ARG A 15 8.18 6.96 -9.06
N ALA A 16 7.66 6.70 -10.26
CA ALA A 16 8.06 7.35 -11.49
C ALA A 16 7.98 8.87 -11.33
N GLN A 17 6.89 9.34 -10.74
CA GLN A 17 6.64 10.75 -10.52
C GLN A 17 7.78 11.41 -9.73
N VAL A 18 8.47 10.69 -8.85
CA VAL A 18 9.64 11.18 -8.13
C VAL A 18 10.88 10.32 -8.41
N GLY A 19 10.97 9.77 -9.62
CA GLY A 19 12.18 9.15 -10.12
C GLY A 19 12.76 8.04 -9.24
N VAL A 20 11.90 7.27 -8.56
CA VAL A 20 12.29 6.10 -7.80
C VAL A 20 12.17 4.88 -8.72
N GLY A 21 13.02 3.85 -8.56
CA GLY A 21 12.93 2.64 -9.36
C GLY A 21 11.69 1.81 -9.03
N PRO A 22 11.15 1.03 -9.97
CA PRO A 22 9.89 0.32 -9.81
C PRO A 22 10.03 -0.90 -8.88
N MET A 23 8.91 -1.60 -8.66
CA MET A 23 8.84 -2.86 -7.93
C MET A 23 8.22 -3.96 -8.81
N SER A 24 8.22 -5.19 -8.32
CA SER A 24 7.66 -6.38 -8.96
C SER A 24 6.58 -7.04 -8.11
N TRP A 25 5.89 -7.99 -8.73
CA TRP A 25 4.86 -8.77 -8.06
C TRP A 25 5.53 -9.95 -7.38
N ASP A 26 5.69 -9.90 -6.06
CA ASP A 26 6.08 -11.06 -5.30
C ASP A 26 4.84 -11.89 -4.98
N ALA A 27 4.79 -13.10 -5.53
CA ALA A 27 3.64 -13.98 -5.38
C ALA A 27 3.42 -14.37 -3.92
N ASN A 28 4.51 -14.48 -3.15
CA ASN A 28 4.46 -14.91 -1.77
C ASN A 28 3.85 -13.79 -0.95
N LEU A 29 4.30 -12.56 -1.14
CA LEU A 29 3.66 -11.42 -0.51
C LEU A 29 2.18 -11.39 -0.82
N ALA A 30 1.82 -11.63 -2.09
CA ALA A 30 0.41 -11.64 -2.46
C ALA A 30 -0.33 -12.70 -1.64
N SER A 31 0.21 -13.92 -1.58
CA SER A 31 -0.39 -14.99 -0.82
C SER A 31 -0.52 -14.61 0.67
N ARG A 32 0.52 -14.02 1.25
CA ARG A 32 0.60 -13.59 2.64
C ARG A 32 -0.49 -12.57 2.92
N ALA A 33 -0.61 -11.55 2.06
CA ALA A 33 -1.64 -10.53 2.16
C ALA A 33 -3.03 -11.18 2.12
N GLN A 34 -3.27 -11.96 1.06
CA GLN A 34 -4.48 -12.72 0.85
C GLN A 34 -4.86 -13.50 2.10
N ASN A 35 -3.92 -14.29 2.60
CA ASN A 35 -4.06 -15.17 3.74
C ASN A 35 -4.46 -14.36 4.95
N TYR A 36 -3.65 -13.36 5.29
CA TYR A 36 -3.91 -12.45 6.39
C TYR A 36 -5.35 -11.92 6.33
N ALA A 37 -5.71 -11.31 5.20
CA ALA A 37 -7.03 -10.76 4.96
C ALA A 37 -8.10 -11.83 5.17
N ASN A 38 -7.91 -13.00 4.56
CA ASN A 38 -8.79 -14.16 4.64
C ASN A 38 -9.04 -14.54 6.09
N SER A 39 -7.95 -14.67 6.84
CA SER A 39 -7.97 -15.17 8.20
C SER A 39 -8.88 -14.30 9.07
N ARG A 40 -8.72 -12.98 9.00
CA ARG A 40 -9.43 -12.09 9.91
C ARG A 40 -10.89 -11.86 9.49
N ALA A 41 -11.37 -12.51 8.42
CA ALA A 41 -12.60 -12.10 7.76
C ALA A 41 -13.82 -11.94 8.67
N GLY A 42 -13.90 -12.73 9.75
CA GLY A 42 -14.99 -12.64 10.71
C GLY A 42 -15.17 -11.23 11.27
N ASP A 43 -14.07 -10.52 11.54
CA ASP A 43 -14.07 -9.16 12.09
C ASP A 43 -13.49 -8.22 11.03
N CYS A 44 -12.23 -8.43 10.67
CA CYS A 44 -11.56 -7.81 9.55
C CYS A 44 -11.48 -6.30 9.72
N ASN A 45 -11.37 -5.83 10.97
CA ASN A 45 -11.43 -4.42 11.33
C ASN A 45 -10.13 -3.67 11.04
N LEU A 46 -9.71 -3.61 9.78
CA LEU A 46 -8.47 -2.96 9.32
C LEU A 46 -7.31 -3.15 10.30
N ILE A 47 -7.12 -4.37 10.79
CA ILE A 47 -5.99 -4.68 11.65
C ILE A 47 -4.84 -4.97 10.71
N HIS A 48 -3.70 -4.30 10.86
CA HIS A 48 -2.35 -4.66 10.40
C HIS A 48 -1.54 -3.35 10.39
N SER A 49 -0.49 -3.32 9.56
CA SER A 49 0.21 -2.13 9.15
C SER A 49 1.14 -1.62 10.24
N GLY A 50 1.59 -2.55 11.08
CA GLY A 50 2.77 -2.37 11.91
C GLY A 50 4.01 -2.37 11.02
N ALA A 51 4.17 -1.32 10.20
CA ALA A 51 5.06 -1.30 9.04
C ALA A 51 4.72 -2.46 8.10
N GLY A 52 5.46 -2.58 6.99
CA GLY A 52 5.45 -3.73 6.08
C GLY A 52 4.22 -3.78 5.19
N GLU A 53 3.10 -3.21 5.65
CA GLU A 53 1.80 -3.28 5.03
C GLU A 53 1.10 -1.92 5.06
N ASN A 54 0.06 -1.78 4.23
CA ASN A 54 -1.03 -0.80 4.35
C ASN A 54 -2.32 -1.57 4.02
N LEU A 55 -3.49 -0.99 4.32
CA LEU A 55 -4.77 -1.65 4.15
C LEU A 55 -5.80 -0.63 3.65
N ALA A 56 -6.96 -1.09 3.18
CA ALA A 56 -8.03 -0.29 2.65
C ALA A 56 -9.38 -0.98 2.87
N LYS A 57 -10.47 -0.21 2.83
CA LYS A 57 -11.85 -0.66 3.01
C LYS A 57 -12.73 0.00 1.94
N GLY A 58 -13.92 -0.53 1.70
CA GLY A 58 -14.91 0.04 0.78
C GLY A 58 -16.30 -0.52 1.07
N GLY A 59 -16.87 -1.27 0.12
CA GLY A 59 -18.10 -2.04 0.26
C GLY A 59 -18.69 -2.42 -1.10
N GLY A 60 -18.89 -1.44 -1.97
CA GLY A 60 -19.25 -1.67 -3.37
C GLY A 60 -17.97 -1.93 -4.17
N ASP A 61 -17.58 -3.21 -4.28
CA ASP A 61 -16.46 -3.73 -5.06
C ASP A 61 -15.33 -2.73 -5.25
N PHE A 62 -14.47 -2.61 -4.23
CA PHE A 62 -13.48 -1.53 -4.18
C PHE A 62 -12.23 -1.82 -5.01
N THR A 63 -12.42 -2.48 -6.15
CA THR A 63 -11.44 -2.57 -7.20
C THR A 63 -10.10 -3.12 -6.71
N GLY A 64 -9.13 -2.23 -6.61
CA GLY A 64 -7.85 -2.37 -5.92
C GLY A 64 -6.95 -1.19 -6.28
N ARG A 65 -6.92 -0.82 -7.57
CA ARG A 65 -6.16 0.34 -8.06
C ARG A 65 -6.55 1.59 -7.27
N ALA A 66 -7.86 1.80 -7.11
CA ALA A 66 -8.40 2.94 -6.38
C ALA A 66 -7.86 2.97 -4.95
N ALA A 67 -7.64 1.82 -4.33
CA ALA A 67 -7.11 1.77 -2.98
C ALA A 67 -5.72 2.41 -2.96
N VAL A 68 -4.84 1.98 -3.86
CA VAL A 68 -3.51 2.59 -3.93
C VAL A 68 -3.64 4.08 -4.20
N GLN A 69 -4.44 4.43 -5.21
CA GLN A 69 -4.72 5.81 -5.56
C GLN A 69 -5.23 6.59 -4.33
N LEU A 70 -5.96 5.95 -3.41
CA LEU A 70 -6.53 6.62 -2.26
C LEU A 70 -5.37 6.90 -1.31
N TRP A 71 -4.44 5.95 -1.14
CA TRP A 71 -3.23 6.18 -0.37
C TRP A 71 -2.43 7.36 -0.96
N VAL A 72 -2.33 7.41 -2.29
CA VAL A 72 -1.65 8.50 -3.00
C VAL A 72 -2.45 9.82 -2.91
N SER A 73 -3.65 9.85 -2.34
CA SER A 73 -4.37 11.12 -2.17
C SER A 73 -3.53 12.16 -1.42
N GLU A 74 -2.54 11.71 -0.65
CA GLU A 74 -1.49 12.50 0.01
C GLU A 74 -0.55 13.22 -0.97
N ARG A 75 -1.05 13.69 -2.11
CA ARG A 75 -0.25 14.49 -3.03
C ARG A 75 0.10 15.86 -2.43
N PRO A 76 -0.85 16.63 -1.83
CA PRO A 76 -0.54 17.75 -0.95
C PRO A 76 0.70 17.50 -0.09
N SER A 77 0.80 16.32 0.50
CA SER A 77 1.84 15.93 1.43
C SER A 77 3.13 15.43 0.77
N TYR A 78 3.18 15.31 -0.54
CA TYR A 78 4.39 14.95 -1.28
C TYR A 78 5.19 16.24 -1.49
N ASN A 79 6.43 16.31 -1.01
CA ASN A 79 7.24 17.52 -1.19
C ASN A 79 8.46 17.23 -2.06
N TYR A 80 9.47 16.55 -1.52
CA TYR A 80 10.70 16.14 -2.18
C TYR A 80 11.79 17.21 -2.23
N ALA A 81 11.48 18.51 -2.11
CA ALA A 81 12.53 19.52 -2.07
C ALA A 81 13.45 19.27 -0.87
N THR A 82 12.87 18.94 0.29
CA THR A 82 13.66 18.53 1.43
C THR A 82 13.75 17.00 1.47
N ASN A 83 13.76 16.36 0.29
CA ASN A 83 13.84 14.91 0.07
C ASN A 83 12.96 14.14 1.06
N GLN A 84 11.73 14.62 1.31
CA GLN A 84 10.85 14.08 2.32
C GLN A 84 9.41 14.36 1.91
N CYS A 85 8.46 13.90 2.71
CA CYS A 85 7.11 14.42 2.73
C CYS A 85 7.15 15.92 3.07
N VAL A 86 6.03 16.61 2.92
CA VAL A 86 5.87 17.96 3.46
C VAL A 86 5.96 17.76 4.98
N GLY A 87 6.54 18.71 5.70
CA GLY A 87 6.64 18.61 7.14
C GLY A 87 5.25 18.76 7.78
N GLY A 88 4.69 19.97 7.71
CA GLY A 88 3.44 20.30 8.34
C GLY A 88 2.26 19.75 7.56
N LYS A 89 2.13 18.43 7.56
CA LYS A 89 1.14 17.59 6.91
C LYS A 89 1.19 16.26 7.67
N LYS A 90 0.47 15.26 7.18
CA LYS A 90 0.70 13.86 7.47
C LYS A 90 0.82 13.21 6.09
N CYS A 91 1.49 12.07 5.99
CA CYS A 91 1.81 11.46 4.70
C CYS A 91 1.81 9.95 4.79
N ARG A 92 2.40 9.39 5.85
CA ARG A 92 2.34 8.02 6.32
C ARG A 92 2.23 6.94 5.25
N HIS A 93 1.09 6.82 4.58
CA HIS A 93 0.84 5.75 3.64
C HIS A 93 1.62 5.97 2.35
N TYR A 94 1.64 7.20 1.81
CA TYR A 94 2.26 7.42 0.50
C TYR A 94 3.73 6.99 0.53
N THR A 95 4.41 7.17 1.66
CA THR A 95 5.79 6.75 1.81
C THR A 95 5.95 5.30 1.34
N GLN A 96 5.03 4.42 1.76
CA GLN A 96 5.05 3.02 1.38
C GLN A 96 4.85 2.90 -0.13
N VAL A 97 3.93 3.68 -0.67
CA VAL A 97 3.60 3.63 -2.08
C VAL A 97 4.81 4.04 -2.93
N VAL A 98 5.58 5.05 -2.49
CA VAL A 98 6.81 5.50 -3.12
C VAL A 98 8.07 4.71 -2.74
N TRP A 99 7.98 3.80 -1.77
CA TRP A 99 9.14 3.28 -1.06
C TRP A 99 10.16 2.64 -2.02
N ARG A 100 11.34 3.24 -2.15
CA ARG A 100 12.51 2.74 -2.84
C ARG A 100 12.82 1.35 -2.31
N ASN A 101 13.02 1.25 -0.99
CA ASN A 101 13.70 0.11 -0.39
C ASN A 101 12.78 -1.07 -0.13
N SER A 102 11.87 -1.37 -1.06
CA SER A 102 11.02 -2.55 -1.06
C SER A 102 10.72 -2.83 -2.52
N VAL A 103 11.32 -3.87 -3.11
CA VAL A 103 11.09 -4.21 -4.51
C VAL A 103 10.00 -5.26 -4.66
N ARG A 104 9.71 -5.96 -3.57
CA ARG A 104 8.69 -6.98 -3.52
C ARG A 104 7.37 -6.29 -3.19
N LEU A 105 6.32 -6.50 -3.99
CA LEU A 105 4.97 -6.05 -3.72
C LEU A 105 4.03 -7.23 -3.86
N GLY A 106 3.08 -7.41 -2.96
CA GLY A 106 1.96 -8.32 -3.19
C GLY A 106 0.75 -7.80 -2.45
N CYS A 107 -0.46 -8.12 -2.90
CA CYS A 107 -1.68 -7.62 -2.28
C CYS A 107 -2.73 -8.71 -2.26
N GLY A 108 -3.80 -8.50 -1.50
CA GLY A 108 -4.87 -9.45 -1.33
C GLY A 108 -6.14 -8.72 -0.91
N ARG A 109 -7.28 -9.17 -1.43
CA ARG A 109 -8.56 -8.49 -1.32
C ARG A 109 -9.59 -9.47 -0.77
N ALA A 110 -9.84 -9.43 0.55
CA ALA A 110 -10.85 -10.28 1.20
C ALA A 110 -12.10 -9.46 1.49
N ARG A 111 -13.27 -9.93 1.08
CA ARG A 111 -14.55 -9.29 1.37
C ARG A 111 -15.02 -9.76 2.74
N CYS A 112 -15.17 -8.82 3.67
CA CYS A 112 -15.50 -9.03 5.07
C CYS A 112 -16.69 -8.19 5.47
N ASN A 113 -17.05 -8.25 6.75
CA ASN A 113 -18.17 -7.50 7.30
C ASN A 113 -17.87 -6.01 7.33
N ASN A 114 -17.06 -5.57 8.31
CA ASN A 114 -16.79 -4.15 8.51
C ASN A 114 -15.53 -3.72 7.74
N GLY A 115 -14.67 -4.70 7.45
CA GLY A 115 -13.64 -4.54 6.44
C GLY A 115 -14.25 -4.21 5.06
N TRP A 116 -15.49 -4.64 4.81
CA TRP A 116 -16.20 -4.48 3.55
C TRP A 116 -15.45 -5.08 2.36
N TRP A 117 -14.47 -4.37 1.79
CA TRP A 117 -13.53 -4.90 0.82
C TRP A 117 -12.15 -4.62 1.37
N PHE A 118 -11.60 -5.60 2.08
CA PHE A 118 -10.34 -5.46 2.78
C PHE A 118 -9.24 -5.71 1.77
N ILE A 119 -8.79 -4.64 1.14
CA ILE A 119 -7.60 -4.68 0.33
C ILE A 119 -6.44 -4.50 1.30
N SER A 120 -5.46 -5.38 1.20
CA SER A 120 -4.22 -5.35 1.95
C SER A 120 -3.12 -5.37 0.92
N CYS A 121 -2.07 -4.57 1.09
CA CYS A 121 -0.86 -4.70 0.30
C CYS A 121 0.30 -4.83 1.28
N ASN A 122 1.23 -5.71 0.94
CA ASN A 122 2.39 -6.11 1.72
C ASN A 122 3.62 -5.80 0.87
N TYR A 123 4.71 -5.40 1.51
CA TYR A 123 5.92 -4.91 0.86
C TYR A 123 7.12 -5.46 1.61
N ASP A 124 8.18 -5.81 0.89
CA ASP A 124 9.34 -6.49 1.48
C ASP A 124 10.61 -6.15 0.67
N PRO A 125 11.82 -6.06 1.26
CA PRO A 125 12.11 -5.92 2.69
C PRO A 125 11.27 -4.81 3.31
N VAL A 126 10.78 -5.04 4.55
CA VAL A 126 9.65 -4.32 5.12
C VAL A 126 9.71 -2.81 4.87
N GLY A 127 8.61 -2.28 4.34
CA GLY A 127 8.52 -0.89 3.97
C GLY A 127 7.88 -0.08 5.10
N ASN A 128 7.98 1.25 5.00
CA ASN A 128 7.52 2.19 6.01
C ASN A 128 8.32 2.06 7.32
N TRP A 129 9.43 1.32 7.28
CA TRP A 129 10.29 0.98 8.39
C TRP A 129 11.49 1.94 8.47
N ILE A 130 11.92 2.32 9.68
CA ILE A 130 13.07 3.19 9.82
C ILE A 130 14.35 2.40 9.50
N GLY A 131 15.36 3.08 8.96
CA GLY A 131 16.63 2.46 8.58
C GLY A 131 16.51 1.82 7.19
N GLN A 132 15.83 2.51 6.29
CA GLN A 132 15.78 2.26 4.85
C GLN A 132 15.41 3.57 4.16
N ARG A 133 14.34 4.19 4.65
CA ARG A 133 13.72 5.44 4.19
C ARG A 133 12.93 5.23 2.90
N PRO A 134 11.88 6.04 2.65
CA PRO A 134 11.05 5.91 1.47
C PRO A 134 11.82 6.30 0.22
N TYR A 135 12.23 7.56 0.17
CA TYR A 135 12.96 8.18 -0.92
C TYR A 135 13.77 9.30 -0.28
#